data_2JRA
#
_entry.id   2JRA
#
_entity_poly.entity_id   1
_entity_poly.type   'polypeptide(L)'
_entity_poly.pdbx_seq_one_letter_code
;MMTASDRLGADPTQAASSPGGARAVSIVGNQIDSRELFTVDREIVIAHGDDRYRLRLTSQNKLILTK
;
_entity_poly.pdbx_strand_id   A,B
#
# COMPACT_ATOMS: atom_id res chain seq x y z
N MET A 1 63.14 -22.31 -0.09
CA MET A 1 61.96 -22.60 0.78
C MET A 1 61.23 -21.28 1.08
N MET A 2 60.13 -21.06 0.38
CA MET A 2 59.38 -19.80 0.48
C MET A 2 58.83 -19.59 1.88
N THR A 3 58.96 -18.37 2.38
CA THR A 3 58.45 -17.96 3.68
C THR A 3 57.29 -16.98 3.52
N ALA A 4 56.10 -17.40 3.91
CA ALA A 4 54.92 -16.56 3.77
C ALA A 4 53.81 -17.01 4.70
N SER A 5 53.68 -16.33 5.85
CA SER A 5 52.61 -16.58 6.77
C SER A 5 51.42 -15.65 6.47
N ASP A 6 50.32 -16.24 6.02
CA ASP A 6 49.15 -15.45 5.63
C ASP A 6 48.56 -14.68 6.80
N ARG A 7 48.08 -13.47 6.52
CA ARG A 7 47.49 -12.61 7.57
C ARG A 7 46.12 -12.07 7.14
N LEU A 8 45.62 -12.57 6.03
CA LEU A 8 44.31 -12.16 5.50
C LEU A 8 43.19 -12.90 6.22
N GLY A 9 42.63 -12.29 7.26
CA GLY A 9 41.58 -12.92 8.05
C GLY A 9 40.38 -12.00 8.27
N ALA A 10 40.05 -11.21 7.24
CA ALA A 10 38.88 -10.35 7.28
C ALA A 10 37.62 -11.19 7.12
N ASP A 11 37.09 -11.65 8.25
CA ASP A 11 35.94 -12.55 8.27
C ASP A 11 34.64 -11.76 8.12
N PRO A 12 33.81 -12.09 7.11
CA PRO A 12 32.55 -11.38 6.83
C PRO A 12 31.44 -11.74 7.85
N THR A 13 31.70 -11.45 9.12
CA THR A 13 30.76 -11.74 10.22
C THR A 13 29.47 -10.96 10.04
N GLN A 14 29.60 -9.76 9.47
CA GLN A 14 28.45 -8.91 9.20
C GLN A 14 27.69 -9.44 7.98
N ALA A 15 26.44 -9.80 8.16
CA ALA A 15 25.60 -10.33 7.08
C ALA A 15 24.18 -9.79 7.16
N ALA A 16 23.67 -9.33 6.02
CA ALA A 16 22.32 -8.77 5.91
C ALA A 16 22.17 -7.50 6.75
N SER A 17 21.90 -7.67 8.05
CA SER A 17 21.77 -6.55 8.96
C SER A 17 20.66 -5.58 8.50
N SER A 18 19.71 -6.12 7.72
CA SER A 18 18.64 -5.31 7.13
C SER A 18 17.28 -5.79 7.62
N PRO A 19 16.79 -5.25 8.75
CA PRO A 19 15.46 -5.57 9.29
C PRO A 19 14.37 -4.79 8.56
N GLY A 20 13.16 -5.34 8.51
CA GLY A 20 12.07 -4.72 7.76
C GLY A 20 10.77 -4.64 8.54
N GLY A 21 10.84 -4.25 9.81
CA GLY A 21 9.65 -4.02 10.60
C GLY A 21 8.84 -2.84 10.06
N ALA A 22 9.52 -1.71 9.92
CA ALA A 22 8.97 -0.55 9.25
C ALA A 22 9.20 -0.66 7.76
N ARG A 23 8.17 -1.01 7.02
CA ARG A 23 8.28 -1.25 5.58
C ARG A 23 7.91 0.01 4.79
N ALA A 24 8.82 0.49 3.95
CA ALA A 24 8.54 1.66 3.10
C ALA A 24 8.12 1.25 1.70
N VAL A 25 6.85 1.43 1.38
CA VAL A 25 6.33 1.09 0.06
C VAL A 25 6.01 2.38 -0.71
N SER A 26 6.18 2.35 -2.02
CA SER A 26 5.93 3.52 -2.85
C SER A 26 4.67 3.35 -3.71
N ILE A 27 4.12 4.51 -4.11
CA ILE A 27 2.92 4.58 -4.91
C ILE A 27 3.25 5.30 -6.20
N VAL A 28 2.95 4.69 -7.34
CA VAL A 28 3.27 5.26 -8.64
C VAL A 28 2.03 5.92 -9.23
N GLY A 29 1.93 7.22 -9.06
CA GLY A 29 0.77 7.96 -9.49
C GLY A 29 -0.37 7.78 -8.52
N ASN A 30 -0.98 6.58 -8.54
CA ASN A 30 -1.96 6.18 -7.54
C ASN A 30 -2.06 4.65 -7.48
N GLN A 31 -1.03 3.98 -8.00
CA GLN A 31 -1.01 2.51 -8.09
C GLN A 31 0.02 1.97 -7.09
N ILE A 32 -0.13 0.69 -6.72
CA ILE A 32 0.76 0.04 -5.76
C ILE A 32 0.63 -1.49 -5.90
N ASP A 33 1.70 -2.20 -5.58
CA ASP A 33 1.69 -3.67 -5.67
C ASP A 33 1.39 -4.27 -4.30
N SER A 34 0.47 -5.25 -4.28
CA SER A 34 0.03 -5.88 -3.04
C SER A 34 1.19 -6.57 -2.29
N ARG A 35 2.09 -7.20 -3.03
CA ARG A 35 3.17 -7.98 -2.43
C ARG A 35 4.10 -7.09 -1.61
N GLU A 36 4.22 -5.83 -2.02
CA GLU A 36 5.01 -4.85 -1.27
C GLU A 36 4.49 -4.70 0.17
N LEU A 37 3.17 -4.66 0.29
CA LEU A 37 2.52 -4.52 1.59
C LEU A 37 2.61 -5.81 2.39
N PHE A 38 2.19 -6.91 1.77
CA PHE A 38 2.08 -8.21 2.42
C PHE A 38 3.38 -9.00 2.32
N THR A 39 4.51 -8.27 2.29
CA THR A 39 5.83 -8.89 2.16
C THR A 39 6.19 -9.72 3.41
N VAL A 40 5.66 -9.32 4.57
CA VAL A 40 5.94 -10.04 5.82
C VAL A 40 4.75 -10.93 6.20
N ASP A 41 3.70 -10.31 6.72
CA ASP A 41 2.48 -11.01 7.10
C ASP A 41 1.47 -10.88 6.00
N ARG A 42 0.29 -11.47 6.15
CA ARG A 42 -0.71 -11.49 5.08
C ARG A 42 -1.94 -10.66 5.48
N GLU A 43 -1.74 -9.75 6.44
CA GLU A 43 -2.80 -8.85 6.88
C GLU A 43 -2.18 -7.50 7.28
N ILE A 44 -2.82 -6.44 6.85
CA ILE A 44 -2.36 -5.08 7.12
C ILE A 44 -3.47 -4.29 7.79
N VAL A 45 -3.10 -3.38 8.69
CA VAL A 45 -4.09 -2.55 9.40
C VAL A 45 -4.04 -1.14 8.85
N ILE A 46 -5.22 -0.52 8.75
CA ILE A 46 -5.34 0.79 8.12
C ILE A 46 -6.20 1.70 9.00
N ALA A 47 -5.58 2.71 9.61
CA ALA A 47 -6.28 3.64 10.46
C ALA A 47 -6.87 4.79 9.63
N HIS A 48 -8.12 5.14 9.93
CA HIS A 48 -8.81 6.22 9.21
C HIS A 48 -9.73 6.98 10.15
N GLY A 49 -9.27 8.14 10.62
CA GLY A 49 -10.11 9.00 11.42
C GLY A 49 -9.98 8.67 12.88
N ASP A 50 -10.74 7.71 13.32
CA ASP A 50 -10.66 7.23 14.71
C ASP A 50 -10.83 5.72 14.75
N ASP A 51 -11.28 5.14 13.63
CA ASP A 51 -11.52 3.69 13.55
C ASP A 51 -10.38 2.99 12.83
N ARG A 52 -10.36 1.67 12.86
CA ARG A 52 -9.25 0.90 12.33
C ARG A 52 -9.78 -0.21 11.44
N TYR A 53 -9.21 -0.33 10.25
CA TYR A 53 -9.61 -1.34 9.27
C TYR A 53 -8.49 -2.35 9.09
N ARG A 54 -8.80 -3.44 8.40
CA ARG A 54 -7.81 -4.47 8.13
C ARG A 54 -7.90 -4.91 6.66
N LEU A 55 -6.83 -4.61 5.93
CA LEU A 55 -6.69 -5.09 4.56
C LEU A 55 -5.98 -6.44 4.58
N ARG A 56 -6.67 -7.48 4.17
CA ARG A 56 -6.15 -8.83 4.27
C ARG A 56 -6.05 -9.47 2.90
N LEU A 57 -5.00 -10.28 2.72
CA LEU A 57 -4.80 -11.03 1.48
C LEU A 57 -5.13 -12.50 1.77
N THR A 58 -5.76 -13.16 0.82
CA THR A 58 -6.10 -14.59 1.00
C THR A 58 -5.11 -15.45 0.25
N SER A 59 -4.81 -16.65 0.79
CA SER A 59 -3.83 -17.60 0.24
C SER A 59 -2.86 -16.95 -0.77
N GLN A 60 -3.34 -16.86 -2.02
CA GLN A 60 -2.63 -16.14 -3.08
C GLN A 60 -3.66 -15.70 -4.11
N ASN A 61 -4.94 -15.84 -3.73
CA ASN A 61 -6.05 -15.63 -4.65
C ASN A 61 -6.32 -14.15 -4.87
N LYS A 62 -6.74 -13.47 -3.81
CA LYS A 62 -7.09 -12.07 -3.91
C LYS A 62 -6.95 -11.40 -2.54
N LEU A 63 -7.40 -10.15 -2.44
CA LEU A 63 -7.37 -9.42 -1.19
C LEU A 63 -8.74 -8.81 -0.93
N ILE A 64 -9.00 -8.46 0.31
CA ILE A 64 -10.30 -8.00 0.77
C ILE A 64 -10.16 -7.07 1.96
N LEU A 65 -11.27 -6.45 2.35
CA LEU A 65 -11.29 -5.59 3.52
C LEU A 65 -11.99 -6.34 4.64
N THR A 66 -11.62 -6.05 5.88
CA THR A 66 -12.16 -6.76 7.02
C THR A 66 -11.97 -5.90 8.28
N LYS A 67 -12.81 -6.12 9.28
CA LYS A 67 -12.77 -5.34 10.52
C LYS A 67 -12.72 -6.28 11.72
N MET B 1 46.97 8.70 -35.00
CA MET B 1 46.41 9.69 -34.05
C MET B 1 45.05 9.20 -33.56
N MET B 2 44.23 8.73 -34.48
CA MET B 2 42.93 8.14 -34.16
C MET B 2 41.92 9.20 -33.70
N THR B 3 41.03 9.59 -34.62
CA THR B 3 39.96 10.51 -34.30
C THR B 3 38.86 9.77 -33.53
N ALA B 4 39.12 9.57 -32.23
CA ALA B 4 38.23 8.80 -31.36
C ALA B 4 37.01 9.64 -30.97
N SER B 5 35.82 9.12 -31.30
CA SER B 5 34.58 9.82 -30.99
C SER B 5 34.23 9.60 -29.52
N ASP B 6 34.74 10.49 -28.67
CA ASP B 6 34.44 10.47 -27.24
C ASP B 6 33.72 11.74 -26.83
N ARG B 7 33.66 12.70 -27.76
CA ARG B 7 33.00 13.98 -27.53
C ARG B 7 31.91 14.20 -28.60
N LEU B 8 30.66 13.95 -28.22
CA LEU B 8 29.54 14.14 -29.14
C LEU B 8 28.24 14.26 -28.36
N GLY B 9 27.42 15.24 -28.73
CA GLY B 9 26.12 15.42 -28.13
C GLY B 9 25.06 14.59 -28.82
N ALA B 10 25.21 13.26 -28.72
CA ALA B 10 24.35 12.31 -29.39
C ALA B 10 22.91 12.39 -28.90
N ASP B 11 22.73 12.83 -27.65
CA ASP B 11 21.41 12.97 -27.04
C ASP B 11 20.57 13.98 -27.83
N PRO B 12 19.41 13.55 -28.38
CA PRO B 12 18.54 14.42 -29.19
C PRO B 12 17.86 15.50 -28.32
N THR B 13 17.69 15.19 -27.04
CA THR B 13 17.03 16.10 -26.12
C THR B 13 17.24 15.66 -24.65
N GLN B 14 16.58 16.35 -23.73
CA GLN B 14 16.69 16.03 -22.31
C GLN B 14 15.30 15.96 -21.66
N ALA B 15 14.67 14.81 -21.78
CA ALA B 15 13.31 14.62 -21.28
C ALA B 15 13.31 14.32 -19.79
N ALA B 16 12.92 15.29 -18.99
CA ALA B 16 12.85 15.14 -17.53
C ALA B 16 11.78 14.12 -17.14
N SER B 17 12.18 12.87 -17.07
CA SER B 17 11.29 11.79 -16.64
C SER B 17 11.20 11.81 -15.12
N SER B 18 10.27 12.64 -14.61
CA SER B 18 10.13 12.85 -13.18
C SER B 18 8.76 12.39 -12.70
N PRO B 19 8.67 11.17 -12.14
CA PRO B 19 7.42 10.67 -11.57
C PRO B 19 7.06 11.43 -10.29
N GLY B 20 6.54 12.65 -10.46
CA GLY B 20 6.19 13.49 -9.32
C GLY B 20 5.14 12.86 -8.45
N GLY B 21 4.25 12.08 -9.06
CA GLY B 21 3.17 11.45 -8.32
C GLY B 21 3.60 10.17 -7.62
N ALA B 22 4.91 10.05 -7.32
CA ALA B 22 5.43 8.91 -6.61
C ALA B 22 5.42 9.17 -5.11
N ARG B 23 4.46 8.56 -4.40
CA ARG B 23 4.30 8.78 -2.97
C ARG B 23 4.91 7.60 -2.20
N ALA B 24 5.83 7.90 -1.28
CA ALA B 24 6.44 6.88 -0.43
C ALA B 24 5.78 6.85 0.93
N VAL B 25 5.01 5.80 1.18
CA VAL B 25 4.33 5.61 2.47
C VAL B 25 4.98 4.48 3.27
N SER B 26 5.00 4.60 4.57
CA SER B 26 5.62 3.59 5.41
C SER B 26 4.58 2.77 6.20
N ILE B 27 5.00 1.57 6.61
CA ILE B 27 4.18 0.63 7.35
C ILE B 27 4.86 0.33 8.67
N VAL B 28 4.15 0.54 9.76
CA VAL B 28 4.70 0.35 11.09
C VAL B 28 4.30 -1.01 11.64
N GLY B 29 5.19 -2.00 11.50
CA GLY B 29 4.88 -3.35 11.90
C GLY B 29 4.02 -4.02 10.84
N ASN B 30 2.74 -3.64 10.80
CA ASN B 30 1.83 -4.04 9.73
C ASN B 30 0.65 -3.07 9.65
N GLN B 31 0.86 -1.87 10.20
CA GLN B 31 -0.20 -0.86 10.22
C GLN B 31 0.18 0.31 9.26
N ILE B 32 -0.85 1.07 8.85
CA ILE B 32 -0.63 2.19 7.93
C ILE B 32 -1.82 3.15 8.02
N ASP B 33 -1.58 4.43 7.74
CA ASP B 33 -2.65 5.43 7.78
C ASP B 33 -3.22 5.67 6.38
N SER B 34 -4.56 5.66 6.27
CA SER B 34 -5.25 5.82 4.99
C SER B 34 -4.90 7.15 4.29
N ARG B 35 -4.77 8.22 5.06
CA ARG B 35 -4.55 9.55 4.51
C ARG B 35 -3.22 9.62 3.78
N GLU B 36 -2.25 8.82 4.22
CA GLU B 36 -0.95 8.75 3.55
C GLU B 36 -1.13 8.29 2.10
N LEU B 37 -2.01 7.31 1.89
CA LEU B 37 -2.26 6.76 0.56
C LEU B 37 -3.10 7.76 -0.26
N PHE B 38 -4.22 8.17 0.30
CA PHE B 38 -5.19 9.02 -0.40
C PHE B 38 -4.86 10.51 -0.24
N THR B 39 -3.57 10.81 -0.14
CA THR B 39 -3.11 12.18 0.06
C THR B 39 -3.38 13.04 -1.19
N VAL B 40 -3.41 12.42 -2.37
CA VAL B 40 -3.65 13.14 -3.62
C VAL B 40 -5.09 12.91 -4.10
N ASP B 41 -5.33 11.74 -4.67
CA ASP B 41 -6.65 11.35 -5.16
C ASP B 41 -7.33 10.49 -4.09
N ARG B 42 -8.59 10.07 -4.32
CA ARG B 42 -9.32 9.33 -3.31
C ARG B 42 -9.54 7.87 -3.75
N GLU B 43 -8.72 7.41 -4.69
CA GLU B 43 -8.74 6.03 -5.14
C GLU B 43 -7.33 5.57 -5.48
N ILE B 44 -7.02 4.34 -5.07
CA ILE B 44 -5.70 3.75 -5.25
C ILE B 44 -5.84 2.41 -5.96
N VAL B 45 -4.90 2.08 -6.82
CA VAL B 45 -4.94 0.81 -7.55
C VAL B 45 -3.91 -0.16 -6.95
N ILE B 46 -4.27 -1.44 -6.90
CA ILE B 46 -3.46 -2.45 -6.25
C ILE B 46 -3.33 -3.68 -7.15
N ALA B 47 -2.13 -3.91 -7.69
CA ALA B 47 -1.90 -5.04 -8.55
C ALA B 47 -1.53 -6.28 -7.72
N HIS B 48 -2.12 -7.42 -8.08
CA HIS B 48 -1.87 -8.68 -7.37
C HIS B 48 -1.88 -9.84 -8.33
N GLY B 49 -0.71 -10.31 -8.73
CA GLY B 49 -0.62 -11.49 -9.57
C GLY B 49 -0.67 -11.13 -11.03
N ASP B 50 -1.87 -11.02 -11.56
CA ASP B 50 -2.08 -10.60 -12.94
C ASP B 50 -3.28 -9.68 -13.04
N ASP B 51 -4.06 -9.63 -11.96
CA ASP B 51 -5.29 -8.81 -11.93
C ASP B 51 -5.04 -7.51 -11.17
N ARG B 52 -5.98 -6.57 -11.23
CA ARG B 52 -5.80 -5.26 -10.67
C ARG B 52 -7.04 -4.89 -9.84
N TYR B 53 -6.79 -4.42 -8.63
CA TYR B 53 -7.87 -4.05 -7.70
C TYR B 53 -7.84 -2.55 -7.48
N ARG B 54 -8.87 -2.02 -6.86
CA ARG B 54 -8.96 -0.60 -6.56
C ARG B 54 -9.42 -0.38 -5.11
N LEU B 55 -8.53 0.18 -4.31
CA LEU B 55 -8.85 0.56 -2.95
C LEU B 55 -9.33 2.01 -2.96
N ARG B 56 -10.58 2.23 -2.62
CA ARG B 56 -11.20 3.54 -2.72
C ARG B 56 -11.67 4.03 -1.37
N LEU B 57 -11.54 5.32 -1.14
CA LEU B 57 -12.01 5.99 0.06
C LEU B 57 -13.28 6.76 -0.28
N THR B 58 -14.25 6.76 0.61
CA THR B 58 -15.51 7.48 0.37
C THR B 58 -15.50 8.78 1.16
N SER B 59 -16.14 9.82 0.59
CA SER B 59 -16.17 11.18 1.17
C SER B 59 -15.11 11.40 2.25
N GLN B 60 -15.43 10.98 3.46
CA GLN B 60 -14.50 10.97 4.59
C GLN B 60 -14.95 9.90 5.58
N ASN B 61 -15.90 9.10 5.12
CA ASN B 61 -16.58 8.13 5.98
C ASN B 61 -15.71 6.91 6.23
N LYS B 62 -15.43 6.16 5.18
CA LYS B 62 -14.65 4.93 5.29
C LYS B 62 -14.02 4.59 3.95
N LEU B 63 -13.43 3.40 3.85
CA LEU B 63 -12.78 2.94 2.62
C LEU B 63 -13.28 1.53 2.30
N ILE B 64 -13.12 1.13 1.05
CA ILE B 64 -13.66 -0.13 0.55
C ILE B 64 -12.81 -0.64 -0.61
N LEU B 65 -13.11 -1.87 -1.04
CA LEU B 65 -12.43 -2.45 -2.17
C LEU B 65 -13.39 -2.41 -3.37
N THR B 66 -12.86 -2.32 -4.58
CA THR B 66 -13.67 -2.19 -5.77
C THR B 66 -12.85 -2.58 -7.00
N LYS B 67 -13.53 -2.93 -8.08
CA LYS B 67 -12.88 -3.28 -9.35
C LYS B 67 -13.70 -2.75 -10.52
N MET A 1 1.73 2.75 66.11
CA MET A 1 2.77 1.81 65.60
C MET A 1 2.15 0.82 64.63
N MET A 2 2.10 1.20 63.36
CA MET A 2 1.56 0.35 62.33
C MET A 2 2.51 0.34 61.13
N THR A 3 3.47 -0.56 61.16
CA THR A 3 4.44 -0.67 60.10
C THR A 3 3.83 -1.29 58.85
N ALA A 4 4.39 -0.97 57.69
CA ALA A 4 3.91 -1.47 56.41
C ALA A 4 4.39 -2.89 56.16
N SER A 5 3.45 -3.84 56.15
CA SER A 5 3.75 -5.23 55.87
C SER A 5 4.30 -5.38 54.45
N ASP A 6 5.40 -6.07 54.32
CA ASP A 6 6.09 -6.22 53.04
C ASP A 6 5.21 -6.93 52.02
N ARG A 7 5.49 -6.71 50.75
CA ARG A 7 4.73 -7.30 49.65
C ARG A 7 5.63 -7.48 48.44
N LEU A 8 5.05 -7.84 47.30
CA LEU A 8 5.79 -7.93 46.05
C LEU A 8 6.04 -6.53 45.49
N GLY A 9 6.64 -6.44 44.30
CA GLY A 9 6.82 -5.14 43.67
C GLY A 9 8.26 -4.71 43.57
N ALA A 10 9.14 -5.35 44.35
CA ALA A 10 10.57 -5.09 44.25
C ALA A 10 11.16 -5.82 43.05
N ASP A 11 10.39 -6.78 42.55
CA ASP A 11 10.76 -7.57 41.39
C ASP A 11 10.42 -6.80 40.10
N PRO A 12 11.22 -7.00 39.03
CA PRO A 12 10.99 -6.31 37.76
C PRO A 12 9.79 -6.87 36.99
N THR A 13 8.86 -6.00 36.63
CA THR A 13 7.68 -6.36 35.85
C THR A 13 8.00 -6.31 34.35
N GLN A 14 9.28 -6.16 34.03
CA GLN A 14 9.74 -6.02 32.65
C GLN A 14 9.32 -7.20 31.79
N ALA A 15 8.86 -6.92 30.59
CA ALA A 15 8.45 -7.94 29.63
C ALA A 15 8.81 -7.51 28.21
N ALA A 16 9.24 -8.46 27.39
CA ALA A 16 9.64 -8.18 26.01
C ALA A 16 8.50 -8.52 25.05
N SER A 17 7.98 -7.51 24.38
CA SER A 17 6.92 -7.70 23.42
C SER A 17 7.50 -8.12 22.07
N SER A 18 6.68 -8.13 21.03
CA SER A 18 7.15 -8.47 19.69
C SER A 18 7.15 -7.21 18.82
N PRO A 19 8.29 -6.51 18.74
CA PRO A 19 8.44 -5.31 17.90
C PRO A 19 8.44 -5.69 16.42
N GLY A 20 7.89 -4.83 15.58
CA GLY A 20 7.84 -5.11 14.15
C GLY A 20 9.00 -4.49 13.39
N GLY A 21 8.76 -3.33 12.80
CA GLY A 21 9.75 -2.65 11.97
C GLY A 21 9.07 -1.90 10.84
N ALA A 22 9.55 -0.68 10.57
CA ALA A 22 8.90 0.15 9.57
C ALA A 22 9.49 -0.08 8.17
N ARG A 23 8.76 -0.83 7.34
CA ARG A 23 9.10 -0.96 5.93
C ARG A 23 8.41 0.12 5.12
N ALA A 24 9.06 0.56 4.05
CA ALA A 24 8.55 1.61 3.20
C ALA A 24 8.12 1.06 1.85
N VAL A 25 6.93 1.43 1.42
CA VAL A 25 6.38 1.01 0.13
C VAL A 25 6.04 2.26 -0.68
N SER A 26 6.28 2.20 -1.99
CA SER A 26 6.07 3.35 -2.83
C SER A 26 4.78 3.23 -3.68
N ILE A 27 4.29 4.40 -4.09
CA ILE A 27 3.07 4.51 -4.89
C ILE A 27 3.39 5.40 -6.10
N VAL A 28 3.04 4.94 -7.29
CA VAL A 28 3.32 5.69 -8.51
C VAL A 28 2.03 6.37 -9.00
N GLY A 29 1.88 7.65 -8.66
CA GLY A 29 0.67 8.36 -8.96
C GLY A 29 -0.43 8.00 -7.96
N ASN A 30 -0.96 6.79 -8.11
CA ASN A 30 -1.92 6.23 -7.15
C ASN A 30 -1.95 4.71 -7.26
N GLN A 31 -0.88 4.15 -7.82
CA GLN A 31 -0.82 2.70 -8.05
C GLN A 31 0.15 2.03 -7.05
N ILE A 32 -0.14 0.76 -6.76
CA ILE A 32 0.67 -0.01 -5.79
C ILE A 32 0.45 -1.50 -6.04
N ASP A 33 1.35 -2.34 -5.55
CA ASP A 33 1.23 -3.77 -5.72
C ASP A 33 1.00 -4.45 -4.35
N SER A 34 0.20 -5.52 -4.36
CA SER A 34 -0.11 -6.25 -3.12
C SER A 34 1.13 -6.89 -2.52
N ARG A 35 2.12 -7.10 -3.37
CA ARG A 35 3.36 -7.75 -2.96
C ARG A 35 4.14 -6.86 -1.99
N GLU A 36 4.12 -5.57 -2.23
CA GLU A 36 4.83 -4.60 -1.40
C GLU A 36 4.30 -4.58 0.04
N LEU A 37 2.97 -4.57 0.15
CA LEU A 37 2.32 -4.52 1.46
C LEU A 37 2.44 -5.85 2.19
N PHE A 38 2.07 -6.92 1.50
CA PHE A 38 1.97 -8.24 2.10
C PHE A 38 3.24 -9.06 1.90
N THR A 39 4.38 -8.37 1.81
CA THR A 39 5.66 -9.04 1.62
C THR A 39 6.07 -9.84 2.86
N VAL A 40 5.87 -9.28 4.05
CA VAL A 40 6.25 -9.95 5.28
C VAL A 40 5.02 -10.60 5.94
N ASP A 41 4.07 -9.77 6.35
CA ASP A 41 2.81 -10.28 6.89
C ASP A 41 1.84 -10.49 5.73
N ARG A 42 0.62 -10.95 6.03
CA ARG A 42 -0.38 -11.20 4.98
C ARG A 42 -1.67 -10.49 5.34
N GLU A 43 -1.57 -9.58 6.30
CA GLU A 43 -2.68 -8.75 6.74
C GLU A 43 -2.14 -7.37 7.15
N ILE A 44 -2.82 -6.32 6.70
CA ILE A 44 -2.40 -4.96 6.97
C ILE A 44 -3.52 -4.22 7.71
N VAL A 45 -3.13 -3.41 8.68
CA VAL A 45 -4.07 -2.61 9.46
C VAL A 45 -4.09 -1.18 8.92
N ILE A 46 -5.28 -0.61 8.81
CA ILE A 46 -5.49 0.67 8.18
C ILE A 46 -6.29 1.56 9.10
N ALA A 47 -5.67 2.58 9.68
CA ALA A 47 -6.36 3.50 10.55
C ALA A 47 -7.03 4.60 9.76
N HIS A 48 -8.27 4.93 10.11
CA HIS A 48 -8.99 6.02 9.46
C HIS A 48 -9.92 6.71 10.46
N GLY A 49 -9.44 7.82 11.02
CA GLY A 49 -10.27 8.60 11.93
C GLY A 49 -10.33 7.96 13.31
N ASP A 50 -11.30 7.09 13.50
CA ASP A 50 -11.44 6.35 14.75
C ASP A 50 -11.59 4.87 14.47
N ASP A 51 -12.14 4.53 13.30
CA ASP A 51 -12.39 3.13 12.94
C ASP A 51 -11.09 2.46 12.50
N ARG A 52 -11.01 1.16 12.73
CA ARG A 52 -9.78 0.39 12.42
C ARG A 52 -10.11 -0.64 11.33
N TYR A 53 -9.45 -0.52 10.19
CA TYR A 53 -9.70 -1.42 9.07
C TYR A 53 -8.55 -2.40 8.91
N ARG A 54 -8.83 -3.53 8.25
CA ARG A 54 -7.83 -4.56 8.02
C ARG A 54 -7.86 -5.01 6.55
N LEU A 55 -6.82 -4.67 5.82
CA LEU A 55 -6.66 -5.15 4.46
C LEU A 55 -5.93 -6.49 4.48
N ARG A 56 -6.64 -7.55 4.15
CA ARG A 56 -6.10 -8.90 4.29
C ARG A 56 -5.97 -9.59 2.92
N LEU A 57 -4.91 -10.36 2.76
CA LEU A 57 -4.68 -11.12 1.54
C LEU A 57 -4.78 -12.61 1.87
N THR A 58 -5.39 -13.36 0.96
CA THR A 58 -5.53 -14.80 1.12
C THR A 58 -4.18 -15.47 0.90
N SER A 59 -4.14 -16.80 0.97
CA SER A 59 -2.91 -17.54 0.72
C SER A 59 -2.24 -17.09 -0.57
N GLN A 60 -3.05 -16.74 -1.57
CA GLN A 60 -2.56 -16.27 -2.87
C GLN A 60 -3.72 -15.83 -3.78
N ASN A 61 -4.91 -16.35 -3.50
CA ASN A 61 -6.11 -16.14 -4.33
C ASN A 61 -6.32 -14.64 -4.64
N LYS A 62 -6.70 -13.88 -3.62
CA LYS A 62 -6.99 -12.45 -3.77
C LYS A 62 -6.86 -11.73 -2.41
N LEU A 63 -7.37 -10.52 -2.33
CA LEU A 63 -7.34 -9.75 -1.09
C LEU A 63 -8.72 -9.11 -0.85
N ILE A 64 -8.97 -8.69 0.39
CA ILE A 64 -10.27 -8.16 0.80
C ILE A 64 -10.11 -7.11 1.88
N LEU A 65 -11.20 -6.43 2.21
CA LEU A 65 -11.22 -5.46 3.29
C LEU A 65 -12.08 -6.04 4.41
N THR A 66 -11.70 -5.80 5.65
CA THR A 66 -12.33 -6.46 6.77
C THR A 66 -11.98 -5.78 8.08
N LYS A 67 -12.61 -6.23 9.15
CA LYS A 67 -12.22 -5.92 10.51
C LYS A 67 -12.83 -6.96 11.44
N MET B 1 -27.83 40.58 -49.78
CA MET B 1 -27.18 41.16 -48.60
C MET B 1 -27.01 40.11 -47.52
N MET B 2 -25.84 39.50 -47.48
CA MET B 2 -25.53 38.47 -46.49
C MET B 2 -24.03 38.17 -46.50
N THR B 3 -23.24 39.17 -46.93
CA THR B 3 -21.81 39.02 -47.10
C THR B 3 -21.11 38.67 -45.80
N ALA B 4 -20.92 37.39 -45.57
CA ALA B 4 -20.27 36.90 -44.37
C ALA B 4 -19.96 35.41 -44.51
N SER B 5 -18.90 35.08 -45.24
CA SER B 5 -18.48 33.69 -45.42
C SER B 5 -17.18 33.46 -44.67
N ASP B 6 -17.31 33.04 -43.42
CA ASP B 6 -16.18 32.75 -42.55
C ASP B 6 -16.57 31.66 -41.56
N ARG B 7 -15.95 30.51 -41.68
CA ARG B 7 -16.29 29.35 -40.85
C ARG B 7 -15.09 28.42 -40.68
N LEU B 8 -14.67 28.25 -39.44
CA LEU B 8 -13.59 27.34 -39.09
C LEU B 8 -13.61 27.03 -37.60
N GLY B 9 -12.96 25.92 -37.22
CA GLY B 9 -12.88 25.53 -35.82
C GLY B 9 -11.48 25.06 -35.48
N ALA B 10 -10.51 25.97 -35.51
CA ALA B 10 -9.11 25.63 -35.25
C ALA B 10 -8.92 25.21 -33.78
N ASP B 11 -9.12 23.93 -33.51
CA ASP B 11 -8.95 23.39 -32.17
C ASP B 11 -7.73 22.48 -32.12
N PRO B 12 -6.75 22.77 -31.25
CA PRO B 12 -5.55 21.95 -31.08
C PRO B 12 -5.77 20.68 -30.25
N THR B 13 -6.87 20.67 -29.47
CA THR B 13 -7.18 19.55 -28.56
C THR B 13 -6.02 19.35 -27.58
N GLN B 14 -5.45 20.46 -27.14
CA GLN B 14 -4.30 20.45 -26.25
C GLN B 14 -4.74 20.20 -24.80
N ALA B 15 -4.41 19.02 -24.30
CA ALA B 15 -4.70 18.64 -22.91
C ALA B 15 -3.59 17.78 -22.36
N ALA B 16 -3.39 16.61 -22.96
CA ALA B 16 -2.35 15.68 -22.57
C ALA B 16 -2.50 15.29 -21.10
N SER B 17 -3.42 14.40 -20.82
CA SER B 17 -3.67 13.91 -19.46
C SER B 17 -2.61 12.87 -19.07
N SER B 18 -1.94 13.09 -17.95
CA SER B 18 -0.88 12.19 -17.50
C SER B 18 -0.69 12.29 -15.99
N PRO B 19 -1.03 11.20 -15.23
CA PRO B 19 -0.85 11.15 -13.78
C PRO B 19 0.63 10.94 -13.41
N GLY B 20 1.05 11.58 -12.33
CA GLY B 20 2.42 11.48 -11.87
C GLY B 20 2.51 11.66 -10.37
N GLY B 21 3.70 12.05 -9.90
CA GLY B 21 3.93 12.26 -8.47
C GLY B 21 4.06 10.97 -7.72
N ALA B 22 5.28 10.43 -7.65
CA ALA B 22 5.54 9.19 -6.95
C ALA B 22 5.85 9.49 -5.48
N ARG B 23 5.16 8.79 -4.58
CA ARG B 23 5.26 9.07 -3.17
C ARG B 23 5.49 7.79 -2.36
N ALA B 24 6.19 7.93 -1.25
CA ALA B 24 6.52 6.78 -0.41
C ALA B 24 5.72 6.84 0.90
N VAL B 25 5.13 5.71 1.25
CA VAL B 25 4.37 5.58 2.48
C VAL B 25 4.96 4.43 3.32
N SER B 26 5.00 4.60 4.62
CA SER B 26 5.62 3.61 5.49
C SER B 26 4.59 2.76 6.24
N ILE B 27 5.04 1.59 6.63
CA ILE B 27 4.23 0.60 7.37
C ILE B 27 5.00 0.16 8.61
N VAL B 28 4.34 0.20 9.77
CA VAL B 28 5.00 -0.18 11.01
C VAL B 28 4.55 -1.57 11.43
N GLY B 29 5.38 -2.56 11.11
CA GLY B 29 5.03 -3.94 11.35
C GLY B 29 4.08 -4.42 10.28
N ASN B 30 2.83 -3.97 10.37
CA ASN B 30 1.84 -4.24 9.33
C ASN B 30 0.72 -3.20 9.39
N GLN B 31 1.01 -2.05 10.00
CA GLN B 31 0.02 -0.99 10.22
C GLN B 31 0.27 0.18 9.26
N ILE B 32 -0.80 0.88 8.89
CA ILE B 32 -0.74 2.01 7.97
C ILE B 32 -1.98 2.89 8.16
N ASP B 33 -1.90 4.14 7.71
CA ASP B 33 -3.04 5.05 7.83
C ASP B 33 -3.59 5.42 6.46
N SER B 34 -4.91 5.59 6.37
CA SER B 34 -5.56 5.91 5.10
C SER B 34 -5.12 7.26 4.56
N ARG B 35 -4.62 8.09 5.47
CA ARG B 35 -4.20 9.45 5.12
C ARG B 35 -2.95 9.41 4.24
N GLU B 36 -2.06 8.47 4.53
CA GLU B 36 -0.82 8.33 3.76
C GLU B 36 -1.09 7.97 2.30
N LEU B 37 -1.99 7.04 2.09
CA LEU B 37 -2.32 6.58 0.75
C LEU B 37 -3.14 7.63 -0.03
N PHE B 38 -4.20 8.09 0.61
CA PHE B 38 -5.18 8.96 -0.02
C PHE B 38 -4.89 10.43 0.26
N THR B 39 -3.62 10.77 0.44
CA THR B 39 -3.21 12.14 0.70
C THR B 39 -3.42 13.03 -0.52
N VAL B 40 -3.07 12.53 -1.71
CA VAL B 40 -3.21 13.30 -2.94
C VAL B 40 -4.48 12.91 -3.70
N ASP B 41 -4.55 11.66 -4.16
CA ASP B 41 -5.75 11.13 -4.78
C ASP B 41 -6.67 10.56 -3.70
N ARG B 42 -7.80 10.00 -4.09
CA ARG B 42 -8.74 9.44 -3.14
C ARG B 42 -9.12 8.01 -3.56
N GLU B 43 -8.31 7.49 -4.49
CA GLU B 43 -8.47 6.13 -4.97
C GLU B 43 -7.09 5.56 -5.32
N ILE B 44 -6.85 4.34 -4.91
CA ILE B 44 -5.56 3.68 -5.10
C ILE B 44 -5.75 2.41 -5.90
N VAL B 45 -4.83 2.14 -6.82
CA VAL B 45 -4.87 0.94 -7.64
C VAL B 45 -3.91 -0.10 -7.06
N ILE B 46 -4.35 -1.33 -7.01
CA ILE B 46 -3.58 -2.41 -6.36
C ILE B 46 -3.47 -3.58 -7.32
N ALA B 47 -2.27 -3.82 -7.82
CA ALA B 47 -2.04 -4.94 -8.73
C ALA B 47 -1.78 -6.21 -7.95
N HIS B 48 -2.37 -7.31 -8.37
CA HIS B 48 -2.14 -8.61 -7.75
C HIS B 48 -2.21 -9.71 -8.79
N GLY B 49 -1.05 -10.14 -9.30
CA GLY B 49 -1.01 -11.26 -10.24
C GLY B 49 -1.41 -10.81 -11.62
N ASP B 50 -2.71 -10.88 -11.91
CA ASP B 50 -3.25 -10.42 -13.17
C ASP B 50 -4.43 -9.48 -12.95
N ASP B 51 -5.13 -9.68 -11.82
CA ASP B 51 -6.33 -8.89 -11.53
C ASP B 51 -5.92 -7.51 -11.04
N ARG B 52 -6.79 -6.54 -11.28
CA ARG B 52 -6.53 -5.15 -10.89
C ARG B 52 -7.55 -4.69 -9.87
N TYR B 53 -7.10 -4.35 -8.68
CA TYR B 53 -7.96 -3.93 -7.59
C TYR B 53 -7.89 -2.42 -7.39
N ARG B 54 -8.90 -1.86 -6.75
CA ARG B 54 -8.96 -0.42 -6.49
C ARG B 54 -9.42 -0.19 -5.06
N LEU B 55 -8.51 0.30 -4.23
CA LEU B 55 -8.84 0.70 -2.88
C LEU B 55 -9.28 2.16 -2.90
N ARG B 56 -10.56 2.40 -2.63
CA ARG B 56 -11.14 3.73 -2.78
C ARG B 56 -11.60 4.26 -1.42
N LEU B 57 -11.45 5.55 -1.22
CA LEU B 57 -11.91 6.20 -0.01
C LEU B 57 -13.03 7.17 -0.36
N THR B 58 -14.04 7.23 0.48
CA THR B 58 -15.15 8.16 0.28
C THR B 58 -14.71 9.58 0.58
N SER B 59 -15.62 10.53 0.50
CA SER B 59 -15.32 11.92 0.78
C SER B 59 -14.61 12.05 2.13
N GLN B 60 -15.01 11.19 3.10
CA GLN B 60 -14.40 11.18 4.43
C GLN B 60 -14.96 10.02 5.28
N ASN B 61 -16.14 9.53 4.89
CA ASN B 61 -16.88 8.50 5.64
C ASN B 61 -15.99 7.30 5.97
N LYS B 62 -15.63 6.51 4.95
CA LYS B 62 -14.82 5.31 5.11
C LYS B 62 -14.15 4.95 3.79
N LEU B 63 -13.62 3.72 3.71
CA LEU B 63 -12.97 3.25 2.49
C LEU B 63 -13.45 1.83 2.17
N ILE B 64 -13.25 1.40 0.92
CA ILE B 64 -13.74 0.13 0.44
C ILE B 64 -12.80 -0.46 -0.62
N LEU B 65 -13.06 -1.71 -0.99
CA LEU B 65 -12.30 -2.37 -2.06
C LEU B 65 -13.24 -2.53 -3.23
N THR B 66 -12.74 -2.39 -4.45
CA THR B 66 -13.58 -2.36 -5.63
C THR B 66 -12.74 -2.59 -6.90
N LYS B 67 -13.41 -2.89 -7.99
CA LYS B 67 -12.81 -2.91 -9.32
C LYS B 67 -13.87 -3.22 -10.38
N MET A 1 29.56 8.44 63.50
CA MET A 1 28.33 8.11 62.75
C MET A 1 28.69 7.56 61.36
N MET A 2 28.23 6.36 61.07
CA MET A 2 28.55 5.69 59.81
C MET A 2 27.48 4.65 59.50
N THR A 3 26.41 5.09 58.86
CA THR A 3 25.36 4.17 58.40
C THR A 3 25.62 3.74 56.95
N ALA A 4 26.58 4.41 56.30
CA ALA A 4 26.94 4.12 54.93
C ALA A 4 27.41 2.67 54.76
N SER A 5 26.44 1.79 54.51
CA SER A 5 26.70 0.38 54.29
C SER A 5 25.54 -0.25 53.52
N ASP A 6 24.91 0.58 52.67
CA ASP A 6 23.73 0.16 51.92
C ASP A 6 24.09 -0.93 50.91
N ARG A 7 23.08 -1.74 50.59
CA ARG A 7 23.24 -2.84 49.63
C ARG A 7 23.04 -2.33 48.21
N LEU A 8 24.13 -1.91 47.58
CA LEU A 8 24.09 -1.37 46.23
C LEU A 8 24.04 -2.50 45.20
N GLY A 9 22.89 -2.67 44.58
CA GLY A 9 22.72 -3.69 43.57
C GLY A 9 21.89 -3.21 42.40
N ALA A 10 22.55 -2.85 41.30
CA ALA A 10 21.88 -2.34 40.11
C ALA A 10 21.55 -3.50 39.16
N ASP A 11 20.30 -3.62 38.79
CA ASP A 11 19.85 -4.70 37.92
C ASP A 11 19.43 -4.17 36.55
N PRO A 12 20.23 -4.45 35.51
CA PRO A 12 19.97 -3.99 34.14
C PRO A 12 18.79 -4.72 33.51
N THR A 13 17.78 -3.98 33.08
CA THR A 13 16.63 -4.58 32.40
C THR A 13 17.03 -5.02 30.98
N GLN A 14 17.40 -6.29 30.85
CA GLN A 14 17.85 -6.87 29.57
C GLN A 14 16.70 -7.56 28.86
N ALA A 15 17.01 -8.15 27.70
CA ALA A 15 16.03 -8.88 26.90
C ALA A 15 14.96 -7.91 26.36
N ALA A 16 15.21 -6.62 26.48
CA ALA A 16 14.29 -5.60 26.04
C ALA A 16 14.45 -5.40 24.52
N SER A 17 13.70 -6.18 23.74
CA SER A 17 13.74 -6.08 22.29
C SER A 17 12.84 -4.94 21.82
N SER A 18 13.43 -3.96 21.13
CA SER A 18 12.70 -2.81 20.64
C SER A 18 11.91 -3.14 19.37
N PRO A 19 10.58 -3.05 19.44
CA PRO A 19 9.72 -3.26 18.26
C PRO A 19 9.90 -2.13 17.24
N GLY A 20 10.56 -2.45 16.14
CA GLY A 20 10.83 -1.47 15.11
C GLY A 20 10.93 -2.09 13.75
N GLY A 21 9.77 -2.34 13.13
CA GLY A 21 9.71 -2.95 11.80
C GLY A 21 8.96 -2.08 10.83
N ALA A 22 9.46 -0.87 10.60
CA ALA A 22 8.85 0.04 9.65
C ALA A 22 9.32 -0.26 8.24
N ARG A 23 8.38 -0.46 7.32
CA ARG A 23 8.72 -0.79 5.93
C ARG A 23 8.23 0.33 5.01
N ALA A 24 9.11 0.78 4.13
CA ALA A 24 8.79 1.84 3.19
C ALA A 24 8.30 1.23 1.88
N VAL A 25 7.05 1.45 1.59
CA VAL A 25 6.45 0.90 0.37
C VAL A 25 6.13 2.04 -0.60
N SER A 26 6.42 1.82 -1.87
CA SER A 26 6.28 2.86 -2.88
C SER A 26 4.95 2.74 -3.64
N ILE A 27 4.44 3.91 -4.03
CA ILE A 27 3.23 4.03 -4.83
C ILE A 27 3.56 4.77 -6.12
N VAL A 28 3.24 4.17 -7.26
CA VAL A 28 3.55 4.77 -8.55
C VAL A 28 2.33 5.50 -9.08
N GLY A 29 2.28 6.82 -8.85
CA GLY A 29 1.11 7.60 -9.23
C GLY A 29 0.02 7.41 -8.21
N ASN A 30 -0.58 6.23 -8.19
CA ASN A 30 -1.55 5.86 -7.16
C ASN A 30 -1.72 4.35 -7.13
N GLN A 31 -0.75 3.62 -7.68
CA GLN A 31 -0.84 2.15 -7.80
C GLN A 31 0.31 1.49 -7.05
N ILE A 32 -0.04 0.61 -6.11
CA ILE A 32 0.93 -0.27 -5.47
C ILE A 32 0.60 -1.74 -5.73
N ASP A 33 1.60 -2.60 -5.64
CA ASP A 33 1.39 -4.04 -5.80
C ASP A 33 1.11 -4.69 -4.45
N SER A 34 0.23 -5.67 -4.45
CA SER A 34 -0.13 -6.40 -3.23
C SER A 34 1.09 -7.08 -2.64
N ARG A 35 2.09 -7.35 -3.47
CA ARG A 35 3.31 -8.00 -3.05
C ARG A 35 4.06 -7.14 -2.04
N GLU A 36 4.19 -5.85 -2.36
CA GLU A 36 4.98 -4.94 -1.54
C GLU A 36 4.47 -4.89 -0.10
N LEU A 37 3.16 -4.92 0.06
CA LEU A 37 2.53 -4.88 1.38
C LEU A 37 2.64 -6.23 2.09
N PHE A 38 2.23 -7.30 1.40
CA PHE A 38 2.07 -8.61 2.03
C PHE A 38 3.23 -9.55 1.72
N THR A 39 4.36 -9.01 1.29
CA THR A 39 5.55 -9.83 1.02
C THR A 39 6.01 -10.54 2.29
N VAL A 40 5.95 -9.85 3.42
CA VAL A 40 6.31 -10.41 4.72
C VAL A 40 5.23 -10.06 5.74
N ASP A 41 4.06 -10.70 5.58
CA ASP A 41 2.88 -10.53 6.47
C ASP A 41 1.69 -11.12 5.75
N ARG A 42 0.56 -11.26 6.42
CA ARG A 42 -0.65 -11.79 5.79
C ARG A 42 -1.76 -10.74 5.79
N GLU A 43 -1.60 -9.69 6.57
CA GLU A 43 -2.64 -8.70 6.77
C GLU A 43 -2.04 -7.32 7.06
N ILE A 44 -2.71 -6.29 6.55
CA ILE A 44 -2.28 -4.91 6.74
C ILE A 44 -3.41 -4.11 7.39
N VAL A 45 -3.07 -3.26 8.33
CA VAL A 45 -4.05 -2.44 9.04
C VAL A 45 -4.09 -1.03 8.46
N ILE A 46 -5.28 -0.44 8.40
CA ILE A 46 -5.51 0.85 7.80
C ILE A 46 -6.36 1.72 8.73
N ALA A 47 -5.72 2.63 9.45
CA ALA A 47 -6.44 3.47 10.40
C ALA A 47 -7.07 4.66 9.69
N HIS A 48 -8.31 4.99 10.03
CA HIS A 48 -9.03 6.09 9.39
C HIS A 48 -9.95 6.78 10.39
N GLY A 49 -9.50 7.92 10.93
CA GLY A 49 -10.34 8.68 11.83
C GLY A 49 -10.10 8.24 13.28
N ASP A 50 -11.02 7.45 13.80
CA ASP A 50 -10.85 6.76 15.06
C ASP A 50 -11.04 5.26 14.90
N ASP A 51 -11.51 4.86 13.70
CA ASP A 51 -11.77 3.45 13.41
C ASP A 51 -10.56 2.82 12.75
N ARG A 52 -10.51 1.48 12.76
CA ARG A 52 -9.38 0.74 12.20
C ARG A 52 -9.88 -0.31 11.21
N TYR A 53 -9.30 -0.31 10.05
CA TYR A 53 -9.65 -1.25 8.98
C TYR A 53 -8.52 -2.26 8.80
N ARG A 54 -8.84 -3.35 8.18
CA ARG A 54 -7.87 -4.42 7.96
C ARG A 54 -7.94 -4.93 6.53
N LEU A 55 -6.91 -4.62 5.75
CA LEU A 55 -6.75 -5.15 4.40
C LEU A 55 -6.02 -6.49 4.48
N ARG A 56 -6.73 -7.57 4.14
CA ARG A 56 -6.20 -8.91 4.34
C ARG A 56 -6.04 -9.62 3.01
N LEU A 57 -4.93 -10.33 2.84
CA LEU A 57 -4.62 -11.04 1.60
C LEU A 57 -4.59 -12.54 1.88
N THR A 58 -5.06 -13.32 0.90
CA THR A 58 -5.04 -14.77 1.02
C THR A 58 -3.67 -15.30 0.62
N SER A 59 -3.49 -16.61 0.69
CA SER A 59 -2.20 -17.22 0.41
C SER A 59 -1.78 -17.04 -1.05
N GLN A 60 -2.73 -16.66 -1.92
CA GLN A 60 -2.44 -16.49 -3.36
C GLN A 60 -3.65 -15.94 -4.12
N ASN A 61 -4.83 -16.39 -3.74
CA ASN A 61 -6.05 -16.15 -4.52
C ASN A 61 -6.34 -14.64 -4.66
N LYS A 62 -6.85 -14.03 -3.59
CA LYS A 62 -7.31 -12.62 -3.64
C LYS A 62 -7.14 -11.91 -2.30
N LEU A 63 -7.71 -10.72 -2.18
CA LEU A 63 -7.68 -9.95 -0.94
C LEU A 63 -9.03 -9.34 -0.69
N ILE A 64 -9.28 -8.96 0.54
CA ILE A 64 -10.58 -8.45 0.99
C ILE A 64 -10.40 -7.46 2.14
N LEU A 65 -11.48 -6.80 2.50
CA LEU A 65 -11.46 -5.83 3.60
C LEU A 65 -12.18 -6.44 4.82
N THR A 66 -11.76 -6.02 6.01
CA THR A 66 -12.29 -6.55 7.27
C THR A 66 -11.88 -5.61 8.40
N LYS A 67 -12.32 -5.91 9.63
CA LYS A 67 -11.88 -5.17 10.84
C LYS A 67 -12.49 -5.81 12.09
N MET B 1 -6.97 -9.58 -62.14
CA MET B 1 -7.45 -8.52 -61.23
C MET B 1 -6.33 -7.54 -60.90
N MET B 2 -6.70 -6.30 -60.59
CA MET B 2 -5.73 -5.28 -60.25
C MET B 2 -5.04 -5.65 -58.95
N THR B 3 -3.77 -6.05 -59.03
CA THR B 3 -3.02 -6.46 -57.85
C THR B 3 -2.68 -5.23 -56.99
N ALA B 4 -3.56 -4.96 -56.02
CA ALA B 4 -3.39 -3.82 -55.11
C ALA B 4 -4.17 -4.04 -53.83
N SER B 5 -3.48 -3.93 -52.70
CA SER B 5 -4.11 -4.12 -51.39
C SER B 5 -3.35 -3.30 -50.37
N ASP B 6 -3.97 -2.22 -49.90
CA ASP B 6 -3.32 -1.25 -49.01
C ASP B 6 -4.15 -0.99 -47.76
N ARG B 7 -3.46 -0.60 -46.68
CA ARG B 7 -4.08 -0.25 -45.41
C ARG B 7 -3.02 0.27 -44.43
N LEU B 8 -2.73 1.56 -44.55
CA LEU B 8 -1.70 2.20 -43.73
C LEU B 8 -2.07 2.20 -42.26
N GLY B 9 -1.07 2.02 -41.40
CA GLY B 9 -1.28 2.04 -39.97
C GLY B 9 -1.08 3.44 -39.41
N ALA B 10 -2.06 4.29 -39.60
CA ALA B 10 -2.00 5.67 -39.14
C ALA B 10 -2.39 5.79 -37.67
N ASP B 11 -2.39 4.68 -36.97
CA ASP B 11 -2.74 4.66 -35.56
C ASP B 11 -1.50 4.89 -34.69
N PRO B 12 -1.42 6.01 -33.98
CA PRO B 12 -0.35 6.30 -33.02
C PRO B 12 -0.62 5.70 -31.64
N THR B 13 -1.61 4.79 -31.63
CA THR B 13 -2.13 4.17 -30.40
C THR B 13 -1.06 3.90 -29.34
N GLN B 14 -0.97 4.82 -28.38
CA GLN B 14 -0.10 4.66 -27.21
C GLN B 14 -0.78 5.31 -26.01
N ALA B 15 -1.45 4.49 -25.22
CA ALA B 15 -2.14 4.95 -24.02
C ALA B 15 -1.13 5.32 -22.96
N ALA B 16 -0.47 6.45 -23.15
CA ALA B 16 0.54 6.94 -22.23
C ALA B 16 -0.13 7.42 -20.93
N SER B 17 -0.42 6.47 -20.06
CA SER B 17 -0.97 6.75 -18.76
C SER B 17 0.09 6.46 -17.70
N SER B 18 1.18 7.22 -17.79
CA SER B 18 2.33 7.01 -16.93
C SER B 18 2.00 7.31 -15.48
N PRO B 19 2.40 6.42 -14.56
CA PRO B 19 2.22 6.62 -13.11
C PRO B 19 2.92 7.91 -12.65
N GLY B 20 2.18 9.01 -12.66
CA GLY B 20 2.75 10.30 -12.35
C GLY B 20 2.86 10.56 -10.87
N GLY B 21 4.08 10.73 -10.40
CA GLY B 21 4.33 11.04 -9.00
C GLY B 21 4.46 9.79 -8.14
N ALA B 22 5.69 9.37 -7.88
CA ALA B 22 5.95 8.24 -7.00
C ALA B 22 6.05 8.72 -5.56
N ARG B 23 5.18 8.21 -4.71
CA ARG B 23 5.11 8.63 -3.31
C ARG B 23 5.51 7.47 -2.40
N ALA B 24 6.40 7.77 -1.46
CA ALA B 24 6.87 6.75 -0.52
C ALA B 24 6.03 6.80 0.74
N VAL B 25 5.25 5.75 0.97
CA VAL B 25 4.39 5.68 2.14
C VAL B 25 4.93 4.62 3.12
N SER B 26 4.92 4.95 4.40
CA SER B 26 5.49 4.10 5.42
C SER B 26 4.45 3.21 6.09
N ILE B 27 4.89 2.02 6.49
CA ILE B 27 4.05 1.06 7.20
C ILE B 27 4.74 0.74 8.52
N VAL B 28 4.02 0.89 9.63
CA VAL B 28 4.60 0.65 10.96
C VAL B 28 4.24 -0.75 11.44
N GLY B 29 5.14 -1.70 11.23
CA GLY B 29 4.88 -3.08 11.56
C GLY B 29 4.03 -3.71 10.46
N ASN B 30 2.77 -3.30 10.38
CA ASN B 30 1.88 -3.69 9.28
C ASN B 30 0.68 -2.75 9.22
N GLN B 31 0.81 -1.57 9.82
CA GLN B 31 -0.29 -0.60 9.89
C GLN B 31 0.08 0.71 9.20
N ILE B 32 -0.73 1.12 8.21
CA ILE B 32 -0.63 2.44 7.61
C ILE B 32 -1.92 3.22 7.83
N ASP B 33 -1.82 4.54 7.79
CA ASP B 33 -3.02 5.38 7.91
C ASP B 33 -3.58 5.67 6.52
N SER B 34 -4.91 5.76 6.45
CA SER B 34 -5.61 6.03 5.20
C SER B 34 -5.22 7.42 4.65
N ARG B 35 -4.73 8.28 5.55
CA ARG B 35 -4.32 9.62 5.18
C ARG B 35 -3.12 9.58 4.25
N GLU B 36 -2.13 8.76 4.59
CA GLU B 36 -0.89 8.71 3.85
C GLU B 36 -1.12 8.35 2.37
N LEU B 37 -2.06 7.44 2.15
CA LEU B 37 -2.39 7.00 0.80
C LEU B 37 -3.25 8.04 0.07
N PHE B 38 -4.32 8.49 0.71
CA PHE B 38 -5.33 9.31 0.05
C PHE B 38 -5.21 10.80 0.41
N THR B 39 -4.04 11.21 0.90
CA THR B 39 -3.81 12.63 1.23
C THR B 39 -3.93 13.49 -0.03
N VAL B 40 -3.41 12.97 -1.15
CA VAL B 40 -3.50 13.66 -2.43
C VAL B 40 -3.94 12.69 -3.51
N ASP B 41 -5.23 12.30 -3.44
CA ASP B 41 -5.87 11.38 -4.38
C ASP B 41 -7.17 10.92 -3.75
N ARG B 42 -8.02 10.22 -4.49
CA ARG B 42 -9.28 9.73 -3.95
C ARG B 42 -9.33 8.19 -3.98
N GLU B 43 -8.41 7.61 -4.73
CA GLU B 43 -8.43 6.16 -4.97
C GLU B 43 -7.02 5.64 -5.20
N ILE B 44 -6.78 4.41 -4.71
CA ILE B 44 -5.49 3.76 -4.85
C ILE B 44 -5.68 2.41 -5.53
N VAL B 45 -4.79 2.09 -6.44
CA VAL B 45 -4.86 0.83 -7.19
C VAL B 45 -3.91 -0.21 -6.58
N ILE B 46 -4.34 -1.46 -6.58
CA ILE B 46 -3.60 -2.55 -5.97
C ILE B 46 -3.54 -3.74 -6.94
N ALA B 47 -2.40 -3.92 -7.61
CA ALA B 47 -2.24 -5.00 -8.58
C ALA B 47 -1.88 -6.29 -7.88
N HIS B 48 -2.51 -7.39 -8.28
CA HIS B 48 -2.28 -8.70 -7.66
C HIS B 48 -2.38 -9.81 -8.71
N GLY B 49 -1.23 -10.27 -9.20
CA GLY B 49 -1.21 -11.35 -10.14
C GLY B 49 -1.29 -10.87 -11.57
N ASP B 50 -2.47 -10.95 -12.16
CA ASP B 50 -2.76 -10.31 -13.45
C ASP B 50 -3.97 -9.41 -13.30
N ASP B 51 -4.64 -9.49 -12.15
CA ASP B 51 -5.85 -8.68 -11.91
C ASP B 51 -5.48 -7.37 -11.20
N ARG B 52 -6.39 -6.42 -11.20
CA ARG B 52 -6.16 -5.11 -10.61
C ARG B 52 -7.31 -4.74 -9.68
N TYR B 53 -6.95 -4.38 -8.47
CA TYR B 53 -7.95 -4.00 -7.45
C TYR B 53 -7.88 -2.50 -7.24
N ARG B 54 -8.94 -1.95 -6.63
CA ARG B 54 -9.01 -0.51 -6.39
C ARG B 54 -9.50 -0.25 -4.97
N LEU B 55 -8.61 0.26 -4.13
CA LEU B 55 -8.94 0.69 -2.79
C LEU B 55 -9.38 2.15 -2.85
N ARG B 56 -10.64 2.40 -2.59
CA ARG B 56 -11.23 3.73 -2.77
C ARG B 56 -11.70 4.31 -1.44
N LEU B 57 -11.42 5.58 -1.23
CA LEU B 57 -11.78 6.26 0.01
C LEU B 57 -12.82 7.35 -0.27
N THR B 58 -13.74 7.55 0.66
CA THR B 58 -14.75 8.58 0.51
C THR B 58 -14.19 9.91 0.98
N SER B 59 -14.98 10.97 0.89
CA SER B 59 -14.51 12.31 1.23
C SER B 59 -14.20 12.44 2.72
N GLN B 60 -14.65 11.47 3.54
CA GLN B 60 -14.39 11.51 4.98
C GLN B 60 -14.90 10.26 5.70
N ASN B 61 -16.03 9.74 5.23
CA ASN B 61 -16.75 8.68 5.94
C ASN B 61 -15.91 7.41 6.09
N LYS B 62 -15.74 6.65 5.00
CA LYS B 62 -15.08 5.33 5.07
C LYS B 62 -14.38 4.99 3.74
N LEU B 63 -13.93 3.76 3.63
CA LEU B 63 -13.31 3.28 2.39
C LEU B 63 -13.82 1.87 2.08
N ILE B 64 -13.63 1.48 0.82
CA ILE B 64 -14.16 0.21 0.32
C ILE B 64 -13.27 -0.33 -0.79
N LEU B 65 -13.52 -1.57 -1.21
CA LEU B 65 -12.78 -2.20 -2.28
C LEU B 65 -13.62 -2.24 -3.56
N THR B 66 -12.97 -2.20 -4.71
CA THR B 66 -13.65 -2.18 -6.00
C THR B 66 -12.64 -2.53 -7.11
N LYS B 67 -13.13 -2.58 -8.35
CA LYS B 67 -12.24 -2.75 -9.51
C LYS B 67 -13.07 -2.72 -10.80
N MET A 1 33.93 -5.92 61.04
CA MET A 1 34.42 -7.04 60.21
C MET A 1 33.75 -6.98 58.83
N MET A 2 34.52 -7.22 57.78
CA MET A 2 33.98 -7.23 56.42
C MET A 2 33.02 -8.41 56.25
N THR A 3 31.75 -8.14 56.29
CA THR A 3 30.72 -9.15 56.11
C THR A 3 30.57 -9.48 54.61
N ALA A 4 31.11 -10.62 54.21
CA ALA A 4 31.08 -11.02 52.80
C ALA A 4 29.67 -11.47 52.40
N SER A 5 28.82 -11.66 53.40
CA SER A 5 27.43 -12.07 53.18
C SER A 5 26.67 -10.97 52.42
N ASP A 6 26.61 -11.08 51.11
CA ASP A 6 25.98 -10.07 50.26
C ASP A 6 24.85 -10.70 49.43
N ARG A 7 23.98 -9.85 48.87
CA ARG A 7 22.86 -10.36 48.06
C ARG A 7 23.32 -10.77 46.67
N LEU A 8 24.50 -10.29 46.27
CA LEU A 8 25.06 -10.53 44.94
C LEU A 8 24.25 -9.80 43.87
N GLY A 9 23.03 -10.28 43.60
CA GLY A 9 22.23 -9.71 42.54
C GLY A 9 22.88 -9.88 41.18
N ALA A 10 23.44 -11.08 40.96
CA ALA A 10 24.21 -11.37 39.77
C ALA A 10 23.39 -12.20 38.77
N ASP A 11 22.10 -12.37 39.08
CA ASP A 11 21.21 -13.09 38.20
C ASP A 11 21.10 -12.37 36.85
N PRO A 12 21.36 -13.09 35.74
CA PRO A 12 21.33 -12.51 34.38
C PRO A 12 19.98 -11.90 34.03
N THR A 13 20.00 -10.90 33.15
CA THR A 13 18.79 -10.21 32.73
C THR A 13 18.18 -10.91 31.53
N GLN A 14 17.01 -11.49 31.72
CA GLN A 14 16.32 -12.21 30.64
C GLN A 14 15.88 -11.20 29.58
N ALA A 15 16.63 -11.14 28.49
CA ALA A 15 16.33 -10.19 27.40
C ALA A 15 15.39 -10.82 26.39
N ALA A 16 14.16 -10.36 26.35
CA ALA A 16 13.18 -10.84 25.39
C ALA A 16 13.36 -10.14 24.05
N SER A 17 13.32 -10.91 22.96
CA SER A 17 13.52 -10.38 21.63
C SER A 17 12.49 -9.29 21.31
N SER A 18 12.90 -8.05 21.48
CA SER A 18 12.06 -6.89 21.12
C SER A 18 12.28 -6.54 19.63
N PRO A 19 11.33 -6.92 18.76
CA PRO A 19 11.46 -6.71 17.33
C PRO A 19 10.85 -5.39 16.83
N GLY A 20 11.10 -5.09 15.57
CA GLY A 20 10.53 -3.90 14.94
C GLY A 20 10.48 -4.06 13.44
N GLY A 21 9.29 -3.92 12.86
CA GLY A 21 9.12 -4.14 11.43
C GLY A 21 8.46 -2.98 10.73
N ALA A 22 9.29 -2.05 10.20
CA ALA A 22 8.82 -0.91 9.43
C ALA A 22 9.28 -1.01 7.97
N ARG A 23 8.31 -1.09 7.07
CA ARG A 23 8.60 -1.19 5.63
C ARG A 23 8.07 0.07 4.92
N ALA A 24 8.83 0.53 3.92
CA ALA A 24 8.41 1.66 3.10
C ALA A 24 8.03 1.21 1.71
N VAL A 25 6.75 1.35 1.38
CA VAL A 25 6.23 0.96 0.08
C VAL A 25 5.85 2.20 -0.73
N SER A 26 6.03 2.13 -2.06
CA SER A 26 5.79 3.28 -2.91
C SER A 26 4.51 3.12 -3.76
N ILE A 27 3.98 4.26 -4.20
CA ILE A 27 2.77 4.32 -5.04
C ILE A 27 3.13 5.07 -6.31
N VAL A 28 2.85 4.47 -7.47
CA VAL A 28 3.20 5.06 -8.74
C VAL A 28 1.95 5.67 -9.41
N GLY A 29 1.86 6.99 -9.36
CA GLY A 29 0.72 7.69 -9.92
C GLY A 29 -0.49 7.58 -9.01
N ASN A 30 -1.07 6.39 -8.97
CA ASN A 30 -2.18 6.10 -8.05
C ASN A 30 -2.26 4.60 -7.78
N GLN A 31 -1.24 3.85 -8.19
CA GLN A 31 -1.30 2.38 -8.13
C GLN A 31 -0.17 1.84 -7.24
N ILE A 32 -0.51 0.81 -6.46
CA ILE A 32 0.52 0.07 -5.71
C ILE A 32 0.31 -1.44 -5.84
N ASP A 33 1.39 -2.21 -5.84
CA ASP A 33 1.29 -3.66 -5.94
C ASP A 33 1.10 -4.28 -4.57
N SER A 34 0.16 -5.21 -4.47
CA SER A 34 -0.20 -5.80 -3.19
C SER A 34 0.97 -6.53 -2.52
N ARG A 35 1.87 -7.05 -3.33
CA ARG A 35 3.00 -7.83 -2.82
C ARG A 35 3.87 -6.96 -1.91
N GLU A 36 3.97 -5.68 -2.26
CA GLU A 36 4.76 -4.71 -1.48
C GLU A 36 4.22 -4.61 -0.05
N LEU A 37 2.90 -4.56 0.06
CA LEU A 37 2.24 -4.44 1.36
C LEU A 37 2.41 -5.74 2.14
N PHE A 38 2.07 -6.85 1.47
CA PHE A 38 2.10 -8.16 2.11
C PHE A 38 3.45 -8.86 1.94
N THR A 39 4.50 -8.04 1.81
CA THR A 39 5.87 -8.56 1.58
C THR A 39 6.29 -9.51 2.70
N VAL A 40 5.76 -9.30 3.91
CA VAL A 40 6.08 -10.13 5.07
C VAL A 40 4.83 -10.47 5.87
N ASP A 41 3.94 -9.50 6.05
CA ASP A 41 2.69 -9.73 6.75
C ASP A 41 1.53 -9.84 5.77
N ARG A 42 0.97 -11.06 5.65
CA ARG A 42 -0.16 -11.32 4.78
C ARG A 42 -1.45 -10.62 5.27
N GLU A 43 -1.33 -9.77 6.29
CA GLU A 43 -2.43 -8.96 6.75
C GLU A 43 -1.92 -7.58 7.11
N ILE A 44 -2.64 -6.55 6.66
CA ILE A 44 -2.29 -5.17 6.93
C ILE A 44 -3.49 -4.45 7.52
N VAL A 45 -3.26 -3.58 8.49
CA VAL A 45 -4.34 -2.82 9.13
C VAL A 45 -4.33 -1.37 8.63
N ILE A 46 -5.33 -1.04 7.84
CA ILE A 46 -5.51 0.34 7.36
C ILE A 46 -6.35 1.14 8.36
N ALA A 47 -5.68 2.01 9.14
CA ALA A 47 -6.38 2.82 10.12
C ALA A 47 -6.93 4.08 9.49
N HIS A 48 -8.14 4.48 9.89
CA HIS A 48 -8.78 5.67 9.33
C HIS A 48 -9.67 6.35 10.36
N GLY A 49 -9.19 7.45 10.93
CA GLY A 49 -10.02 8.20 11.86
C GLY A 49 -9.93 7.59 13.23
N ASP A 50 -11.05 7.08 13.70
CA ASP A 50 -11.08 6.40 14.98
C ASP A 50 -11.10 4.89 14.81
N ASP A 51 -11.50 4.44 13.58
CA ASP A 51 -11.68 3.02 13.33
C ASP A 51 -10.50 2.45 12.58
N ARG A 52 -10.44 1.12 12.49
CA ARG A 52 -9.32 0.43 11.88
C ARG A 52 -9.84 -0.66 10.94
N TYR A 53 -9.26 -0.71 9.75
CA TYR A 53 -9.65 -1.70 8.75
C TYR A 53 -8.56 -2.75 8.62
N ARG A 54 -8.91 -3.88 8.02
CA ARG A 54 -7.93 -4.95 7.79
C ARG A 54 -7.91 -5.29 6.31
N LEU A 55 -6.84 -4.95 5.61
CA LEU A 55 -6.61 -5.38 4.25
C LEU A 55 -5.83 -6.69 4.34
N ARG A 56 -6.47 -7.79 4.00
CA ARG A 56 -5.91 -9.12 4.26
C ARG A 56 -5.78 -9.90 2.98
N LEU A 57 -4.69 -10.63 2.84
CA LEU A 57 -4.37 -11.38 1.64
C LEU A 57 -4.55 -12.87 1.92
N THR A 58 -4.88 -13.62 0.89
CA THR A 58 -4.93 -15.06 0.98
C THR A 58 -3.69 -15.61 0.30
N SER A 59 -3.19 -16.78 0.77
CA SER A 59 -1.92 -17.40 0.32
C SER A 59 -1.20 -16.58 -0.74
N GLN A 60 -1.71 -16.65 -1.98
CA GLN A 60 -1.27 -15.80 -3.07
C GLN A 60 -2.44 -15.50 -4.00
N ASN A 61 -3.62 -15.96 -3.59
CA ASN A 61 -4.83 -15.93 -4.41
C ASN A 61 -5.32 -14.51 -4.62
N LYS A 62 -5.96 -13.93 -3.59
CA LYS A 62 -6.57 -12.60 -3.68
C LYS A 62 -6.54 -11.91 -2.33
N LEU A 63 -7.07 -10.69 -2.25
CA LEU A 63 -7.11 -9.93 -0.99
C LEU A 63 -8.50 -9.31 -0.81
N ILE A 64 -8.75 -8.83 0.41
CA ILE A 64 -10.04 -8.25 0.78
C ILE A 64 -9.84 -7.17 1.84
N LEU A 65 -10.93 -6.42 2.11
CA LEU A 65 -10.89 -5.37 3.12
C LEU A 65 -12.06 -5.58 4.08
N THR A 66 -11.74 -5.87 5.33
CA THR A 66 -12.77 -6.21 6.32
C THR A 66 -12.50 -5.51 7.65
N LYS A 67 -13.57 -5.30 8.40
CA LYS A 67 -13.50 -4.67 9.72
C LYS A 67 -14.57 -5.26 10.65
N MET B 1 -14.54 43.89 -54.19
CA MET B 1 -14.05 45.21 -53.70
C MET B 1 -14.50 45.43 -52.26
N MET B 2 -13.76 44.82 -51.32
CA MET B 2 -14.04 44.92 -49.90
C MET B 2 -13.01 44.07 -49.15
N THR B 3 -12.18 44.73 -48.34
CA THR B 3 -11.16 44.04 -47.57
C THR B 3 -11.80 43.21 -46.45
N ALA B 4 -12.42 42.10 -46.82
CA ALA B 4 -13.09 41.22 -45.87
C ALA B 4 -12.07 40.24 -45.26
N SER B 5 -11.54 40.59 -44.09
CA SER B 5 -10.55 39.76 -43.41
C SER B 5 -11.22 38.50 -42.85
N ASP B 6 -11.32 37.47 -43.70
CA ASP B 6 -11.85 36.16 -43.28
C ASP B 6 -10.76 35.39 -42.54
N ARG B 7 -11.03 35.06 -41.29
CA ARG B 7 -10.04 34.42 -40.44
C ARG B 7 -10.73 33.64 -39.30
N LEU B 8 -10.08 32.56 -38.88
CA LEU B 8 -10.57 31.76 -37.74
C LEU B 8 -9.77 32.07 -36.50
N GLY B 9 -10.25 31.58 -35.36
CA GLY B 9 -9.56 31.80 -34.08
C GLY B 9 -9.91 30.76 -33.05
N ALA B 10 -9.62 29.50 -33.39
CA ALA B 10 -9.87 28.39 -32.49
C ALA B 10 -8.57 27.77 -32.02
N ASP B 11 -8.04 28.29 -30.92
CA ASP B 11 -6.79 27.79 -30.34
C ASP B 11 -7.04 26.47 -29.60
N PRO B 12 -6.39 25.37 -30.02
CA PRO B 12 -6.57 24.06 -29.38
C PRO B 12 -6.37 24.12 -27.87
N THR B 13 -5.27 24.75 -27.47
CA THR B 13 -4.92 24.96 -26.06
C THR B 13 -4.45 23.65 -25.42
N GLN B 14 -5.32 22.63 -25.43
CA GLN B 14 -5.01 21.31 -24.90
C GLN B 14 -4.84 21.34 -23.37
N ALA B 15 -5.84 20.82 -22.65
CA ALA B 15 -5.80 20.76 -21.20
C ALA B 15 -4.83 19.68 -20.72
N ALA B 16 -3.81 20.09 -19.99
CA ALA B 16 -2.81 19.15 -19.47
C ALA B 16 -3.26 18.61 -18.11
N SER B 17 -2.91 17.36 -17.85
CA SER B 17 -3.26 16.69 -16.61
C SER B 17 -2.24 15.57 -16.33
N SER B 18 -1.24 15.88 -15.52
CA SER B 18 -0.17 14.96 -15.19
C SER B 18 -0.18 14.60 -13.70
N PRO B 19 -0.74 13.45 -13.33
CA PRO B 19 -0.76 12.96 -11.94
C PRO B 19 0.58 12.26 -11.61
N GLY B 20 1.68 12.94 -11.90
CA GLY B 20 3.00 12.36 -11.69
C GLY B 20 3.47 12.46 -10.25
N GLY B 21 2.64 11.94 -9.35
CA GLY B 21 2.98 11.95 -7.95
C GLY B 21 3.41 10.59 -7.45
N ALA B 22 4.70 10.42 -7.23
CA ALA B 22 5.26 9.20 -6.69
C ALA B 22 5.49 9.36 -5.20
N ARG B 23 4.74 8.62 -4.39
CA ARG B 23 4.77 8.79 -2.95
C ARG B 23 5.23 7.53 -2.25
N ALA B 24 6.01 7.71 -1.20
CA ALA B 24 6.50 6.60 -0.38
C ALA B 24 5.79 6.62 0.98
N VAL B 25 4.99 5.59 1.24
CA VAL B 25 4.24 5.46 2.48
C VAL B 25 4.81 4.31 3.31
N SER B 26 4.81 4.44 4.63
CA SER B 26 5.40 3.45 5.49
C SER B 26 4.34 2.63 6.26
N ILE B 27 4.76 1.44 6.70
CA ILE B 27 3.90 0.52 7.46
C ILE B 27 4.62 0.20 8.76
N VAL B 28 3.91 0.40 9.88
CA VAL B 28 4.50 0.20 11.20
C VAL B 28 4.01 -1.12 11.80
N GLY B 29 4.88 -2.11 11.79
CA GLY B 29 4.53 -3.44 12.28
C GLY B 29 3.67 -4.18 11.29
N ASN B 30 2.41 -3.76 11.17
CA ASN B 30 1.50 -4.32 10.18
C ASN B 30 0.38 -3.31 9.87
N GLN B 31 0.55 -2.07 10.33
CA GLN B 31 -0.52 -1.08 10.22
C GLN B 31 -0.05 0.09 9.38
N ILE B 32 -1.02 0.75 8.74
CA ILE B 32 -0.73 1.92 7.87
C ILE B 32 -1.97 2.81 7.93
N ASP B 33 -1.76 4.12 8.00
CA ASP B 33 -2.85 5.07 8.07
C ASP B 33 -3.34 5.39 6.65
N SER B 34 -4.66 5.39 6.46
CA SER B 34 -5.27 5.58 5.14
C SER B 34 -4.90 6.95 4.55
N ARG B 35 -4.68 7.94 5.41
CA ARG B 35 -4.41 9.30 4.94
C ARG B 35 -3.12 9.33 4.11
N GLU B 36 -2.16 8.49 4.51
CA GLU B 36 -0.89 8.39 3.78
C GLU B 36 -1.10 7.97 2.34
N LEU B 37 -1.98 7.00 2.14
CA LEU B 37 -2.28 6.50 0.81
C LEU B 37 -3.05 7.55 0.00
N PHE B 38 -4.10 8.09 0.61
CA PHE B 38 -4.99 9.02 -0.06
C PHE B 38 -4.54 10.47 0.18
N THR B 39 -3.23 10.64 0.40
CA THR B 39 -2.66 11.96 0.70
C THR B 39 -2.94 12.96 -0.41
N VAL B 40 -3.09 12.46 -1.65
CA VAL B 40 -3.38 13.32 -2.80
C VAL B 40 -4.46 12.70 -3.70
N ASP B 41 -4.37 11.39 -3.92
CA ASP B 41 -5.38 10.67 -4.70
C ASP B 41 -6.33 9.91 -3.77
N ARG B 42 -7.58 10.36 -3.73
CA ARG B 42 -8.63 9.73 -2.95
C ARG B 42 -9.02 8.34 -3.50
N GLU B 43 -8.25 7.85 -4.48
CA GLU B 43 -8.42 6.50 -5.00
C GLU B 43 -7.05 5.89 -5.27
N ILE B 44 -6.87 4.64 -4.85
CA ILE B 44 -5.62 3.92 -5.04
C ILE B 44 -5.92 2.57 -5.70
N VAL B 45 -5.07 2.14 -6.63
CA VAL B 45 -5.26 0.88 -7.32
C VAL B 45 -4.26 -0.14 -6.76
N ILE B 46 -4.77 -1.13 -6.05
CA ILE B 46 -3.95 -2.23 -5.54
C ILE B 46 -3.90 -3.35 -6.57
N ALA B 47 -2.78 -3.47 -7.28
CA ALA B 47 -2.63 -4.51 -8.30
C ALA B 47 -2.17 -5.82 -7.67
N HIS B 48 -2.70 -6.94 -8.12
CA HIS B 48 -2.34 -8.25 -7.57
C HIS B 48 -2.42 -9.33 -8.64
N GLY B 49 -1.27 -9.74 -9.16
CA GLY B 49 -1.25 -10.83 -10.11
C GLY B 49 -1.54 -10.32 -11.50
N ASP B 50 -2.65 -10.72 -12.04
CA ASP B 50 -3.09 -10.24 -13.35
C ASP B 50 -4.20 -9.19 -13.19
N ASP B 51 -4.86 -9.20 -12.03
CA ASP B 51 -6.03 -8.34 -11.81
C ASP B 51 -5.64 -7.12 -11.01
N ARG B 52 -6.53 -6.14 -10.95
CA ARG B 52 -6.29 -4.87 -10.28
C ARG B 52 -7.47 -4.48 -9.43
N TYR B 53 -7.19 -4.09 -8.20
CA TYR B 53 -8.21 -3.69 -7.24
C TYR B 53 -8.20 -2.17 -7.09
N ARG B 54 -9.27 -1.62 -6.53
CA ARG B 54 -9.37 -0.21 -6.26
C ARG B 54 -9.71 0.01 -4.79
N LEU B 55 -8.75 0.52 -4.03
CA LEU B 55 -9.00 0.94 -2.68
C LEU B 55 -9.36 2.43 -2.74
N ARG B 56 -10.60 2.74 -2.46
CA ARG B 56 -11.13 4.07 -2.72
C ARG B 56 -11.69 4.67 -1.46
N LEU B 57 -11.43 5.96 -1.27
CA LEU B 57 -11.83 6.68 -0.08
C LEU B 57 -12.99 7.61 -0.40
N THR B 58 -13.83 7.88 0.57
CA THR B 58 -14.87 8.87 0.44
C THR B 58 -14.44 10.13 1.19
N SER B 59 -14.89 11.30 0.72
CA SER B 59 -14.47 12.63 1.23
C SER B 59 -13.45 12.54 2.37
N GLN B 60 -13.92 12.19 3.56
CA GLN B 60 -13.08 11.88 4.70
C GLN B 60 -13.76 10.80 5.56
N ASN B 61 -14.88 10.31 5.06
CA ASN B 61 -15.76 9.41 5.82
C ASN B 61 -15.11 8.03 6.02
N LYS B 62 -15.08 7.22 4.98
CA LYS B 62 -14.56 5.86 5.05
C LYS B 62 -13.96 5.42 3.72
N LEU B 63 -13.48 4.18 3.66
CA LEU B 63 -12.90 3.65 2.42
C LEU B 63 -13.40 2.23 2.17
N ILE B 64 -13.16 1.76 0.95
CA ILE B 64 -13.65 0.45 0.51
C ILE B 64 -12.67 -0.15 -0.50
N LEU B 65 -12.88 -1.43 -0.84
CA LEU B 65 -12.05 -2.12 -1.82
C LEU B 65 -12.94 -2.78 -2.86
N THR B 66 -12.87 -2.32 -4.10
CA THR B 66 -13.76 -2.79 -5.15
C THR B 66 -12.99 -3.05 -6.44
N LYS B 67 -13.54 -3.94 -7.28
CA LYS B 67 -13.04 -4.17 -8.63
C LYS B 67 -14.15 -4.78 -9.50
N MET A 1 4.35 27.70 32.24
CA MET A 1 4.23 26.46 31.41
C MET A 1 4.46 25.21 32.25
N MET A 2 3.61 24.21 32.07
CA MET A 2 3.74 22.93 32.74
C MET A 2 2.79 21.91 32.14
N THR A 3 3.07 21.47 30.91
CA THR A 3 2.30 20.42 30.27
C THR A 3 2.71 19.08 30.85
N ALA A 4 2.03 18.69 31.92
CA ALA A 4 2.33 17.44 32.59
C ALA A 4 1.74 16.29 31.80
N SER A 5 2.43 15.90 30.73
CA SER A 5 1.95 14.84 29.86
C SER A 5 2.35 13.47 30.41
N ASP A 6 1.94 13.19 31.65
CA ASP A 6 2.20 11.90 32.28
C ASP A 6 1.22 10.86 31.74
N ARG A 7 1.63 9.60 31.70
CA ARG A 7 0.77 8.52 31.26
C ARG A 7 1.20 7.21 31.94
N LEU A 8 0.24 6.35 32.21
CA LEU A 8 0.52 5.04 32.78
C LEU A 8 0.95 4.08 31.67
N GLY A 9 1.14 2.80 32.01
CA GLY A 9 1.50 1.81 31.00
C GLY A 9 0.35 1.50 30.09
N ALA A 10 -0.07 2.49 29.29
CA ALA A 10 -1.20 2.35 28.39
C ALA A 10 -0.75 1.96 26.99
N ASP A 11 0.47 2.36 26.64
CA ASP A 11 1.04 2.03 25.36
C ASP A 11 1.64 0.63 25.41
N PRO A 12 1.57 -0.13 24.31
CA PRO A 12 2.09 -1.49 24.25
C PRO A 12 3.62 -1.54 24.22
N THR A 13 4.23 -1.44 25.40
CA THR A 13 5.66 -1.65 25.52
C THR A 13 5.91 -3.16 25.65
N GLN A 14 5.90 -3.84 24.50
CA GLN A 14 6.07 -5.29 24.44
C GLN A 14 6.19 -5.72 22.96
N ALA A 15 6.84 -6.84 22.73
CA ALA A 15 6.95 -7.40 21.38
C ALA A 15 5.61 -7.97 20.91
N ALA A 16 4.68 -7.08 20.60
CA ALA A 16 3.36 -7.46 20.14
C ALA A 16 3.41 -7.91 18.68
N SER A 17 2.33 -8.51 18.19
CA SER A 17 2.28 -9.06 16.83
C SER A 17 2.28 -7.94 15.78
N SER A 18 3.46 -7.42 15.49
CA SER A 18 3.66 -6.44 14.42
C SER A 18 5.11 -6.48 13.92
N PRO A 19 5.42 -7.41 13.00
CA PRO A 19 6.79 -7.59 12.48
C PRO A 19 7.15 -6.61 11.37
N GLY A 20 8.40 -6.63 10.97
CA GLY A 20 8.85 -5.78 9.87
C GLY A 20 9.30 -4.41 10.32
N GLY A 21 8.81 -3.99 11.49
CA GLY A 21 9.13 -2.67 12.01
C GLY A 21 8.49 -1.57 11.19
N ALA A 22 9.21 -0.48 10.97
CA ALA A 22 8.72 0.59 10.13
C ALA A 22 9.13 0.34 8.69
N ARG A 23 8.16 0.01 7.83
CA ARG A 23 8.47 -0.38 6.46
C ARG A 23 7.97 0.68 5.47
N ALA A 24 8.82 1.05 4.51
CA ALA A 24 8.46 2.02 3.48
C ALA A 24 8.09 1.29 2.18
N VAL A 25 6.87 1.52 1.74
CA VAL A 25 6.37 0.88 0.50
C VAL A 25 6.07 1.95 -0.54
N SER A 26 6.31 1.62 -1.81
CA SER A 26 6.19 2.59 -2.88
C SER A 26 4.94 2.41 -3.74
N ILE A 27 4.52 3.53 -4.35
CA ILE A 27 3.39 3.58 -5.27
C ILE A 27 3.83 4.26 -6.56
N VAL A 28 3.46 3.67 -7.68
CA VAL A 28 3.79 4.24 -8.99
C VAL A 28 2.59 5.03 -9.54
N GLY A 29 2.64 6.36 -9.35
CA GLY A 29 1.56 7.20 -9.80
C GLY A 29 0.39 7.14 -8.83
N ASN A 30 -0.41 6.10 -8.95
CA ASN A 30 -1.49 5.83 -8.01
C ASN A 30 -1.75 4.34 -7.93
N GLN A 31 -0.76 3.53 -8.32
CA GLN A 31 -0.86 2.08 -8.26
C GLN A 31 0.19 1.49 -7.32
N ILE A 32 -0.26 0.81 -6.27
CA ILE A 32 0.63 0.05 -5.40
C ILE A 32 0.48 -1.44 -5.71
N ASP A 33 1.51 -2.23 -5.40
CA ASP A 33 1.45 -3.66 -5.65
C ASP A 33 1.36 -4.43 -4.32
N SER A 34 0.71 -5.59 -4.37
CA SER A 34 0.51 -6.45 -3.21
C SER A 34 1.83 -6.91 -2.58
N ARG A 35 2.90 -6.87 -3.39
CA ARG A 35 4.21 -7.33 -2.93
C ARG A 35 4.70 -6.41 -1.79
N GLU A 36 4.46 -5.12 -1.97
CA GLU A 36 4.87 -4.12 -0.99
C GLU A 36 4.28 -4.37 0.38
N LEU A 37 2.96 -4.52 0.43
CA LEU A 37 2.21 -4.61 1.69
C LEU A 37 2.38 -5.98 2.32
N PHE A 38 2.10 -7.02 1.55
CA PHE A 38 2.06 -8.39 2.07
C PHE A 38 3.41 -9.08 1.89
N THR A 39 4.49 -8.30 1.95
CA THR A 39 5.84 -8.84 1.84
C THR A 39 6.17 -9.75 3.02
N VAL A 40 5.63 -9.41 4.19
CA VAL A 40 5.83 -10.22 5.39
C VAL A 40 4.51 -10.78 5.88
N ASP A 41 3.58 -9.90 6.24
CA ASP A 41 2.28 -10.30 6.78
C ASP A 41 1.38 -10.86 5.70
N ARG A 42 0.19 -11.33 6.08
CA ARG A 42 -0.83 -11.77 5.18
C ARG A 42 -2.06 -10.90 5.39
N GLU A 43 -1.93 -9.93 6.29
CA GLU A 43 -2.99 -9.00 6.64
C GLU A 43 -2.39 -7.69 7.09
N ILE A 44 -3.00 -6.58 6.70
CA ILE A 44 -2.49 -5.24 6.98
C ILE A 44 -3.57 -4.41 7.67
N VAL A 45 -3.17 -3.55 8.58
CA VAL A 45 -4.09 -2.68 9.31
C VAL A 45 -4.09 -1.29 8.70
N ILE A 46 -5.27 -0.67 8.63
CA ILE A 46 -5.44 0.63 8.03
C ILE A 46 -6.22 1.55 8.96
N ALA A 47 -5.60 2.58 9.49
CA ALA A 47 -6.27 3.52 10.38
C ALA A 47 -6.81 4.71 9.61
N HIS A 48 -7.99 5.18 10.00
CA HIS A 48 -8.64 6.32 9.37
C HIS A 48 -9.46 7.08 10.41
N GLY A 49 -8.90 8.14 10.97
CA GLY A 49 -9.63 8.94 11.95
C GLY A 49 -9.36 8.42 13.35
N ASP A 50 -9.92 7.27 13.64
CA ASP A 50 -9.62 6.53 14.87
C ASP A 50 -9.99 5.06 14.66
N ASP A 51 -10.82 4.79 13.66
CA ASP A 51 -11.28 3.44 13.37
C ASP A 51 -10.19 2.70 12.63
N ARG A 52 -10.22 1.37 12.68
CA ARG A 52 -9.14 0.55 12.14
C ARG A 52 -9.71 -0.57 11.28
N TYR A 53 -9.15 -0.70 10.10
CA TYR A 53 -9.58 -1.72 9.13
C TYR A 53 -8.46 -2.74 8.95
N ARG A 54 -8.77 -3.83 8.25
CA ARG A 54 -7.79 -4.87 7.98
C ARG A 54 -7.90 -5.34 6.52
N LEU A 55 -6.89 -5.02 5.74
CA LEU A 55 -6.75 -5.53 4.37
C LEU A 55 -6.11 -6.92 4.42
N ARG A 56 -6.91 -7.94 4.12
CA ARG A 56 -6.43 -9.31 4.24
C ARG A 56 -6.23 -9.95 2.86
N LEU A 57 -5.14 -10.69 2.74
CA LEU A 57 -4.80 -11.42 1.51
C LEU A 57 -5.05 -12.90 1.72
N THR A 58 -5.62 -13.57 0.73
CA THR A 58 -5.80 -15.01 0.74
C THR A 58 -4.58 -15.69 0.14
N SER A 59 -4.57 -17.02 0.08
CA SER A 59 -3.45 -17.77 -0.48
C SER A 59 -3.26 -17.46 -1.97
N GLN A 60 -2.67 -16.30 -2.25
CA GLN A 60 -2.34 -15.85 -3.60
C GLN A 60 -3.57 -15.66 -4.52
N ASN A 61 -4.75 -16.00 -4.00
CA ASN A 61 -5.99 -15.91 -4.77
C ASN A 61 -6.39 -14.44 -4.98
N LYS A 62 -6.84 -13.79 -3.91
CA LYS A 62 -7.31 -12.42 -3.96
C LYS A 62 -7.09 -11.73 -2.62
N LEU A 63 -7.66 -10.55 -2.47
CA LEU A 63 -7.62 -9.81 -1.21
C LEU A 63 -8.98 -9.20 -0.95
N ILE A 64 -9.23 -8.87 0.32
CA ILE A 64 -10.54 -8.39 0.75
C ILE A 64 -10.43 -7.45 1.94
N LEU A 65 -11.52 -6.80 2.29
CA LEU A 65 -11.54 -5.88 3.43
C LEU A 65 -12.23 -6.56 4.62
N THR A 66 -11.79 -6.23 5.81
CA THR A 66 -12.32 -6.88 7.00
C THR A 66 -11.97 -6.03 8.24
N LYS A 67 -12.66 -6.29 9.34
CA LYS A 67 -12.42 -5.62 10.61
C LYS A 67 -12.45 -6.62 11.74
N MET B 1 -32.56 -4.81 -39.38
CA MET B 1 -31.65 -5.32 -38.31
C MET B 1 -32.34 -5.31 -36.95
N MET B 2 -32.11 -6.34 -36.18
CA MET B 2 -32.63 -6.42 -34.81
C MET B 2 -31.93 -5.39 -33.92
N THR B 3 -32.68 -4.81 -33.00
CA THR B 3 -32.11 -3.85 -32.05
C THR B 3 -31.11 -4.52 -31.12
N ALA B 4 -29.83 -4.45 -31.48
CA ALA B 4 -28.76 -5.08 -30.71
C ALA B 4 -28.19 -4.10 -29.70
N SER B 5 -28.03 -4.55 -28.47
CA SER B 5 -27.46 -3.73 -27.40
C SER B 5 -25.99 -3.44 -27.70
N ASP B 6 -25.74 -2.39 -28.46
CA ASP B 6 -24.39 -2.04 -28.85
C ASP B 6 -23.66 -1.34 -27.71
N ARG B 7 -22.58 -1.97 -27.23
CA ARG B 7 -21.74 -1.39 -26.19
C ARG B 7 -20.44 -2.18 -26.07
N LEU B 8 -19.41 -1.56 -25.54
CA LEU B 8 -18.11 -2.19 -25.39
C LEU B 8 -17.88 -2.56 -23.92
N GLY B 9 -16.99 -3.52 -23.69
CA GLY B 9 -16.63 -3.91 -22.33
C GLY B 9 -15.64 -2.93 -21.71
N ALA B 10 -16.02 -1.66 -21.73
CA ALA B 10 -15.16 -0.58 -21.27
C ALA B 10 -15.35 -0.34 -19.77
N ASP B 11 -14.31 0.19 -19.12
CA ASP B 11 -14.33 0.48 -17.69
C ASP B 11 -14.94 1.86 -17.45
N PRO B 12 -16.01 1.95 -16.63
CA PRO B 12 -16.70 3.24 -16.38
C PRO B 12 -15.74 4.31 -15.87
N THR B 13 -14.63 3.90 -15.29
CA THR B 13 -13.62 4.84 -14.83
C THR B 13 -12.22 4.33 -15.18
N GLN B 14 -11.42 5.20 -15.80
CA GLN B 14 -10.08 4.83 -16.20
C GLN B 14 -9.12 4.98 -15.02
N ALA B 15 -8.42 3.89 -14.70
CA ALA B 15 -7.47 3.90 -13.62
C ALA B 15 -6.32 4.87 -13.89
N ALA B 16 -5.65 4.66 -15.02
CA ALA B 16 -4.50 5.48 -15.42
C ALA B 16 -3.47 5.57 -14.30
N SER B 17 -2.71 4.50 -14.13
CA SER B 17 -1.75 4.37 -13.05
C SER B 17 -0.68 5.48 -13.10
N SER B 18 -0.60 6.18 -14.22
CA SER B 18 0.30 7.31 -14.40
C SER B 18 1.78 6.87 -14.49
N PRO B 19 2.45 7.18 -15.61
CA PRO B 19 3.90 6.94 -15.75
C PRO B 19 4.71 7.86 -14.84
N GLY B 20 5.41 7.26 -13.86
CA GLY B 20 6.18 8.03 -12.92
C GLY B 20 5.32 8.62 -11.83
N GLY B 21 5.91 9.50 -11.02
CA GLY B 21 5.21 10.08 -9.90
C GLY B 21 5.12 9.11 -8.74
N ALA B 22 6.30 8.56 -8.38
CA ALA B 22 6.38 7.56 -7.31
C ALA B 22 6.31 8.22 -5.92
N ARG B 23 5.42 7.71 -5.08
CA ARG B 23 5.29 8.20 -3.73
C ARG B 23 5.61 7.08 -2.74
N ALA B 24 6.39 7.40 -1.73
CA ALA B 24 6.76 6.42 -0.69
C ALA B 24 5.91 6.62 0.57
N VAL B 25 5.17 5.59 0.95
CA VAL B 25 4.29 5.65 2.11
C VAL B 25 4.77 4.65 3.18
N SER B 26 4.60 5.01 4.44
CA SER B 26 5.16 4.21 5.53
C SER B 26 4.09 3.42 6.29
N ILE B 27 4.56 2.33 6.90
CA ILE B 27 3.72 1.46 7.73
C ILE B 27 4.43 1.26 9.09
N VAL B 28 3.68 1.39 10.18
CA VAL B 28 4.23 1.18 11.51
C VAL B 28 3.92 -0.22 12.00
N GLY B 29 4.89 -1.13 11.85
CA GLY B 29 4.71 -2.49 12.25
C GLY B 29 3.93 -3.25 11.20
N ASN B 30 2.60 -3.09 11.25
CA ASN B 30 1.72 -3.66 10.22
C ASN B 30 0.47 -2.78 10.06
N GLN B 31 0.58 -1.53 10.49
CA GLN B 31 -0.52 -0.57 10.39
C GLN B 31 -0.14 0.63 9.52
N ILE B 32 -0.86 0.80 8.43
CA ILE B 32 -0.72 2.00 7.59
C ILE B 32 -1.92 2.92 7.83
N ASP B 33 -1.73 4.20 7.57
CA ASP B 33 -2.80 5.19 7.79
C ASP B 33 -3.33 5.69 6.43
N SER B 34 -4.60 6.06 6.40
CA SER B 34 -5.28 6.54 5.21
C SER B 34 -4.64 7.81 4.67
N ARG B 35 -3.91 8.54 5.54
CA ARG B 35 -3.28 9.80 5.14
C ARG B 35 -2.21 9.55 4.08
N GLU B 36 -1.47 8.47 4.27
CA GLU B 36 -0.40 8.07 3.37
C GLU B 36 -0.92 7.85 1.94
N LEU B 37 -1.95 7.02 1.82
CA LEU B 37 -2.45 6.59 0.50
C LEU B 37 -3.25 7.70 -0.18
N PHE B 38 -4.23 8.21 0.54
CA PHE B 38 -5.20 9.16 0.00
C PHE B 38 -4.76 10.60 0.24
N THR B 39 -3.44 10.83 0.29
CA THR B 39 -2.88 12.16 0.48
C THR B 39 -3.23 13.06 -0.70
N VAL B 40 -3.27 12.47 -1.91
CA VAL B 40 -3.62 13.20 -3.12
C VAL B 40 -4.91 12.69 -3.72
N ASP B 41 -4.94 11.40 -4.09
CA ASP B 41 -6.07 10.79 -4.74
C ASP B 41 -7.19 10.52 -3.72
N ARG B 42 -8.31 10.01 -4.22
CA ARG B 42 -9.42 9.57 -3.37
C ARG B 42 -9.65 8.07 -3.65
N GLU B 43 -8.79 7.53 -4.52
CA GLU B 43 -8.88 6.13 -4.92
C GLU B 43 -7.48 5.65 -5.31
N ILE B 44 -7.16 4.41 -4.91
CA ILE B 44 -5.82 3.85 -5.12
C ILE B 44 -5.96 2.52 -5.85
N VAL B 45 -4.99 2.20 -6.71
CA VAL B 45 -4.98 0.97 -7.48
C VAL B 45 -4.03 -0.03 -6.83
N ILE B 46 -4.42 -1.29 -6.84
CA ILE B 46 -3.64 -2.36 -6.19
C ILE B 46 -3.49 -3.54 -7.15
N ALA B 47 -2.28 -3.79 -7.61
CA ALA B 47 -2.03 -4.91 -8.53
C ALA B 47 -1.61 -6.15 -7.75
N HIS B 48 -2.08 -7.30 -8.21
CA HIS B 48 -1.75 -8.59 -7.59
C HIS B 48 -1.74 -9.68 -8.66
N GLY B 49 -0.55 -10.02 -9.16
CA GLY B 49 -0.45 -11.06 -10.17
C GLY B 49 -0.51 -10.46 -11.54
N ASP B 50 -1.71 -10.05 -11.91
CA ASP B 50 -1.94 -9.28 -13.13
C ASP B 50 -3.24 -8.51 -13.01
N ASP B 51 -4.10 -8.95 -12.07
CA ASP B 51 -5.39 -8.31 -11.86
C ASP B 51 -5.21 -7.05 -11.04
N ARG B 52 -6.17 -6.14 -11.13
CA ARG B 52 -6.03 -4.82 -10.56
C ARG B 52 -7.28 -4.47 -9.76
N TYR B 53 -7.07 -3.99 -8.54
CA TYR B 53 -8.16 -3.61 -7.65
C TYR B 53 -8.11 -2.11 -7.41
N ARG B 54 -9.15 -1.58 -6.78
CA ARG B 54 -9.22 -0.15 -6.48
C ARG B 54 -9.73 0.07 -5.04
N LEU B 55 -8.85 0.54 -4.19
CA LEU B 55 -9.21 0.95 -2.83
C LEU B 55 -9.75 2.38 -2.86
N ARG B 56 -11.04 2.53 -2.63
CA ARG B 56 -11.68 3.84 -2.76
C ARG B 56 -12.09 4.40 -1.41
N LEU B 57 -11.85 5.69 -1.22
CA LEU B 57 -12.21 6.38 0.00
C LEU B 57 -13.41 7.29 -0.26
N THR B 58 -14.36 7.31 0.68
CA THR B 58 -15.50 8.20 0.60
C THR B 58 -15.16 9.53 1.25
N SER B 59 -16.12 10.46 1.29
CA SER B 59 -15.91 11.78 1.89
C SER B 59 -15.64 11.65 3.40
N GLN B 60 -14.41 11.24 3.76
CA GLN B 60 -13.96 11.13 5.15
C GLN B 60 -14.76 10.09 5.95
N ASN B 61 -15.80 9.50 5.37
CA ASN B 61 -16.64 8.55 6.06
C ASN B 61 -15.91 7.23 6.28
N LYS B 62 -15.68 6.48 5.20
CA LYS B 62 -15.04 5.17 5.27
C LYS B 62 -14.30 4.88 3.97
N LEU B 63 -13.84 3.65 3.81
CA LEU B 63 -13.23 3.19 2.58
C LEU B 63 -13.74 1.80 2.24
N ILE B 64 -13.59 1.42 0.96
CA ILE B 64 -14.14 0.16 0.45
C ILE B 64 -13.29 -0.37 -0.70
N LEU B 65 -13.58 -1.61 -1.11
CA LEU B 65 -12.87 -2.24 -2.20
C LEU B 65 -13.74 -2.21 -3.45
N THR B 66 -13.13 -2.09 -4.63
CA THR B 66 -13.86 -1.97 -5.88
C THR B 66 -12.92 -2.25 -7.04
N LYS B 67 -13.47 -2.37 -8.26
CA LYS B 67 -12.68 -2.40 -9.50
C LYS B 67 -13.60 -2.30 -10.71
N MET A 1 36.06 16.00 41.53
CA MET A 1 37.33 15.73 42.25
C MET A 1 37.06 15.28 43.69
N MET A 2 37.31 14.01 43.96
CA MET A 2 37.09 13.44 45.28
C MET A 2 38.07 12.30 45.53
N THR A 3 38.23 11.91 46.79
CA THR A 3 39.13 10.82 47.17
C THR A 3 38.54 9.48 46.70
N ALA A 4 38.74 9.19 45.43
CA ALA A 4 38.20 7.99 44.82
C ALA A 4 38.75 7.83 43.42
N SER A 5 39.76 6.99 43.26
CA SER A 5 40.34 6.72 41.96
C SER A 5 39.40 5.87 41.11
N ASP A 6 38.35 6.51 40.61
CA ASP A 6 37.33 5.85 39.80
C ASP A 6 37.75 5.82 38.34
N ARG A 7 37.60 4.65 37.72
CA ARG A 7 37.93 4.50 36.32
C ARG A 7 36.91 3.58 35.62
N LEU A 8 35.86 4.19 35.07
CA LEU A 8 34.80 3.42 34.40
C LEU A 8 35.29 2.86 33.08
N GLY A 9 34.63 1.81 32.60
CA GLY A 9 34.98 1.18 31.35
C GLY A 9 34.05 1.58 30.22
N ALA A 10 34.26 2.74 29.65
CA ALA A 10 33.42 3.27 28.58
C ALA A 10 33.80 2.62 27.25
N ASP A 11 33.79 1.28 27.21
CA ASP A 11 34.18 0.54 26.02
C ASP A 11 33.02 0.50 25.02
N PRO A 12 33.28 0.87 23.75
CA PRO A 12 32.24 0.86 22.71
C PRO A 12 31.68 -0.55 22.46
N THR A 13 30.44 -0.75 22.86
CA THR A 13 29.78 -2.04 22.71
C THR A 13 29.21 -2.16 21.30
N GLN A 14 29.73 -3.13 20.52
CA GLN A 14 29.25 -3.33 19.16
C GLN A 14 27.87 -3.99 19.17
N ALA A 15 26.87 -3.20 19.54
CA ALA A 15 25.50 -3.68 19.59
C ALA A 15 24.86 -3.56 18.21
N ALA A 16 24.60 -4.69 17.60
CA ALA A 16 24.01 -4.72 16.26
C ALA A 16 22.60 -4.12 16.25
N SER A 17 22.40 -3.13 15.40
CA SER A 17 21.10 -2.51 15.21
C SER A 17 20.17 -3.48 14.46
N SER A 18 19.24 -4.12 15.18
CA SER A 18 18.32 -5.08 14.57
C SER A 18 17.36 -4.40 13.58
N PRO A 19 17.42 -4.75 12.30
CA PRO A 19 16.56 -4.19 11.27
C PRO A 19 15.15 -4.75 11.35
N GLY A 20 14.19 -3.87 11.58
CA GLY A 20 12.79 -4.26 11.73
C GLY A 20 11.91 -3.08 12.08
N GLY A 21 10.67 -3.36 12.46
CA GLY A 21 9.74 -2.31 12.85
C GLY A 21 8.94 -1.81 11.67
N ALA A 22 9.16 -0.57 11.26
CA ALA A 22 8.45 0.03 10.14
C ALA A 22 9.16 -0.27 8.82
N ARG A 23 8.40 -0.23 7.74
CA ARG A 23 8.93 -0.41 6.39
C ARG A 23 8.24 0.54 5.43
N ALA A 24 8.93 0.90 4.35
CA ALA A 24 8.44 1.87 3.38
C ALA A 24 8.04 1.18 2.08
N VAL A 25 6.83 1.45 1.63
CA VAL A 25 6.31 0.90 0.39
C VAL A 25 6.00 2.04 -0.59
N SER A 26 6.23 1.80 -1.86
CA SER A 26 6.06 2.86 -2.85
C SER A 26 4.73 2.77 -3.61
N ILE A 27 4.26 3.93 -4.04
CA ILE A 27 3.05 4.06 -4.87
C ILE A 27 3.43 4.80 -6.14
N VAL A 28 3.15 4.20 -7.29
CA VAL A 28 3.50 4.80 -8.57
C VAL A 28 2.28 5.46 -9.19
N GLY A 29 2.21 6.78 -9.04
CA GLY A 29 1.05 7.52 -9.52
C GLY A 29 -0.08 7.41 -8.51
N ASN A 30 -0.70 6.23 -8.50
CA ASN A 30 -1.69 5.89 -7.46
C ASN A 30 -1.85 4.37 -7.41
N GLN A 31 -0.83 3.68 -7.90
CA GLN A 31 -0.81 2.21 -7.97
C GLN A 31 0.13 1.61 -6.93
N ILE A 32 -0.07 0.34 -6.59
CA ILE A 32 0.76 -0.38 -5.64
C ILE A 32 0.54 -1.88 -5.82
N ASP A 33 1.54 -2.69 -5.52
CA ASP A 33 1.42 -4.15 -5.66
C ASP A 33 1.16 -4.78 -4.31
N SER A 34 0.34 -5.83 -4.31
CA SER A 34 0.01 -6.60 -3.11
C SER A 34 1.27 -7.17 -2.44
N ARG A 35 2.33 -7.36 -3.21
CA ARG A 35 3.57 -7.90 -2.69
C ARG A 35 4.23 -6.90 -1.75
N GLU A 36 4.22 -5.63 -2.19
CA GLU A 36 4.85 -4.55 -1.42
C GLU A 36 4.30 -4.54 0.01
N LEU A 37 2.99 -4.60 0.14
CA LEU A 37 2.32 -4.60 1.43
C LEU A 37 2.50 -5.91 2.18
N PHE A 38 2.17 -7.01 1.51
CA PHE A 38 2.00 -8.32 2.16
C PHE A 38 3.19 -9.24 1.95
N THR A 39 4.39 -8.67 1.77
CA THR A 39 5.59 -9.50 1.62
C THR A 39 6.09 -10.02 2.97
N VAL A 40 5.87 -9.25 4.03
CA VAL A 40 6.27 -9.63 5.38
C VAL A 40 5.13 -10.35 6.09
N ASP A 41 4.17 -9.57 6.57
CA ASP A 41 2.92 -10.09 7.09
C ASP A 41 1.96 -10.27 5.93
N ARG A 42 0.73 -10.70 6.20
CA ARG A 42 -0.25 -10.94 5.14
C ARG A 42 -1.56 -10.18 5.44
N GLU A 43 -1.46 -9.24 6.38
CA GLU A 43 -2.59 -8.42 6.78
C GLU A 43 -2.09 -7.03 7.16
N ILE A 44 -2.77 -6.01 6.66
CA ILE A 44 -2.38 -4.61 6.88
C ILE A 44 -3.56 -3.86 7.52
N VAL A 45 -3.27 -3.08 8.55
CA VAL A 45 -4.33 -2.38 9.28
C VAL A 45 -4.38 -0.92 8.86
N ILE A 46 -5.43 -0.58 8.12
CA ILE A 46 -5.65 0.78 7.69
C ILE A 46 -6.44 1.56 8.73
N ALA A 47 -5.80 2.47 9.42
CA ALA A 47 -6.46 3.33 10.40
C ALA A 47 -6.99 4.57 9.68
N HIS A 48 -8.21 4.96 10.05
CA HIS A 48 -8.85 6.10 9.39
C HIS A 48 -9.70 6.87 10.40
N GLY A 49 -9.18 7.95 10.92
CA GLY A 49 -9.93 8.77 11.87
C GLY A 49 -9.71 8.27 13.28
N ASP A 50 -10.46 7.24 13.64
CA ASP A 50 -10.26 6.52 14.90
C ASP A 50 -10.63 5.06 14.72
N ASP A 51 -11.31 4.75 13.60
CA ASP A 51 -11.72 3.38 13.30
C ASP A 51 -10.57 2.63 12.66
N ARG A 52 -10.61 1.30 12.72
CA ARG A 52 -9.51 0.48 12.22
C ARG A 52 -10.03 -0.54 11.20
N TYR A 53 -9.43 -0.54 10.01
CA TYR A 53 -9.78 -1.50 8.96
C TYR A 53 -8.60 -2.44 8.73
N ARG A 54 -8.86 -3.57 8.08
CA ARG A 54 -7.85 -4.58 7.87
C ARG A 54 -7.91 -5.09 6.44
N LEU A 55 -6.91 -4.74 5.66
CA LEU A 55 -6.75 -5.25 4.31
C LEU A 55 -5.98 -6.56 4.39
N ARG A 56 -6.63 -7.65 3.99
CA ARG A 56 -6.05 -9.00 4.18
C ARG A 56 -5.89 -9.71 2.83
N LEU A 57 -4.77 -10.41 2.69
CA LEU A 57 -4.45 -11.11 1.45
C LEU A 57 -4.50 -12.62 1.64
N THR A 58 -4.91 -13.33 0.60
CA THR A 58 -4.89 -14.80 0.62
C THR A 58 -3.48 -15.29 0.28
N SER A 59 -3.31 -16.61 0.20
CA SER A 59 -2.01 -17.18 -0.20
C SER A 59 -1.54 -16.52 -1.49
N GLN A 60 -2.36 -16.60 -2.55
CA GLN A 60 -2.02 -15.97 -3.84
C GLN A 60 -3.30 -15.69 -4.67
N ASN A 61 -4.47 -16.00 -4.13
CA ASN A 61 -5.72 -15.84 -4.89
C ASN A 61 -6.10 -14.35 -5.03
N LYS A 62 -6.62 -13.77 -3.96
CA LYS A 62 -7.10 -12.38 -3.97
C LYS A 62 -6.92 -11.73 -2.61
N LEU A 63 -7.48 -10.55 -2.43
CA LEU A 63 -7.43 -9.84 -1.16
C LEU A 63 -8.80 -9.27 -0.84
N ILE A 64 -9.02 -8.92 0.42
CA ILE A 64 -10.31 -8.40 0.88
C ILE A 64 -10.11 -7.36 1.97
N LEU A 65 -11.19 -6.66 2.34
CA LEU A 65 -11.14 -5.66 3.38
C LEU A 65 -12.11 -6.05 4.50
N THR A 66 -11.58 -6.40 5.66
CA THR A 66 -12.39 -6.74 6.83
C THR A 66 -12.05 -5.84 8.02
N LYS A 67 -12.78 -6.01 9.12
CA LYS A 67 -12.52 -5.26 10.36
C LYS A 67 -12.36 -6.27 11.51
N MET B 1 24.54 45.23 -50.19
CA MET B 1 25.70 44.45 -49.72
C MET B 1 25.28 43.44 -48.68
N MET B 2 25.00 43.91 -47.47
CA MET B 2 24.59 43.03 -46.37
C MET B 2 23.08 42.94 -46.33
N THR B 3 22.51 42.23 -47.29
CA THR B 3 21.07 42.01 -47.33
C THR B 3 20.72 40.70 -46.62
N ALA B 4 20.58 40.80 -45.29
CA ALA B 4 20.28 39.62 -44.47
C ALA B 4 19.73 40.03 -43.10
N SER B 5 18.52 39.65 -42.83
CA SER B 5 17.88 39.88 -41.53
C SER B 5 17.54 38.53 -40.89
N ASP B 6 18.58 37.86 -40.40
CA ASP B 6 18.44 36.50 -39.87
C ASP B 6 17.62 36.50 -38.59
N ARG B 7 16.44 35.88 -38.66
CA ARG B 7 15.51 35.85 -37.55
C ARG B 7 15.79 34.67 -36.62
N LEU B 8 16.55 34.93 -35.55
CA LEU B 8 16.82 33.90 -34.55
C LEU B 8 16.02 34.17 -33.29
N GLY B 9 14.91 33.44 -33.16
CA GLY B 9 14.08 33.56 -31.98
C GLY B 9 12.87 32.65 -32.08
N ALA B 10 13.09 31.44 -32.61
CA ALA B 10 12.01 30.48 -32.79
C ALA B 10 12.10 29.35 -31.78
N ASP B 11 11.01 29.09 -31.09
CA ASP B 11 10.95 28.03 -30.09
C ASP B 11 9.63 27.24 -30.25
N PRO B 12 9.68 25.90 -30.21
CA PRO B 12 8.49 25.04 -30.35
C PRO B 12 7.36 25.46 -29.42
N THR B 13 7.74 25.86 -28.21
CA THR B 13 6.78 26.25 -27.16
C THR B 13 5.83 25.10 -26.83
N GLN B 14 6.30 24.19 -25.99
CA GLN B 14 5.52 23.02 -25.59
C GLN B 14 5.69 22.74 -24.10
N ALA B 15 4.57 22.70 -23.38
CA ALA B 15 4.59 22.44 -21.95
C ALA B 15 4.60 20.94 -21.66
N ALA B 16 5.76 20.32 -21.87
CA ALA B 16 5.94 18.88 -21.64
C ALA B 16 5.88 18.59 -20.14
N SER B 17 4.79 17.98 -19.70
CA SER B 17 4.59 17.68 -18.29
C SER B 17 3.69 16.46 -18.14
N SER B 18 4.27 15.37 -17.67
CA SER B 18 3.53 14.14 -17.40
C SER B 18 3.47 13.91 -15.88
N PRO B 19 2.31 14.18 -15.25
CA PRO B 19 2.15 14.00 -13.82
C PRO B 19 2.33 12.56 -13.38
N GLY B 20 3.57 12.20 -13.05
CA GLY B 20 3.86 10.85 -12.55
C GLY B 20 3.33 10.67 -11.16
N GLY B 21 3.91 11.41 -10.22
CA GLY B 21 3.48 11.35 -8.84
C GLY B 21 3.75 10.00 -8.20
N ALA B 22 5.04 9.65 -8.08
CA ALA B 22 5.43 8.43 -7.40
C ALA B 22 5.91 8.79 -5.99
N ARG B 23 5.32 8.16 -4.99
CA ARG B 23 5.50 8.59 -3.62
C ARG B 23 5.63 7.39 -2.68
N ALA B 24 6.29 7.62 -1.54
CA ALA B 24 6.58 6.55 -0.59
C ALA B 24 5.74 6.71 0.66
N VAL B 25 5.06 5.63 1.04
CA VAL B 25 4.22 5.62 2.23
C VAL B 25 4.72 4.57 3.19
N SER B 26 4.64 4.86 4.48
CA SER B 26 5.22 3.96 5.49
C SER B 26 4.17 3.06 6.14
N ILE B 27 4.64 1.90 6.57
CA ILE B 27 3.84 0.92 7.32
C ILE B 27 4.55 0.63 8.63
N VAL B 28 3.86 0.81 9.73
CA VAL B 28 4.44 0.63 11.07
C VAL B 28 4.04 -0.74 11.63
N GLY B 29 4.94 -1.71 11.49
CA GLY B 29 4.63 -3.07 11.90
C GLY B 29 3.83 -3.76 10.83
N ASN B 30 2.56 -3.38 10.72
CA ASN B 30 1.68 -3.82 9.64
C ASN B 30 0.50 -2.87 9.53
N GLN B 31 0.67 -1.66 10.06
CA GLN B 31 -0.38 -0.64 10.09
C GLN B 31 -0.05 0.48 9.11
N ILE B 32 -1.09 1.23 8.73
CA ILE B 32 -0.97 2.36 7.81
C ILE B 32 -2.20 3.24 7.94
N ASP B 33 -2.07 4.53 7.67
CA ASP B 33 -3.19 5.46 7.78
C ASP B 33 -3.76 5.75 6.39
N SER B 34 -5.07 5.93 6.32
CA SER B 34 -5.77 6.25 5.07
C SER B 34 -5.25 7.56 4.46
N ARG B 35 -4.72 8.43 5.32
CA ARG B 35 -4.19 9.72 4.87
C ARG B 35 -2.96 9.51 4.01
N GLU B 36 -2.07 8.62 4.47
CA GLU B 36 -0.83 8.34 3.77
C GLU B 36 -1.09 7.97 2.31
N LEU B 37 -2.06 7.07 2.10
CA LEU B 37 -2.40 6.65 0.76
C LEU B 37 -3.19 7.71 0.00
N PHE B 38 -4.26 8.21 0.62
CA PHE B 38 -5.26 9.03 -0.08
C PHE B 38 -5.10 10.52 0.19
N THR B 39 -3.87 10.98 0.45
CA THR B 39 -3.65 12.41 0.68
C THR B 39 -3.58 13.18 -0.65
N VAL B 40 -3.11 12.50 -1.71
CA VAL B 40 -2.99 13.10 -3.04
C VAL B 40 -4.26 12.81 -3.84
N ASP B 41 -4.35 11.60 -4.37
CA ASP B 41 -5.55 11.08 -4.99
C ASP B 41 -6.45 10.49 -3.89
N ARG B 42 -7.57 9.90 -4.27
CA ARG B 42 -8.50 9.34 -3.28
C ARG B 42 -8.84 7.89 -3.66
N GLU B 43 -8.06 7.33 -4.57
CA GLU B 43 -8.22 5.95 -4.99
C GLU B 43 -6.85 5.35 -5.30
N ILE B 44 -6.63 4.13 -4.84
CA ILE B 44 -5.34 3.46 -4.99
C ILE B 44 -5.57 2.12 -5.69
N VAL B 45 -4.75 1.79 -6.69
CA VAL B 45 -4.94 0.58 -7.47
C VAL B 45 -3.95 -0.48 -7.02
N ILE B 46 -4.49 -1.49 -6.34
CA ILE B 46 -3.69 -2.61 -5.89
C ILE B 46 -3.62 -3.69 -6.96
N ALA B 47 -2.46 -3.85 -7.57
CA ALA B 47 -2.25 -4.89 -8.56
C ALA B 47 -1.80 -6.17 -7.86
N HIS B 48 -2.33 -7.29 -8.29
CA HIS B 48 -2.02 -8.58 -7.67
C HIS B 48 -2.00 -9.70 -8.72
N GLY B 49 -0.81 -10.05 -9.18
CA GLY B 49 -0.69 -11.12 -10.15
C GLY B 49 -0.80 -10.58 -11.55
N ASP B 50 -2.04 -10.38 -11.99
CA ASP B 50 -2.31 -9.70 -13.25
C ASP B 50 -3.64 -8.93 -13.15
N ASP B 51 -4.39 -9.24 -12.10
CA ASP B 51 -5.68 -8.60 -11.85
C ASP B 51 -5.47 -7.27 -11.14
N ARG B 52 -6.44 -6.37 -11.23
CA ARG B 52 -6.29 -5.04 -10.69
C ARG B 52 -7.46 -4.73 -9.72
N TYR B 53 -7.12 -4.35 -8.50
CA TYR B 53 -8.11 -3.93 -7.50
C TYR B 53 -7.99 -2.45 -7.23
N ARG B 54 -9.03 -1.88 -6.62
CA ARG B 54 -9.05 -0.44 -6.36
C ARG B 54 -9.57 -0.18 -4.95
N LEU B 55 -8.66 0.26 -4.10
CA LEU B 55 -9.01 0.70 -2.74
C LEU B 55 -9.42 2.17 -2.81
N ARG B 56 -10.67 2.47 -2.50
CA ARG B 56 -11.23 3.80 -2.67
C ARG B 56 -11.69 4.37 -1.33
N LEU B 57 -11.42 5.68 -1.13
CA LEU B 57 -11.79 6.34 0.12
C LEU B 57 -12.91 7.37 -0.15
N THR B 58 -13.76 7.54 0.84
CA THR B 58 -14.78 8.58 0.81
C THR B 58 -14.18 9.93 1.23
N SER B 59 -15.01 10.96 1.29
CA SER B 59 -14.55 12.26 1.75
C SER B 59 -13.83 12.12 3.10
N GLN B 60 -14.54 11.56 4.09
CA GLN B 60 -13.93 11.33 5.41
C GLN B 60 -14.67 10.18 6.16
N ASN B 61 -15.67 9.60 5.54
CA ASN B 61 -16.48 8.54 6.20
C ASN B 61 -15.69 7.24 6.36
N LYS B 62 -15.57 6.48 5.26
CA LYS B 62 -14.89 5.18 5.28
C LYS B 62 -14.24 4.90 3.94
N LEU B 63 -13.76 3.67 3.77
CA LEU B 63 -13.14 3.24 2.54
C LEU B 63 -13.66 1.87 2.13
N ILE B 64 -13.46 1.51 0.87
CA ILE B 64 -13.97 0.24 0.33
C ILE B 64 -12.99 -0.32 -0.71
N LEU B 65 -13.24 -1.55 -1.11
CA LEU B 65 -12.41 -2.17 -2.15
C LEU B 65 -13.30 -2.57 -3.33
N THR B 66 -13.10 -1.91 -4.46
CA THR B 66 -13.84 -2.21 -5.69
C THR B 66 -12.87 -2.55 -6.83
N LYS B 67 -13.43 -2.87 -7.99
CA LYS B 67 -12.64 -3.10 -9.19
C LYS B 67 -13.17 -2.22 -10.33
N MET A 1 33.22 -55.00 15.83
CA MET A 1 32.83 -55.58 14.52
C MET A 1 31.79 -54.68 13.83
N MET A 2 30.51 -55.00 14.04
CA MET A 2 29.42 -54.25 13.42
C MET A 2 28.92 -53.16 14.36
N THR A 3 29.47 -51.96 14.24
CA THR A 3 29.09 -50.84 15.08
C THR A 3 28.19 -49.87 14.31
N ALA A 4 27.57 -48.94 15.02
CA ALA A 4 26.71 -47.94 14.41
C ALA A 4 27.58 -46.96 13.59
N SER A 5 27.46 -47.01 12.27
CA SER A 5 28.26 -46.19 11.37
C SER A 5 27.74 -44.76 11.34
N ASP A 6 26.56 -44.55 11.91
CA ASP A 6 25.95 -43.21 11.99
C ASP A 6 26.93 -42.20 12.58
N ARG A 7 27.30 -41.23 11.76
CA ARG A 7 28.26 -40.18 12.11
C ARG A 7 27.57 -39.03 12.83
N LEU A 8 26.44 -39.31 13.49
CA LEU A 8 25.60 -38.29 14.09
C LEU A 8 24.98 -37.42 13.01
N GLY A 9 24.91 -37.97 11.79
CA GLY A 9 24.41 -37.24 10.65
C GLY A 9 22.93 -36.98 10.70
N ALA A 10 22.55 -35.82 11.27
CA ALA A 10 21.14 -35.40 11.33
C ALA A 10 21.06 -33.88 11.29
N ASP A 11 20.00 -33.36 10.68
CA ASP A 11 19.85 -31.92 10.45
C ASP A 11 18.69 -31.35 11.26
N PRO A 12 18.96 -30.83 12.47
CA PRO A 12 17.93 -30.25 13.36
C PRO A 12 17.82 -28.74 13.26
N THR A 13 18.64 -28.15 12.38
CA THR A 13 18.68 -26.69 12.25
C THR A 13 17.41 -26.13 11.59
N GLN A 14 16.56 -25.50 12.40
CA GLN A 14 15.33 -24.90 11.92
C GLN A 14 14.84 -23.82 12.90
N ALA A 15 14.85 -22.57 12.46
CA ALA A 15 14.36 -21.45 13.26
C ALA A 15 13.26 -20.72 12.48
N ALA A 16 12.04 -20.83 12.95
CA ALA A 16 10.88 -20.22 12.31
C ALA A 16 11.10 -18.71 12.13
N SER A 17 11.34 -18.32 10.89
CA SER A 17 11.56 -16.90 10.56
C SER A 17 10.30 -16.08 10.87
N SER A 18 10.32 -15.36 11.99
CA SER A 18 9.22 -14.51 12.39
C SER A 18 9.09 -13.31 11.44
N PRO A 19 7.91 -13.13 10.82
CA PRO A 19 7.68 -12.04 9.88
C PRO A 19 7.44 -10.70 10.57
N GLY A 20 6.90 -9.74 9.83
CA GLY A 20 6.65 -8.43 10.39
C GLY A 20 7.78 -7.46 10.13
N GLY A 21 7.97 -6.53 11.06
CA GLY A 21 8.98 -5.50 10.90
C GLY A 21 8.41 -4.29 10.20
N ALA A 22 9.19 -3.23 10.05
CA ALA A 22 8.72 -2.00 9.39
C ALA A 22 9.21 -1.99 7.96
N ARG A 23 8.28 -1.90 7.02
CA ARG A 23 8.62 -1.93 5.60
C ARG A 23 8.07 -0.70 4.90
N ALA A 24 8.85 -0.14 4.00
CA ALA A 24 8.45 1.08 3.29
C ALA A 24 8.02 0.73 1.86
N VAL A 25 6.82 1.19 1.48
CA VAL A 25 6.27 0.93 0.17
C VAL A 25 5.96 2.22 -0.53
N SER A 26 6.18 2.24 -1.85
CA SER A 26 5.98 3.46 -2.63
C SER A 26 4.67 3.42 -3.43
N ILE A 27 4.19 4.62 -3.77
CA ILE A 27 2.99 4.79 -4.58
C ILE A 27 3.37 5.60 -5.83
N VAL A 28 3.04 5.08 -7.00
CA VAL A 28 3.37 5.77 -8.25
C VAL A 28 2.11 6.36 -8.86
N GLY A 29 1.93 7.65 -8.66
CA GLY A 29 0.73 8.35 -9.09
C GLY A 29 -0.42 8.08 -8.15
N ASN A 30 -0.87 6.84 -8.17
CA ASN A 30 -1.83 6.33 -7.19
C ASN A 30 -1.89 4.81 -7.27
N GLN A 31 -0.83 4.20 -7.77
CA GLN A 31 -0.74 2.77 -8.01
C GLN A 31 0.22 2.13 -7.00
N ILE A 32 -0.05 0.87 -6.67
CA ILE A 32 0.75 0.12 -5.68
C ILE A 32 0.52 -1.38 -5.90
N ASP A 33 1.50 -2.19 -5.57
CA ASP A 33 1.36 -3.65 -5.72
C ASP A 33 1.10 -4.28 -4.36
N SER A 34 0.21 -5.28 -4.35
CA SER A 34 -0.19 -5.95 -3.13
C SER A 34 0.96 -6.74 -2.54
N ARG A 35 1.89 -7.17 -3.38
CA ARG A 35 3.01 -8.01 -2.95
C ARG A 35 3.98 -7.19 -2.11
N GLU A 36 4.06 -5.89 -2.39
CA GLU A 36 4.90 -4.99 -1.60
C GLU A 36 4.44 -4.97 -0.14
N LEU A 37 3.13 -4.86 0.06
CA LEU A 37 2.53 -4.78 1.39
C LEU A 37 2.65 -6.12 2.10
N PHE A 38 2.36 -7.19 1.39
CA PHE A 38 2.32 -8.54 1.97
C PHE A 38 3.54 -9.35 1.54
N THR A 39 4.66 -8.67 1.32
CA THR A 39 5.91 -9.34 0.94
C THR A 39 6.31 -10.38 1.99
N VAL A 40 6.07 -10.04 3.26
CA VAL A 40 6.31 -10.95 4.38
C VAL A 40 5.28 -10.67 5.48
N ASP A 41 4.02 -11.03 5.19
CA ASP A 41 2.89 -10.68 6.06
C ASP A 41 1.62 -11.15 5.39
N ARG A 42 0.53 -11.29 6.14
CA ARG A 42 -0.72 -11.79 5.58
C ARG A 42 -1.86 -10.77 5.75
N GLU A 43 -1.68 -9.79 6.62
CA GLU A 43 -2.73 -8.84 6.92
C GLU A 43 -2.15 -7.49 7.32
N ILE A 44 -2.81 -6.43 6.84
CA ILE A 44 -2.37 -5.05 7.10
C ILE A 44 -3.52 -4.28 7.76
N VAL A 45 -3.21 -3.41 8.74
CA VAL A 45 -4.25 -2.65 9.42
C VAL A 45 -4.25 -1.19 8.93
N ILE A 46 -5.25 -0.84 8.15
CA ILE A 46 -5.43 0.53 7.68
C ILE A 46 -6.31 1.32 8.63
N ALA A 47 -5.71 2.25 9.37
CA ALA A 47 -6.43 3.09 10.31
C ALA A 47 -6.97 4.34 9.59
N HIS A 48 -8.19 4.75 9.97
CA HIS A 48 -8.81 5.92 9.34
C HIS A 48 -9.69 6.65 10.35
N GLY A 49 -9.20 7.78 10.87
CA GLY A 49 -10.01 8.61 11.74
C GLY A 49 -9.87 8.16 13.18
N ASP A 50 -10.41 7.00 13.46
CA ASP A 50 -10.30 6.36 14.77
C ASP A 50 -10.58 4.88 14.66
N ASP A 51 -11.22 4.49 13.55
CA ASP A 51 -11.57 3.10 13.30
C ASP A 51 -10.39 2.37 12.66
N ARG A 52 -10.40 1.04 12.74
CA ARG A 52 -9.29 0.21 12.26
C ARG A 52 -9.79 -0.74 11.19
N TYR A 53 -9.21 -0.65 10.00
CA TYR A 53 -9.57 -1.53 8.89
C TYR A 53 -8.46 -2.58 8.69
N ARG A 54 -8.81 -3.69 8.08
CA ARG A 54 -7.87 -4.78 7.89
C ARG A 54 -7.85 -5.21 6.41
N LEU A 55 -6.75 -4.90 5.74
CA LEU A 55 -6.52 -5.36 4.38
C LEU A 55 -5.79 -6.69 4.46
N ARG A 56 -6.47 -7.78 4.07
CA ARG A 56 -5.94 -9.11 4.25
C ARG A 56 -5.84 -9.82 2.92
N LEU A 57 -4.76 -10.59 2.76
CA LEU A 57 -4.50 -11.31 1.53
C LEU A 57 -4.68 -12.81 1.77
N THR A 58 -5.39 -13.46 0.87
CA THR A 58 -5.63 -14.90 0.95
C THR A 58 -4.39 -15.64 0.47
N SER A 59 -4.46 -16.98 0.43
CA SER A 59 -3.34 -17.76 -0.07
C SER A 59 -3.18 -17.53 -1.59
N GLN A 60 -2.56 -16.39 -1.95
CA GLN A 60 -2.22 -16.05 -3.34
C GLN A 60 -3.47 -15.69 -4.19
N ASN A 61 -4.64 -16.20 -3.82
CA ASN A 61 -5.86 -16.04 -4.62
C ASN A 61 -6.16 -14.56 -4.87
N LYS A 62 -6.56 -13.86 -3.81
CA LYS A 62 -6.86 -12.42 -3.90
C LYS A 62 -6.74 -11.76 -2.52
N LEU A 63 -7.27 -10.55 -2.41
CA LEU A 63 -7.22 -9.80 -1.15
C LEU A 63 -8.58 -9.18 -0.86
N ILE A 64 -8.82 -8.81 0.39
CA ILE A 64 -10.12 -8.30 0.82
C ILE A 64 -9.94 -7.22 1.90
N LEU A 65 -11.02 -6.51 2.20
CA LEU A 65 -11.02 -5.48 3.22
C LEU A 65 -12.10 -5.78 4.25
N THR A 66 -11.68 -6.07 5.46
CA THR A 66 -12.61 -6.39 6.55
C THR A 66 -12.10 -5.75 7.84
N LYS A 67 -12.88 -5.87 8.90
CA LYS A 67 -12.50 -5.32 10.21
C LYS A 67 -13.44 -5.83 11.30
N MET B 1 17.49 13.83 -59.54
CA MET B 1 17.90 14.17 -58.17
C MET B 1 17.59 15.62 -57.86
N MET B 2 16.51 15.86 -57.09
CA MET B 2 16.14 17.20 -56.65
C MET B 2 15.52 17.11 -55.27
N THR B 3 16.29 17.49 -54.25
CA THR B 3 15.81 17.53 -52.89
C THR B 3 16.55 18.62 -52.12
N ALA B 4 15.95 19.81 -52.08
CA ALA B 4 16.55 20.98 -51.45
C ALA B 4 15.97 21.19 -50.06
N SER B 5 15.26 20.21 -49.54
CA SER B 5 14.67 20.29 -48.20
C SER B 5 15.52 19.49 -47.21
N ASP B 6 16.19 20.19 -46.31
CA ASP B 6 17.01 19.57 -45.29
C ASP B 6 16.15 19.11 -44.11
N ARG B 7 15.86 17.80 -44.07
CA ARG B 7 15.04 17.22 -43.00
C ARG B 7 15.19 15.70 -42.98
N LEU B 8 15.09 15.12 -41.80
CA LEU B 8 15.15 13.67 -41.63
C LEU B 8 14.80 13.34 -40.18
N GLY B 9 13.56 12.85 -39.96
CA GLY B 9 13.12 12.48 -38.63
C GLY B 9 11.64 12.73 -38.43
N ALA B 10 11.22 12.82 -37.17
CA ALA B 10 9.84 13.07 -36.80
C ALA B 10 9.73 13.28 -35.29
N ASP B 11 8.92 14.24 -34.87
CA ASP B 11 8.82 14.62 -33.47
C ASP B 11 7.35 14.67 -33.02
N PRO B 12 6.78 13.52 -32.60
CA PRO B 12 5.49 13.47 -31.91
C PRO B 12 5.66 13.38 -30.39
N THR B 13 6.93 13.46 -29.96
CA THR B 13 7.31 13.24 -28.57
C THR B 13 6.65 14.25 -27.61
N GLN B 14 6.12 13.73 -26.51
CA GLN B 14 5.55 14.56 -25.43
C GLN B 14 5.39 13.72 -24.16
N ALA B 15 4.94 14.35 -23.08
CA ALA B 15 4.72 13.62 -21.83
C ALA B 15 3.42 12.83 -21.90
N ALA B 16 3.54 11.51 -22.07
CA ALA B 16 2.37 10.63 -22.18
C ALA B 16 1.93 10.13 -20.80
N SER B 17 2.79 10.33 -19.80
CA SER B 17 2.54 9.85 -18.46
C SER B 17 2.69 11.00 -17.45
N SER B 18 1.58 11.49 -16.92
CA SER B 18 1.58 12.57 -15.94
C SER B 18 0.46 12.33 -14.91
N PRO B 19 0.76 11.59 -13.83
CA PRO B 19 -0.19 11.35 -12.76
C PRO B 19 -0.15 12.43 -11.68
N GLY B 20 -0.84 12.20 -10.58
CA GLY B 20 -0.87 13.16 -9.49
C GLY B 20 0.52 13.37 -8.86
N GLY B 21 1.21 12.27 -8.62
CA GLY B 21 2.55 12.33 -8.07
C GLY B 21 2.90 11.03 -7.39
N ALA B 22 4.17 10.83 -7.11
CA ALA B 22 4.64 9.59 -6.49
C ALA B 22 4.93 9.86 -5.01
N ARG B 23 4.24 9.11 -4.15
CA ARG B 23 4.35 9.33 -2.70
C ARG B 23 4.78 8.04 -2.01
N ALA B 24 5.67 8.15 -1.03
CA ALA B 24 6.17 6.99 -0.31
C ALA B 24 5.49 6.88 1.03
N VAL B 25 4.95 5.70 1.33
CA VAL B 25 4.25 5.46 2.59
C VAL B 25 4.89 4.28 3.33
N SER B 26 4.95 4.39 4.64
CA SER B 26 5.59 3.35 5.45
C SER B 26 4.59 2.44 6.13
N ILE B 27 5.06 1.24 6.47
CA ILE B 27 4.28 0.25 7.19
C ILE B 27 5.02 -0.09 8.49
N VAL B 28 4.32 -0.01 9.60
CA VAL B 28 4.93 -0.30 10.91
C VAL B 28 4.40 -1.65 11.43
N GLY B 29 5.22 -2.69 11.26
CA GLY B 29 4.80 -4.03 11.61
C GLY B 29 3.87 -4.59 10.57
N ASN B 30 2.67 -4.05 10.50
CA ASN B 30 1.71 -4.35 9.45
C ASN B 30 0.61 -3.29 9.45
N GLN B 31 0.91 -2.12 10.03
CA GLN B 31 -0.07 -1.07 10.21
C GLN B 31 0.23 0.09 9.28
N ILE B 32 -0.81 0.81 8.86
CA ILE B 32 -0.70 1.93 7.92
C ILE B 32 -1.94 2.83 8.07
N ASP B 33 -1.79 4.11 7.81
CA ASP B 33 -2.92 5.05 7.89
C ASP B 33 -3.45 5.35 6.50
N SER B 34 -4.76 5.46 6.39
CA SER B 34 -5.42 5.69 5.12
C SER B 34 -5.10 7.09 4.58
N ARG B 35 -4.82 8.01 5.49
CA ARG B 35 -4.60 9.40 5.10
C ARG B 35 -3.26 9.54 4.40
N GLU B 36 -2.31 8.67 4.71
CA GLU B 36 -1.02 8.63 4.04
C GLU B 36 -1.20 8.33 2.56
N LEU B 37 -2.03 7.33 2.25
CA LEU B 37 -2.28 6.92 0.87
C LEU B 37 -3.09 7.98 0.12
N PHE B 38 -4.11 8.51 0.79
CA PHE B 38 -5.05 9.45 0.16
C PHE B 38 -4.78 10.88 0.66
N THR B 39 -3.53 11.17 0.98
CA THR B 39 -3.14 12.52 1.44
C THR B 39 -3.51 13.57 0.39
N VAL B 40 -3.35 13.22 -0.87
CA VAL B 40 -3.72 14.06 -2.01
C VAL B 40 -4.15 13.18 -3.18
N ASP B 41 -5.31 12.53 -3.01
CA ASP B 41 -5.80 11.53 -3.95
C ASP B 41 -7.09 10.94 -3.40
N ARG B 42 -7.88 10.30 -4.25
CA ARG B 42 -9.17 9.74 -3.82
C ARG B 42 -9.23 8.24 -4.04
N GLU B 43 -8.34 7.70 -4.86
CA GLU B 43 -8.40 6.28 -5.23
C GLU B 43 -7.00 5.73 -5.53
N ILE B 44 -6.75 4.52 -5.06
CA ILE B 44 -5.46 3.86 -5.22
C ILE B 44 -5.67 2.52 -5.94
N VAL B 45 -4.75 2.16 -6.86
CA VAL B 45 -4.89 0.91 -7.60
C VAL B 45 -3.91 -0.13 -7.08
N ILE B 46 -4.45 -1.12 -6.38
CA ILE B 46 -3.65 -2.24 -5.87
C ILE B 46 -3.62 -3.38 -6.88
N ALA B 47 -2.49 -3.58 -7.52
CA ALA B 47 -2.32 -4.67 -8.48
C ALA B 47 -1.90 -5.96 -7.77
N HIS B 48 -2.42 -7.10 -8.24
CA HIS B 48 -2.11 -8.37 -7.63
C HIS B 48 -2.13 -9.49 -8.67
N GLY B 49 -0.95 -9.95 -9.11
CA GLY B 49 -0.85 -11.06 -10.01
C GLY B 49 -0.94 -10.60 -11.45
N ASP B 50 -2.14 -10.14 -11.83
CA ASP B 50 -2.36 -9.55 -13.14
C ASP B 50 -3.63 -8.70 -13.09
N ASP B 51 -4.45 -8.91 -12.06
CA ASP B 51 -5.71 -8.17 -11.91
C ASP B 51 -5.44 -6.84 -11.20
N ARG B 52 -6.37 -5.91 -11.31
CA ARG B 52 -6.21 -4.58 -10.76
C ARG B 52 -7.34 -4.28 -9.78
N TYR B 53 -6.97 -3.98 -8.54
CA TYR B 53 -7.93 -3.65 -7.50
C TYR B 53 -7.88 -2.15 -7.24
N ARG B 54 -8.99 -1.62 -6.72
CA ARG B 54 -9.09 -0.18 -6.47
C ARG B 54 -9.50 0.09 -5.03
N LEU B 55 -8.56 0.62 -4.25
CA LEU B 55 -8.83 1.06 -2.90
C LEU B 55 -9.26 2.53 -2.94
N ARG B 56 -10.52 2.78 -2.67
CA ARG B 56 -11.07 4.12 -2.84
C ARG B 56 -11.60 4.66 -1.52
N LEU B 57 -11.41 5.96 -1.31
CA LEU B 57 -11.84 6.62 -0.09
C LEU B 57 -13.00 7.55 -0.40
N THR B 58 -14.03 7.48 0.43
CA THR B 58 -15.20 8.35 0.28
C THR B 58 -14.90 9.73 0.83
N SER B 59 -15.87 10.64 0.81
CA SER B 59 -15.70 11.96 1.41
C SER B 59 -15.54 11.86 2.92
N GLN B 60 -14.34 11.46 3.37
CA GLN B 60 -13.97 11.41 4.80
C GLN B 60 -14.65 10.25 5.54
N ASN B 61 -15.82 9.81 5.05
CA ASN B 61 -16.63 8.80 5.77
C ASN B 61 -15.82 7.54 6.04
N LYS B 62 -15.52 6.79 4.98
CA LYS B 62 -14.74 5.56 5.08
C LYS B 62 -14.08 5.22 3.76
N LEU B 63 -13.57 3.99 3.65
CA LEU B 63 -12.90 3.53 2.42
C LEU B 63 -13.43 2.15 2.02
N ILE B 64 -13.22 1.76 0.76
CA ILE B 64 -13.74 0.50 0.25
C ILE B 64 -12.77 -0.10 -0.74
N LEU B 65 -13.01 -1.37 -1.11
CA LEU B 65 -12.20 -2.06 -2.09
C LEU B 65 -13.10 -2.57 -3.22
N THR B 66 -12.90 -2.02 -4.42
CA THR B 66 -13.67 -2.43 -5.59
C THR B 66 -12.76 -2.45 -6.82
N LYS B 67 -13.30 -2.80 -7.97
CA LYS B 67 -12.56 -2.78 -9.23
C LYS B 67 -13.51 -2.55 -10.40
N MET A 1 -12.52 -11.54 30.11
CA MET A 1 -12.41 -13.00 29.88
C MET A 1 -12.22 -13.71 31.20
N MET A 2 -13.30 -14.32 31.71
CA MET A 2 -13.27 -15.01 33.00
C MET A 2 -12.80 -16.45 32.83
N THR A 3 -13.27 -17.10 31.77
CA THR A 3 -12.93 -18.49 31.49
C THR A 3 -12.03 -18.59 30.26
N ALA A 4 -10.72 -18.40 30.47
CA ALA A 4 -9.76 -18.54 29.40
C ALA A 4 -9.16 -19.95 29.40
N SER A 5 -9.35 -20.63 30.52
CA SER A 5 -8.82 -21.98 30.72
C SER A 5 -9.30 -22.92 29.60
N ASP A 6 -8.33 -23.40 28.82
CA ASP A 6 -8.55 -24.38 27.74
C ASP A 6 -9.19 -23.75 26.52
N ARG A 7 -10.12 -22.81 26.72
CA ARG A 7 -10.75 -22.08 25.64
C ARG A 7 -9.69 -21.23 24.90
N LEU A 8 -9.04 -20.35 25.64
CA LEU A 8 -7.91 -19.60 25.10
C LEU A 8 -6.61 -20.33 25.43
N GLY A 9 -5.98 -20.91 24.42
CA GLY A 9 -4.79 -21.70 24.65
C GLY A 9 -4.20 -22.23 23.37
N ALA A 10 -5.08 -22.59 22.42
CA ALA A 10 -4.67 -23.09 21.12
C ALA A 10 -5.81 -22.98 20.12
N ASP A 11 -5.71 -22.04 19.19
CA ASP A 11 -6.77 -21.80 18.22
C ASP A 11 -6.22 -21.81 16.80
N PRO A 12 -6.98 -22.36 15.83
CA PRO A 12 -6.62 -22.36 14.41
C PRO A 12 -7.00 -21.05 13.73
N THR A 13 -7.09 -19.99 14.53
CA THR A 13 -7.48 -18.67 14.03
C THR A 13 -6.29 -17.91 13.44
N GLN A 14 -5.31 -18.66 12.95
CA GLN A 14 -4.10 -18.06 12.39
C GLN A 14 -4.38 -17.48 11.00
N ALA A 15 -4.95 -16.29 10.99
CA ALA A 15 -5.27 -15.58 9.75
C ALA A 15 -4.68 -14.16 9.75
N ALA A 16 -4.74 -13.52 10.92
CA ALA A 16 -4.20 -12.17 11.11
C ALA A 16 -2.70 -12.21 11.36
N SER A 17 -2.03 -13.15 10.72
CA SER A 17 -0.59 -13.38 10.90
C SER A 17 0.22 -12.15 10.51
N SER A 18 0.96 -11.63 11.48
CA SER A 18 1.84 -10.49 11.24
C SER A 18 2.92 -10.40 12.32
N PRO A 19 4.15 -10.85 12.01
CA PRO A 19 5.28 -10.74 12.92
C PRO A 19 5.59 -9.28 13.27
N GLY A 20 5.51 -8.40 12.26
CA GLY A 20 5.73 -6.99 12.48
C GLY A 20 7.07 -6.49 11.99
N GLY A 21 7.05 -5.56 11.04
CA GLY A 21 8.24 -4.87 10.58
C GLY A 21 7.85 -3.54 9.99
N ALA A 22 8.75 -2.57 9.91
CA ALA A 22 8.39 -1.26 9.40
C ALA A 22 9.09 -1.05 8.07
N ARG A 23 8.32 -0.72 7.05
CA ARG A 23 8.85 -0.65 5.68
C ARG A 23 8.15 0.45 4.88
N ALA A 24 8.84 0.90 3.85
CA ALA A 24 8.33 1.94 2.97
C ALA A 24 7.82 1.30 1.69
N VAL A 25 6.51 1.40 1.50
CA VAL A 25 5.87 0.84 0.31
C VAL A 25 5.53 1.98 -0.65
N SER A 26 5.87 1.80 -1.92
CA SER A 26 5.80 2.89 -2.89
C SER A 26 4.49 2.92 -3.66
N ILE A 27 4.05 4.14 -3.97
CA ILE A 27 2.86 4.37 -4.77
C ILE A 27 3.27 5.01 -6.09
N VAL A 28 2.90 4.39 -7.20
CA VAL A 28 3.25 4.92 -8.52
C VAL A 28 2.02 5.57 -9.17
N GLY A 29 1.93 6.88 -9.06
CA GLY A 29 0.79 7.61 -9.58
C GLY A 29 -0.37 7.57 -8.61
N ASN A 30 -0.94 6.37 -8.47
CA ASN A 30 -1.95 6.10 -7.46
C ASN A 30 -2.08 4.59 -7.28
N GLN A 31 -1.05 3.86 -7.72
CA GLN A 31 -1.06 2.40 -7.70
C GLN A 31 -0.03 1.85 -6.72
N ILE A 32 -0.37 0.72 -6.11
CA ILE A 32 0.50 0.07 -5.14
C ILE A 32 0.48 -1.42 -5.48
N ASP A 33 1.58 -2.12 -5.18
CA ASP A 33 1.71 -3.52 -5.54
C ASP A 33 1.55 -4.40 -4.29
N SER A 34 0.77 -5.48 -4.43
CA SER A 34 0.47 -6.38 -3.32
C SER A 34 1.74 -6.95 -2.64
N ARG A 35 2.83 -7.00 -3.40
CA ARG A 35 4.11 -7.50 -2.85
C ARG A 35 4.68 -6.49 -1.84
N GLU A 36 4.50 -5.20 -2.13
CA GLU A 36 4.93 -4.14 -1.23
C GLU A 36 4.40 -4.39 0.18
N LEU A 37 3.09 -4.64 0.26
CA LEU A 37 2.41 -4.77 1.54
C LEU A 37 2.62 -6.17 2.14
N PHE A 38 2.34 -7.21 1.36
CA PHE A 38 2.31 -8.57 1.86
C PHE A 38 3.62 -9.32 1.55
N THR A 39 4.72 -8.59 1.50
CA THR A 39 6.04 -9.17 1.29
C THR A 39 6.33 -10.25 2.35
N VAL A 40 6.06 -9.93 3.62
CA VAL A 40 6.31 -10.85 4.71
C VAL A 40 5.30 -10.61 5.84
N ASP A 41 4.03 -10.92 5.56
CA ASP A 41 2.90 -10.63 6.46
C ASP A 41 1.62 -11.14 5.74
N ARG A 42 0.54 -11.34 6.46
CA ARG A 42 -0.68 -11.86 5.84
C ARG A 42 -1.83 -10.87 5.96
N GLU A 43 -1.67 -9.86 6.80
CA GLU A 43 -2.74 -8.90 7.06
C GLU A 43 -2.17 -7.50 7.34
N ILE A 44 -2.82 -6.50 6.78
CA ILE A 44 -2.41 -5.12 6.91
C ILE A 44 -3.54 -4.30 7.52
N VAL A 45 -3.19 -3.40 8.44
CA VAL A 45 -4.17 -2.57 9.13
C VAL A 45 -4.20 -1.18 8.49
N ILE A 46 -5.38 -0.58 8.41
CA ILE A 46 -5.55 0.72 7.76
C ILE A 46 -6.38 1.62 8.68
N ALA A 47 -5.73 2.61 9.29
CA ALA A 47 -6.41 3.52 10.22
C ALA A 47 -7.03 4.68 9.47
N HIS A 48 -8.28 4.99 9.81
CA HIS A 48 -9.00 6.10 9.17
C HIS A 48 -9.97 6.75 10.14
N GLY A 49 -9.59 7.90 10.70
CA GLY A 49 -10.50 8.64 11.57
C GLY A 49 -10.39 8.18 13.01
N ASP A 50 -11.19 7.17 13.35
CA ASP A 50 -11.16 6.58 14.68
C ASP A 50 -11.15 5.05 14.58
N ASP A 51 -11.53 4.56 13.42
CA ASP A 51 -11.70 3.10 13.24
C ASP A 51 -10.46 2.50 12.57
N ARG A 52 -10.41 1.17 12.53
CA ARG A 52 -9.28 0.46 11.95
C ARG A 52 -9.81 -0.60 10.95
N TYR A 53 -9.25 -0.58 9.75
CA TYR A 53 -9.62 -1.50 8.72
C TYR A 53 -8.53 -2.55 8.57
N ARG A 54 -8.84 -3.68 7.96
CA ARG A 54 -7.85 -4.75 7.80
C ARG A 54 -7.88 -5.29 6.37
N LEU A 55 -6.83 -4.99 5.63
CA LEU A 55 -6.63 -5.54 4.30
C LEU A 55 -5.91 -6.89 4.42
N ARG A 56 -6.64 -7.96 4.15
CA ARG A 56 -6.14 -9.31 4.39
C ARG A 56 -5.92 -10.04 3.07
N LEU A 57 -4.81 -10.74 2.98
CA LEU A 57 -4.49 -11.49 1.77
C LEU A 57 -4.68 -12.99 2.00
N THR A 58 -5.19 -13.69 0.99
CA THR A 58 -5.26 -15.11 1.01
C THR A 58 -4.00 -15.68 0.30
N SER A 59 -3.58 -16.87 0.70
CA SER A 59 -2.35 -17.46 0.19
C SER A 59 -2.27 -17.39 -1.33
N GLN A 60 -1.61 -16.35 -1.82
CA GLN A 60 -1.35 -16.12 -3.25
C GLN A 60 -2.63 -15.81 -4.04
N ASN A 61 -3.81 -16.14 -3.47
CA ASN A 61 -5.06 -16.10 -4.20
C ASN A 61 -5.52 -14.66 -4.47
N LYS A 62 -6.10 -14.01 -3.46
CA LYS A 62 -6.63 -12.64 -3.62
C LYS A 62 -6.62 -11.92 -2.28
N LEU A 63 -7.19 -10.73 -2.24
CA LEU A 63 -7.23 -9.93 -1.01
C LEU A 63 -8.61 -9.33 -0.80
N ILE A 64 -8.87 -8.94 0.44
CA ILE A 64 -10.18 -8.42 0.83
C ILE A 64 -10.04 -7.35 1.91
N LEU A 65 -11.12 -6.65 2.19
CA LEU A 65 -11.12 -5.60 3.23
C LEU A 65 -12.19 -5.94 4.27
N THR A 66 -11.73 -6.21 5.48
CA THR A 66 -12.63 -6.48 6.62
C THR A 66 -12.07 -5.82 7.86
N LYS A 67 -12.75 -5.95 9.01
CA LYS A 67 -12.23 -5.45 10.26
C LYS A 67 -12.68 -6.36 11.41
N MET B 1 -3.96 56.01 -11.60
CA MET B 1 -4.68 54.78 -12.00
C MET B 1 -5.07 54.85 -13.48
N MET B 2 -4.23 54.23 -14.34
CA MET B 2 -4.52 54.15 -15.76
C MET B 2 -3.66 53.08 -16.42
N THR B 3 -4.30 52.00 -16.84
CA THR B 3 -3.61 50.91 -17.53
C THR B 3 -4.60 50.05 -18.30
N ALA B 4 -4.07 49.24 -19.22
CA ALA B 4 -4.87 48.30 -19.99
C ALA B 4 -4.12 47.00 -20.19
N SER B 5 -2.91 46.92 -19.64
CA SER B 5 -2.07 45.76 -19.77
C SER B 5 -2.46 44.69 -18.75
N ASP B 6 -2.27 43.41 -19.12
CA ASP B 6 -2.55 42.28 -18.23
C ASP B 6 -1.25 41.64 -17.77
N ARG B 7 -0.79 42.02 -16.58
CA ARG B 7 0.36 41.36 -15.96
C ARG B 7 -0.08 40.27 -15.01
N LEU B 8 -1.41 40.07 -14.91
CA LEU B 8 -1.99 39.09 -14.01
C LEU B 8 -2.16 37.75 -14.70
N GLY B 9 -1.90 37.72 -16.00
CA GLY B 9 -2.03 36.50 -16.78
C GLY B 9 -0.88 35.55 -16.60
N ALA B 10 0.03 35.86 -15.65
CA ALA B 10 1.19 35.01 -15.37
C ALA B 10 0.75 33.67 -14.79
N ASP B 11 0.91 32.61 -15.59
CA ASP B 11 0.55 31.25 -15.16
C ASP B 11 1.81 30.38 -15.06
N PRO B 12 2.50 30.42 -13.89
CA PRO B 12 3.74 29.68 -13.66
C PRO B 12 3.49 28.27 -13.11
N THR B 13 2.23 27.95 -12.88
CA THR B 13 1.87 26.66 -12.30
C THR B 13 2.57 26.46 -10.96
N GLN B 14 2.10 27.19 -9.95
CA GLN B 14 2.70 27.14 -8.62
C GLN B 14 1.66 26.68 -7.60
N ALA B 15 1.64 25.37 -7.35
CA ALA B 15 0.74 24.76 -6.39
C ALA B 15 1.16 23.31 -6.18
N ALA B 16 1.77 23.03 -5.04
CA ALA B 16 2.23 21.68 -4.72
C ALA B 16 1.03 20.76 -4.49
N SER B 17 0.46 20.28 -5.57
CA SER B 17 -0.68 19.37 -5.54
C SER B 17 -0.69 18.49 -6.79
N SER B 18 0.42 17.78 -6.98
CA SER B 18 0.59 16.90 -8.13
C SER B 18 -0.49 15.82 -8.13
N PRO B 19 -0.91 15.34 -9.33
CA PRO B 19 -1.91 14.29 -9.44
C PRO B 19 -1.38 12.95 -8.92
N GLY B 20 -1.27 12.84 -7.60
CA GLY B 20 -0.72 11.67 -6.98
C GLY B 20 0.80 11.66 -7.02
N GLY B 21 1.35 11.53 -8.22
CA GLY B 21 2.80 11.43 -8.38
C GLY B 21 3.27 10.11 -7.80
N ALA B 22 4.56 10.01 -7.45
CA ALA B 22 5.05 8.82 -6.78
C ALA B 22 5.46 9.16 -5.36
N ARG B 23 4.91 8.45 -4.38
CA ARG B 23 5.20 8.77 -2.98
C ARG B 23 5.45 7.48 -2.19
N ALA B 24 6.21 7.61 -1.11
CA ALA B 24 6.54 6.50 -0.25
C ALA B 24 5.64 6.52 0.99
N VAL B 25 4.78 5.53 1.10
CA VAL B 25 3.88 5.42 2.23
C VAL B 25 4.40 4.37 3.20
N SER B 26 4.43 4.71 4.48
CA SER B 26 5.11 3.87 5.48
C SER B 26 4.17 2.88 6.16
N ILE B 27 4.72 1.71 6.47
CA ILE B 27 4.01 0.66 7.22
C ILE B 27 4.68 0.46 8.56
N VAL B 28 3.92 0.62 9.62
CA VAL B 28 4.44 0.45 10.98
C VAL B 28 4.00 -0.90 11.55
N GLY B 29 4.91 -1.87 11.48
CA GLY B 29 4.61 -3.22 11.95
C GLY B 29 3.83 -3.98 10.90
N ASN B 30 2.59 -3.56 10.70
CA ASN B 30 1.75 -4.06 9.61
C ASN B 30 0.58 -3.10 9.41
N GLN B 31 0.76 -1.87 9.87
CA GLN B 31 -0.31 -0.86 9.84
C GLN B 31 0.06 0.31 8.92
N ILE B 32 -0.88 0.72 8.08
CA ILE B 32 -0.74 1.95 7.30
C ILE B 32 -1.85 2.95 7.63
N ASP B 33 -1.56 4.22 7.37
CA ASP B 33 -2.50 5.30 7.70
C ASP B 33 -3.18 5.83 6.42
N SER B 34 -4.50 6.02 6.48
CA SER B 34 -5.29 6.46 5.33
C SER B 34 -4.77 7.78 4.73
N ARG B 35 -4.08 8.59 5.55
CA ARG B 35 -3.54 9.87 5.05
C ARG B 35 -2.36 9.61 4.12
N GLU B 36 -1.58 8.59 4.43
CA GLU B 36 -0.46 8.15 3.58
C GLU B 36 -0.91 8.00 2.13
N LEU B 37 -1.98 7.22 1.96
CA LEU B 37 -2.49 6.87 0.65
C LEU B 37 -3.30 8.00 0.02
N PHE B 38 -4.28 8.50 0.75
CA PHE B 38 -5.25 9.47 0.21
C PHE B 38 -4.91 10.90 0.60
N THR B 39 -3.62 11.18 0.73
CA THR B 39 -3.13 12.54 1.00
C THR B 39 -3.66 13.52 -0.05
N VAL B 40 -3.51 13.15 -1.32
CA VAL B 40 -3.94 13.99 -2.44
C VAL B 40 -4.41 13.13 -3.62
N ASP B 41 -5.53 12.41 -3.41
CA ASP B 41 -6.08 11.46 -4.37
C ASP B 41 -7.33 10.86 -3.75
N ARG B 42 -8.19 10.23 -4.55
CA ARG B 42 -9.45 9.70 -4.03
C ARG B 42 -9.53 8.18 -4.20
N GLU B 43 -8.63 7.62 -5.01
CA GLU B 43 -8.66 6.20 -5.31
C GLU B 43 -7.26 5.65 -5.51
N ILE B 44 -7.01 4.46 -4.95
CA ILE B 44 -5.72 3.79 -5.04
C ILE B 44 -5.89 2.44 -5.71
N VAL B 45 -4.96 2.09 -6.56
CA VAL B 45 -4.98 0.82 -7.29
C VAL B 45 -4.03 -0.18 -6.62
N ILE B 46 -4.43 -1.44 -6.60
CA ILE B 46 -3.66 -2.48 -5.94
C ILE B 46 -3.51 -3.69 -6.88
N ALA B 47 -2.32 -3.88 -7.44
CA ALA B 47 -2.09 -4.95 -8.37
C ALA B 47 -1.74 -6.25 -7.63
N HIS B 48 -2.34 -7.36 -8.04
CA HIS B 48 -2.08 -8.67 -7.42
C HIS B 48 -2.24 -9.79 -8.45
N GLY B 49 -1.11 -10.29 -8.95
CA GLY B 49 -1.16 -11.44 -9.85
C GLY B 49 -1.32 -11.00 -11.29
N ASP B 50 -2.57 -10.87 -11.71
CA ASP B 50 -2.88 -10.38 -13.06
C ASP B 50 -3.98 -9.32 -13.00
N ASP B 51 -4.69 -9.29 -11.87
CA ASP B 51 -5.85 -8.40 -11.72
C ASP B 51 -5.46 -7.12 -11.01
N ARG B 52 -6.39 -6.16 -11.00
CA ARG B 52 -6.17 -4.87 -10.36
C ARG B 52 -7.34 -4.54 -9.44
N TYR B 53 -7.01 -4.20 -8.21
CA TYR B 53 -8.00 -3.84 -7.21
C TYR B 53 -7.99 -2.32 -7.02
N ARG B 54 -9.07 -1.78 -6.48
CA ARG B 54 -9.17 -0.33 -6.26
C ARG B 54 -9.67 -0.03 -4.85
N LEU B 55 -8.76 0.51 -4.04
CA LEU B 55 -9.10 0.98 -2.71
C LEU B 55 -9.58 2.43 -2.83
N ARG B 56 -10.87 2.65 -2.64
CA ARG B 56 -11.47 3.96 -2.87
C ARG B 56 -11.93 4.58 -1.56
N LEU B 57 -11.67 5.87 -1.41
CA LEU B 57 -12.07 6.58 -0.19
C LEU B 57 -13.27 7.49 -0.48
N THR B 58 -14.17 7.60 0.49
CA THR B 58 -15.25 8.54 0.40
C THR B 58 -14.85 9.80 1.18
N SER B 59 -15.37 10.95 0.76
CA SER B 59 -14.97 12.24 1.34
C SER B 59 -14.97 12.21 2.88
N GLN B 60 -13.78 11.94 3.44
CA GLN B 60 -13.55 11.94 4.90
C GLN B 60 -14.27 10.76 5.61
N ASN B 61 -15.27 10.18 4.96
CA ASN B 61 -16.16 9.20 5.59
C ASN B 61 -15.45 7.88 5.88
N LYS B 62 -15.31 7.02 4.85
CA LYS B 62 -14.73 5.69 5.00
C LYS B 62 -14.10 5.25 3.69
N LEU B 63 -13.63 4.00 3.64
CA LEU B 63 -13.02 3.47 2.43
C LEU B 63 -13.52 2.05 2.15
N ILE B 64 -13.35 1.62 0.91
CA ILE B 64 -13.86 0.33 0.45
C ILE B 64 -12.93 -0.28 -0.59
N LEU B 65 -13.16 -1.54 -0.91
CA LEU B 65 -12.34 -2.24 -1.92
C LEU B 65 -13.23 -2.72 -3.06
N THR B 66 -13.05 -2.17 -4.24
CA THR B 66 -13.80 -2.58 -5.41
C THR B 66 -12.86 -2.68 -6.62
N LYS B 67 -13.36 -3.25 -7.71
CA LYS B 67 -12.61 -3.37 -8.93
C LYS B 67 -13.45 -2.82 -10.09
N MET A 1 11.00 -30.79 52.75
CA MET A 1 9.74 -31.56 52.68
C MET A 1 9.60 -32.24 51.33
N MET A 2 9.10 -33.44 51.28
CA MET A 2 8.98 -34.21 50.06
C MET A 2 7.63 -33.94 49.39
N THR A 3 7.66 -33.52 48.13
CA THR A 3 6.43 -33.22 47.37
C THR A 3 6.61 -33.59 45.90
N ALA A 4 5.59 -34.23 45.34
CA ALA A 4 5.62 -34.62 43.92
C ALA A 4 5.22 -33.43 43.08
N SER A 5 6.14 -32.95 42.24
CA SER A 5 5.90 -31.81 41.39
C SER A 5 6.68 -31.95 40.09
N ASP A 6 6.16 -31.42 39.00
CA ASP A 6 6.81 -31.47 37.71
C ASP A 6 8.18 -30.80 37.80
N ARG A 7 9.23 -31.60 37.75
CA ARG A 7 10.59 -31.09 37.93
C ARG A 7 11.18 -30.71 36.58
N LEU A 8 11.36 -29.41 36.38
CA LEU A 8 11.85 -28.85 35.11
C LEU A 8 10.85 -29.17 33.98
N GLY A 9 9.89 -28.29 33.80
CA GLY A 9 8.91 -28.44 32.75
C GLY A 9 8.49 -27.07 32.22
N ALA A 10 8.77 -26.84 30.95
CA ALA A 10 8.41 -25.57 30.31
C ALA A 10 7.51 -25.81 29.10
N ASP A 11 6.91 -24.74 28.61
CA ASP A 11 5.98 -24.81 27.46
C ASP A 11 6.57 -24.04 26.27
N PRO A 12 7.14 -24.76 25.27
CA PRO A 12 7.71 -24.13 24.08
C PRO A 12 6.66 -23.85 23.00
N THR A 13 7.11 -23.31 21.88
CA THR A 13 6.23 -23.07 20.74
C THR A 13 7.04 -23.08 19.46
N GLN A 14 6.48 -23.64 18.39
CA GLN A 14 7.12 -23.68 17.08
C GLN A 14 6.80 -22.42 16.32
N ALA A 15 5.79 -21.69 16.79
CA ALA A 15 5.34 -20.45 16.18
C ALA A 15 6.43 -19.41 16.24
N ALA A 16 7.00 -19.09 15.09
CA ALA A 16 8.04 -18.09 15.01
C ALA A 16 7.49 -16.72 15.41
N SER A 17 8.18 -16.11 16.35
CA SER A 17 7.80 -14.78 16.83
C SER A 17 7.97 -13.75 15.71
N SER A 18 6.95 -13.62 14.90
CA SER A 18 6.93 -12.66 13.81
C SER A 18 6.00 -11.48 14.15
N PRO A 19 6.57 -10.37 14.68
CA PRO A 19 5.81 -9.19 15.07
C PRO A 19 5.81 -8.10 13.98
N GLY A 20 6.22 -8.49 12.77
CA GLY A 20 6.31 -7.54 11.67
C GLY A 20 7.49 -6.60 11.81
N GLY A 21 7.53 -5.62 10.93
CA GLY A 21 8.61 -4.64 10.92
C GLY A 21 8.19 -3.40 10.19
N ALA A 22 9.07 -2.44 10.00
CA ALA A 22 8.73 -1.18 9.35
C ALA A 22 9.26 -1.20 7.92
N ARG A 23 8.37 -1.05 6.96
CA ARG A 23 8.75 -1.08 5.53
C ARG A 23 8.14 0.10 4.81
N ALA A 24 8.88 0.63 3.83
CA ALA A 24 8.44 1.80 3.06
C ALA A 24 8.03 1.37 1.65
N VAL A 25 6.72 1.37 1.41
CA VAL A 25 6.18 1.00 0.10
C VAL A 25 5.81 2.25 -0.67
N SER A 26 5.98 2.21 -1.98
CA SER A 26 5.76 3.39 -2.81
C SER A 26 4.49 3.28 -3.65
N ILE A 27 3.98 4.44 -4.04
CA ILE A 27 2.82 4.56 -4.88
C ILE A 27 3.23 5.32 -6.14
N VAL A 28 3.04 4.70 -7.29
CA VAL A 28 3.48 5.25 -8.55
C VAL A 28 2.30 5.92 -9.27
N GLY A 29 2.23 7.24 -9.17
CA GLY A 29 1.14 8.00 -9.74
C GLY A 29 -0.13 7.83 -8.92
N ASN A 30 -0.70 6.64 -8.98
CA ASN A 30 -1.92 6.29 -8.28
C ASN A 30 -2.06 4.78 -8.24
N GLN A 31 -0.95 4.10 -8.00
CA GLN A 31 -0.87 2.65 -8.15
C GLN A 31 0.12 2.05 -7.13
N ILE A 32 -0.13 0.78 -6.77
CA ILE A 32 0.70 0.06 -5.82
C ILE A 32 0.40 -1.44 -5.99
N ASP A 33 1.38 -2.29 -5.68
CA ASP A 33 1.15 -3.74 -5.77
C ASP A 33 0.94 -4.31 -4.39
N SER A 34 -0.01 -5.24 -4.27
CA SER A 34 -0.37 -5.84 -3.03
C SER A 34 0.83 -6.53 -2.35
N ARG A 35 1.78 -6.98 -3.16
CA ARG A 35 2.95 -7.67 -2.64
C ARG A 35 3.76 -6.75 -1.72
N GLU A 36 3.88 -5.48 -2.11
CA GLU A 36 4.65 -4.51 -1.35
C GLU A 36 4.16 -4.47 0.11
N LEU A 37 2.84 -4.51 0.26
CA LEU A 37 2.20 -4.44 1.58
C LEU A 37 2.37 -5.77 2.32
N PHE A 38 2.00 -6.88 1.66
CA PHE A 38 1.97 -8.20 2.29
C PHE A 38 3.28 -8.97 2.07
N THR A 39 4.34 -8.26 1.68
CA THR A 39 5.64 -8.90 1.44
C THR A 39 6.13 -9.62 2.69
N VAL A 40 5.67 -9.19 3.85
CA VAL A 40 6.01 -9.85 5.10
C VAL A 40 4.74 -10.35 5.80
N ASP A 41 3.87 -9.41 6.15
CA ASP A 41 2.66 -9.74 6.91
C ASP A 41 1.48 -9.91 5.98
N ARG A 42 0.88 -11.11 6.03
CA ARG A 42 -0.30 -11.46 5.23
C ARG A 42 -1.54 -10.63 5.63
N GLU A 43 -1.38 -9.72 6.58
CA GLU A 43 -2.46 -8.86 7.02
C GLU A 43 -1.90 -7.49 7.43
N ILE A 44 -2.56 -6.42 7.03
CA ILE A 44 -2.12 -5.06 7.29
C ILE A 44 -3.26 -4.28 7.97
N VAL A 45 -2.92 -3.42 8.92
CA VAL A 45 -3.92 -2.63 9.65
C VAL A 45 -4.02 -1.21 9.07
N ILE A 46 -5.17 -0.92 8.47
CA ILE A 46 -5.45 0.41 7.92
C ILE A 46 -6.29 1.27 8.83
N ALA A 47 -5.66 2.26 9.45
CA ALA A 47 -6.38 3.18 10.33
C ALA A 47 -7.02 4.30 9.52
N HIS A 48 -8.27 4.63 9.84
CA HIS A 48 -8.97 5.73 9.17
C HIS A 48 -10.00 6.35 10.11
N GLY A 49 -9.65 7.51 10.69
CA GLY A 49 -10.57 8.17 11.59
C GLY A 49 -10.38 7.69 13.00
N ASP A 50 -9.13 7.34 13.33
CA ASP A 50 -8.76 6.76 14.63
C ASP A 50 -9.43 5.40 14.83
N ASP A 51 -10.08 4.90 13.78
CA ASP A 51 -10.65 3.55 13.77
C ASP A 51 -9.66 2.61 13.10
N ARG A 52 -9.89 1.31 13.18
CA ARG A 52 -8.95 0.34 12.64
C ARG A 52 -9.61 -0.61 11.65
N TYR A 53 -9.03 -0.64 10.44
CA TYR A 53 -9.42 -1.61 9.42
C TYR A 53 -8.28 -2.63 9.27
N ARG A 54 -8.58 -3.70 8.56
CA ARG A 54 -7.57 -4.74 8.32
C ARG A 54 -7.61 -5.15 6.85
N LEU A 55 -6.59 -4.80 6.10
CA LEU A 55 -6.45 -5.26 4.72
C LEU A 55 -5.77 -6.61 4.75
N ARG A 56 -6.50 -7.65 4.38
CA ARG A 56 -6.03 -9.01 4.54
C ARG A 56 -5.88 -9.68 3.18
N LEU A 57 -4.83 -10.48 3.05
CA LEU A 57 -4.60 -11.27 1.86
C LEU A 57 -5.05 -12.71 2.19
N THR A 58 -5.80 -13.32 1.31
CA THR A 58 -6.31 -14.67 1.48
C THR A 58 -5.16 -15.69 1.42
N SER A 59 -5.49 -16.96 1.52
CA SER A 59 -4.50 -18.02 1.41
C SER A 59 -3.68 -17.87 0.14
N GLN A 60 -4.39 -17.64 -0.97
CA GLN A 60 -3.72 -17.40 -2.25
C GLN A 60 -4.74 -17.03 -3.36
N ASN A 61 -5.92 -16.56 -2.96
CA ASN A 61 -6.96 -16.18 -3.92
C ASN A 61 -6.85 -14.71 -4.33
N LYS A 62 -7.05 -13.84 -3.36
CA LYS A 62 -7.10 -12.39 -3.60
C LYS A 62 -6.89 -11.65 -2.28
N LEU A 63 -7.24 -10.38 -2.23
CA LEU A 63 -7.16 -9.60 -1.00
C LEU A 63 -8.51 -8.95 -0.72
N ILE A 64 -8.73 -8.57 0.53
CA ILE A 64 -10.01 -8.02 0.96
C ILE A 64 -9.79 -7.02 2.10
N LEU A 65 -10.85 -6.28 2.46
CA LEU A 65 -10.78 -5.31 3.55
C LEU A 65 -11.83 -5.65 4.59
N THR A 66 -11.39 -6.04 5.79
CA THR A 66 -12.27 -6.42 6.87
C THR A 66 -11.80 -5.80 8.17
N LYS A 67 -12.59 -5.96 9.25
CA LYS A 67 -12.20 -5.49 10.57
C LYS A 67 -13.15 -6.01 11.63
N MET B 1 -5.15 21.42 -53.06
CA MET B 1 -3.95 21.85 -53.81
C MET B 1 -3.81 23.38 -53.73
N MET B 2 -4.64 24.07 -54.51
CA MET B 2 -4.55 25.53 -54.63
C MET B 2 -5.49 26.19 -53.63
N THR B 3 -5.11 27.39 -53.17
CA THR B 3 -5.88 28.13 -52.16
C THR B 3 -5.80 27.43 -50.79
N ALA B 4 -4.75 26.63 -50.63
CA ALA B 4 -4.57 25.81 -49.44
C ALA B 4 -3.75 26.53 -48.38
N SER B 5 -3.62 27.85 -48.52
CA SER B 5 -2.82 28.68 -47.65
C SER B 5 -3.42 28.77 -46.23
N ASP B 6 -4.60 28.16 -46.07
CA ASP B 6 -5.35 28.22 -44.81
C ASP B 6 -4.77 27.27 -43.75
N ARG B 7 -4.08 26.23 -44.24
CA ARG B 7 -3.58 25.17 -43.36
C ARG B 7 -2.57 25.72 -42.33
N LEU B 8 -2.67 25.19 -41.11
CA LEU B 8 -1.74 25.54 -40.04
C LEU B 8 -1.45 24.30 -39.20
N GLY B 9 -0.27 24.22 -38.61
CA GLY B 9 0.12 23.06 -37.82
C GLY B 9 0.01 23.33 -36.32
N ALA B 10 -0.71 24.38 -35.97
CA ALA B 10 -0.90 24.75 -34.57
C ALA B 10 -1.88 23.81 -33.87
N ASP B 11 -1.33 22.81 -33.18
CA ASP B 11 -2.12 21.84 -32.42
C ASP B 11 -1.38 21.48 -31.15
N PRO B 12 -2.01 21.60 -29.99
CA PRO B 12 -1.38 21.32 -28.70
C PRO B 12 -0.79 19.90 -28.63
N THR B 13 -1.66 18.90 -28.80
CA THR B 13 -1.28 17.49 -28.79
C THR B 13 -0.88 16.99 -27.38
N GLN B 14 -0.06 17.77 -26.67
CA GLN B 14 0.43 17.39 -25.35
C GLN B 14 -0.72 17.31 -24.33
N ALA B 15 -1.32 16.14 -24.23
CA ALA B 15 -2.39 15.91 -23.25
C ALA B 15 -1.78 15.30 -21.99
N ALA B 16 -1.58 16.13 -20.97
CA ALA B 16 -0.94 15.69 -19.73
C ALA B 16 -1.97 15.07 -18.76
N SER B 17 -2.20 13.79 -18.92
CA SER B 17 -3.05 13.03 -18.00
C SER B 17 -2.23 12.71 -16.75
N SER B 18 -2.35 13.56 -15.73
CA SER B 18 -1.49 13.49 -14.57
C SER B 18 -2.25 13.06 -13.31
N PRO B 19 -1.86 11.93 -12.69
CA PRO B 19 -2.32 11.58 -11.36
C PRO B 19 -1.56 12.39 -10.30
N GLY B 20 -1.74 12.07 -9.04
CA GLY B 20 -1.11 12.82 -7.96
C GLY B 20 0.40 12.88 -8.07
N GLY B 21 1.03 11.71 -8.17
CA GLY B 21 2.47 11.62 -8.26
C GLY B 21 2.98 10.38 -7.58
N ALA B 22 4.29 10.28 -7.34
CA ALA B 22 4.85 9.09 -6.70
C ALA B 22 5.21 9.41 -5.26
N ARG B 23 4.67 8.64 -4.32
CA ARG B 23 4.84 8.88 -2.87
C ARG B 23 5.21 7.59 -2.16
N ALA B 24 6.04 7.73 -1.14
CA ALA B 24 6.51 6.58 -0.34
C ALA B 24 5.83 6.56 1.01
N VAL B 25 4.91 5.62 1.18
CA VAL B 25 4.19 5.47 2.45
C VAL B 25 4.77 4.30 3.24
N SER B 26 4.79 4.42 4.55
CA SER B 26 5.42 3.41 5.39
C SER B 26 4.40 2.56 6.15
N ILE B 27 4.86 1.39 6.54
CA ILE B 27 4.07 0.44 7.32
C ILE B 27 4.81 0.20 8.61
N VAL B 28 4.15 0.47 9.73
CA VAL B 28 4.79 0.35 11.04
C VAL B 28 4.42 -0.96 11.72
N GLY B 29 5.31 -1.93 11.65
CA GLY B 29 5.05 -3.26 12.16
C GLY B 29 4.10 -4.03 11.27
N ASN B 30 2.86 -3.59 11.25
CA ASN B 30 1.79 -4.21 10.46
C ASN B 30 0.62 -3.26 10.37
N GLN B 31 0.93 -1.98 10.18
CA GLN B 31 -0.07 -0.92 10.31
C GLN B 31 0.25 0.22 9.35
N ILE B 32 -0.79 0.95 8.93
CA ILE B 32 -0.68 2.07 8.01
C ILE B 32 -1.96 2.89 8.11
N ASP B 33 -1.88 4.21 7.85
CA ASP B 33 -3.07 5.05 7.87
C ASP B 33 -3.53 5.33 6.44
N SER B 34 -4.86 5.31 6.27
CA SER B 34 -5.48 5.50 4.96
C SER B 34 -5.08 6.83 4.35
N ARG B 35 -4.78 7.82 5.20
CA ARG B 35 -4.43 9.15 4.72
C ARG B 35 -3.15 9.10 3.90
N GLU B 36 -2.19 8.32 4.33
CA GLU B 36 -0.90 8.18 3.64
C GLU B 36 -1.12 7.84 2.17
N LEU B 37 -2.04 6.92 1.93
CA LEU B 37 -2.37 6.46 0.59
C LEU B 37 -3.15 7.54 -0.18
N PHE B 38 -4.24 8.01 0.41
CA PHE B 38 -5.16 8.92 -0.26
C PHE B 38 -4.83 10.40 0.02
N THR B 39 -3.62 10.65 0.49
CA THR B 39 -3.18 12.03 0.78
C THR B 39 -3.27 12.93 -0.44
N VAL B 40 -3.22 12.31 -1.61
CA VAL B 40 -3.39 13.06 -2.87
C VAL B 40 -4.57 12.50 -3.64
N ASP B 41 -4.49 11.23 -4.02
CA ASP B 41 -5.49 10.61 -4.87
C ASP B 41 -6.50 9.86 -4.02
N ARG B 42 -7.77 10.28 -4.13
CA ARG B 42 -8.88 9.67 -3.41
C ARG B 42 -9.14 8.22 -3.87
N GLU B 43 -8.35 7.71 -4.80
CA GLU B 43 -8.45 6.32 -5.26
C GLU B 43 -7.05 5.80 -5.61
N ILE B 44 -6.78 4.57 -5.20
CA ILE B 44 -5.47 3.94 -5.40
C ILE B 44 -5.68 2.60 -6.12
N VAL B 45 -4.76 2.26 -7.03
CA VAL B 45 -4.85 1.02 -7.79
C VAL B 45 -3.94 -0.03 -7.15
N ILE B 46 -4.55 -1.16 -6.78
CA ILE B 46 -3.85 -2.24 -6.08
C ILE B 46 -3.76 -3.43 -7.01
N ALA B 47 -2.58 -3.66 -7.59
CA ALA B 47 -2.36 -4.79 -8.48
C ALA B 47 -2.06 -6.06 -7.67
N HIS B 48 -2.69 -7.17 -8.04
CA HIS B 48 -2.42 -8.45 -7.38
C HIS B 48 -2.64 -9.60 -8.37
N GLY B 49 -1.54 -10.14 -8.89
CA GLY B 49 -1.64 -11.24 -9.82
C GLY B 49 -1.76 -10.74 -11.24
N ASP B 50 -1.13 -9.59 -11.48
CA ASP B 50 -1.19 -8.90 -12.78
C ASP B 50 -2.61 -8.40 -13.06
N ASP B 51 -3.49 -8.55 -12.07
CA ASP B 51 -4.85 -8.02 -12.15
C ASP B 51 -4.88 -6.68 -11.43
N ARG B 52 -5.98 -5.93 -11.55
CA ARG B 52 -6.04 -4.59 -11.00
C ARG B 52 -7.23 -4.41 -10.08
N TYR B 53 -6.95 -4.01 -8.85
CA TYR B 53 -7.96 -3.62 -7.88
C TYR B 53 -7.92 -2.12 -7.69
N ARG B 54 -8.93 -1.56 -7.05
CA ARG B 54 -8.98 -0.15 -6.76
C ARG B 54 -9.40 0.07 -5.30
N LEU B 55 -8.47 0.53 -4.48
CA LEU B 55 -8.80 0.91 -3.11
C LEU B 55 -9.30 2.35 -3.14
N ARG B 56 -10.56 2.54 -2.83
CA ARG B 56 -11.18 3.85 -3.01
C ARG B 56 -11.65 4.41 -1.67
N LEU B 57 -11.50 5.70 -1.50
CA LEU B 57 -11.99 6.39 -0.31
C LEU B 57 -13.28 7.07 -0.72
N THR B 58 -14.31 6.94 0.11
CA THR B 58 -15.61 7.53 -0.13
C THR B 58 -15.54 9.05 -0.03
N SER B 59 -16.68 9.72 -0.20
CA SER B 59 -16.75 11.17 -0.07
C SER B 59 -16.16 11.60 1.27
N GLN B 60 -16.55 10.92 2.34
CA GLN B 60 -16.00 11.20 3.68
C GLN B 60 -16.52 10.19 4.72
N ASN B 61 -16.98 9.03 4.27
CA ASN B 61 -17.49 8.00 5.18
C ASN B 61 -16.40 7.06 5.63
N LYS B 62 -15.87 6.29 4.68
CA LYS B 62 -14.89 5.25 4.95
C LYS B 62 -14.11 4.92 3.66
N LEU B 63 -13.44 3.77 3.63
CA LEU B 63 -12.74 3.33 2.43
C LEU B 63 -13.21 1.91 2.08
N ILE B 64 -13.02 1.52 0.83
CA ILE B 64 -13.46 0.21 0.34
C ILE B 64 -12.54 -0.30 -0.75
N LEU B 65 -12.72 -1.54 -1.16
CA LEU B 65 -11.92 -2.14 -2.19
C LEU B 65 -12.82 -2.64 -3.32
N THR B 66 -12.73 -2.03 -4.48
CA THR B 66 -13.56 -2.38 -5.64
C THR B 66 -12.70 -2.43 -6.90
N LYS B 67 -13.30 -2.84 -8.01
CA LYS B 67 -12.62 -2.77 -9.31
C LYS B 67 -13.45 -1.89 -10.27
N MET A 1 11.81 -12.84 45.54
CA MET A 1 12.03 -14.22 45.97
C MET A 1 13.07 -14.91 45.09
N MET A 2 13.36 -16.17 45.41
CA MET A 2 14.32 -16.95 44.61
C MET A 2 13.60 -18.11 43.94
N THR A 3 13.66 -18.12 42.62
CA THR A 3 12.99 -19.13 41.79
C THR A 3 13.86 -19.44 40.58
N ALA A 4 13.38 -20.28 39.69
CA ALA A 4 14.05 -20.54 38.41
C ALA A 4 14.33 -19.22 37.70
N SER A 5 15.55 -18.72 37.88
CA SER A 5 15.95 -17.44 37.32
C SER A 5 16.68 -17.65 35.99
N ASP A 6 17.28 -16.58 35.46
CA ASP A 6 17.99 -16.65 34.18
C ASP A 6 19.29 -17.45 34.33
N ARG A 7 19.19 -18.76 34.29
CA ARG A 7 20.32 -19.67 34.26
C ARG A 7 20.17 -20.64 33.10
N LEU A 8 20.68 -20.27 31.95
CA LEU A 8 20.54 -21.04 30.72
C LEU A 8 21.63 -20.67 29.74
N GLY A 9 21.81 -21.47 28.68
CA GLY A 9 22.82 -21.20 27.69
C GLY A 9 22.54 -19.92 26.92
N ALA A 10 22.82 -18.77 27.54
CA ALA A 10 22.60 -17.45 26.93
C ALA A 10 21.14 -17.20 26.65
N ASP A 11 20.65 -17.71 25.51
CA ASP A 11 19.26 -17.50 25.11
C ASP A 11 18.74 -18.75 24.42
N PRO A 12 17.46 -19.14 24.66
CA PRO A 12 16.80 -20.17 23.87
C PRO A 12 16.38 -19.62 22.52
N THR A 13 16.22 -18.30 22.50
CA THR A 13 15.86 -17.53 21.32
C THR A 13 15.84 -16.06 21.72
N GLN A 14 15.54 -15.17 20.77
CA GLN A 14 15.44 -13.75 21.06
C GLN A 14 14.11 -13.49 21.78
N ALA A 15 14.18 -13.33 23.09
CA ALA A 15 12.98 -13.13 23.92
C ALA A 15 12.12 -11.99 23.37
N ALA A 16 12.77 -10.92 22.91
CA ALA A 16 12.07 -9.79 22.31
C ALA A 16 11.54 -10.14 20.94
N SER A 17 10.36 -10.78 20.94
CA SER A 17 9.71 -11.20 19.69
C SER A 17 9.01 -10.00 19.04
N SER A 18 8.93 -8.89 19.79
CA SER A 18 8.31 -7.66 19.31
C SER A 18 9.32 -6.87 18.47
N PRO A 19 9.10 -6.83 17.15
CA PRO A 19 9.98 -6.10 16.22
C PRO A 19 9.47 -4.72 15.88
N GLY A 20 10.33 -3.87 15.35
CA GLY A 20 9.89 -2.60 14.81
C GLY A 20 9.06 -2.84 13.55
N GLY A 21 9.60 -3.69 12.67
CA GLY A 21 8.89 -4.14 11.50
C GLY A 21 8.30 -3.02 10.68
N ALA A 22 9.08 -1.96 10.49
CA ALA A 22 8.60 -0.80 9.73
C ALA A 22 9.22 -0.80 8.34
N ARG A 23 8.39 -0.69 7.30
CA ARG A 23 8.87 -0.74 5.93
C ARG A 23 8.31 0.39 5.10
N ALA A 24 9.09 0.84 4.13
CA ALA A 24 8.67 1.92 3.24
C ALA A 24 8.19 1.37 1.91
N VAL A 25 6.91 1.52 1.63
CA VAL A 25 6.33 1.05 0.38
C VAL A 25 5.99 2.22 -0.51
N SER A 26 6.37 2.13 -1.78
CA SER A 26 6.22 3.22 -2.71
C SER A 26 4.90 3.13 -3.49
N ILE A 27 4.42 4.30 -3.89
CA ILE A 27 3.21 4.44 -4.69
C ILE A 27 3.58 5.12 -6.01
N VAL A 28 3.22 4.51 -7.15
CA VAL A 28 3.55 5.09 -8.44
C VAL A 28 2.26 5.61 -9.13
N GLY A 29 2.10 6.93 -9.12
CA GLY A 29 0.92 7.54 -9.70
C GLY A 29 -0.22 7.47 -8.72
N ASN A 30 -0.69 6.23 -8.47
CA ASN A 30 -1.63 5.94 -7.39
C ASN A 30 -1.75 4.42 -7.23
N GLN A 31 -0.76 3.68 -7.75
CA GLN A 31 -0.84 2.21 -7.79
C GLN A 31 0.33 1.57 -7.05
N ILE A 32 0.01 0.69 -6.11
CA ILE A 32 0.97 -0.17 -5.45
C ILE A 32 0.67 -1.65 -5.71
N ASP A 33 1.67 -2.51 -5.61
CA ASP A 33 1.46 -3.95 -5.77
C ASP A 33 1.17 -4.57 -4.41
N SER A 34 0.28 -5.56 -4.40
CA SER A 34 -0.16 -6.21 -3.17
C SER A 34 1.02 -6.91 -2.45
N ARG A 35 2.03 -7.29 -3.24
CA ARG A 35 3.18 -8.02 -2.72
C ARG A 35 4.02 -7.11 -1.83
N GLU A 36 4.10 -5.82 -2.18
CA GLU A 36 4.89 -4.86 -1.41
C GLU A 36 4.37 -4.76 0.03
N LEU A 37 3.05 -4.74 0.17
CA LEU A 37 2.40 -4.68 1.48
C LEU A 37 2.53 -6.01 2.22
N PHE A 38 2.23 -7.10 1.52
CA PHE A 38 2.19 -8.42 2.13
C PHE A 38 3.49 -9.19 1.87
N THR A 39 4.59 -8.45 1.73
CA THR A 39 5.90 -9.05 1.50
C THR A 39 6.41 -9.82 2.74
N VAL A 40 6.03 -9.34 3.92
CA VAL A 40 6.41 -9.99 5.17
C VAL A 40 5.18 -10.60 5.84
N ASP A 41 4.26 -9.74 6.27
CA ASP A 41 3.03 -10.17 6.91
C ASP A 41 2.05 -10.68 5.85
N ARG A 42 0.82 -10.98 6.27
CA ARG A 42 -0.23 -11.42 5.34
C ARG A 42 -1.49 -10.58 5.57
N GLU A 43 -1.37 -9.63 6.49
CA GLU A 43 -2.46 -8.74 6.84
C GLU A 43 -1.92 -7.34 7.14
N ILE A 44 -2.62 -6.34 6.64
CA ILE A 44 -2.25 -4.94 6.85
C ILE A 44 -3.41 -4.22 7.53
N VAL A 45 -3.11 -3.36 8.48
CA VAL A 45 -4.12 -2.59 9.18
C VAL A 45 -4.15 -1.17 8.63
N ILE A 46 -5.34 -0.61 8.54
CA ILE A 46 -5.53 0.72 7.94
C ILE A 46 -6.40 1.54 8.89
N ALA A 47 -5.80 2.58 9.48
CA ALA A 47 -6.51 3.44 10.42
C ALA A 47 -7.24 4.56 9.68
N HIS A 48 -8.48 4.81 10.07
CA HIS A 48 -9.25 5.92 9.54
C HIS A 48 -10.18 6.47 10.61
N GLY A 49 -9.66 7.38 11.43
CA GLY A 49 -10.45 7.93 12.53
C GLY A 49 -10.46 6.97 13.70
N ASP A 50 -11.66 6.56 14.12
CA ASP A 50 -11.80 5.65 15.25
C ASP A 50 -11.80 4.19 14.79
N ASP A 51 -12.20 3.96 13.54
CA ASP A 51 -12.37 2.61 13.02
C ASP A 51 -11.01 2.01 12.58
N ARG A 52 -10.90 0.71 12.69
CA ARG A 52 -9.68 -0.01 12.31
C ARG A 52 -9.98 -0.98 11.17
N TYR A 53 -9.36 -0.74 10.02
CA TYR A 53 -9.60 -1.55 8.83
C TYR A 53 -8.47 -2.56 8.66
N ARG A 54 -8.75 -3.67 7.98
CA ARG A 54 -7.75 -4.71 7.75
C ARG A 54 -7.74 -5.11 6.28
N LEU A 55 -6.67 -4.75 5.58
CA LEU A 55 -6.47 -5.21 4.21
C LEU A 55 -5.68 -6.53 4.27
N ARG A 56 -6.31 -7.62 3.90
CA ARG A 56 -5.72 -8.94 4.10
C ARG A 56 -5.63 -9.71 2.79
N LEU A 57 -4.56 -10.50 2.66
CA LEU A 57 -4.35 -11.29 1.44
C LEU A 57 -4.66 -12.75 1.74
N THR A 58 -5.40 -13.39 0.85
CA THR A 58 -5.74 -14.79 0.97
C THR A 58 -4.60 -15.66 0.44
N SER A 59 -4.74 -16.97 0.45
CA SER A 59 -3.73 -17.87 -0.06
C SER A 59 -3.59 -17.72 -1.59
N GLN A 60 -2.89 -16.66 -2.00
CA GLN A 60 -2.60 -16.39 -3.43
C GLN A 60 -3.83 -15.93 -4.22
N ASN A 61 -5.01 -16.37 -3.81
CA ASN A 61 -6.25 -16.12 -4.57
C ASN A 61 -6.44 -14.63 -4.86
N LYS A 62 -6.73 -13.87 -3.81
CA LYS A 62 -6.97 -12.43 -3.92
C LYS A 62 -6.76 -11.75 -2.56
N LEU A 63 -7.21 -10.52 -2.43
CA LEU A 63 -7.12 -9.78 -1.18
C LEU A 63 -8.45 -9.08 -0.91
N ILE A 64 -8.67 -8.68 0.34
CA ILE A 64 -9.96 -8.14 0.76
C ILE A 64 -9.79 -7.09 1.84
N LEU A 65 -10.88 -6.37 2.15
CA LEU A 65 -10.88 -5.37 3.20
C LEU A 65 -11.96 -5.70 4.20
N THR A 66 -11.56 -6.03 5.42
CA THR A 66 -12.50 -6.39 6.48
C THR A 66 -12.21 -5.57 7.73
N LYS A 67 -13.17 -5.51 8.64
CA LYS A 67 -13.00 -4.79 9.91
C LYS A 67 -13.88 -5.41 10.98
N MET B 1 -46.91 18.09 -34.04
CA MET B 1 -46.24 19.23 -33.37
C MET B 1 -45.65 18.84 -32.04
N MET B 2 -44.42 18.37 -32.04
CA MET B 2 -43.70 18.04 -30.81
C MET B 2 -42.21 17.94 -31.11
N THR B 3 -41.37 17.95 -30.08
CA THR B 3 -39.93 17.84 -30.26
C THR B 3 -39.40 16.59 -29.54
N ALA B 4 -38.32 16.05 -30.09
CA ALA B 4 -37.64 14.91 -29.52
C ALA B 4 -36.21 14.85 -30.05
N SER B 5 -35.77 15.97 -30.60
CA SER B 5 -34.46 16.07 -31.23
C SER B 5 -33.35 16.02 -30.19
N ASP B 6 -32.31 15.24 -30.47
CA ASP B 6 -31.13 15.20 -29.61
C ASP B 6 -30.16 16.30 -30.03
N ARG B 7 -29.72 17.11 -29.07
CA ARG B 7 -28.85 18.23 -29.35
C ARG B 7 -27.71 18.31 -28.33
N LEU B 8 -27.56 17.25 -27.55
CA LEU B 8 -26.52 17.21 -26.51
C LEU B 8 -25.16 16.91 -27.15
N GLY B 9 -24.42 17.96 -27.46
CA GLY B 9 -23.10 17.83 -28.04
C GLY B 9 -22.00 18.13 -27.04
N ALA B 10 -22.32 19.02 -26.10
CA ALA B 10 -21.36 19.42 -25.08
C ALA B 10 -21.36 18.45 -23.91
N ASP B 11 -20.28 17.71 -23.76
CA ASP B 11 -20.17 16.68 -22.70
C ASP B 11 -19.98 17.33 -21.33
N PRO B 12 -20.80 16.93 -20.35
CA PRO B 12 -20.60 17.35 -18.96
C PRO B 12 -19.28 16.83 -18.42
N THR B 13 -19.00 15.58 -18.71
CA THR B 13 -17.75 14.92 -18.32
C THR B 13 -17.68 14.71 -16.82
N GLN B 14 -17.11 13.57 -16.41
CA GLN B 14 -16.96 13.26 -14.99
C GLN B 14 -15.82 14.08 -14.39
N ALA B 15 -16.00 14.52 -13.16
CA ALA B 15 -15.00 15.32 -12.45
C ALA B 15 -14.00 14.44 -11.72
N ALA B 16 -13.84 13.21 -12.19
CA ALA B 16 -12.87 12.27 -11.61
C ALA B 16 -11.45 12.83 -11.75
N SER B 17 -10.93 13.37 -10.64
CA SER B 17 -9.62 14.00 -10.64
C SER B 17 -8.60 13.14 -9.90
N SER B 18 -7.64 12.62 -10.64
CA SER B 18 -6.52 11.89 -10.06
C SER B 18 -5.21 12.59 -10.39
N PRO B 19 -4.70 13.43 -9.45
CA PRO B 19 -3.47 14.21 -9.62
C PRO B 19 -2.31 13.36 -10.11
N GLY B 20 -2.02 12.30 -9.37
CA GLY B 20 -0.94 11.40 -9.72
C GLY B 20 0.43 11.93 -9.34
N GLY B 21 1.23 11.02 -8.81
CA GLY B 21 2.61 11.28 -8.45
C GLY B 21 3.19 10.09 -7.75
N ALA B 22 4.48 10.04 -7.49
CA ALA B 22 5.09 8.91 -6.83
C ALA B 22 5.49 9.29 -5.42
N ARG B 23 4.96 8.58 -4.45
CA ARG B 23 5.14 8.93 -3.04
C ARG B 23 5.52 7.72 -2.22
N ALA B 24 6.31 7.92 -1.18
CA ALA B 24 6.73 6.85 -0.31
C ALA B 24 5.89 6.85 0.95
N VAL B 25 5.11 5.81 1.14
CA VAL B 25 4.26 5.66 2.33
C VAL B 25 4.81 4.56 3.23
N SER B 26 4.90 4.87 4.51
CA SER B 26 5.53 3.96 5.47
C SER B 26 4.51 3.04 6.14
N ILE B 27 4.99 1.89 6.56
CA ILE B 27 4.21 0.88 7.26
C ILE B 27 4.84 0.62 8.62
N VAL B 28 4.08 0.74 9.70
CA VAL B 28 4.62 0.52 11.04
C VAL B 28 4.08 -0.78 11.62
N GLY B 29 4.91 -1.80 11.65
CA GLY B 29 4.49 -3.10 12.14
C GLY B 29 3.73 -3.85 11.06
N ASN B 30 2.56 -3.33 10.76
CA ASN B 30 1.76 -3.75 9.60
C ASN B 30 0.59 -2.79 9.40
N GLN B 31 0.69 -1.60 9.96
CA GLN B 31 -0.42 -0.64 9.94
C GLN B 31 -0.03 0.66 9.27
N ILE B 32 -0.81 1.08 8.28
CA ILE B 32 -0.73 2.41 7.69
C ILE B 32 -2.02 3.19 7.89
N ASP B 33 -1.95 4.51 7.85
CA ASP B 33 -3.15 5.34 7.93
C ASP B 33 -3.70 5.63 6.54
N SER B 34 -5.03 5.64 6.43
CA SER B 34 -5.70 5.85 5.13
C SER B 34 -5.35 7.18 4.51
N ARG B 35 -4.99 8.16 5.36
CA ARG B 35 -4.69 9.51 4.89
C ARG B 35 -3.38 9.53 4.10
N GLU B 36 -2.43 8.69 4.50
CA GLU B 36 -1.14 8.63 3.83
C GLU B 36 -1.30 8.22 2.36
N LEU B 37 -2.18 7.26 2.11
CA LEU B 37 -2.48 6.80 0.76
C LEU B 37 -3.29 7.84 -0.02
N PHE B 38 -4.34 8.34 0.62
CA PHE B 38 -5.28 9.25 -0.01
C PHE B 38 -4.97 10.71 0.31
N THR B 39 -3.68 11.00 0.56
CA THR B 39 -3.23 12.34 0.87
C THR B 39 -3.35 13.27 -0.34
N VAL B 40 -3.18 12.73 -1.54
CA VAL B 40 -3.29 13.50 -2.78
C VAL B 40 -4.54 13.04 -3.54
N ASP B 41 -4.49 11.81 -4.02
CA ASP B 41 -5.62 11.24 -4.76
C ASP B 41 -6.73 10.83 -3.81
N ARG B 42 -7.77 10.16 -4.33
CA ARG B 42 -8.87 9.68 -3.50
C ARG B 42 -9.11 8.19 -3.81
N GLU B 43 -8.27 7.66 -4.68
CA GLU B 43 -8.34 6.27 -5.09
C GLU B 43 -6.94 5.71 -5.30
N ILE B 44 -6.71 4.50 -4.82
CA ILE B 44 -5.44 3.79 -4.96
C ILE B 44 -5.67 2.50 -5.71
N VAL B 45 -4.76 2.15 -6.61
CA VAL B 45 -4.86 0.92 -7.37
C VAL B 45 -3.89 -0.10 -6.78
N ILE B 46 -4.30 -1.36 -6.76
CA ILE B 46 -3.53 -2.43 -6.16
C ILE B 46 -3.43 -3.59 -7.14
N ALA B 47 -2.23 -3.84 -7.64
CA ALA B 47 -2.03 -4.92 -8.60
C ALA B 47 -1.78 -6.24 -7.90
N HIS B 48 -2.41 -7.31 -8.38
CA HIS B 48 -2.18 -8.66 -7.88
C HIS B 48 -2.34 -9.65 -9.00
N GLY B 49 -1.26 -9.88 -9.74
CA GLY B 49 -1.32 -10.79 -10.87
C GLY B 49 -1.92 -10.11 -12.07
N ASP B 50 -3.01 -10.66 -12.59
CA ASP B 50 -3.67 -10.10 -13.77
C ASP B 50 -4.78 -9.13 -13.36
N ASP B 51 -5.31 -9.30 -12.15
CA ASP B 51 -6.44 -8.50 -11.69
C ASP B 51 -5.97 -7.13 -11.18
N ARG B 52 -6.83 -6.14 -11.30
CA ARG B 52 -6.55 -4.77 -10.85
C ARG B 52 -7.54 -4.36 -9.77
N TYR B 53 -7.04 -4.12 -8.57
CA TYR B 53 -7.88 -3.78 -7.42
C TYR B 53 -7.85 -2.28 -7.21
N ARG B 54 -8.89 -1.74 -6.59
CA ARG B 54 -8.97 -0.31 -6.29
C ARG B 54 -9.38 -0.07 -4.84
N LEU B 55 -8.44 0.43 -4.04
CA LEU B 55 -8.73 0.85 -2.68
C LEU B 55 -9.13 2.33 -2.72
N ARG B 56 -10.40 2.60 -2.44
CA ARG B 56 -10.94 3.95 -2.63
C ARG B 56 -11.52 4.48 -1.34
N LEU B 57 -11.38 5.78 -1.13
CA LEU B 57 -11.89 6.45 0.06
C LEU B 57 -13.15 7.25 -0.31
N THR B 58 -14.19 7.13 0.51
CA THR B 58 -15.44 7.86 0.31
C THR B 58 -15.31 9.26 0.90
N SER B 59 -16.37 10.06 0.84
CA SER B 59 -16.36 11.40 1.41
C SER B 59 -16.27 11.32 2.94
N GLN B 60 -15.05 11.09 3.44
CA GLN B 60 -14.75 11.07 4.88
C GLN B 60 -15.33 9.83 5.59
N ASN B 61 -16.44 9.28 5.09
CA ASN B 61 -17.16 8.18 5.75
C ASN B 61 -16.23 7.00 6.06
N LYS B 62 -15.79 6.32 5.02
CA LYS B 62 -14.92 5.16 5.16
C LYS B 62 -14.18 4.89 3.84
N LEU B 63 -13.59 3.71 3.73
CA LEU B 63 -12.90 3.31 2.50
C LEU B 63 -13.29 1.89 2.16
N ILE B 64 -13.07 1.49 0.90
CA ILE B 64 -13.53 0.20 0.39
C ILE B 64 -12.56 -0.36 -0.64
N LEU B 65 -12.75 -1.62 -1.01
CA LEU B 65 -11.94 -2.27 -2.03
C LEU B 65 -12.84 -2.82 -3.13
N THR B 66 -12.74 -2.24 -4.31
CA THR B 66 -13.54 -2.63 -5.46
C THR B 66 -12.63 -2.98 -6.63
N LYS B 67 -13.17 -3.76 -7.56
CA LYS B 67 -12.45 -4.16 -8.77
C LYS B 67 -13.39 -4.83 -9.75
N MET A 1 -12.22 -53.20 37.91
CA MET A 1 -12.03 -53.99 36.68
C MET A 1 -11.79 -53.07 35.49
N MET A 2 -11.63 -51.78 35.78
CA MET A 2 -11.43 -50.77 34.75
C MET A 2 -10.50 -49.69 35.27
N THR A 3 -9.91 -48.90 34.35
CA THR A 3 -9.00 -47.83 34.73
C THR A 3 -9.24 -46.60 33.87
N ALA A 4 -8.94 -45.44 34.40
CA ALA A 4 -9.07 -44.19 33.66
C ALA A 4 -7.85 -44.02 32.73
N SER A 5 -7.85 -44.77 31.64
CA SER A 5 -6.76 -44.72 30.69
C SER A 5 -6.70 -43.33 30.03
N ASP A 6 -5.84 -42.48 30.56
CA ASP A 6 -5.70 -41.11 30.08
C ASP A 6 -4.23 -40.76 29.87
N ARG A 7 -3.83 -40.68 28.60
CA ARG A 7 -2.51 -40.19 28.22
C ARG A 7 -2.68 -38.97 27.35
N LEU A 8 -3.84 -38.34 27.49
CA LEU A 8 -4.25 -37.26 26.61
C LEU A 8 -3.62 -35.93 27.04
N GLY A 9 -3.74 -34.97 26.13
CA GLY A 9 -3.23 -33.64 26.36
C GLY A 9 -3.37 -32.78 25.12
N ALA A 10 -3.54 -31.49 25.30
CA ALA A 10 -3.69 -30.56 24.19
C ALA A 10 -2.50 -30.62 23.25
N ASP A 11 -2.77 -30.74 21.95
CA ASP A 11 -1.72 -30.77 20.94
C ASP A 11 -1.29 -29.35 20.64
N PRO A 12 -0.01 -29.00 20.94
CA PRO A 12 0.51 -27.66 20.72
C PRO A 12 0.28 -27.17 19.27
N THR A 13 -0.62 -26.21 19.12
CA THR A 13 -0.87 -25.59 17.82
C THR A 13 0.21 -24.53 17.57
N GLN A 14 1.16 -24.83 16.74
CA GLN A 14 2.32 -23.96 16.52
C GLN A 14 1.98 -22.83 15.54
N ALA A 15 1.77 -21.65 16.10
CA ALA A 15 1.50 -20.45 15.30
C ALA A 15 2.37 -19.29 15.82
N ALA A 16 3.20 -18.75 14.95
CA ALA A 16 4.13 -17.68 15.33
C ALA A 16 3.39 -16.33 15.41
N SER A 17 3.58 -15.65 16.52
CA SER A 17 3.07 -14.30 16.70
C SER A 17 3.91 -13.34 15.87
N SER A 18 3.59 -13.26 14.59
CA SER A 18 4.38 -12.48 13.63
C SER A 18 4.33 -10.99 13.93
N PRO A 19 5.44 -10.37 14.36
CA PRO A 19 5.54 -8.94 14.61
C PRO A 19 5.68 -8.13 13.33
N GLY A 20 6.10 -8.82 12.25
CA GLY A 20 6.33 -8.18 10.99
C GLY A 20 7.59 -7.34 11.00
N GLY A 21 7.44 -6.04 10.73
CA GLY A 21 8.56 -5.12 10.69
C GLY A 21 8.15 -3.82 10.04
N ALA A 22 9.09 -2.88 9.85
CA ALA A 22 8.76 -1.60 9.26
C ALA A 22 9.45 -1.46 7.92
N ARG A 23 8.72 -0.97 6.91
CA ARG A 23 9.29 -0.72 5.60
C ARG A 23 8.56 0.44 4.92
N ALA A 24 9.13 0.94 3.82
CA ALA A 24 8.51 2.02 3.06
C ALA A 24 8.12 1.52 1.67
N VAL A 25 6.82 1.42 1.42
CA VAL A 25 6.28 1.04 0.12
C VAL A 25 5.91 2.27 -0.66
N SER A 26 6.10 2.26 -1.98
CA SER A 26 5.89 3.44 -2.78
C SER A 26 4.57 3.39 -3.57
N ILE A 27 4.10 4.58 -3.92
CA ILE A 27 2.88 4.75 -4.71
C ILE A 27 3.26 5.45 -6.01
N VAL A 28 2.94 4.83 -7.14
CA VAL A 28 3.27 5.39 -8.44
C VAL A 28 2.05 6.05 -9.07
N GLY A 29 1.97 7.37 -8.99
CA GLY A 29 0.84 8.11 -9.53
C GLY A 29 -0.31 8.06 -8.56
N ASN A 30 -0.93 6.89 -8.49
CA ASN A 30 -1.93 6.58 -7.46
C ASN A 30 -2.08 5.07 -7.38
N GLN A 31 -1.07 4.34 -7.86
CA GLN A 31 -1.10 2.89 -7.90
C GLN A 31 -0.09 2.31 -6.90
N ILE A 32 -0.31 1.06 -6.52
CA ILE A 32 0.55 0.36 -5.58
C ILE A 32 0.41 -1.15 -5.80
N ASP A 33 1.47 -1.89 -5.49
CA ASP A 33 1.45 -3.35 -5.66
C ASP A 33 1.13 -4.02 -4.32
N SER A 34 0.06 -4.82 -4.30
CA SER A 34 -0.42 -5.49 -3.10
C SER A 34 0.69 -6.26 -2.40
N ARG A 35 1.55 -6.92 -3.17
CA ARG A 35 2.61 -7.76 -2.61
C ARG A 35 3.55 -6.91 -1.73
N GLU A 36 3.80 -5.69 -2.13
CA GLU A 36 4.65 -4.80 -1.36
C GLU A 36 4.06 -4.55 0.03
N LEU A 37 2.74 -4.57 0.12
CA LEU A 37 2.07 -4.42 1.41
C LEU A 37 2.17 -5.72 2.21
N PHE A 38 1.73 -6.81 1.59
CA PHE A 38 1.63 -8.10 2.31
C PHE A 38 2.98 -8.79 2.44
N THR A 39 4.04 -8.17 1.93
CA THR A 39 5.37 -8.69 2.11
C THR A 39 5.88 -8.34 3.50
N VAL A 40 5.17 -7.41 4.17
CA VAL A 40 5.48 -7.09 5.55
C VAL A 40 4.94 -8.20 6.45
N ASP A 41 3.65 -8.54 6.33
CA ASP A 41 3.11 -9.78 6.90
C ASP A 41 1.82 -10.11 6.12
N ARG A 42 1.31 -11.33 6.27
CA ARG A 42 0.14 -11.77 5.51
C ARG A 42 -1.12 -10.98 5.86
N GLU A 43 -1.03 -10.09 6.85
CA GLU A 43 -2.16 -9.24 7.23
C GLU A 43 -1.74 -7.81 7.43
N ILE A 44 -2.51 -6.86 6.89
CA ILE A 44 -2.22 -5.44 7.02
C ILE A 44 -3.35 -4.73 7.76
N VAL A 45 -2.99 -3.86 8.69
CA VAL A 45 -3.95 -3.05 9.41
C VAL A 45 -3.95 -1.63 8.84
N ILE A 46 -5.12 -1.04 8.72
CA ILE A 46 -5.27 0.25 8.06
C ILE A 46 -6.10 1.18 8.93
N ALA A 47 -5.46 2.18 9.56
CA ALA A 47 -6.18 3.13 10.39
C ALA A 47 -6.79 4.24 9.55
N HIS A 48 -8.04 4.57 9.83
CA HIS A 48 -8.73 5.64 9.09
C HIS A 48 -9.67 6.39 10.03
N GLY A 49 -9.20 7.49 10.59
CA GLY A 49 -10.05 8.32 11.41
C GLY A 49 -10.10 7.79 12.82
N ASP A 50 -11.24 7.23 13.22
CA ASP A 50 -11.39 6.67 14.56
C ASP A 50 -11.39 5.15 14.52
N ASP A 51 -11.66 4.56 13.36
CA ASP A 51 -11.80 3.12 13.23
C ASP A 51 -10.54 2.49 12.68
N ARG A 52 -10.45 1.17 12.76
CA ARG A 52 -9.26 0.44 12.31
C ARG A 52 -9.68 -0.72 11.41
N TYR A 53 -9.13 -0.73 10.21
CA TYR A 53 -9.50 -1.71 9.19
C TYR A 53 -8.39 -2.76 9.08
N ARG A 54 -8.71 -3.86 8.41
CA ARG A 54 -7.76 -4.94 8.18
C ARG A 54 -7.81 -5.40 6.72
N LEU A 55 -6.73 -5.16 6.01
CA LEU A 55 -6.57 -5.66 4.66
C LEU A 55 -5.82 -6.98 4.74
N ARG A 56 -6.46 -8.06 4.30
CA ARG A 56 -5.88 -9.39 4.50
C ARG A 56 -5.80 -10.17 3.18
N LEU A 57 -4.75 -11.00 3.06
CA LEU A 57 -4.52 -11.81 1.88
C LEU A 57 -4.94 -13.24 2.17
N THR A 58 -5.59 -13.87 1.22
CA THR A 58 -6.03 -15.27 1.37
C THR A 58 -4.92 -16.21 0.91
N SER A 59 -5.20 -17.52 0.95
CA SER A 59 -4.21 -18.52 0.54
C SER A 59 -3.88 -18.42 -0.96
N GLN A 60 -3.05 -17.44 -1.31
CA GLN A 60 -2.54 -17.25 -2.69
C GLN A 60 -3.69 -16.98 -3.68
N ASN A 61 -4.86 -16.61 -3.16
CA ASN A 61 -6.05 -16.45 -4.00
C ASN A 61 -6.27 -14.98 -4.36
N LYS A 62 -6.60 -14.17 -3.36
CA LYS A 62 -6.82 -12.73 -3.55
C LYS A 62 -6.79 -11.99 -2.22
N LEU A 63 -7.21 -10.74 -2.19
CA LEU A 63 -7.17 -9.94 -0.97
C LEU A 63 -8.54 -9.32 -0.70
N ILE A 64 -8.79 -8.96 0.56
CA ILE A 64 -10.08 -8.45 0.99
C ILE A 64 -9.92 -7.38 2.06
N LEU A 65 -11.03 -6.70 2.36
CA LEU A 65 -11.08 -5.71 3.42
C LEU A 65 -11.98 -6.26 4.51
N THR A 66 -11.62 -6.03 5.76
CA THR A 66 -12.28 -6.67 6.90
C THR A 66 -11.90 -5.93 8.18
N LYS A 67 -12.44 -6.40 9.31
CA LYS A 67 -11.97 -5.96 10.61
C LYS A 67 -12.58 -6.88 11.69
N MET B 1 -4.86 38.54 -58.27
CA MET B 1 -4.94 38.36 -56.80
C MET B 1 -3.63 37.78 -56.28
N MET B 2 -3.31 38.11 -55.04
CA MET B 2 -2.10 37.61 -54.39
C MET B 2 -2.35 36.22 -53.80
N THR B 3 -1.28 35.55 -53.37
CA THR B 3 -1.36 34.19 -52.86
C THR B 3 -2.35 34.08 -51.68
N ALA B 4 -3.17 33.04 -51.71
CA ALA B 4 -4.15 32.80 -50.66
C ALA B 4 -3.99 31.37 -50.13
N SER B 5 -3.38 31.25 -48.96
CA SER B 5 -3.13 29.94 -48.36
C SER B 5 -3.35 30.00 -46.86
N ASP B 6 -3.73 28.87 -46.26
CA ASP B 6 -4.02 28.80 -44.84
C ASP B 6 -3.92 27.37 -44.33
N ARG B 7 -3.22 27.16 -43.22
CA ARG B 7 -3.08 25.86 -42.59
C ARG B 7 -2.94 26.01 -41.07
N LEU B 8 -3.91 25.47 -40.35
CA LEU B 8 -3.90 25.50 -38.89
C LEU B 8 -3.73 24.09 -38.35
N GLY B 9 -2.48 23.70 -38.07
CA GLY B 9 -2.21 22.39 -37.52
C GLY B 9 -2.65 22.30 -36.06
N ALA B 10 -3.96 22.05 -35.87
CA ALA B 10 -4.52 21.94 -34.52
C ALA B 10 -3.81 20.86 -33.72
N ASP B 11 -2.96 21.28 -32.80
CA ASP B 11 -2.21 20.35 -31.96
C ASP B 11 -3.17 19.57 -31.07
N PRO B 12 -3.26 18.23 -31.26
CA PRO B 12 -4.18 17.36 -30.49
C PRO B 12 -3.76 17.19 -29.05
N THR B 13 -2.50 17.54 -28.76
CA THR B 13 -1.93 17.39 -27.43
C THR B 13 -2.00 15.93 -26.96
N GLN B 14 -0.96 15.18 -27.25
CA GLN B 14 -0.86 13.79 -26.80
C GLN B 14 -0.58 13.75 -25.29
N ALA B 15 -1.67 13.85 -24.52
CA ALA B 15 -1.62 13.80 -23.08
C ALA B 15 -2.99 13.43 -22.51
N ALA B 16 -3.14 12.17 -22.15
CA ALA B 16 -4.41 11.65 -21.64
C ALA B 16 -4.19 10.61 -20.57
N SER B 17 -3.87 11.06 -19.36
CA SER B 17 -3.60 10.20 -18.23
C SER B 17 -3.41 11.05 -16.98
N SER B 18 -3.59 10.45 -15.82
CA SER B 18 -3.41 11.13 -14.52
C SER B 18 -2.11 10.72 -13.87
N PRO B 19 -1.04 11.52 -14.02
CA PRO B 19 0.28 11.23 -13.47
C PRO B 19 0.29 11.30 -11.94
N GLY B 20 -0.55 12.17 -11.38
CA GLY B 20 -0.66 12.34 -9.94
C GLY B 20 0.67 12.68 -9.29
N GLY B 21 1.20 11.74 -8.50
CA GLY B 21 2.50 11.93 -7.86
C GLY B 21 3.02 10.63 -7.30
N ALA B 22 4.32 10.53 -7.07
CA ALA B 22 4.91 9.31 -6.51
C ALA B 22 5.48 9.61 -5.13
N ARG B 23 5.13 8.79 -4.17
CA ARG B 23 5.62 8.99 -2.78
C ARG B 23 5.88 7.63 -2.13
N ALA B 24 6.55 7.66 -0.99
CA ALA B 24 6.83 6.43 -0.23
C ALA B 24 6.09 6.48 1.11
N VAL B 25 5.10 5.60 1.27
CA VAL B 25 4.37 5.45 2.52
C VAL B 25 4.94 4.29 3.32
N SER B 26 4.95 4.40 4.62
CA SER B 26 5.60 3.40 5.47
C SER B 26 4.58 2.48 6.13
N ILE B 27 5.05 1.30 6.50
CA ILE B 27 4.27 0.29 7.19
C ILE B 27 4.92 0.03 8.55
N VAL B 28 4.18 0.21 9.63
CA VAL B 28 4.73 0.02 10.97
C VAL B 28 4.29 -1.33 11.54
N GLY B 29 5.18 -2.32 11.49
CA GLY B 29 4.87 -3.65 11.95
C GLY B 29 4.08 -4.42 10.93
N ASN B 30 2.83 -4.03 10.76
CA ASN B 30 1.99 -4.48 9.66
C ASN B 30 0.81 -3.52 9.52
N GLN B 31 0.99 -2.31 10.05
CA GLN B 31 -0.07 -1.31 10.05
C GLN B 31 0.30 -0.17 9.11
N ILE B 32 -0.71 0.58 8.68
CA ILE B 32 -0.55 1.71 7.77
C ILE B 32 -1.73 2.68 7.94
N ASP B 33 -1.48 3.96 7.68
CA ASP B 33 -2.55 4.97 7.81
C ASP B 33 -3.16 5.25 6.44
N SER B 34 -4.47 5.06 6.33
CA SER B 34 -5.19 5.23 5.07
C SER B 34 -4.92 6.59 4.42
N ARG B 35 -4.82 7.63 5.23
CA ARG B 35 -4.63 8.98 4.72
C ARG B 35 -3.34 9.07 3.94
N GLU B 36 -2.31 8.37 4.39
CA GLU B 36 -1.02 8.37 3.71
C GLU B 36 -1.15 7.82 2.28
N LEU B 37 -2.08 6.89 2.10
CA LEU B 37 -2.36 6.36 0.77
C LEU B 37 -3.16 7.36 -0.04
N PHE B 38 -4.29 7.81 0.49
CA PHE B 38 -5.22 8.66 -0.26
C PHE B 38 -4.74 10.12 -0.34
N THR B 39 -3.61 10.40 0.28
CA THR B 39 -3.02 11.74 0.16
C THR B 39 -2.31 11.87 -1.17
N VAL B 40 -2.11 10.73 -1.86
CA VAL B 40 -1.57 10.77 -3.20
C VAL B 40 -2.67 11.22 -4.17
N ASP B 41 -3.83 10.55 -4.14
CA ASP B 41 -5.05 11.04 -4.79
C ASP B 41 -6.24 10.32 -4.13
N ARG B 42 -7.45 10.85 -4.33
CA ARG B 42 -8.64 10.31 -3.65
C ARG B 42 -8.95 8.85 -4.08
N GLU B 43 -8.18 8.31 -5.02
CA GLU B 43 -8.37 6.93 -5.46
C GLU B 43 -7.01 6.23 -5.61
N ILE B 44 -6.94 5.00 -5.08
CA ILE B 44 -5.72 4.21 -5.14
C ILE B 44 -5.97 2.94 -5.94
N VAL B 45 -5.02 2.61 -6.83
CA VAL B 45 -5.07 1.36 -7.59
C VAL B 45 -4.11 0.35 -6.95
N ILE B 46 -4.51 -0.91 -6.91
CA ILE B 46 -3.74 -1.94 -6.22
C ILE B 46 -3.61 -3.17 -7.12
N ALA B 47 -2.43 -3.39 -7.67
CA ALA B 47 -2.19 -4.54 -8.53
C ALA B 47 -1.91 -5.78 -7.70
N HIS B 48 -2.53 -6.90 -8.05
CA HIS B 48 -2.30 -8.16 -7.34
C HIS B 48 -2.35 -9.33 -8.31
N GLY B 49 -1.19 -9.76 -8.81
CA GLY B 49 -1.16 -10.92 -9.68
C GLY B 49 -1.46 -10.55 -11.10
N ASP B 50 -2.63 -10.94 -11.59
CA ASP B 50 -3.05 -10.64 -12.95
C ASP B 50 -4.12 -9.54 -12.96
N ASP B 51 -4.81 -9.36 -11.82
CA ASP B 51 -5.94 -8.45 -11.77
C ASP B 51 -5.54 -7.11 -11.12
N ARG B 52 -6.40 -6.12 -11.27
CA ARG B 52 -6.13 -4.79 -10.75
C ARG B 52 -7.30 -4.29 -9.90
N TYR B 53 -7.01 -3.93 -8.68
CA TYR B 53 -8.02 -3.53 -7.71
C TYR B 53 -8.00 -2.00 -7.56
N ARG B 54 -9.05 -1.47 -6.95
CA ARG B 54 -9.16 -0.04 -6.69
C ARG B 54 -9.63 0.20 -5.26
N LEU B 55 -8.75 0.80 -4.46
CA LEU B 55 -9.06 1.21 -3.09
C LEU B 55 -9.49 2.67 -3.15
N ARG B 56 -10.73 2.98 -2.80
CA ARG B 56 -11.26 4.33 -3.00
C ARG B 56 -11.84 4.90 -1.70
N LEU B 57 -11.71 6.21 -1.53
CA LEU B 57 -12.20 6.90 -0.36
C LEU B 57 -13.48 7.64 -0.73
N THR B 58 -14.47 7.59 0.16
CA THR B 58 -15.75 8.26 -0.06
C THR B 58 -15.68 9.70 0.44
N SER B 59 -16.76 10.42 0.35
CA SER B 59 -16.83 11.82 0.78
C SER B 59 -16.62 11.94 2.30
N GLN B 60 -15.36 11.86 2.76
CA GLN B 60 -14.99 12.02 4.15
C GLN B 60 -15.66 10.97 5.07
N ASN B 61 -16.20 9.91 4.48
CA ASN B 61 -16.98 8.95 5.25
C ASN B 61 -16.12 7.74 5.63
N LYS B 62 -15.70 6.96 4.62
CA LYS B 62 -14.85 5.79 4.85
C LYS B 62 -14.21 5.33 3.54
N LEU B 63 -13.61 4.14 3.54
CA LEU B 63 -12.93 3.64 2.35
C LEU B 63 -13.44 2.25 1.98
N ILE B 64 -13.26 1.86 0.73
CA ILE B 64 -13.78 0.59 0.22
C ILE B 64 -12.84 -0.04 -0.80
N LEU B 65 -13.11 -1.28 -1.14
CA LEU B 65 -12.38 -2.00 -2.18
C LEU B 65 -13.33 -2.20 -3.35
N THR B 66 -12.83 -2.07 -4.56
CA THR B 66 -13.66 -2.08 -5.76
C THR B 66 -12.78 -2.27 -6.99
N LYS B 67 -13.38 -2.31 -8.15
CA LYS B 67 -12.65 -2.23 -9.43
C LYS B 67 -13.63 -1.95 -10.55
N MET A 1 -5.95 -57.33 37.87
CA MET A 1 -4.55 -57.80 38.00
C MET A 1 -3.72 -57.34 36.79
N MET A 2 -4.12 -57.77 35.58
CA MET A 2 -3.44 -57.35 34.36
C MET A 2 -3.74 -55.88 34.08
N THR A 3 -2.67 -55.07 34.00
CA THR A 3 -2.81 -53.64 33.79
C THR A 3 -2.51 -53.28 32.33
N ALA A 4 -3.34 -52.40 31.79
CA ALA A 4 -3.17 -51.92 30.42
C ALA A 4 -3.59 -50.44 30.36
N SER A 5 -2.62 -49.55 30.40
CA SER A 5 -2.87 -48.11 30.39
C SER A 5 -1.57 -47.36 30.07
N ASP A 6 -1.57 -46.66 28.94
CA ASP A 6 -0.42 -45.88 28.51
C ASP A 6 -0.28 -44.59 29.31
N ARG A 7 0.90 -43.98 29.26
CA ARG A 7 1.16 -42.76 29.99
C ARG A 7 1.68 -41.68 29.04
N LEU A 8 1.41 -41.87 27.75
CA LEU A 8 1.91 -40.99 26.72
C LEU A 8 1.25 -39.61 26.79
N GLY A 9 1.97 -38.56 26.37
CA GLY A 9 1.43 -37.22 26.42
C GLY A 9 2.43 -36.21 25.90
N ALA A 10 2.35 -35.89 24.61
CA ALA A 10 3.27 -34.97 23.99
C ALA A 10 2.91 -33.52 24.33
N ASP A 11 3.92 -32.66 24.32
CA ASP A 11 3.74 -31.25 24.64
C ASP A 11 3.14 -30.50 23.43
N PRO A 12 2.05 -29.75 23.65
CA PRO A 12 1.39 -28.93 22.60
C PRO A 12 2.01 -27.56 22.49
N THR A 13 3.35 -27.50 22.46
CA THR A 13 4.06 -26.24 22.43
C THR A 13 3.86 -25.52 21.09
N GLN A 14 2.84 -24.68 21.05
CA GLN A 14 2.54 -23.86 19.87
C GLN A 14 2.65 -22.38 20.23
N ALA A 15 3.81 -21.80 19.99
CA ALA A 15 4.06 -20.42 20.38
C ALA A 15 3.52 -19.45 19.33
N ALA A 16 2.73 -18.48 19.78
CA ALA A 16 2.14 -17.50 18.89
C ALA A 16 3.23 -16.54 18.36
N SER A 17 3.88 -16.96 17.29
CA SER A 17 4.95 -16.20 16.67
C SER A 17 4.38 -14.89 16.10
N SER A 18 5.06 -13.78 16.42
CA SER A 18 4.63 -12.45 15.99
C SER A 18 5.67 -11.82 15.06
N PRO A 19 5.47 -11.90 13.73
CA PRO A 19 6.37 -11.25 12.77
C PRO A 19 6.21 -9.74 12.79
N GLY A 20 7.23 -9.02 12.35
CA GLY A 20 7.19 -7.58 12.35
C GLY A 20 8.25 -6.97 11.46
N GLY A 21 8.55 -5.70 11.68
CA GLY A 21 9.53 -5.00 10.88
C GLY A 21 8.88 -3.92 10.03
N ALA A 22 9.51 -2.75 9.92
CA ALA A 22 8.96 -1.63 9.18
C ALA A 22 9.69 -1.45 7.86
N ARG A 23 8.98 -1.04 6.84
CA ARG A 23 9.56 -0.81 5.52
C ARG A 23 8.91 0.38 4.84
N ALA A 24 9.55 0.91 3.81
CA ALA A 24 9.04 2.04 3.07
C ALA A 24 8.62 1.62 1.66
N VAL A 25 7.31 1.51 1.43
CA VAL A 25 6.79 1.13 0.12
C VAL A 25 6.41 2.37 -0.67
N SER A 26 6.57 2.33 -1.98
CA SER A 26 6.32 3.49 -2.81
C SER A 26 4.97 3.41 -3.50
N ILE A 27 4.42 4.59 -3.82
CA ILE A 27 3.14 4.73 -4.49
C ILE A 27 3.34 5.62 -5.71
N VAL A 28 2.86 5.15 -6.87
CA VAL A 28 3.02 5.90 -8.10
C VAL A 28 1.70 6.58 -8.46
N GLY A 29 1.55 7.83 -8.08
CA GLY A 29 0.31 8.55 -8.29
C GLY A 29 -0.77 8.04 -7.36
N ASN A 30 -1.31 6.89 -7.71
CA ASN A 30 -2.34 6.23 -6.91
C ASN A 30 -2.36 4.74 -7.23
N GLN A 31 -1.22 4.11 -7.08
CA GLN A 31 -1.08 2.68 -7.36
C GLN A 31 0.00 2.03 -6.50
N ILE A 32 -0.14 0.74 -6.27
CA ILE A 32 0.80 -0.04 -5.46
C ILE A 32 0.61 -1.54 -5.77
N ASP A 33 1.60 -2.37 -5.44
CA ASP A 33 1.50 -3.82 -5.63
C ASP A 33 1.22 -4.50 -4.29
N SER A 34 0.23 -5.38 -4.26
CA SER A 34 -0.19 -6.07 -3.05
C SER A 34 0.97 -6.74 -2.30
N ARG A 35 1.95 -7.22 -3.06
CA ARG A 35 3.08 -7.95 -2.48
C ARG A 35 3.86 -7.06 -1.51
N GLU A 36 3.96 -5.78 -1.85
CA GLU A 36 4.71 -4.83 -1.03
C GLU A 36 4.12 -4.71 0.38
N LEU A 37 2.80 -4.78 0.46
CA LEU A 37 2.14 -4.66 1.74
C LEU A 37 2.21 -5.98 2.52
N PHE A 38 1.81 -7.06 1.88
CA PHE A 38 1.71 -8.38 2.52
C PHE A 38 3.04 -9.14 2.43
N THR A 39 4.15 -8.40 2.44
CA THR A 39 5.48 -9.01 2.31
C THR A 39 5.91 -9.72 3.59
N VAL A 40 5.05 -9.73 4.61
CA VAL A 40 5.36 -10.39 5.88
C VAL A 40 4.10 -10.98 6.51
N ASP A 41 3.08 -10.14 6.70
CA ASP A 41 1.81 -10.61 7.24
C ASP A 41 0.76 -10.55 6.15
N ARG A 42 -0.16 -11.52 6.11
CA ARG A 42 -1.17 -11.60 5.07
C ARG A 42 -2.42 -10.78 5.46
N GLU A 43 -2.24 -9.84 6.37
CA GLU A 43 -3.29 -8.90 6.74
C GLU A 43 -2.66 -7.60 7.20
N ILE A 44 -3.23 -6.49 6.76
CA ILE A 44 -2.68 -5.16 7.04
C ILE A 44 -3.72 -4.32 7.80
N VAL A 45 -3.26 -3.46 8.67
CA VAL A 45 -4.15 -2.58 9.42
C VAL A 45 -4.06 -1.18 8.83
N ILE A 46 -5.19 -0.49 8.75
CA ILE A 46 -5.28 0.82 8.14
C ILE A 46 -6.07 1.74 9.06
N ALA A 47 -5.39 2.71 9.65
CA ALA A 47 -6.05 3.68 10.51
C ALA A 47 -6.68 4.80 9.68
N HIS A 48 -7.92 5.13 9.98
CA HIS A 48 -8.61 6.22 9.28
C HIS A 48 -9.57 6.93 10.22
N GLY A 49 -9.16 8.07 10.72
CA GLY A 49 -10.04 8.87 11.58
C GLY A 49 -9.74 8.59 13.04
N ASP A 50 -10.34 7.54 13.57
CA ASP A 50 -10.02 7.04 14.90
C ASP A 50 -10.25 5.54 14.97
N ASP A 51 -10.71 4.94 13.86
CA ASP A 51 -11.04 3.52 13.82
C ASP A 51 -9.90 2.73 13.17
N ARG A 52 -10.00 1.41 13.18
CA ARG A 52 -8.99 0.54 12.60
C ARG A 52 -9.61 -0.37 11.56
N TYR A 53 -9.11 -0.28 10.34
CA TYR A 53 -9.54 -1.16 9.25
C TYR A 53 -8.48 -2.19 8.99
N ARG A 54 -8.83 -3.26 8.27
CA ARG A 54 -7.91 -4.33 7.97
C ARG A 54 -8.05 -4.77 6.51
N LEU A 55 -6.95 -4.72 5.80
CA LEU A 55 -6.89 -5.21 4.43
C LEU A 55 -6.32 -6.63 4.46
N ARG A 56 -7.15 -7.60 4.15
CA ARG A 56 -6.78 -9.01 4.29
C ARG A 56 -6.59 -9.65 2.92
N LEU A 57 -5.50 -10.41 2.80
CA LEU A 57 -5.19 -11.16 1.60
C LEU A 57 -5.46 -12.61 1.86
N THR A 58 -5.82 -13.38 0.83
CA THR A 58 -5.97 -14.83 0.97
C THR A 58 -4.86 -15.51 0.22
N SER A 59 -4.40 -16.67 0.76
CA SER A 59 -3.26 -17.42 0.24
C SER A 59 -2.38 -16.57 -0.69
N GLN A 60 -2.71 -16.58 -1.98
CA GLN A 60 -2.13 -15.66 -2.96
C GLN A 60 -3.21 -15.33 -4.01
N ASN A 61 -4.45 -15.54 -3.61
CA ASN A 61 -5.61 -15.48 -4.51
C ASN A 61 -6.13 -14.06 -4.66
N LYS A 62 -6.75 -13.54 -3.63
CA LYS A 62 -7.42 -12.22 -3.70
C LYS A 62 -7.37 -11.52 -2.35
N LEU A 63 -7.83 -10.28 -2.32
CA LEU A 63 -7.83 -9.48 -1.10
C LEU A 63 -9.21 -8.88 -0.85
N ILE A 64 -9.48 -8.52 0.39
CA ILE A 64 -10.77 -7.98 0.83
C ILE A 64 -10.59 -7.07 2.04
N LEU A 65 -11.68 -6.40 2.42
CA LEU A 65 -11.64 -5.45 3.55
C LEU A 65 -12.32 -6.11 4.75
N THR A 66 -11.87 -5.77 5.94
CA THR A 66 -12.38 -6.37 7.17
C THR A 66 -11.95 -5.50 8.35
N LYS A 67 -12.51 -5.79 9.52
CA LYS A 67 -12.14 -5.08 10.73
C LYS A 67 -12.80 -5.77 11.93
N MET B 1 -27.67 0.63 -55.98
CA MET B 1 -26.47 1.42 -55.66
C MET B 1 -25.99 1.11 -54.26
N MET B 2 -24.91 0.34 -54.16
CA MET B 2 -24.32 -0.01 -52.88
C MET B 2 -23.50 1.16 -52.37
N THR B 3 -24.19 2.18 -51.84
CA THR B 3 -23.53 3.38 -51.37
C THR B 3 -22.77 3.09 -50.04
N ALA B 4 -21.53 2.64 -50.20
CA ALA B 4 -20.66 2.37 -49.05
C ALA B 4 -19.37 3.18 -49.19
N SER B 5 -19.44 4.28 -49.93
CA SER B 5 -18.30 5.13 -50.21
C SER B 5 -18.42 6.47 -49.48
N ASP B 6 -19.48 6.61 -48.70
CA ASP B 6 -19.71 7.82 -47.90
C ASP B 6 -18.55 8.07 -46.95
N ARG B 7 -18.02 9.30 -46.97
CA ARG B 7 -16.94 9.68 -46.08
C ARG B 7 -17.48 10.46 -44.89
N LEU B 8 -17.26 9.93 -43.71
CA LEU B 8 -17.69 10.56 -42.46
C LEU B 8 -16.77 10.13 -41.32
N GLY B 9 -16.71 10.94 -40.27
CA GLY B 9 -15.89 10.60 -39.10
C GLY B 9 -15.86 11.72 -38.09
N ALA B 10 -16.14 11.40 -36.83
CA ALA B 10 -16.11 12.37 -35.74
C ALA B 10 -14.87 12.19 -34.88
N ASP B 11 -14.02 13.22 -34.87
CA ASP B 11 -12.79 13.18 -34.09
C ASP B 11 -13.11 13.35 -32.60
N PRO B 12 -12.67 12.40 -31.75
CA PRO B 12 -12.98 12.43 -30.30
C PRO B 12 -12.35 13.63 -29.60
N THR B 13 -11.13 13.96 -30.01
CA THR B 13 -10.38 15.12 -29.49
C THR B 13 -9.90 14.89 -28.04
N GLN B 14 -10.82 14.62 -27.12
CA GLN B 14 -10.50 14.43 -25.71
C GLN B 14 -9.67 13.17 -25.49
N ALA B 15 -8.75 13.25 -24.54
CA ALA B 15 -7.94 12.12 -24.11
C ALA B 15 -7.46 12.37 -22.67
N ALA B 16 -8.24 11.85 -21.72
CA ALA B 16 -7.98 12.11 -20.30
C ALA B 16 -6.81 11.26 -19.78
N SER B 17 -5.97 11.89 -18.96
CA SER B 17 -4.87 11.21 -18.28
C SER B 17 -4.63 11.87 -16.93
N SER B 18 -4.87 11.12 -15.85
CA SER B 18 -4.75 11.65 -14.52
C SER B 18 -3.28 11.82 -14.13
N PRO B 19 -2.92 12.94 -13.46
CA PRO B 19 -1.54 13.24 -13.06
C PRO B 19 -0.98 12.17 -12.12
N GLY B 20 0.35 12.07 -12.09
CA GLY B 20 0.99 11.07 -11.25
C GLY B 20 1.23 11.56 -9.84
N GLY B 21 2.50 11.63 -9.45
CA GLY B 21 2.87 12.02 -8.11
C GLY B 21 3.26 10.80 -7.28
N ALA B 22 4.54 10.53 -7.15
CA ALA B 22 5.01 9.33 -6.48
C ALA B 22 5.62 9.69 -5.14
N ARG B 23 5.37 8.86 -4.13
CA ARG B 23 5.85 9.11 -2.79
C ARG B 23 6.17 7.78 -2.11
N ALA B 24 6.94 7.81 -1.03
CA ALA B 24 7.30 6.61 -0.29
C ALA B 24 6.63 6.60 1.08
N VAL B 25 5.61 5.76 1.22
CA VAL B 25 4.89 5.62 2.48
C VAL B 25 5.43 4.45 3.27
N SER B 26 5.44 4.56 4.58
CA SER B 26 6.02 3.52 5.43
C SER B 26 4.95 2.61 6.04
N ILE B 27 5.36 1.39 6.33
CA ILE B 27 4.50 0.36 6.93
C ILE B 27 5.18 -0.15 8.18
N VAL B 28 4.46 -0.18 9.30
CA VAL B 28 5.02 -0.65 10.56
C VAL B 28 4.51 -2.07 10.86
N GLY B 29 5.31 -3.06 10.49
CA GLY B 29 4.91 -4.45 10.64
C GLY B 29 3.84 -4.80 9.63
N ASN B 30 2.63 -4.36 9.91
CA ASN B 30 1.49 -4.59 9.03
C ASN B 30 0.42 -3.55 9.32
N GLN B 31 0.80 -2.28 9.21
CA GLN B 31 -0.14 -1.17 9.49
C GLN B 31 0.26 0.06 8.67
N ILE B 32 -0.75 0.89 8.41
CA ILE B 32 -0.57 2.14 7.64
C ILE B 32 -1.76 3.06 7.92
N ASP B 33 -1.62 4.35 7.61
CA ASP B 33 -2.71 5.31 7.77
C ASP B 33 -3.28 5.65 6.39
N SER B 34 -4.62 5.60 6.29
CA SER B 34 -5.33 5.83 5.01
C SER B 34 -4.91 7.14 4.34
N ARG B 35 -4.60 8.16 5.15
CA ARG B 35 -4.26 9.48 4.62
C ARG B 35 -3.02 9.39 3.73
N GLU B 36 -2.06 8.53 4.11
CA GLU B 36 -0.81 8.40 3.36
C GLU B 36 -1.08 7.96 1.92
N LEU B 37 -2.06 7.09 1.75
CA LEU B 37 -2.40 6.56 0.43
C LEU B 37 -3.19 7.57 -0.38
N PHE B 38 -4.28 8.05 0.22
CA PHE B 38 -5.21 8.96 -0.48
C PHE B 38 -4.81 10.42 -0.31
N THR B 39 -3.51 10.68 -0.23
CA THR B 39 -2.99 12.03 -0.03
C THR B 39 -3.10 12.87 -1.31
N VAL B 40 -3.67 12.31 -2.38
CA VAL B 40 -3.82 13.03 -3.63
C VAL B 40 -5.08 12.60 -4.37
N ASP B 41 -5.22 11.29 -4.59
CA ASP B 41 -6.42 10.75 -5.22
C ASP B 41 -7.20 9.93 -4.20
N ARG B 42 -8.51 9.98 -4.26
CA ARG B 42 -9.35 9.32 -3.26
C ARG B 42 -9.66 7.87 -3.70
N GLU B 43 -8.82 7.37 -4.60
CA GLU B 43 -8.88 5.97 -5.02
C GLU B 43 -7.48 5.49 -5.40
N ILE B 44 -7.16 4.27 -4.98
CA ILE B 44 -5.83 3.71 -5.19
C ILE B 44 -5.95 2.41 -5.98
N VAL B 45 -4.96 2.12 -6.81
CA VAL B 45 -4.92 0.90 -7.58
C VAL B 45 -3.92 -0.06 -6.95
N ILE B 46 -4.26 -1.34 -6.95
CA ILE B 46 -3.46 -2.36 -6.29
C ILE B 46 -3.30 -3.54 -7.23
N ALA B 47 -2.11 -3.74 -7.76
CA ALA B 47 -1.85 -4.87 -8.66
C ALA B 47 -1.57 -6.13 -7.84
N HIS B 48 -2.19 -7.23 -8.20
CA HIS B 48 -1.98 -8.50 -7.55
C HIS B 48 -2.12 -9.66 -8.51
N GLY B 49 -1.00 -10.19 -8.97
CA GLY B 49 -1.00 -11.34 -9.86
C GLY B 49 -0.88 -10.88 -11.29
N ASP B 50 -2.02 -10.53 -11.86
CA ASP B 50 -2.05 -9.92 -13.20
C ASP B 50 -3.27 -9.00 -13.33
N ASP B 51 -4.07 -8.92 -12.25
CA ASP B 51 -5.32 -8.16 -12.25
C ASP B 51 -5.09 -6.82 -11.56
N ARG B 52 -6.09 -5.94 -11.62
CA ARG B 52 -6.00 -4.62 -11.00
C ARG B 52 -7.14 -4.43 -10.02
N TYR B 53 -6.81 -4.17 -8.77
CA TYR B 53 -7.80 -3.88 -7.74
C TYR B 53 -7.79 -2.39 -7.43
N ARG B 54 -8.82 -1.92 -6.76
CA ARG B 54 -8.92 -0.51 -6.42
C ARG B 54 -9.42 -0.35 -4.99
N LEU B 55 -8.64 0.37 -4.20
CA LEU B 55 -9.03 0.75 -2.84
C LEU B 55 -9.60 2.16 -2.88
N ARG B 56 -10.90 2.25 -2.65
CA ARG B 56 -11.62 3.54 -2.80
C ARG B 56 -12.02 4.10 -1.43
N LEU B 57 -11.76 5.39 -1.25
CA LEU B 57 -12.16 6.09 -0.05
C LEU B 57 -13.36 6.96 -0.38
N THR B 58 -14.19 7.23 0.60
CA THR B 58 -15.31 8.15 0.43
C THR B 58 -15.03 9.42 1.22
N SER B 59 -15.48 10.57 0.71
CA SER B 59 -15.20 11.90 1.28
C SER B 59 -14.05 11.86 2.28
N GLN B 60 -14.38 11.61 3.54
CA GLN B 60 -13.38 11.32 4.59
C GLN B 60 -13.99 10.32 5.55
N ASN B 61 -15.01 9.60 5.07
CA ASN B 61 -15.84 8.74 5.90
C ASN B 61 -15.23 7.36 6.07
N LYS B 62 -15.25 6.56 5.00
CA LYS B 62 -14.82 5.16 5.05
C LYS B 62 -14.21 4.74 3.73
N LEU B 63 -13.67 3.53 3.69
CA LEU B 63 -13.03 2.99 2.49
C LEU B 63 -13.58 1.59 2.18
N ILE B 64 -13.43 1.19 0.93
CA ILE B 64 -13.96 -0.09 0.44
C ILE B 64 -13.12 -0.59 -0.75
N LEU B 65 -13.38 -1.81 -1.18
CA LEU B 65 -12.65 -2.41 -2.28
C LEU B 65 -13.52 -2.41 -3.55
N THR B 66 -12.87 -2.30 -4.70
CA THR B 66 -13.58 -2.20 -5.97
C THR B 66 -12.60 -2.47 -7.12
N LYS B 67 -13.13 -2.59 -8.34
CA LYS B 67 -12.33 -2.64 -9.57
C LYS B 67 -13.24 -2.92 -10.76
N MET A 1 23.56 -62.24 12.81
CA MET A 1 24.23 -61.08 12.16
C MET A 1 23.40 -59.82 12.28
N MET A 2 22.38 -59.85 13.15
CA MET A 2 21.45 -58.75 13.32
C MET A 2 22.18 -57.49 13.82
N THR A 3 22.76 -56.76 12.89
CA THR A 3 23.37 -55.46 13.18
C THR A 3 22.59 -54.37 12.44
N ALA A 4 21.61 -53.80 13.13
CA ALA A 4 20.74 -52.80 12.53
C ALA A 4 20.16 -51.88 13.60
N SER A 5 20.79 -50.73 13.78
CA SER A 5 20.32 -49.73 14.71
C SER A 5 20.13 -48.39 14.00
N ASP A 6 18.91 -48.14 13.55
CA ASP A 6 18.58 -46.94 12.82
C ASP A 6 18.31 -45.76 13.76
N ARG A 7 18.68 -44.57 13.35
CA ARG A 7 18.48 -43.37 14.16
C ARG A 7 18.30 -42.15 13.26
N LEU A 8 17.62 -41.13 13.76
CA LEU A 8 17.32 -39.92 13.01
C LEU A 8 17.71 -38.68 13.82
N GLY A 9 18.62 -37.87 13.26
CA GLY A 9 19.08 -36.66 13.93
C GLY A 9 18.95 -35.41 13.07
N ALA A 10 18.51 -35.60 11.83
CA ALA A 10 18.38 -34.48 10.88
C ALA A 10 16.95 -33.97 10.84
N ASP A 11 16.52 -33.34 11.95
CA ASP A 11 15.17 -32.81 12.07
C ASP A 11 15.05 -31.51 11.29
N PRO A 12 13.94 -31.29 10.60
CA PRO A 12 13.73 -30.10 9.78
C PRO A 12 13.55 -28.83 10.61
N THR A 13 14.61 -28.03 10.71
CA THR A 13 14.51 -26.74 11.35
C THR A 13 14.19 -25.69 10.28
N GLN A 14 12.92 -25.63 9.90
CA GLN A 14 12.48 -24.74 8.82
C GLN A 14 11.65 -23.58 9.38
N ALA A 15 11.85 -23.29 10.67
CA ALA A 15 11.12 -22.21 11.31
C ALA A 15 11.68 -20.85 10.86
N ALA A 16 11.11 -20.31 9.78
CA ALA A 16 11.57 -19.05 9.21
C ALA A 16 10.85 -17.87 9.85
N SER A 17 11.55 -17.18 10.75
CA SER A 17 10.97 -16.02 11.42
C SER A 17 10.65 -14.92 10.39
N SER A 18 9.38 -14.74 10.09
CA SER A 18 8.93 -13.73 9.14
C SER A 18 8.91 -12.36 9.81
N PRO A 19 9.72 -11.40 9.33
CA PRO A 19 9.87 -10.10 9.98
C PRO A 19 8.62 -9.23 9.84
N GLY A 20 8.28 -8.50 10.91
CA GLY A 20 7.14 -7.62 10.89
C GLY A 20 7.45 -6.27 11.52
N GLY A 21 8.58 -5.72 11.15
CA GLY A 21 8.98 -4.40 11.62
C GLY A 21 8.39 -3.30 10.77
N ALA A 22 9.16 -2.23 10.57
CA ALA A 22 8.69 -1.13 9.75
C ALA A 22 9.25 -1.25 8.33
N ARG A 23 8.35 -1.25 7.35
CA ARG A 23 8.75 -1.41 5.97
C ARG A 23 8.23 -0.24 5.11
N ALA A 24 9.05 0.22 4.20
CA ALA A 24 8.71 1.37 3.34
C ALA A 24 8.22 0.88 1.98
N VAL A 25 6.98 1.23 1.63
CA VAL A 25 6.39 0.85 0.36
C VAL A 25 6.10 2.08 -0.49
N SER A 26 6.45 2.01 -1.78
CA SER A 26 6.30 3.14 -2.66
C SER A 26 4.99 3.06 -3.46
N ILE A 27 4.52 4.23 -3.89
CA ILE A 27 3.31 4.35 -4.68
C ILE A 27 3.65 5.00 -6.01
N VAL A 28 3.30 4.35 -7.13
CA VAL A 28 3.63 4.87 -8.44
C VAL A 28 2.39 5.51 -9.07
N GLY A 29 2.30 6.83 -8.98
CA GLY A 29 1.15 7.54 -9.46
C GLY A 29 0.01 7.45 -8.47
N ASN A 30 -0.53 6.26 -8.33
CA ASN A 30 -1.50 5.94 -7.28
C ASN A 30 -1.64 4.44 -7.16
N GLN A 31 -0.67 3.68 -7.67
CA GLN A 31 -0.77 2.21 -7.73
C GLN A 31 0.35 1.55 -6.93
N ILE A 32 -0.05 0.73 -5.95
CA ILE A 32 0.88 -0.15 -5.24
C ILE A 32 0.56 -1.61 -5.58
N ASP A 33 1.53 -2.50 -5.38
CA ASP A 33 1.32 -3.93 -5.58
C ASP A 33 1.08 -4.59 -4.23
N SER A 34 0.18 -5.59 -4.23
CA SER A 34 -0.18 -6.31 -3.01
C SER A 34 1.03 -7.01 -2.40
N ARG A 35 2.01 -7.33 -3.25
CA ARG A 35 3.21 -8.05 -2.83
C ARG A 35 4.05 -7.17 -1.90
N GLU A 36 4.10 -5.88 -2.20
CA GLU A 36 4.90 -4.93 -1.38
C GLU A 36 4.43 -4.95 0.08
N LEU A 37 3.12 -4.98 0.25
CA LEU A 37 2.51 -5.00 1.59
C LEU A 37 2.65 -6.37 2.23
N PHE A 38 2.23 -7.40 1.49
CA PHE A 38 2.16 -8.76 2.01
C PHE A 38 3.39 -9.58 1.62
N THR A 39 4.53 -8.90 1.44
CA THR A 39 5.79 -9.56 1.12
C THR A 39 6.21 -10.52 2.24
N VAL A 40 6.13 -10.02 3.47
CA VAL A 40 6.37 -10.84 4.64
C VAL A 40 5.34 -10.52 5.70
N ASP A 41 4.15 -11.10 5.54
CA ASP A 41 2.98 -10.89 6.43
C ASP A 41 1.77 -11.36 5.63
N ARG A 42 0.58 -11.39 6.23
CA ARG A 42 -0.62 -11.78 5.51
C ARG A 42 -1.79 -10.86 5.80
N GLU A 43 -1.57 -9.88 6.68
CA GLU A 43 -2.62 -8.92 7.03
C GLU A 43 -2.02 -7.54 7.31
N ILE A 44 -2.66 -6.52 6.77
CA ILE A 44 -2.25 -5.15 6.93
C ILE A 44 -3.37 -4.36 7.60
N VAL A 45 -3.02 -3.46 8.52
CA VAL A 45 -3.99 -2.63 9.19
C VAL A 45 -4.02 -1.24 8.57
N ILE A 46 -5.18 -0.65 8.48
CA ILE A 46 -5.35 0.65 7.84
C ILE A 46 -6.17 1.56 8.76
N ALA A 47 -5.50 2.52 9.39
CA ALA A 47 -6.17 3.44 10.32
C ALA A 47 -6.86 4.54 9.54
N HIS A 48 -8.09 4.87 9.90
CA HIS A 48 -8.82 5.97 9.28
C HIS A 48 -9.66 6.72 10.30
N GLY A 49 -9.14 7.80 10.86
CA GLY A 49 -9.92 8.62 11.75
C GLY A 49 -10.03 7.98 13.11
N ASP A 50 -11.25 7.68 13.50
CA ASP A 50 -11.52 7.09 14.80
C ASP A 50 -11.47 5.57 14.70
N ASP A 51 -11.72 5.05 13.52
CA ASP A 51 -11.87 3.62 13.29
C ASP A 51 -10.60 3.01 12.72
N ARG A 52 -10.53 1.68 12.74
CA ARG A 52 -9.39 0.94 12.21
C ARG A 52 -9.88 -0.17 11.29
N TYR A 53 -9.30 -0.24 10.11
CA TYR A 53 -9.65 -1.24 9.12
C TYR A 53 -8.51 -2.21 8.92
N ARG A 54 -8.75 -3.28 8.16
CA ARG A 54 -7.70 -4.26 7.86
C ARG A 54 -7.80 -4.71 6.41
N LEU A 55 -6.68 -4.64 5.71
CA LEU A 55 -6.55 -5.16 4.36
C LEU A 55 -5.80 -6.50 4.44
N ARG A 56 -6.47 -7.58 4.06
CA ARG A 56 -5.91 -8.91 4.25
C ARG A 56 -5.83 -9.67 2.94
N LEU A 57 -4.78 -10.48 2.80
CA LEU A 57 -4.58 -11.25 1.57
C LEU A 57 -4.81 -12.72 1.84
N THR A 58 -5.44 -13.40 0.89
CA THR A 58 -5.66 -14.83 0.97
C THR A 58 -4.36 -15.58 0.59
N SER A 59 -4.37 -16.89 0.72
CA SER A 59 -3.18 -17.70 0.39
C SER A 59 -3.16 -18.07 -1.09
N GLN A 60 -4.11 -17.53 -1.88
CA GLN A 60 -4.23 -17.93 -3.30
C GLN A 60 -5.16 -17.01 -4.10
N ASN A 61 -6.31 -16.68 -3.53
CA ASN A 61 -7.40 -16.06 -4.28
C ASN A 61 -7.17 -14.57 -4.55
N LYS A 62 -7.36 -13.77 -3.49
CA LYS A 62 -7.40 -12.31 -3.65
C LYS A 62 -7.15 -11.62 -2.32
N LEU A 63 -7.52 -10.34 -2.25
CA LEU A 63 -7.39 -9.56 -1.04
C LEU A 63 -8.73 -8.90 -0.74
N ILE A 64 -8.96 -8.58 0.54
CA ILE A 64 -10.27 -8.12 0.99
C ILE A 64 -10.13 -7.11 2.15
N LEU A 65 -11.24 -6.49 2.49
CA LEU A 65 -11.30 -5.54 3.60
C LEU A 65 -11.99 -6.25 4.77
N THR A 66 -11.58 -5.93 5.98
CA THR A 66 -12.09 -6.61 7.18
C THR A 66 -11.81 -5.74 8.42
N LYS A 67 -12.63 -5.90 9.45
CA LYS A 67 -12.39 -5.21 10.73
C LYS A 67 -13.42 -5.68 11.77
N MET B 1 -1.12 68.58 -20.11
CA MET B 1 -1.61 68.54 -18.71
C MET B 1 -2.66 67.45 -18.55
N MET B 2 -2.20 66.22 -18.29
CA MET B 2 -3.08 65.09 -18.04
C MET B 2 -2.26 63.85 -17.70
N THR B 3 -2.94 62.74 -17.41
CA THR B 3 -2.28 61.49 -17.14
C THR B 3 -3.08 60.33 -17.72
N ALA B 4 -2.44 59.55 -18.58
CA ALA B 4 -3.10 58.41 -19.22
C ALA B 4 -2.53 57.09 -18.69
N SER B 5 -3.41 56.13 -18.46
CA SER B 5 -3.02 54.80 -18.01
C SER B 5 -4.14 53.80 -18.30
N ASP B 6 -3.83 52.77 -19.09
CA ASP B 6 -4.80 51.74 -19.44
C ASP B 6 -4.08 50.43 -19.71
N ARG B 7 -3.92 49.63 -18.64
CA ARG B 7 -3.24 48.33 -18.74
C ARG B 7 -3.93 47.33 -17.80
N LEU B 8 -4.01 46.09 -18.25
CA LEU B 8 -4.63 45.03 -17.47
C LEU B 8 -4.08 43.67 -17.88
N GLY B 9 -2.94 43.32 -17.32
CA GLY B 9 -2.34 42.02 -17.54
C GLY B 9 -2.04 41.29 -16.25
N ALA B 10 -2.55 41.84 -15.16
CA ALA B 10 -2.31 41.29 -13.82
C ALA B 10 -3.38 40.24 -13.48
N ASP B 11 -2.97 38.97 -13.49
CA ASP B 11 -3.83 37.87 -13.08
C ASP B 11 -2.98 36.66 -12.70
N PRO B 12 -3.46 35.80 -11.77
CA PRO B 12 -2.69 34.67 -11.27
C PRO B 12 -2.64 33.52 -12.26
N THR B 13 -3.65 33.45 -13.12
CA THR B 13 -3.81 32.33 -14.06
C THR B 13 -4.06 31.03 -13.28
N GLN B 14 -5.32 30.61 -13.24
CA GLN B 14 -5.71 29.44 -12.47
C GLN B 14 -5.21 28.15 -13.12
N ALA B 15 -3.95 27.83 -12.86
CA ALA B 15 -3.34 26.62 -13.42
C ALA B 15 -3.73 25.41 -12.58
N ALA B 16 -3.90 25.62 -11.28
CA ALA B 16 -4.27 24.58 -10.35
C ALA B 16 -3.28 23.41 -10.43
N SER B 17 -2.03 23.73 -10.76
CA SER B 17 -0.97 22.74 -10.90
C SER B 17 -0.69 22.05 -9.57
N SER B 18 -1.48 21.02 -9.29
CA SER B 18 -1.35 20.27 -8.04
C SER B 18 -0.49 19.02 -8.26
N PRO B 19 0.72 19.00 -7.67
CA PRO B 19 1.67 17.91 -7.87
C PRO B 19 1.46 16.75 -6.90
N GLY B 20 2.11 15.64 -7.21
CA GLY B 20 2.05 14.46 -6.37
C GLY B 20 2.89 13.34 -6.94
N GLY B 21 2.48 12.84 -8.12
CA GLY B 21 3.21 11.79 -8.80
C GLY B 21 3.38 10.55 -7.95
N ALA B 22 4.64 10.12 -7.80
CA ALA B 22 4.98 8.93 -7.02
C ALA B 22 5.30 9.33 -5.58
N ARG B 23 4.69 8.66 -4.63
CA ARG B 23 4.81 9.02 -3.23
C ARG B 23 5.20 7.80 -2.38
N ALA B 24 6.05 8.02 -1.39
CA ALA B 24 6.53 6.95 -0.55
C ALA B 24 5.77 6.90 0.75
N VAL B 25 5.12 5.77 1.03
CA VAL B 25 4.33 5.59 2.24
C VAL B 25 4.93 4.48 3.11
N SER B 26 5.06 4.74 4.40
CA SER B 26 5.68 3.82 5.33
C SER B 26 4.66 2.92 6.01
N ILE B 27 5.11 1.75 6.44
CA ILE B 27 4.28 0.77 7.15
C ILE B 27 4.88 0.50 8.52
N VAL B 28 4.11 0.69 9.58
CA VAL B 28 4.63 0.51 10.92
C VAL B 28 4.14 -0.83 11.49
N GLY B 29 5.01 -1.83 11.41
CA GLY B 29 4.67 -3.17 11.85
C GLY B 29 3.87 -3.87 10.77
N ASN B 30 2.66 -3.39 10.56
CA ASN B 30 1.84 -3.81 9.44
C ASN B 30 0.67 -2.84 9.27
N GLN B 31 0.80 -1.64 9.85
CA GLN B 31 -0.28 -0.68 9.85
C GLN B 31 0.08 0.60 9.11
N ILE B 32 -0.71 0.94 8.11
CA ILE B 32 -0.63 2.24 7.44
C ILE B 32 -1.92 3.04 7.71
N ASP B 33 -1.82 4.36 7.56
CA ASP B 33 -2.98 5.22 7.70
C ASP B 33 -3.55 5.57 6.32
N SER B 34 -4.87 5.66 6.23
CA SER B 34 -5.56 5.95 4.98
C SER B 34 -5.16 7.33 4.43
N ARG B 35 -4.75 8.20 5.35
CA ARG B 35 -4.38 9.56 4.99
C ARG B 35 -3.11 9.58 4.17
N GLU B 36 -2.17 8.70 4.48
CA GLU B 36 -0.91 8.59 3.76
C GLU B 36 -1.14 8.32 2.26
N LEU B 37 -2.08 7.43 2.00
CA LEU B 37 -2.44 7.06 0.63
C LEU B 37 -3.27 8.16 -0.03
N PHE B 38 -4.33 8.57 0.64
CA PHE B 38 -5.30 9.51 0.07
C PHE B 38 -5.03 10.95 0.53
N THR B 39 -3.76 11.24 0.78
CA THR B 39 -3.35 12.59 1.20
C THR B 39 -3.64 13.60 0.09
N VAL B 40 -3.27 13.23 -1.14
CA VAL B 40 -3.60 14.02 -2.31
C VAL B 40 -4.04 13.09 -3.42
N ASP B 41 -5.31 12.68 -3.37
CA ASP B 41 -5.92 11.74 -4.31
C ASP B 41 -7.18 11.19 -3.62
N ARG B 42 -7.97 10.39 -4.31
CA ARG B 42 -9.16 9.79 -3.65
C ARG B 42 -9.32 8.33 -4.02
N GLU B 43 -8.41 7.81 -4.85
CA GLU B 43 -8.46 6.42 -5.27
C GLU B 43 -7.04 5.86 -5.45
N ILE B 44 -6.82 4.67 -4.94
CA ILE B 44 -5.54 3.99 -5.05
C ILE B 44 -5.75 2.66 -5.77
N VAL B 45 -4.80 2.30 -6.64
CA VAL B 45 -4.86 1.04 -7.38
C VAL B 45 -3.95 0.03 -6.71
N ILE B 46 -4.36 -1.21 -6.70
CA ILE B 46 -3.61 -2.29 -6.05
C ILE B 46 -3.49 -3.47 -6.97
N ALA B 47 -2.30 -3.67 -7.55
CA ALA B 47 -2.09 -4.76 -8.48
C ALA B 47 -1.83 -6.06 -7.73
N HIS B 48 -2.47 -7.14 -8.17
CA HIS B 48 -2.23 -8.45 -7.57
C HIS B 48 -2.27 -9.54 -8.62
N GLY B 49 -1.09 -9.93 -9.12
CA GLY B 49 -1.00 -11.03 -10.05
C GLY B 49 -1.42 -10.62 -11.44
N ASP B 50 -2.47 -11.26 -11.94
CA ASP B 50 -3.00 -10.97 -13.26
C ASP B 50 -4.03 -9.86 -13.19
N ASP B 51 -4.67 -9.72 -12.03
CA ASP B 51 -5.79 -8.81 -11.85
C ASP B 51 -5.35 -7.51 -11.19
N ARG B 52 -6.24 -6.51 -11.25
CA ARG B 52 -5.98 -5.19 -10.67
C ARG B 52 -7.17 -4.77 -9.81
N TYR B 53 -6.89 -4.35 -8.58
CA TYR B 53 -7.92 -3.93 -7.66
C TYR B 53 -7.79 -2.43 -7.40
N ARG B 54 -8.77 -1.86 -6.69
CA ARG B 54 -8.73 -0.44 -6.33
C ARG B 54 -9.22 -0.25 -4.90
N LEU B 55 -8.42 0.48 -4.12
CA LEU B 55 -8.79 0.90 -2.78
C LEU B 55 -9.19 2.37 -2.83
N ARG B 56 -10.44 2.67 -2.55
CA ARG B 56 -10.98 4.01 -2.72
C ARG B 56 -11.54 4.55 -1.41
N LEU B 57 -11.39 5.86 -1.21
CA LEU B 57 -11.85 6.52 0.00
C LEU B 57 -13.04 7.43 -0.33
N THR B 58 -14.02 7.43 0.55
CA THR B 58 -15.18 8.30 0.42
C THR B 58 -14.79 9.71 0.88
N SER B 59 -15.71 10.64 0.72
CA SER B 59 -15.48 12.04 1.11
C SER B 59 -15.83 12.28 2.58
N GLN B 60 -16.16 11.19 3.32
CA GLN B 60 -16.62 11.37 4.70
C GLN B 60 -16.68 10.03 5.46
N ASN B 61 -17.24 9.01 4.82
CA ASN B 61 -17.62 7.78 5.52
C ASN B 61 -16.43 6.86 5.82
N LYS B 62 -15.94 6.18 4.80
CA LYS B 62 -14.95 5.11 4.98
C LYS B 62 -14.19 4.84 3.69
N LEU B 63 -13.57 3.69 3.63
CA LEU B 63 -12.83 3.26 2.44
C LEU B 63 -13.30 1.87 2.05
N ILE B 64 -13.15 1.52 0.79
CA ILE B 64 -13.70 0.27 0.25
C ILE B 64 -12.83 -0.31 -0.86
N LEU B 65 -13.15 -1.53 -1.25
CA LEU B 65 -12.47 -2.20 -2.36
C LEU B 65 -13.37 -2.15 -3.59
N THR B 66 -12.77 -2.04 -4.76
CA THR B 66 -13.53 -1.88 -6.00
C THR B 66 -12.66 -2.24 -7.21
N LYS B 67 -13.33 -2.53 -8.33
CA LYS B 67 -12.68 -2.92 -9.56
C LYS B 67 -13.42 -2.32 -10.75
N MET A 1 61.69 -18.11 17.08
CA MET A 1 61.95 -17.12 18.14
C MET A 1 60.77 -16.16 18.31
N MET A 2 59.81 -16.22 17.40
CA MET A 2 58.62 -15.35 17.45
C MET A 2 57.45 -15.98 16.67
N THR A 3 57.51 -17.31 16.52
CA THR A 3 56.53 -18.03 15.75
C THR A 3 55.13 -17.86 16.32
N ALA A 4 55.03 -17.73 17.63
CA ALA A 4 53.74 -17.55 18.30
C ALA A 4 53.33 -16.09 18.26
N SER A 5 52.66 -15.70 17.19
CA SER A 5 52.18 -14.34 17.02
C SER A 5 50.67 -14.32 16.69
N ASP A 6 49.92 -15.18 17.39
CA ASP A 6 48.48 -15.28 17.16
C ASP A 6 47.78 -14.02 17.70
N ARG A 7 46.58 -13.75 17.23
CA ARG A 7 45.84 -12.59 17.70
C ARG A 7 45.22 -12.81 19.09
N LEU A 8 45.97 -12.55 20.13
CA LEU A 8 45.41 -12.56 21.48
C LEU A 8 44.43 -11.38 21.64
N GLY A 9 43.16 -11.64 21.35
CA GLY A 9 42.16 -10.60 21.36
C GLY A 9 41.36 -10.57 20.06
N ALA A 10 40.96 -11.75 19.60
CA ALA A 10 40.20 -11.87 18.35
C ALA A 10 38.75 -12.17 18.67
N ASP A 11 37.95 -11.11 18.76
CA ASP A 11 36.52 -11.24 19.10
C ASP A 11 35.65 -10.80 17.90
N PRO A 12 34.86 -11.73 17.32
CA PRO A 12 33.94 -11.43 16.21
C PRO A 12 32.82 -10.49 16.66
N THR A 13 32.24 -9.77 15.71
CA THR A 13 31.15 -8.86 15.99
C THR A 13 30.23 -8.77 14.77
N GLN A 14 28.96 -9.12 14.97
CA GLN A 14 27.95 -9.06 13.91
C GLN A 14 26.57 -8.93 14.54
N ALA A 15 26.07 -7.69 14.57
CA ALA A 15 24.76 -7.42 15.18
C ALA A 15 23.84 -6.72 14.17
N ALA A 16 24.09 -6.93 12.87
CA ALA A 16 23.25 -6.37 11.82
C ALA A 16 21.78 -6.78 12.00
N SER A 17 21.03 -5.92 12.69
CA SER A 17 19.62 -6.20 12.99
C SER A 17 18.71 -5.53 11.97
N SER A 18 17.80 -6.32 11.41
CA SER A 18 16.83 -5.83 10.45
C SER A 18 15.55 -6.68 10.51
N PRO A 19 14.60 -6.31 11.38
CA PRO A 19 13.32 -7.01 11.51
C PRO A 19 12.26 -6.40 10.59
N GLY A 20 11.01 -6.78 10.81
CA GLY A 20 9.91 -6.17 10.08
C GLY A 20 9.78 -4.69 10.42
N GLY A 21 9.32 -4.43 11.64
CA GLY A 21 9.26 -3.05 12.16
C GLY A 21 8.52 -2.11 11.22
N ALA A 22 9.08 -0.94 10.98
CA ALA A 22 8.53 0.01 10.05
C ALA A 22 9.20 -0.19 8.68
N ARG A 23 8.41 -0.15 7.62
CA ARG A 23 8.93 -0.33 6.27
C ARG A 23 8.25 0.63 5.30
N ALA A 24 8.96 1.00 4.24
CA ALA A 24 8.46 1.97 3.28
C ALA A 24 8.05 1.28 1.99
N VAL A 25 6.81 1.54 1.56
CA VAL A 25 6.26 0.98 0.33
C VAL A 25 5.89 2.11 -0.61
N SER A 26 6.20 1.95 -1.89
CA SER A 26 6.02 3.03 -2.87
C SER A 26 4.73 2.91 -3.66
N ILE A 27 4.27 4.09 -4.14
CA ILE A 27 3.07 4.19 -4.98
C ILE A 27 3.51 4.79 -6.31
N VAL A 28 3.17 4.13 -7.41
CA VAL A 28 3.53 4.63 -8.73
C VAL A 28 2.38 5.38 -9.35
N GLY A 29 2.39 6.71 -9.19
CA GLY A 29 1.32 7.54 -9.69
C GLY A 29 0.13 7.49 -8.77
N ASN A 30 -0.65 6.40 -8.88
CA ASN A 30 -1.79 6.17 -8.01
C ASN A 30 -1.99 4.67 -7.78
N GLN A 31 -0.97 3.87 -8.12
CA GLN A 31 -1.07 2.41 -8.01
C GLN A 31 -0.01 1.85 -7.08
N ILE A 32 -0.45 1.16 -6.04
CA ILE A 32 0.44 0.41 -5.17
C ILE A 32 0.33 -1.09 -5.49
N ASP A 33 1.36 -1.85 -5.14
CA ASP A 33 1.40 -3.29 -5.39
C ASP A 33 1.19 -4.07 -4.11
N SER A 34 0.30 -5.06 -4.18
CA SER A 34 -0.09 -5.86 -3.00
C SER A 34 1.11 -6.58 -2.39
N ARG A 35 2.10 -6.83 -3.22
CA ARG A 35 3.31 -7.54 -2.78
C ARG A 35 4.10 -6.65 -1.81
N GLU A 36 4.08 -5.35 -2.06
CA GLU A 36 4.76 -4.38 -1.18
C GLU A 36 4.22 -4.48 0.25
N LEU A 37 2.89 -4.46 0.37
CA LEU A 37 2.26 -4.49 1.68
C LEU A 37 2.42 -5.84 2.36
N PHE A 38 2.15 -6.90 1.60
CA PHE A 38 2.12 -8.26 2.13
C PHE A 38 3.43 -8.99 1.82
N THR A 39 4.52 -8.23 1.72
CA THR A 39 5.84 -8.80 1.44
C THR A 39 6.24 -9.86 2.48
N VAL A 40 5.77 -9.68 3.72
CA VAL A 40 6.08 -10.63 4.79
C VAL A 40 4.81 -11.05 5.50
N ASP A 41 3.98 -10.08 5.86
CA ASP A 41 2.72 -10.35 6.55
C ASP A 41 1.70 -10.94 5.62
N ARG A 42 0.56 -11.37 6.17
CA ARG A 42 -0.54 -11.91 5.39
C ARG A 42 -1.77 -11.04 5.59
N GLU A 43 -1.65 -10.09 6.51
CA GLU A 43 -2.73 -9.18 6.84
C GLU A 43 -2.13 -7.85 7.28
N ILE A 44 -2.77 -6.77 6.88
CA ILE A 44 -2.30 -5.42 7.16
C ILE A 44 -3.44 -4.61 7.77
N VAL A 45 -3.09 -3.72 8.68
CA VAL A 45 -4.10 -2.85 9.31
C VAL A 45 -4.08 -1.46 8.64
N ILE A 46 -5.25 -0.87 8.51
CA ILE A 46 -5.39 0.42 7.84
C ILE A 46 -6.18 1.37 8.73
N ALA A 47 -5.51 2.33 9.35
CA ALA A 47 -6.15 3.26 10.26
C ALA A 47 -6.75 4.43 9.48
N HIS A 48 -7.99 4.81 9.83
CA HIS A 48 -8.66 5.92 9.19
C HIS A 48 -9.51 6.67 10.20
N GLY A 49 -8.95 7.75 10.74
CA GLY A 49 -9.71 8.58 11.67
C GLY A 49 -9.80 7.91 13.02
N ASP A 50 -11.02 7.57 13.43
CA ASP A 50 -11.23 6.92 14.71
C ASP A 50 -11.25 5.41 14.53
N ASP A 51 -11.62 4.95 13.33
CA ASP A 51 -11.79 3.52 13.06
C ASP A 51 -10.56 2.94 12.35
N ARG A 52 -10.49 1.62 12.33
CA ARG A 52 -9.37 0.90 11.71
C ARG A 52 -9.88 -0.34 10.97
N TYR A 53 -9.25 -0.64 9.84
CA TYR A 53 -9.65 -1.77 9.01
C TYR A 53 -8.50 -2.77 8.90
N ARG A 54 -8.77 -3.91 8.26
CA ARG A 54 -7.76 -4.94 8.09
C ARG A 54 -7.80 -5.47 6.65
N LEU A 55 -6.78 -5.13 5.87
CA LEU A 55 -6.63 -5.66 4.53
C LEU A 55 -5.90 -7.00 4.60
N ARG A 56 -6.54 -8.07 4.14
CA ARG A 56 -5.97 -9.41 4.21
C ARG A 56 -5.80 -10.00 2.83
N LEU A 57 -4.70 -10.73 2.63
CA LEU A 57 -4.43 -11.38 1.36
C LEU A 57 -4.64 -12.89 1.55
N THR A 58 -5.42 -13.47 0.67
CA THR A 58 -5.69 -14.90 0.71
C THR A 58 -4.52 -15.68 0.12
N SER A 59 -4.64 -17.00 0.05
CA SER A 59 -3.60 -17.84 -0.50
C SER A 59 -3.46 -17.62 -2.01
N GLN A 60 -2.80 -16.52 -2.38
CA GLN A 60 -2.52 -16.16 -3.78
C GLN A 60 -3.75 -15.73 -4.56
N ASN A 61 -4.93 -16.14 -4.11
CA ASN A 61 -6.19 -15.95 -4.83
C ASN A 61 -6.54 -14.46 -4.99
N LYS A 62 -6.64 -13.75 -3.87
CA LYS A 62 -7.14 -12.37 -3.90
C LYS A 62 -6.80 -11.66 -2.60
N LEU A 63 -7.31 -10.44 -2.42
CA LEU A 63 -7.21 -9.72 -1.17
C LEU A 63 -8.56 -9.07 -0.86
N ILE A 64 -8.79 -8.73 0.42
CA ILE A 64 -10.07 -8.21 0.87
C ILE A 64 -9.88 -7.19 1.99
N LEU A 65 -10.94 -6.47 2.31
CA LEU A 65 -10.90 -5.46 3.36
C LEU A 65 -11.96 -5.80 4.40
N THR A 66 -11.55 -6.18 5.59
CA THR A 66 -12.45 -6.60 6.64
C THR A 66 -12.12 -5.96 7.99
N LYS A 67 -12.93 -6.22 8.98
CA LYS A 67 -12.65 -5.82 10.37
C LYS A 67 -13.50 -6.61 11.34
N MET B 1 30.34 1.26 -41.56
CA MET B 1 30.64 0.06 -40.74
C MET B 1 29.54 -0.19 -39.71
N MET B 2 29.03 0.88 -39.11
CA MET B 2 27.97 0.78 -38.13
C MET B 2 27.23 2.11 -38.05
N THR B 3 25.95 2.04 -37.69
CA THR B 3 25.11 3.24 -37.59
C THR B 3 25.69 4.21 -36.56
N ALA B 4 25.78 5.47 -36.95
CA ALA B 4 26.35 6.51 -36.08
C ALA B 4 25.57 6.62 -34.76
N SER B 5 24.32 6.15 -34.78
CA SER B 5 23.45 6.21 -33.60
C SER B 5 23.91 5.27 -32.48
N ASP B 6 25.14 4.77 -32.54
CA ASP B 6 25.69 3.92 -31.47
C ASP B 6 25.72 4.71 -30.16
N ARG B 7 24.71 4.51 -29.33
CA ARG B 7 24.53 5.22 -28.07
C ARG B 7 24.28 6.71 -28.31
N LEU B 8 23.94 7.06 -29.55
CA LEU B 8 23.56 8.41 -29.91
C LEU B 8 22.05 8.47 -29.99
N GLY B 9 21.46 9.44 -29.31
CA GLY B 9 20.01 9.47 -29.17
C GLY B 9 19.57 8.45 -28.16
N ALA B 10 20.31 8.38 -27.05
CA ALA B 10 20.09 7.37 -26.02
C ALA B 10 18.83 7.68 -25.23
N ASP B 11 18.45 8.96 -25.20
CA ASP B 11 17.21 9.38 -24.56
C ASP B 11 16.03 8.88 -25.41
N PRO B 12 15.30 7.86 -24.94
CA PRO B 12 14.28 7.21 -25.75
C PRO B 12 13.02 8.06 -25.92
N THR B 13 12.73 8.89 -24.92
CA THR B 13 11.49 9.67 -24.88
C THR B 13 10.30 8.74 -25.12
N GLN B 14 10.07 7.84 -24.17
CA GLN B 14 9.07 6.80 -24.31
C GLN B 14 7.66 7.38 -24.33
N ALA B 15 6.76 6.69 -25.04
CA ALA B 15 5.36 7.09 -25.12
C ALA B 15 4.70 6.97 -23.74
N ALA B 16 4.78 8.03 -22.96
CA ALA B 16 4.20 8.05 -21.62
C ALA B 16 3.84 9.48 -21.25
N SER B 17 2.60 9.85 -21.54
CA SER B 17 2.11 11.19 -21.22
C SER B 17 1.73 11.27 -19.74
N SER B 18 1.41 10.12 -19.15
CA SER B 18 1.12 10.02 -17.72
C SER B 18 2.42 10.01 -16.90
N PRO B 19 2.68 11.09 -16.12
CA PRO B 19 3.88 11.19 -15.30
C PRO B 19 3.86 10.16 -14.17
N GLY B 20 4.97 9.47 -13.98
CA GLY B 20 5.06 8.46 -12.92
C GLY B 20 5.35 9.07 -11.58
N GLY B 21 4.43 9.93 -11.11
CA GLY B 21 4.58 10.58 -9.82
C GLY B 21 4.54 9.58 -8.69
N ALA B 22 5.68 9.06 -8.33
CA ALA B 22 5.76 8.03 -7.28
C ALA B 22 5.98 8.69 -5.91
N ARG B 23 5.39 8.09 -4.88
CA ARG B 23 5.53 8.57 -3.50
C ARG B 23 5.66 7.40 -2.55
N ALA B 24 6.37 7.62 -1.43
CA ALA B 24 6.65 6.57 -0.48
C ALA B 24 5.77 6.72 0.76
N VAL B 25 5.05 5.64 1.11
CA VAL B 25 4.21 5.61 2.30
C VAL B 25 4.71 4.53 3.25
N SER B 26 4.72 4.83 4.54
CA SER B 26 5.31 3.92 5.52
C SER B 26 4.26 3.04 6.23
N ILE B 27 4.74 1.90 6.71
CA ILE B 27 3.93 0.94 7.47
C ILE B 27 4.56 0.80 8.84
N VAL B 28 3.78 0.99 9.91
CA VAL B 28 4.30 0.88 11.26
C VAL B 28 3.99 -0.52 11.82
N GLY B 29 4.98 -1.41 11.71
CA GLY B 29 4.80 -2.77 12.17
C GLY B 29 4.02 -3.56 11.16
N ASN B 30 2.70 -3.37 11.18
CA ASN B 30 1.79 -4.01 10.23
C ASN B 30 0.59 -3.11 9.94
N GLN B 31 0.68 -1.83 10.33
CA GLN B 31 -0.43 -0.90 10.15
C GLN B 31 -0.02 0.28 9.28
N ILE B 32 -0.76 0.48 8.19
CA ILE B 32 -0.61 1.67 7.35
C ILE B 32 -1.79 2.63 7.63
N ASP B 33 -1.58 3.90 7.34
CA ASP B 33 -2.61 4.90 7.56
C ASP B 33 -3.24 5.33 6.22
N SER B 34 -4.58 5.39 6.19
CA SER B 34 -5.33 5.68 4.96
C SER B 34 -4.98 7.07 4.41
N ARG B 35 -4.53 7.95 5.29
CA ARG B 35 -4.17 9.31 4.91
C ARG B 35 -2.93 9.29 4.02
N GLU B 36 -2.02 8.35 4.32
CA GLU B 36 -0.81 8.20 3.53
C GLU B 36 -1.15 7.93 2.06
N LEU B 37 -2.04 6.95 1.83
CA LEU B 37 -2.41 6.56 0.48
C LEU B 37 -3.22 7.65 -0.21
N PHE B 38 -4.22 8.15 0.50
CA PHE B 38 -5.17 9.09 -0.07
C PHE B 38 -4.82 10.54 0.28
N THR B 39 -3.53 10.79 0.46
CA THR B 39 -3.04 12.12 0.84
C THR B 39 -3.46 13.18 -0.20
N VAL B 40 -3.56 12.76 -1.46
CA VAL B 40 -3.95 13.66 -2.54
C VAL B 40 -5.09 13.05 -3.36
N ASP B 41 -4.95 11.77 -3.72
CA ASP B 41 -5.96 11.08 -4.53
C ASP B 41 -7.17 10.72 -3.67
N ARG B 42 -8.21 10.22 -4.30
CA ARG B 42 -9.42 9.79 -3.62
C ARG B 42 -9.63 8.30 -3.88
N GLU B 43 -8.79 7.76 -4.75
CA GLU B 43 -8.86 6.36 -5.14
C GLU B 43 -7.46 5.88 -5.49
N ILE B 44 -7.16 4.66 -5.10
CA ILE B 44 -5.84 4.07 -5.30
C ILE B 44 -6.02 2.71 -5.96
N VAL B 45 -5.06 2.34 -6.80
CA VAL B 45 -5.10 1.05 -7.47
C VAL B 45 -4.14 0.10 -6.76
N ILE B 46 -4.52 -1.18 -6.70
CA ILE B 46 -3.75 -2.21 -6.00
C ILE B 46 -3.56 -3.40 -6.91
N ALA B 47 -2.35 -3.58 -7.45
CA ALA B 47 -2.08 -4.67 -8.37
C ALA B 47 -1.69 -5.92 -7.59
N HIS B 48 -2.25 -7.06 -8.02
CA HIS B 48 -1.96 -8.34 -7.39
C HIS B 48 -1.93 -9.43 -8.43
N GLY B 49 -0.73 -9.78 -8.90
CA GLY B 49 -0.60 -10.86 -9.85
C GLY B 49 -1.05 -10.43 -11.22
N ASP B 50 -2.11 -11.07 -11.73
CA ASP B 50 -2.65 -10.74 -13.03
C ASP B 50 -3.76 -9.70 -12.89
N ASP B 51 -4.41 -9.67 -11.74
CA ASP B 51 -5.58 -8.82 -11.53
C ASP B 51 -5.21 -7.54 -10.77
N ARG B 52 -6.11 -6.57 -10.75
CA ARG B 52 -5.88 -5.28 -10.10
C ARG B 52 -7.16 -4.82 -9.44
N TYR B 53 -7.02 -4.17 -8.28
CA TYR B 53 -8.18 -3.70 -7.51
C TYR B 53 -8.10 -2.19 -7.37
N ARG B 54 -9.16 -1.60 -6.80
CA ARG B 54 -9.22 -0.16 -6.57
C ARG B 54 -9.73 0.15 -5.16
N LEU B 55 -8.83 0.61 -4.32
CA LEU B 55 -9.19 1.05 -2.96
C LEU B 55 -9.63 2.51 -3.03
N ARG B 56 -10.90 2.77 -2.67
CA ARG B 56 -11.45 4.13 -2.76
C ARG B 56 -11.86 4.61 -1.37
N LEU B 57 -11.63 5.90 -1.13
CA LEU B 57 -12.01 6.53 0.13
C LEU B 57 -13.22 7.43 -0.10
N THR B 58 -14.24 7.25 0.71
CA THR B 58 -15.46 8.05 0.62
C THR B 58 -15.25 9.41 1.27
N SER B 59 -16.28 10.26 1.26
CA SER B 59 -16.19 11.57 1.85
C SER B 59 -16.04 11.48 3.38
N GLN B 60 -14.82 11.18 3.82
CA GLN B 60 -14.47 11.12 5.25
C GLN B 60 -15.06 9.88 5.96
N ASN B 61 -16.13 9.35 5.42
CA ASN B 61 -16.92 8.28 6.06
C ASN B 61 -16.11 6.98 6.26
N LYS B 62 -15.59 6.43 5.17
CA LYS B 62 -14.96 5.13 5.19
C LYS B 62 -14.12 4.91 3.94
N LEU B 63 -13.58 3.70 3.77
CA LEU B 63 -12.91 3.30 2.53
C LEU B 63 -13.34 1.91 2.17
N ILE B 64 -13.17 1.54 0.91
CA ILE B 64 -13.66 0.26 0.37
C ILE B 64 -12.73 -0.27 -0.70
N LEU B 65 -12.90 -1.54 -1.06
CA LEU B 65 -12.08 -2.18 -2.08
C LEU B 65 -12.98 -2.68 -3.20
N THR B 66 -12.88 -2.09 -4.37
CA THR B 66 -13.77 -2.42 -5.48
C THR B 66 -12.98 -2.61 -6.78
N LYS B 67 -13.72 -3.04 -7.78
CA LYS B 67 -13.18 -3.30 -9.11
C LYS B 67 -13.83 -2.36 -10.11
N MET A 1 45.43 -26.22 55.76
CA MET A 1 44.08 -26.09 56.39
C MET A 1 43.36 -24.83 55.88
N MET A 2 43.98 -24.11 54.96
CA MET A 2 43.40 -22.88 54.42
C MET A 2 42.43 -23.22 53.30
N THR A 3 41.22 -23.59 53.68
CA THR A 3 40.19 -23.95 52.70
C THR A 3 39.52 -22.69 52.12
N ALA A 4 39.87 -22.34 50.90
CA ALA A 4 39.31 -21.16 50.25
C ALA A 4 38.04 -21.52 49.47
N SER A 5 36.89 -21.07 49.96
CA SER A 5 35.63 -21.29 49.28
C SER A 5 35.46 -20.26 48.15
N ASP A 6 35.75 -20.68 46.93
CA ASP A 6 35.72 -19.77 45.79
C ASP A 6 34.31 -19.65 45.22
N ARG A 7 33.82 -18.42 45.13
CA ARG A 7 32.51 -18.14 44.58
C ARG A 7 32.62 -17.87 43.08
N LEU A 8 32.32 -18.89 42.29
CA LEU A 8 32.37 -18.76 40.82
C LEU A 8 30.97 -18.92 40.23
N GLY A 9 30.81 -18.51 38.97
CA GLY A 9 29.51 -18.61 38.33
C GLY A 9 29.36 -17.62 37.21
N ALA A 10 29.35 -18.13 35.98
CA ALA A 10 29.16 -17.28 34.80
C ALA A 10 27.68 -16.92 34.64
N ASP A 11 27.42 -15.74 34.12
CA ASP A 11 26.04 -15.27 33.93
C ASP A 11 25.84 -14.74 32.50
N PRO A 12 25.53 -15.63 31.55
CA PRO A 12 25.37 -15.27 30.14
C PRO A 12 24.01 -14.64 29.85
N THR A 13 24.02 -13.36 29.52
CA THR A 13 22.82 -12.66 29.09
C THR A 13 22.53 -12.97 27.62
N GLN A 14 21.76 -14.02 27.41
CA GLN A 14 21.46 -14.50 26.06
C GLN A 14 20.08 -13.99 25.60
N ALA A 15 20.10 -12.89 24.86
CA ALA A 15 18.87 -12.25 24.37
C ALA A 15 19.20 -11.27 23.26
N ALA A 16 18.54 -11.40 22.11
CA ALA A 16 18.82 -10.55 20.94
C ALA A 16 17.52 -9.92 20.42
N SER A 17 17.67 -9.11 19.36
CA SER A 17 16.54 -8.46 18.73
C SER A 17 16.65 -8.52 17.22
N SER A 18 15.52 -8.64 16.54
CA SER A 18 15.48 -8.79 15.09
C SER A 18 14.88 -7.56 14.44
N PRO A 19 15.58 -6.97 13.44
CA PRO A 19 15.05 -5.83 12.67
C PRO A 19 13.78 -6.20 11.92
N GLY A 20 12.68 -5.55 12.28
CA GLY A 20 11.41 -5.82 11.65
C GLY A 20 10.30 -4.93 12.19
N GLY A 21 10.51 -3.61 12.09
CA GLY A 21 9.53 -2.65 12.56
C GLY A 21 8.81 -1.96 11.41
N ALA A 22 9.24 -0.75 11.08
CA ALA A 22 8.65 0.04 10.02
C ALA A 22 9.32 -0.24 8.66
N ARG A 23 8.52 -0.27 7.61
CA ARG A 23 9.03 -0.47 6.26
C ARG A 23 8.41 0.56 5.31
N ALA A 24 9.15 0.93 4.28
CA ALA A 24 8.70 1.93 3.32
C ALA A 24 8.32 1.28 2.00
N VAL A 25 7.14 1.60 1.52
CA VAL A 25 6.64 1.11 0.23
C VAL A 25 6.26 2.28 -0.65
N SER A 26 6.43 2.16 -1.95
CA SER A 26 6.14 3.26 -2.86
C SER A 26 4.85 3.08 -3.64
N ILE A 27 4.32 4.21 -4.08
CA ILE A 27 3.09 4.29 -4.86
C ILE A 27 3.42 5.04 -6.14
N VAL A 28 3.05 4.49 -7.29
CA VAL A 28 3.32 5.11 -8.59
C VAL A 28 2.07 5.81 -9.12
N GLY A 29 2.01 7.12 -8.91
CA GLY A 29 0.87 7.91 -9.32
C GLY A 29 -0.29 7.69 -8.37
N ASN A 30 -0.89 6.51 -8.44
CA ASN A 30 -1.90 6.08 -7.48
C ASN A 30 -1.99 4.56 -7.45
N GLN A 31 -0.95 3.88 -7.94
CA GLN A 31 -0.93 2.43 -8.01
C GLN A 31 0.09 1.86 -7.00
N ILE A 32 -0.08 0.60 -6.65
CA ILE A 32 0.78 -0.09 -5.66
C ILE A 32 0.61 -1.60 -5.84
N ASP A 33 1.67 -2.35 -5.52
CA ASP A 33 1.60 -3.81 -5.61
C ASP A 33 1.27 -4.42 -4.25
N SER A 34 0.37 -5.40 -4.22
CA SER A 34 -0.06 -6.02 -2.98
C SER A 34 1.13 -6.67 -2.25
N ARG A 35 2.13 -7.05 -3.03
CA ARG A 35 3.31 -7.73 -2.50
C ARG A 35 4.12 -6.81 -1.61
N GLU A 36 4.11 -5.52 -1.93
CA GLU A 36 4.83 -4.53 -1.12
C GLU A 36 4.27 -4.47 0.30
N LEU A 37 2.93 -4.51 0.40
CA LEU A 37 2.26 -4.45 1.68
C LEU A 37 2.41 -5.80 2.42
N PHE A 38 2.08 -6.87 1.72
CA PHE A 38 2.06 -8.22 2.30
C PHE A 38 3.41 -8.91 2.13
N THR A 39 4.48 -8.13 2.17
CA THR A 39 5.84 -8.63 1.98
C THR A 39 6.23 -9.68 3.03
N VAL A 40 6.01 -9.36 4.32
CA VAL A 40 6.38 -10.28 5.41
C VAL A 40 5.13 -10.93 6.01
N ASP A 41 4.17 -10.10 6.41
CA ASP A 41 2.88 -10.58 6.91
C ASP A 41 1.93 -10.73 5.71
N ARG A 42 0.66 -10.98 5.99
CA ARG A 42 -0.33 -11.11 4.93
C ARG A 42 -1.62 -10.40 5.33
N GLU A 43 -1.51 -9.49 6.31
CA GLU A 43 -2.62 -8.68 6.74
C GLU A 43 -2.10 -7.30 7.21
N ILE A 44 -2.78 -6.25 6.78
CA ILE A 44 -2.39 -4.88 7.09
C ILE A 44 -3.54 -4.13 7.74
N VAL A 45 -3.23 -3.25 8.68
CA VAL A 45 -4.28 -2.47 9.34
C VAL A 45 -4.27 -1.05 8.79
N ILE A 46 -5.29 -0.73 8.00
CA ILE A 46 -5.49 0.62 7.47
C ILE A 46 -6.32 1.46 8.44
N ALA A 47 -5.66 2.33 9.18
CA ALA A 47 -6.36 3.17 10.17
C ALA A 47 -6.91 4.42 9.49
N HIS A 48 -8.10 4.84 9.91
CA HIS A 48 -8.73 6.03 9.35
C HIS A 48 -9.56 6.73 10.39
N GLY A 49 -9.01 7.80 11.00
CA GLY A 49 -9.77 8.57 11.96
C GLY A 49 -9.80 7.89 13.31
N ASP A 50 -10.98 7.64 13.83
CA ASP A 50 -11.12 6.97 15.09
C ASP A 50 -11.20 5.46 14.88
N ASP A 51 -11.55 5.06 13.66
CA ASP A 51 -11.73 3.64 13.35
C ASP A 51 -10.49 3.06 12.68
N ARG A 52 -10.44 1.74 12.60
CA ARG A 52 -9.30 1.04 12.00
C ARG A 52 -9.82 -0.10 11.13
N TYR A 53 -9.25 -0.25 9.95
CA TYR A 53 -9.65 -1.27 9.00
C TYR A 53 -8.52 -2.24 8.78
N ARG A 54 -8.80 -3.37 8.13
CA ARG A 54 -7.80 -4.40 7.90
C ARG A 54 -7.93 -4.92 6.48
N LEU A 55 -6.79 -4.98 5.78
CA LEU A 55 -6.71 -5.51 4.44
C LEU A 55 -6.00 -6.86 4.51
N ARG A 56 -6.70 -7.93 4.14
CA ARG A 56 -6.18 -9.29 4.30
C ARG A 56 -6.04 -9.97 2.95
N LEU A 57 -4.94 -10.69 2.77
CA LEU A 57 -4.66 -11.38 1.52
C LEU A 57 -4.77 -12.87 1.72
N THR A 58 -5.23 -13.57 0.69
CA THR A 58 -5.32 -15.03 0.72
C THR A 58 -3.97 -15.62 0.33
N SER A 59 -3.90 -16.96 0.26
CA SER A 59 -2.68 -17.64 -0.17
C SER A 59 -2.15 -17.04 -1.47
N GLN A 60 -3.04 -16.74 -2.42
CA GLN A 60 -2.66 -16.09 -3.69
C GLN A 60 -3.89 -15.71 -4.50
N ASN A 61 -5.06 -16.29 -4.19
CA ASN A 61 -6.25 -16.13 -5.01
C ASN A 61 -6.73 -14.67 -5.07
N LYS A 62 -7.14 -14.10 -3.93
CA LYS A 62 -7.60 -12.71 -3.89
C LYS A 62 -7.28 -12.05 -2.54
N LEU A 63 -7.79 -10.87 -2.32
CA LEU A 63 -7.68 -10.18 -1.03
C LEU A 63 -9.01 -9.53 -0.69
N ILE A 64 -9.21 -9.19 0.55
CA ILE A 64 -10.50 -8.66 1.04
C ILE A 64 -10.29 -7.60 2.12
N LEU A 65 -11.37 -6.92 2.45
CA LEU A 65 -11.36 -5.93 3.52
C LEU A 65 -12.02 -6.55 4.76
N THR A 66 -11.61 -6.13 5.94
CA THR A 66 -12.11 -6.71 7.17
C THR A 66 -11.82 -5.79 8.35
N LYS A 67 -12.38 -6.13 9.51
CA LYS A 67 -12.19 -5.38 10.73
C LYS A 67 -12.14 -6.33 11.91
N MET B 1 0.43 57.99 -42.80
CA MET B 1 0.16 56.91 -41.85
C MET B 1 1.32 55.93 -41.77
N MET B 2 1.61 55.43 -40.58
CA MET B 2 2.62 54.40 -40.40
C MET B 2 1.92 53.04 -40.34
N THR B 3 2.34 52.11 -41.19
CA THR B 3 1.73 50.79 -41.24
C THR B 3 2.07 49.99 -39.98
N ALA B 4 1.32 50.25 -38.91
CA ALA B 4 1.51 49.57 -37.65
C ALA B 4 0.90 48.16 -37.71
N SER B 5 1.68 47.21 -38.18
CA SER B 5 1.22 45.85 -38.34
C SER B 5 1.07 45.18 -36.95
N ASP B 6 -0.08 45.39 -36.31
CA ASP B 6 -0.33 44.88 -34.97
C ASP B 6 -0.29 43.35 -34.95
N ARG B 7 0.42 42.81 -33.98
CA ARG B 7 0.58 41.36 -33.84
C ARG B 7 1.12 41.04 -32.45
N LEU B 8 0.71 39.90 -31.89
CA LEU B 8 1.17 39.47 -30.58
C LEU B 8 0.84 38.01 -30.34
N GLY B 9 1.74 37.30 -29.66
CA GLY B 9 1.55 35.89 -29.36
C GLY B 9 0.98 35.70 -27.96
N ALA B 10 -0.22 35.16 -27.89
CA ALA B 10 -0.88 34.90 -26.62
C ALA B 10 -1.39 33.47 -26.61
N ASP B 11 -0.81 32.65 -25.74
CA ASP B 11 -1.18 31.23 -25.65
C ASP B 11 -1.24 30.84 -24.16
N PRO B 12 -2.31 30.14 -23.74
CA PRO B 12 -2.47 29.73 -22.33
C PRO B 12 -1.27 28.94 -21.81
N THR B 13 -0.91 27.87 -22.56
CA THR B 13 0.26 27.04 -22.26
C THR B 13 0.08 26.22 -20.95
N GLN B 14 -0.89 26.60 -20.12
CA GLN B 14 -1.13 25.92 -18.85
C GLN B 14 -1.76 24.56 -19.06
N ALA B 15 -1.03 23.52 -18.70
CA ALA B 15 -1.53 22.15 -18.77
C ALA B 15 -1.03 21.32 -17.58
N ALA B 16 -1.83 21.31 -16.52
CA ALA B 16 -1.50 20.55 -15.30
C ALA B 16 -1.51 19.05 -15.60
N SER B 17 -0.31 18.51 -15.89
CA SER B 17 -0.19 17.11 -16.27
C SER B 17 -0.42 16.17 -15.07
N SER B 18 0.21 16.46 -13.95
CA SER B 18 0.08 15.61 -12.78
C SER B 18 0.38 16.39 -11.49
N PRO B 19 -0.46 16.20 -10.44
CA PRO B 19 -0.23 16.82 -9.12
C PRO B 19 0.82 16.05 -8.29
N GLY B 20 1.40 15.06 -8.92
CA GLY B 20 2.45 14.26 -8.27
C GLY B 20 2.89 13.12 -9.16
N GLY B 21 3.72 12.24 -8.62
CA GLY B 21 4.13 11.05 -9.36
C GLY B 21 4.27 9.86 -8.43
N ALA B 22 5.50 9.46 -8.17
CA ALA B 22 5.77 8.35 -7.26
C ALA B 22 6.01 8.89 -5.85
N ARG B 23 5.41 8.24 -4.84
CA ARG B 23 5.55 8.68 -3.45
C ARG B 23 5.80 7.50 -2.55
N ALA B 24 6.51 7.73 -1.44
CA ALA B 24 6.85 6.68 -0.50
C ALA B 24 6.02 6.84 0.78
N VAL B 25 5.39 5.75 1.20
CA VAL B 25 4.59 5.71 2.42
C VAL B 25 5.10 4.58 3.31
N SER B 26 5.03 4.78 4.61
CA SER B 26 5.56 3.76 5.53
C SER B 26 4.48 2.93 6.20
N ILE B 27 4.89 1.74 6.66
CA ILE B 27 4.04 0.81 7.35
C ILE B 27 4.70 0.46 8.68
N VAL B 28 3.97 0.55 9.77
CA VAL B 28 4.53 0.29 11.09
C VAL B 28 4.10 -1.12 11.57
N GLY B 29 5.03 -2.07 11.40
CA GLY B 29 4.75 -3.46 11.76
C GLY B 29 3.86 -4.10 10.72
N ASN B 30 2.59 -3.71 10.71
CA ASN B 30 1.65 -4.08 9.66
C ASN B 30 0.52 -3.08 9.60
N GLN B 31 0.72 -1.88 10.12
CA GLN B 31 -0.32 -0.85 10.16
C GLN B 31 0.06 0.30 9.21
N ILE B 32 -0.95 1.07 8.81
CA ILE B 32 -0.76 2.19 7.87
C ILE B 32 -1.96 3.13 7.97
N ASP B 33 -1.75 4.41 7.72
CA ASP B 33 -2.84 5.38 7.76
C ASP B 33 -3.40 5.59 6.35
N SER B 34 -4.72 5.64 6.24
CA SER B 34 -5.39 5.80 4.94
C SER B 34 -4.98 7.13 4.29
N ARG B 35 -4.61 8.09 5.12
CA ARG B 35 -4.23 9.44 4.66
C ARG B 35 -2.96 9.40 3.85
N GLU B 36 -2.06 8.48 4.20
CA GLU B 36 -0.80 8.32 3.48
C GLU B 36 -1.05 7.92 2.03
N LEU B 37 -1.97 6.99 1.84
CA LEU B 37 -2.33 6.50 0.51
C LEU B 37 -3.12 7.57 -0.25
N PHE B 38 -4.16 8.08 0.40
CA PHE B 38 -5.12 9.02 -0.23
C PHE B 38 -4.68 10.46 0.00
N THR B 39 -3.37 10.68 0.06
CA THR B 39 -2.79 11.98 0.33
C THR B 39 -3.21 13.04 -0.72
N VAL B 40 -3.04 12.70 -2.00
CA VAL B 40 -3.34 13.63 -3.08
C VAL B 40 -4.65 13.21 -3.79
N ASP B 41 -4.69 11.97 -4.24
CA ASP B 41 -5.90 11.41 -4.83
C ASP B 41 -6.76 10.77 -3.73
N ARG B 42 -7.80 10.07 -4.08
CA ARG B 42 -8.65 9.41 -3.09
C ARG B 42 -9.03 8.00 -3.56
N GLU B 43 -8.23 7.49 -4.50
CA GLU B 43 -8.39 6.14 -5.00
C GLU B 43 -7.02 5.56 -5.39
N ILE B 44 -6.78 4.32 -4.98
CA ILE B 44 -5.49 3.66 -5.19
C ILE B 44 -5.72 2.33 -5.92
N VAL B 45 -4.81 1.96 -6.81
CA VAL B 45 -4.93 0.68 -7.51
C VAL B 45 -3.95 -0.34 -6.93
N ILE B 46 -4.48 -1.30 -6.20
CA ILE B 46 -3.69 -2.39 -5.66
C ILE B 46 -3.61 -3.55 -6.65
N ALA B 47 -2.48 -3.68 -7.33
CA ALA B 47 -2.29 -4.72 -8.33
C ALA B 47 -1.83 -6.01 -7.65
N HIS B 48 -2.33 -7.14 -8.14
CA HIS B 48 -1.97 -8.45 -7.58
C HIS B 48 -1.97 -9.49 -8.67
N GLY B 49 -0.80 -9.83 -9.21
CA GLY B 49 -0.72 -10.88 -10.19
C GLY B 49 -1.11 -10.39 -11.54
N ASP B 50 -2.07 -11.05 -12.16
CA ASP B 50 -2.56 -10.65 -13.46
C ASP B 50 -3.71 -9.65 -13.30
N ASP B 51 -4.32 -9.64 -12.10
CA ASP B 51 -5.49 -8.81 -11.85
C ASP B 51 -5.09 -7.53 -11.12
N ARG B 52 -5.99 -6.55 -11.09
CA ARG B 52 -5.75 -5.28 -10.40
C ARG B 52 -6.99 -4.88 -9.62
N TYR B 53 -6.77 -4.41 -8.41
CA TYR B 53 -7.85 -4.00 -7.51
C TYR B 53 -7.75 -2.51 -7.25
N ARG B 54 -8.80 -1.97 -6.66
CA ARG B 54 -8.87 -0.53 -6.38
C ARG B 54 -9.44 -0.28 -4.99
N LEU B 55 -8.73 0.53 -4.23
CA LEU B 55 -9.14 0.93 -2.90
C LEU B 55 -9.60 2.37 -2.94
N ARG B 56 -10.88 2.60 -2.66
CA ARG B 56 -11.48 3.92 -2.82
C ARG B 56 -11.95 4.47 -1.48
N LEU B 57 -11.73 5.75 -1.24
CA LEU B 57 -12.11 6.41 0.00
C LEU B 57 -13.25 7.38 -0.27
N THR B 58 -14.14 7.50 0.70
CA THR B 58 -15.23 8.47 0.63
C THR B 58 -14.73 9.83 1.11
N SER B 59 -15.64 10.81 1.15
CA SER B 59 -15.31 12.16 1.63
C SER B 59 -14.60 12.08 2.98
N GLN B 60 -15.09 11.21 3.86
CA GLN B 60 -14.46 10.98 5.16
C GLN B 60 -15.10 9.81 5.92
N ASN B 61 -16.29 9.40 5.51
CA ASN B 61 -17.07 8.42 6.25
C ASN B 61 -16.36 7.06 6.32
N LYS B 62 -16.18 6.40 5.17
CA LYS B 62 -15.49 5.10 5.13
C LYS B 62 -14.70 4.92 3.83
N LEU B 63 -14.19 3.70 3.61
CA LEU B 63 -13.54 3.36 2.35
C LEU B 63 -13.98 1.94 1.95
N ILE B 64 -13.79 1.60 0.68
CA ILE B 64 -14.28 0.34 0.14
C ILE B 64 -13.31 -0.24 -0.88
N LEU B 65 -13.53 -1.46 -1.27
CA LEU B 65 -12.76 -2.11 -2.31
C LEU B 65 -13.56 -2.12 -3.61
N THR B 66 -12.90 -2.08 -4.75
CA THR B 66 -13.57 -2.01 -6.02
C THR B 66 -12.64 -2.43 -7.15
N LYS B 67 -13.22 -2.61 -8.33
CA LYS B 67 -12.50 -2.93 -9.55
C LYS B 67 -13.20 -2.30 -10.73
N MET A 1 8.93 -32.52 62.23
CA MET A 1 8.72 -31.29 61.44
C MET A 1 7.66 -31.53 60.37
N MET A 2 7.46 -30.52 59.51
CA MET A 2 6.49 -30.63 58.43
C MET A 2 7.18 -30.63 57.08
N THR A 3 6.43 -30.98 56.03
CA THR A 3 6.96 -31.09 54.68
C THR A 3 6.95 -29.72 54.00
N ALA A 4 7.29 -28.68 54.76
CA ALA A 4 7.30 -27.32 54.22
C ALA A 4 8.49 -27.12 53.29
N SER A 5 8.31 -27.51 52.04
CA SER A 5 9.31 -27.37 51.00
C SER A 5 8.66 -27.20 49.64
N ASP A 6 8.27 -25.97 49.31
CA ASP A 6 7.56 -25.70 48.06
C ASP A 6 8.52 -25.27 46.97
N ARG A 7 8.09 -25.43 45.73
CA ARG A 7 8.91 -25.09 44.58
C ARG A 7 8.83 -23.59 44.31
N LEU A 8 9.99 -22.95 44.20
CA LEU A 8 10.07 -21.51 43.89
C LEU A 8 11.23 -21.25 42.96
N GLY A 9 11.13 -20.16 42.18
CA GLY A 9 12.17 -19.83 41.23
C GLY A 9 11.78 -18.69 40.29
N ALA A 10 10.47 -18.46 40.15
CA ALA A 10 9.95 -17.43 39.27
C ALA A 10 10.31 -17.68 37.82
N ASP A 11 9.43 -18.37 37.11
CA ASP A 11 9.63 -18.68 35.69
C ASP A 11 9.55 -17.39 34.87
N PRO A 12 10.45 -17.23 33.87
CA PRO A 12 10.47 -16.05 33.00
C PRO A 12 9.24 -16.03 32.08
N THR A 13 8.42 -14.98 32.21
CA THR A 13 7.26 -14.81 31.36
C THR A 13 7.65 -14.50 29.91
N GLN A 14 7.22 -15.34 28.98
CA GLN A 14 7.57 -15.20 27.58
C GLN A 14 6.59 -14.31 26.86
N ALA A 15 6.97 -13.05 26.67
CA ALA A 15 6.12 -12.05 26.04
C ALA A 15 6.29 -12.09 24.52
N ALA A 16 5.19 -11.91 23.81
CA ALA A 16 5.22 -11.90 22.35
C ALA A 16 5.68 -10.54 21.83
N SER A 17 6.95 -10.25 22.06
CA SER A 17 7.56 -9.01 21.57
C SER A 17 7.99 -9.16 20.11
N SER A 18 7.09 -8.84 19.19
CA SER A 18 7.35 -8.99 17.77
C SER A 18 7.83 -7.65 17.19
N PRO A 19 9.12 -7.55 16.82
CA PRO A 19 9.68 -6.33 16.23
C PRO A 19 9.09 -6.03 14.85
N GLY A 20 8.46 -4.87 14.71
CA GLY A 20 7.84 -4.48 13.46
C GLY A 20 8.43 -3.20 12.93
N GLY A 21 9.64 -3.30 12.36
CA GLY A 21 10.30 -2.15 11.79
C GLY A 21 9.51 -1.48 10.69
N ALA A 22 9.82 -0.23 10.41
CA ALA A 22 9.10 0.53 9.40
C ALA A 22 9.60 0.18 8.00
N ARG A 23 8.83 -0.63 7.28
CA ARG A 23 9.12 -0.95 5.89
C ARG A 23 8.56 0.17 5.00
N ALA A 24 9.35 0.64 4.04
CA ALA A 24 8.97 1.74 3.18
C ALA A 24 8.52 1.21 1.82
N VAL A 25 7.29 1.52 1.46
CA VAL A 25 6.71 1.11 0.17
C VAL A 25 6.37 2.34 -0.66
N SER A 26 6.60 2.25 -1.96
CA SER A 26 6.37 3.41 -2.83
C SER A 26 5.05 3.28 -3.58
N ILE A 27 4.54 4.44 -3.99
CA ILE A 27 3.30 4.56 -4.72
C ILE A 27 3.57 5.42 -5.96
N VAL A 28 3.20 4.92 -7.14
CA VAL A 28 3.45 5.65 -8.36
C VAL A 28 2.15 6.31 -8.84
N GLY A 29 2.00 7.57 -8.50
CA GLY A 29 0.76 8.28 -8.79
C GLY A 29 -0.31 7.91 -7.78
N ASN A 30 -0.93 6.76 -7.99
CA ASN A 30 -1.88 6.19 -7.04
C ASN A 30 -1.89 4.67 -7.15
N GLN A 31 -0.81 4.11 -7.70
CA GLN A 31 -0.73 2.68 -7.98
C GLN A 31 0.23 2.01 -6.97
N ILE A 32 -0.03 0.74 -6.68
CA ILE A 32 0.80 -0.05 -5.76
C ILE A 32 0.54 -1.54 -6.02
N ASP A 33 1.48 -2.41 -5.66
CA ASP A 33 1.30 -3.84 -5.82
C ASP A 33 1.09 -4.51 -4.46
N SER A 34 0.31 -5.58 -4.44
CA SER A 34 -0.02 -6.30 -3.21
C SER A 34 1.22 -6.90 -2.56
N ARG A 35 2.26 -7.13 -3.37
CA ARG A 35 3.48 -7.77 -2.89
C ARG A 35 4.20 -6.85 -1.90
N GLU A 36 4.19 -5.55 -2.19
CA GLU A 36 4.89 -4.57 -1.35
C GLU A 36 4.32 -4.60 0.07
N LEU A 37 2.99 -4.68 0.17
CA LEU A 37 2.31 -4.67 1.47
C LEU A 37 2.44 -6.03 2.16
N PHE A 38 2.11 -7.08 1.42
CA PHE A 38 2.07 -8.43 1.98
C PHE A 38 3.37 -9.16 1.72
N THR A 39 4.46 -8.42 1.70
CA THR A 39 5.80 -8.99 1.46
C THR A 39 6.21 -9.98 2.55
N VAL A 40 5.84 -9.67 3.80
CA VAL A 40 6.19 -10.54 4.93
C VAL A 40 4.92 -11.04 5.65
N ASP A 41 4.06 -10.10 6.00
CA ASP A 41 2.79 -10.43 6.66
C ASP A 41 1.75 -10.83 5.61
N ARG A 42 0.52 -11.04 6.05
CA ARG A 42 -0.55 -11.44 5.11
C ARG A 42 -1.80 -10.59 5.39
N GLU A 43 -1.67 -9.64 6.31
CA GLU A 43 -2.75 -8.75 6.69
C GLU A 43 -2.19 -7.38 7.07
N ILE A 44 -2.86 -6.34 6.59
CA ILE A 44 -2.43 -4.96 6.83
C ILE A 44 -3.51 -4.18 7.54
N VAL A 45 -3.13 -3.35 8.49
CA VAL A 45 -4.08 -2.53 9.26
C VAL A 45 -4.12 -1.12 8.69
N ILE A 46 -5.33 -0.56 8.56
CA ILE A 46 -5.54 0.74 7.95
C ILE A 46 -6.39 1.64 8.85
N ALA A 47 -5.75 2.61 9.50
CA ALA A 47 -6.46 3.52 10.40
C ALA A 47 -7.11 4.66 9.63
N HIS A 48 -8.35 4.98 9.94
CA HIS A 48 -9.07 6.08 9.28
C HIS A 48 -9.94 6.81 10.29
N GLY A 49 -9.38 7.86 10.89
CA GLY A 49 -10.14 8.63 11.86
C GLY A 49 -10.10 7.96 13.21
N ASP A 50 -11.25 7.60 13.74
CA ASP A 50 -11.33 6.89 15.01
C ASP A 50 -11.51 5.39 14.74
N ASP A 51 -11.91 5.05 13.54
CA ASP A 51 -12.17 3.65 13.16
C ASP A 51 -10.95 3.06 12.46
N ARG A 52 -10.88 1.72 12.40
CA ARG A 52 -9.74 1.04 11.81
C ARG A 52 -10.20 -0.16 10.99
N TYR A 53 -9.53 -0.37 9.86
CA TYR A 53 -9.84 -1.48 8.96
C TYR A 53 -8.60 -2.37 8.80
N ARG A 54 -8.78 -3.47 8.07
CA ARG A 54 -7.69 -4.41 7.81
C ARG A 54 -7.77 -4.93 6.37
N LEU A 55 -6.77 -4.59 5.57
CA LEU A 55 -6.64 -5.13 4.22
C LEU A 55 -5.99 -6.50 4.31
N ARG A 56 -6.78 -7.54 4.07
CA ARG A 56 -6.33 -8.92 4.32
C ARG A 56 -6.17 -9.67 2.99
N LEU A 57 -5.10 -10.45 2.91
CA LEU A 57 -4.82 -11.25 1.70
C LEU A 57 -5.05 -12.73 2.02
N THR A 58 -5.64 -13.44 1.06
CA THR A 58 -5.87 -14.87 1.19
C THR A 58 -4.58 -15.62 0.86
N SER A 59 -4.63 -16.97 0.90
CA SER A 59 -3.47 -17.79 0.56
C SER A 59 -2.84 -17.34 -0.77
N GLN A 60 -3.67 -16.83 -1.69
CA GLN A 60 -3.21 -16.31 -2.98
C GLN A 60 -4.38 -15.85 -3.85
N ASN A 61 -5.54 -16.47 -3.58
CA ASN A 61 -6.76 -16.28 -4.38
C ASN A 61 -7.06 -14.80 -4.62
N LYS A 62 -7.35 -14.07 -3.55
CA LYS A 62 -7.66 -12.63 -3.67
C LYS A 62 -7.37 -11.92 -2.37
N LEU A 63 -7.81 -10.66 -2.28
CA LEU A 63 -7.68 -9.88 -1.06
C LEU A 63 -9.01 -9.18 -0.80
N ILE A 64 -9.21 -8.75 0.44
CA ILE A 64 -10.48 -8.16 0.87
C ILE A 64 -10.25 -7.14 1.98
N LEU A 65 -11.30 -6.41 2.31
CA LEU A 65 -11.25 -5.43 3.39
C LEU A 65 -12.17 -5.90 4.51
N THR A 66 -11.70 -5.82 5.76
CA THR A 66 -12.41 -6.41 6.90
C THR A 66 -11.92 -5.71 8.15
N LYS A 67 -12.47 -6.06 9.31
CA LYS A 67 -12.03 -5.53 10.59
C LYS A 67 -12.71 -6.26 11.74
N MET B 1 7.97 34.10 -57.31
CA MET B 1 8.58 33.54 -56.08
C MET B 1 7.83 34.00 -54.84
N MET B 2 6.92 33.16 -54.36
CA MET B 2 6.13 33.49 -53.18
C MET B 2 5.62 32.22 -52.51
N THR B 3 5.92 32.07 -51.21
CA THR B 3 5.50 30.94 -50.41
C THR B 3 5.34 31.38 -48.94
N ALA B 4 4.31 30.89 -48.28
CA ALA B 4 3.99 31.30 -46.90
C ALA B 4 5.05 30.81 -45.92
N SER B 5 6.01 30.03 -46.40
CA SER B 5 7.08 29.51 -45.56
C SER B 5 8.29 30.44 -45.60
N ASP B 6 8.17 31.55 -46.35
CA ASP B 6 9.24 32.52 -46.44
C ASP B 6 9.54 33.12 -45.07
N ARG B 7 8.49 33.38 -44.32
CA ARG B 7 8.60 33.89 -42.96
C ARG B 7 7.38 33.46 -42.15
N LEU B 8 7.57 32.45 -41.31
CA LEU B 8 6.53 31.93 -40.44
C LEU B 8 7.12 30.97 -39.41
N GLY B 9 7.07 31.38 -38.13
CA GLY B 9 7.57 30.56 -37.05
C GLY B 9 6.46 29.75 -36.39
N ALA B 10 6.02 28.69 -37.05
CA ALA B 10 5.02 27.81 -36.49
C ALA B 10 5.66 26.95 -35.38
N ASP B 11 5.52 27.41 -34.14
CA ASP B 11 6.12 26.74 -32.98
C ASP B 11 5.44 25.39 -32.73
N PRO B 12 6.25 24.34 -32.53
CA PRO B 12 5.76 22.99 -32.23
C PRO B 12 5.61 22.72 -30.73
N THR B 13 5.59 23.82 -29.97
CA THR B 13 5.55 23.76 -28.50
C THR B 13 4.50 22.76 -27.99
N GLN B 14 4.89 21.97 -27.00
CA GLN B 14 4.02 20.97 -26.37
C GLN B 14 4.56 20.63 -24.99
N ALA B 15 3.76 20.82 -23.96
CA ALA B 15 4.15 20.50 -22.60
C ALA B 15 2.96 19.91 -21.86
N ALA B 16 2.68 18.63 -22.13
CA ALA B 16 1.58 17.93 -21.51
C ALA B 16 1.86 17.68 -20.03
N SER B 17 1.05 18.30 -19.18
CA SER B 17 1.20 18.17 -17.73
C SER B 17 0.73 16.78 -17.27
N SER B 18 1.67 15.99 -16.72
CA SER B 18 1.37 14.66 -16.25
C SER B 18 1.54 14.57 -14.73
N PRO B 19 0.47 14.82 -13.96
CA PRO B 19 0.51 14.80 -12.50
C PRO B 19 0.60 13.36 -11.95
N GLY B 20 0.91 13.25 -10.66
CA GLY B 20 1.03 11.96 -10.03
C GLY B 20 2.25 11.89 -9.15
N GLY B 21 3.39 11.56 -9.75
CA GLY B 21 4.64 11.50 -9.00
C GLY B 21 4.73 10.27 -8.10
N ALA B 22 5.96 9.88 -7.77
CA ALA B 22 6.18 8.78 -6.84
C ALA B 22 6.19 9.28 -5.40
N ARG B 23 5.38 8.66 -4.54
CA ARG B 23 5.31 9.04 -3.14
C ARG B 23 5.61 7.82 -2.26
N ALA B 24 6.47 8.03 -1.25
CA ALA B 24 6.90 6.95 -0.38
C ALA B 24 6.14 6.95 0.94
N VAL B 25 5.46 5.86 1.22
CA VAL B 25 4.70 5.71 2.46
C VAL B 25 5.27 4.55 3.28
N SER B 26 5.30 4.73 4.58
CA SER B 26 5.89 3.74 5.48
C SER B 26 4.83 2.86 6.14
N ILE B 27 5.27 1.67 6.51
CA ILE B 27 4.45 0.68 7.19
C ILE B 27 5.17 0.21 8.46
N VAL B 28 4.50 0.27 9.59
CA VAL B 28 5.10 -0.11 10.86
C VAL B 28 4.62 -1.50 11.24
N GLY B 29 5.44 -2.50 10.91
CA GLY B 29 5.05 -3.87 11.15
C GLY B 29 4.11 -4.33 10.06
N ASN B 30 2.83 -3.96 10.21
CA ASN B 30 1.82 -4.22 9.17
C ASN B 30 0.74 -3.16 9.24
N GLN B 31 1.06 -2.03 9.86
CA GLN B 31 0.08 -0.97 10.07
C GLN B 31 0.33 0.21 9.16
N ILE B 32 -0.74 0.94 8.83
CA ILE B 32 -0.66 2.11 7.94
C ILE B 32 -1.92 2.97 8.14
N ASP B 33 -1.83 4.25 7.81
CA ASP B 33 -3.00 5.13 7.94
C ASP B 33 -3.53 5.49 6.54
N SER B 34 -4.84 5.70 6.47
CA SER B 34 -5.51 5.99 5.22
C SER B 34 -5.02 7.33 4.63
N ARG B 35 -4.52 8.20 5.51
CA ARG B 35 -4.07 9.53 5.10
C ARG B 35 -2.85 9.43 4.18
N GLU B 36 -1.95 8.52 4.50
CA GLU B 36 -0.74 8.33 3.72
C GLU B 36 -1.04 8.01 2.27
N LEU B 37 -2.02 7.12 2.07
CA LEU B 37 -2.41 6.67 0.73
C LEU B 37 -3.24 7.74 0.03
N PHE B 38 -4.26 8.22 0.70
CA PHE B 38 -5.22 9.17 0.12
C PHE B 38 -4.84 10.61 0.45
N THR B 39 -3.54 10.87 0.57
CA THR B 39 -3.03 12.19 0.89
C THR B 39 -3.39 13.21 -0.21
N VAL B 40 -3.35 12.78 -1.46
CA VAL B 40 -3.65 13.65 -2.59
C VAL B 40 -4.84 13.14 -3.39
N ASP B 41 -4.78 11.87 -3.78
CA ASP B 41 -5.84 11.23 -4.54
C ASP B 41 -6.91 10.73 -3.57
N ARG B 42 -7.91 10.04 -4.08
CA ARG B 42 -8.98 9.50 -3.23
C ARG B 42 -9.26 8.05 -3.60
N GLU B 43 -8.42 7.49 -4.48
CA GLU B 43 -8.54 6.13 -4.93
C GLU B 43 -7.15 5.56 -5.22
N ILE B 44 -6.90 4.34 -4.78
CA ILE B 44 -5.61 3.70 -4.95
C ILE B 44 -5.78 2.40 -5.72
N VAL B 45 -4.84 2.10 -6.60
CA VAL B 45 -4.88 0.89 -7.42
C VAL B 45 -3.94 -0.16 -6.83
N ILE B 46 -4.39 -1.42 -6.81
CA ILE B 46 -3.63 -2.48 -6.15
C ILE B 46 -3.56 -3.71 -7.08
N ALA B 47 -2.39 -3.92 -7.66
CA ALA B 47 -2.19 -5.03 -8.58
C ALA B 47 -1.86 -6.31 -7.83
N HIS B 48 -2.49 -7.42 -8.23
CA HIS B 48 -2.25 -8.71 -7.60
C HIS B 48 -2.28 -9.81 -8.64
N GLY B 49 -1.11 -10.15 -9.18
CA GLY B 49 -1.05 -11.17 -10.19
C GLY B 49 -1.39 -10.63 -11.55
N ASP B 50 -2.42 -11.18 -12.17
CA ASP B 50 -2.92 -10.68 -13.44
C ASP B 50 -4.12 -9.78 -13.23
N ASP B 51 -4.73 -9.86 -12.06
CA ASP B 51 -5.91 -9.09 -11.73
C ASP B 51 -5.52 -7.80 -10.98
N ARG B 52 -6.42 -6.83 -10.94
CA ARG B 52 -6.14 -5.56 -10.29
C ARG B 52 -7.37 -5.07 -9.53
N TYR B 53 -7.14 -4.47 -8.37
CA TYR B 53 -8.19 -3.95 -7.49
C TYR B 53 -7.98 -2.46 -7.28
N ARG B 54 -8.91 -1.82 -6.58
CA ARG B 54 -8.85 -0.41 -6.27
C ARG B 54 -9.36 -0.15 -4.86
N LEU B 55 -8.46 0.29 -3.97
CA LEU B 55 -8.84 0.73 -2.63
C LEU B 55 -9.36 2.15 -2.71
N ARG B 56 -10.66 2.33 -2.55
CA ARG B 56 -11.30 3.62 -2.79
C ARG B 56 -11.80 4.22 -1.48
N LEU B 57 -11.62 5.52 -1.32
CA LEU B 57 -12.07 6.25 -0.14
C LEU B 57 -13.26 7.14 -0.50
N THR B 58 -14.25 7.16 0.40
CA THR B 58 -15.42 8.04 0.23
C THR B 58 -15.06 9.47 0.65
N SER B 59 -16.04 10.38 0.56
CA SER B 59 -15.84 11.77 0.98
C SER B 59 -15.16 11.87 2.35
N GLN B 60 -15.43 10.87 3.21
CA GLN B 60 -14.81 10.80 4.55
C GLN B 60 -15.41 9.61 5.32
N ASN B 61 -16.63 9.24 4.95
CA ASN B 61 -17.38 8.20 5.69
C ASN B 61 -16.54 6.95 5.95
N LYS B 62 -16.17 6.26 4.89
CA LYS B 62 -15.39 5.03 5.02
C LYS B 62 -14.59 4.78 3.75
N LEU B 63 -14.03 3.58 3.63
CA LEU B 63 -13.28 3.16 2.46
C LEU B 63 -13.69 1.74 2.12
N ILE B 64 -13.44 1.32 0.88
CA ILE B 64 -13.88 0.02 0.39
C ILE B 64 -12.94 -0.50 -0.68
N LEU B 65 -13.13 -1.74 -1.08
CA LEU B 65 -12.33 -2.36 -2.12
C LEU B 65 -13.22 -2.64 -3.32
N THR B 66 -12.84 -2.16 -4.49
CA THR B 66 -13.62 -2.36 -5.70
C THR B 66 -12.70 -2.52 -6.90
N LYS B 67 -13.29 -2.76 -8.07
CA LYS B 67 -12.56 -2.89 -9.33
C LYS B 67 -13.22 -2.02 -10.39
N MET A 1 37.40 -59.47 7.16
CA MET A 1 36.28 -58.56 6.80
C MET A 1 36.52 -57.17 7.37
N MET A 2 36.68 -56.20 6.48
CA MET A 2 36.90 -54.80 6.87
C MET A 2 35.76 -53.93 6.35
N THR A 3 35.10 -53.22 7.27
CA THR A 3 33.96 -52.40 6.90
C THR A 3 33.86 -51.20 7.84
N ALA A 4 33.42 -50.07 7.30
CA ALA A 4 33.25 -48.85 8.09
C ALA A 4 32.13 -48.00 7.51
N SER A 5 31.06 -47.81 8.28
CA SER A 5 29.95 -46.95 7.84
C SER A 5 30.24 -45.48 8.17
N ASP A 6 30.55 -44.70 7.14
CA ASP A 6 30.86 -43.27 7.31
C ASP A 6 29.61 -42.51 7.75
N ARG A 7 29.76 -41.68 8.78
CA ARG A 7 28.63 -40.91 9.28
C ARG A 7 28.45 -39.65 8.48
N LEU A 8 27.81 -39.78 7.32
CA LEU A 8 27.47 -38.64 6.48
C LEU A 8 26.36 -37.83 7.16
N GLY A 9 26.71 -36.67 7.71
CA GLY A 9 25.77 -35.85 8.46
C GLY A 9 24.69 -35.25 7.58
N ALA A 10 23.58 -34.89 8.20
CA ALA A 10 22.48 -34.24 7.50
C ALA A 10 21.79 -33.24 8.42
N ASP A 11 22.24 -31.97 8.36
CA ASP A 11 21.64 -30.91 9.15
C ASP A 11 20.60 -30.16 8.30
N PRO A 12 19.37 -29.97 8.81
CA PRO A 12 18.31 -29.32 8.04
C PRO A 12 18.46 -27.80 8.00
N THR A 13 18.65 -27.25 6.80
CA THR A 13 18.81 -25.82 6.63
C THR A 13 17.45 -25.18 6.32
N GLN A 14 17.11 -24.14 7.09
CA GLN A 14 15.89 -23.40 6.89
C GLN A 14 15.95 -22.08 7.65
N ALA A 15 15.55 -21.00 7.00
CA ALA A 15 15.56 -19.67 7.61
C ALA A 15 14.14 -19.10 7.73
N ALA A 16 13.94 -18.23 8.71
CA ALA A 16 12.64 -17.59 8.91
C ALA A 16 12.67 -16.19 8.31
N SER A 17 11.76 -15.94 7.38
CA SER A 17 11.66 -14.64 6.73
C SER A 17 11.22 -13.58 7.75
N SER A 18 12.18 -12.91 8.35
CA SER A 18 11.92 -11.90 9.36
C SER A 18 11.24 -10.67 8.73
N PRO A 19 10.01 -10.35 9.15
CA PRO A 19 9.24 -9.23 8.59
C PRO A 19 9.84 -7.87 8.94
N GLY A 20 9.81 -6.94 7.99
CA GLY A 20 10.32 -5.62 8.24
C GLY A 20 9.41 -4.84 9.16
N GLY A 21 9.95 -4.40 10.30
CA GLY A 21 9.19 -3.65 11.27
C GLY A 21 8.58 -2.39 10.68
N ALA A 22 9.43 -1.41 10.42
CA ALA A 22 9.02 -0.20 9.75
C ALA A 22 9.72 -0.16 8.38
N ARG A 23 8.92 -0.13 7.32
CA ARG A 23 9.45 -0.29 5.97
C ARG A 23 8.87 0.78 5.05
N ALA A 24 9.60 1.15 4.02
CA ALA A 24 9.14 2.15 3.08
C ALA A 24 8.66 1.52 1.77
N VAL A 25 7.39 1.72 1.45
CA VAL A 25 6.80 1.25 0.21
C VAL A 25 6.36 2.45 -0.63
N SER A 26 6.57 2.33 -1.95
CA SER A 26 6.34 3.48 -2.84
C SER A 26 4.95 3.39 -3.49
N ILE A 27 4.42 4.58 -3.80
CA ILE A 27 3.16 4.74 -4.51
C ILE A 27 3.44 5.51 -5.79
N VAL A 28 3.04 4.96 -6.93
CA VAL A 28 3.32 5.57 -8.22
C VAL A 28 2.02 5.86 -8.96
N GLY A 29 1.67 7.16 -9.11
CA GLY A 29 0.43 7.53 -9.75
C GLY A 29 -0.77 6.92 -9.07
N ASN A 30 -0.82 7.13 -7.74
CA ASN A 30 -1.86 6.57 -6.85
C ASN A 30 -2.05 5.06 -7.08
N GLN A 31 -1.02 4.40 -7.60
CA GLN A 31 -1.04 2.94 -7.79
C GLN A 31 -0.02 2.27 -6.83
N ILE A 32 -0.22 0.99 -6.56
CA ILE A 32 0.63 0.23 -5.68
C ILE A 32 0.46 -1.26 -5.96
N ASP A 33 1.45 -2.06 -5.59
CA ASP A 33 1.36 -3.50 -5.82
C ASP A 33 1.09 -4.22 -4.51
N SER A 34 0.20 -5.21 -4.55
CA SER A 34 -0.18 -6.00 -3.38
C SER A 34 1.03 -6.73 -2.78
N ARG A 35 2.04 -6.97 -3.62
CA ARG A 35 3.25 -7.68 -3.19
C ARG A 35 4.04 -6.85 -2.18
N GLU A 36 4.03 -5.53 -2.39
CA GLU A 36 4.75 -4.62 -1.48
C GLU A 36 4.18 -4.65 -0.07
N LEU A 37 2.86 -4.65 0.01
CA LEU A 37 2.17 -4.62 1.30
C LEU A 37 2.25 -5.98 2.00
N PHE A 38 2.22 -7.05 1.23
CA PHE A 38 2.19 -8.40 1.77
C PHE A 38 3.47 -9.16 1.43
N THR A 39 4.58 -8.43 1.33
CA THR A 39 5.88 -9.05 1.02
C THR A 39 6.21 -10.18 2.00
N VAL A 40 5.88 -9.96 3.27
CA VAL A 40 6.05 -10.97 4.31
C VAL A 40 4.94 -10.78 5.35
N ASP A 41 3.69 -10.86 4.88
CA ASP A 41 2.52 -10.38 5.64
C ASP A 41 1.29 -11.05 5.09
N ARG A 42 0.32 -11.35 5.95
CA ARG A 42 -0.93 -11.97 5.51
C ARG A 42 -2.10 -11.05 5.87
N GLU A 43 -1.75 -9.84 6.26
CA GLU A 43 -2.74 -8.92 6.82
C GLU A 43 -2.10 -7.56 7.07
N ILE A 44 -2.79 -6.49 6.65
CA ILE A 44 -2.35 -5.12 6.88
C ILE A 44 -3.45 -4.35 7.57
N VAL A 45 -3.09 -3.53 8.55
CA VAL A 45 -4.08 -2.75 9.29
C VAL A 45 -4.12 -1.32 8.74
N ILE A 46 -5.32 -0.79 8.62
CA ILE A 46 -5.54 0.52 8.00
C ILE A 46 -6.36 1.39 8.93
N ALA A 47 -5.72 2.36 9.56
CA ALA A 47 -6.42 3.27 10.45
C ALA A 47 -7.04 4.43 9.68
N HIS A 48 -8.28 4.78 9.99
CA HIS A 48 -8.97 5.86 9.31
C HIS A 48 -9.88 6.60 10.25
N GLY A 49 -9.39 7.70 10.82
CA GLY A 49 -10.20 8.50 11.73
C GLY A 49 -10.04 7.99 13.15
N ASP A 50 -10.97 7.12 13.53
CA ASP A 50 -10.92 6.44 14.84
C ASP A 50 -11.19 4.96 14.65
N ASP A 51 -11.70 4.61 13.47
CA ASP A 51 -12.00 3.24 13.12
C ASP A 51 -10.79 2.60 12.41
N ARG A 52 -10.74 1.28 12.36
CA ARG A 52 -9.59 0.58 11.79
C ARG A 52 -10.07 -0.58 10.91
N TYR A 53 -9.42 -0.74 9.77
CA TYR A 53 -9.75 -1.78 8.80
C TYR A 53 -8.62 -2.79 8.73
N ARG A 54 -8.89 -3.94 8.14
CA ARG A 54 -7.91 -5.01 7.97
C ARG A 54 -7.91 -5.50 6.52
N LEU A 55 -6.84 -5.17 5.80
CA LEU A 55 -6.63 -5.67 4.44
C LEU A 55 -5.95 -7.05 4.55
N ARG A 56 -6.68 -8.12 4.28
CA ARG A 56 -6.20 -9.46 4.53
C ARG A 56 -6.05 -10.23 3.23
N LEU A 57 -5.00 -11.02 3.13
CA LEU A 57 -4.69 -11.78 1.92
C LEU A 57 -4.83 -13.27 2.21
N THR A 58 -5.33 -14.01 1.24
CA THR A 58 -5.48 -15.46 1.35
C THR A 58 -4.12 -16.15 1.20
N SER A 59 -4.12 -17.48 1.22
CA SER A 59 -2.88 -18.24 1.02
C SER A 59 -2.25 -17.89 -0.34
N GLN A 60 -3.10 -17.66 -1.37
CA GLN A 60 -2.61 -17.32 -2.72
C GLN A 60 -3.76 -16.92 -3.65
N ASN A 61 -4.98 -17.10 -3.20
CA ASN A 61 -6.17 -16.84 -4.05
C ASN A 61 -6.31 -15.34 -4.40
N LYS A 62 -6.59 -14.53 -3.39
CA LYS A 62 -6.79 -13.10 -3.58
C LYS A 62 -6.64 -12.35 -2.26
N LEU A 63 -7.12 -11.10 -2.21
CA LEU A 63 -7.09 -10.31 -0.98
C LEU A 63 -8.45 -9.62 -0.80
N ILE A 64 -8.71 -9.17 0.41
CA ILE A 64 -10.01 -8.58 0.75
C ILE A 64 -9.86 -7.52 1.83
N LEU A 65 -10.93 -6.81 2.10
CA LEU A 65 -10.96 -5.75 3.12
C LEU A 65 -12.04 -6.08 4.12
N THR A 66 -11.64 -6.37 5.36
CA THR A 66 -12.59 -6.71 6.41
C THR A 66 -12.27 -5.94 7.70
N LYS A 67 -13.07 -6.15 8.73
CA LYS A 67 -12.83 -5.59 10.05
C LYS A 67 -13.01 -6.67 11.11
N MET B 1 17.10 44.90 -39.88
CA MET B 1 17.87 43.88 -39.14
C MET B 1 17.09 43.42 -37.91
N MET B 2 17.00 42.12 -37.70
CA MET B 2 16.40 41.56 -36.51
C MET B 2 17.51 41.10 -35.57
N THR B 3 17.40 41.42 -34.29
CA THR B 3 18.42 41.05 -33.32
C THR B 3 17.77 40.62 -32.00
N ALA B 4 17.60 39.31 -31.86
CA ALA B 4 17.00 38.72 -30.67
C ALA B 4 17.33 37.24 -30.60
N SER B 5 18.58 36.94 -30.23
CA SER B 5 19.02 35.57 -30.07
C SER B 5 18.69 35.04 -28.67
N ASP B 6 18.17 35.95 -27.83
CA ASP B 6 17.69 35.58 -26.49
C ASP B 6 16.29 35.04 -26.58
N ARG B 7 16.04 33.89 -25.95
CA ARG B 7 14.74 33.24 -25.96
C ARG B 7 14.27 32.93 -24.56
N LEU B 8 13.10 33.43 -24.22
CA LEU B 8 12.48 33.16 -22.91
C LEU B 8 11.52 31.99 -23.02
N GLY B 9 11.89 30.86 -22.44
CA GLY B 9 11.04 29.69 -22.49
C GLY B 9 11.85 28.41 -22.41
N ALA B 10 11.63 27.65 -21.34
CA ALA B 10 12.32 26.39 -21.12
C ALA B 10 11.51 25.53 -20.17
N ASP B 11 11.35 26.01 -18.95
CA ASP B 11 10.49 25.37 -17.94
C ASP B 11 9.29 26.25 -17.61
N PRO B 12 8.07 25.83 -17.99
CA PRO B 12 6.85 26.60 -17.75
C PRO B 12 6.14 26.18 -16.46
N THR B 13 6.81 25.37 -15.63
CA THR B 13 6.18 24.78 -14.45
C THR B 13 4.97 23.95 -14.87
N GLN B 14 5.21 22.74 -15.31
CA GLN B 14 4.20 21.87 -15.85
C GLN B 14 3.89 20.70 -14.90
N ALA B 15 2.60 20.45 -14.67
CA ALA B 15 2.13 19.33 -13.84
C ALA B 15 2.75 19.38 -12.44
N ALA B 16 2.99 20.59 -11.95
CA ALA B 16 3.64 20.79 -10.66
C ALA B 16 2.71 20.38 -9.50
N SER B 17 1.52 19.91 -9.84
CA SER B 17 0.59 19.34 -8.86
C SER B 17 1.29 18.22 -8.08
N SER B 18 2.00 17.40 -8.81
CA SER B 18 2.79 16.31 -8.26
C SER B 18 4.03 16.12 -9.11
N PRO B 19 5.11 16.90 -8.87
CA PRO B 19 6.34 16.82 -9.64
C PRO B 19 6.93 15.39 -9.63
N GLY B 20 6.80 14.74 -8.49
CA GLY B 20 7.22 13.35 -8.36
C GLY B 20 6.03 12.43 -8.21
N GLY B 21 5.71 11.71 -9.29
CA GLY B 21 4.56 10.80 -9.29
C GLY B 21 4.71 9.69 -8.29
N ALA B 22 5.94 9.44 -7.86
CA ALA B 22 6.23 8.42 -6.86
C ALA B 22 6.45 9.04 -5.50
N ARG B 23 5.84 8.45 -4.46
CA ARG B 23 6.01 8.90 -3.08
C ARG B 23 6.29 7.71 -2.19
N ALA B 24 6.99 7.93 -1.08
CA ALA B 24 7.31 6.88 -0.15
C ALA B 24 6.44 6.93 1.10
N VAL B 25 5.67 5.86 1.33
CA VAL B 25 4.83 5.75 2.52
C VAL B 25 5.32 4.58 3.37
N SER B 26 5.30 4.75 4.67
CA SER B 26 5.87 3.76 5.59
C SER B 26 4.79 2.81 6.14
N ILE B 27 5.25 1.59 6.46
CA ILE B 27 4.43 0.56 7.07
C ILE B 27 5.09 0.18 8.37
N VAL B 28 4.33 0.23 9.47
CA VAL B 28 4.87 -0.06 10.79
C VAL B 28 4.12 -1.21 11.46
N GLY B 29 4.79 -2.34 11.60
CA GLY B 29 4.16 -3.52 12.17
C GLY B 29 2.94 -3.92 11.37
N ASN B 30 3.14 -4.06 10.05
CA ASN B 30 2.08 -4.38 9.08
C ASN B 30 0.84 -3.47 9.24
N GLN B 31 1.06 -2.28 9.80
CA GLN B 31 0.01 -1.29 9.94
C GLN B 31 0.30 -0.06 9.05
N ILE B 32 -0.75 0.70 8.74
CA ILE B 32 -0.62 1.89 7.89
C ILE B 32 -1.83 2.78 8.12
N ASP B 33 -1.71 4.06 7.82
CA ASP B 33 -2.80 5.00 8.00
C ASP B 33 -3.41 5.36 6.64
N SER B 34 -4.73 5.41 6.58
CA SER B 34 -5.46 5.72 5.35
C SER B 34 -5.11 7.12 4.82
N ARG B 35 -4.65 7.97 5.73
CA ARG B 35 -4.27 9.33 5.37
C ARG B 35 -3.06 9.35 4.46
N GLU B 36 -2.14 8.42 4.68
CA GLU B 36 -0.91 8.32 3.88
C GLU B 36 -1.23 7.99 2.42
N LEU B 37 -2.15 7.06 2.23
CA LEU B 37 -2.49 6.60 0.90
C LEU B 37 -3.36 7.61 0.17
N PHE B 38 -4.20 8.33 0.90
CA PHE B 38 -5.16 9.25 0.33
C PHE B 38 -4.83 10.70 0.73
N THR B 39 -3.56 10.97 0.95
CA THR B 39 -3.11 12.31 1.32
C THR B 39 -3.63 13.36 0.34
N VAL B 40 -3.60 13.04 -0.95
CA VAL B 40 -4.12 13.89 -2.01
C VAL B 40 -4.68 13.00 -3.12
N ASP B 41 -5.64 12.15 -2.75
CA ASP B 41 -6.03 11.01 -3.56
C ASP B 41 -7.44 10.58 -3.13
N ARG B 42 -8.26 10.14 -4.07
CA ARG B 42 -9.60 9.66 -3.72
C ARG B 42 -9.72 8.18 -4.11
N GLU B 43 -8.62 7.65 -4.65
CA GLU B 43 -8.58 6.26 -5.10
C GLU B 43 -7.15 5.79 -5.26
N ILE B 44 -6.91 4.55 -4.86
CA ILE B 44 -5.60 3.90 -5.00
C ILE B 44 -5.78 2.59 -5.76
N VAL B 45 -4.86 2.29 -6.68
CA VAL B 45 -4.93 1.08 -7.46
C VAL B 45 -4.00 0.03 -6.88
N ILE B 46 -4.45 -1.22 -6.85
CA ILE B 46 -3.71 -2.29 -6.19
C ILE B 46 -3.59 -3.49 -7.14
N ALA B 47 -2.41 -3.69 -7.70
CA ALA B 47 -2.17 -4.80 -8.63
C ALA B 47 -1.83 -6.05 -7.86
N HIS B 48 -2.42 -7.18 -8.26
CA HIS B 48 -2.19 -8.44 -7.58
C HIS B 48 -2.22 -9.59 -8.59
N GLY B 49 -1.05 -9.99 -9.06
CA GLY B 49 -0.97 -11.08 -10.01
C GLY B 49 -1.14 -10.59 -11.43
N ASP B 50 -2.37 -10.62 -11.90
CA ASP B 50 -2.72 -10.08 -13.22
C ASP B 50 -3.99 -9.22 -13.09
N ASP B 51 -4.68 -9.40 -11.97
CA ASP B 51 -5.89 -8.65 -11.68
C ASP B 51 -5.55 -7.38 -10.91
N ARG B 52 -6.45 -6.41 -10.91
CA ARG B 52 -6.21 -5.11 -10.25
C ARG B 52 -7.44 -4.66 -9.47
N TYR B 53 -7.18 -4.12 -8.27
CA TYR B 53 -8.22 -3.68 -7.36
C TYR B 53 -8.16 -2.17 -7.24
N ARG B 54 -9.23 -1.58 -6.72
CA ARG B 54 -9.30 -0.14 -6.50
C ARG B 54 -9.76 0.16 -5.08
N LEU B 55 -8.85 0.68 -4.27
CA LEU B 55 -9.15 1.14 -2.92
C LEU B 55 -9.64 2.58 -3.01
N ARG B 56 -10.94 2.79 -2.85
CA ARG B 56 -11.56 4.10 -3.09
C ARG B 56 -12.10 4.71 -1.80
N LEU B 57 -11.92 6.01 -1.64
CA LEU B 57 -12.36 6.70 -0.43
C LEU B 57 -13.49 7.66 -0.79
N THR B 58 -14.44 7.78 0.11
CA THR B 58 -15.56 8.71 -0.03
C THR B 58 -15.11 10.15 0.20
N SER B 59 -16.05 11.09 0.13
CA SER B 59 -15.77 12.48 0.41
C SER B 59 -15.18 12.66 1.82
N GLN B 60 -15.68 11.85 2.78
CA GLN B 60 -15.18 11.93 4.17
C GLN B 60 -15.77 10.80 5.04
N ASN B 61 -16.71 10.04 4.48
CA ASN B 61 -17.43 9.01 5.24
C ASN B 61 -16.50 7.87 5.63
N LYS B 62 -16.02 7.12 4.64
CA LYS B 62 -15.17 5.96 4.86
C LYS B 62 -14.42 5.60 3.56
N LEU B 63 -13.87 4.39 3.50
CA LEU B 63 -13.20 3.89 2.31
C LEU B 63 -13.64 2.45 2.06
N ILE B 64 -13.39 1.95 0.85
CA ILE B 64 -13.84 0.64 0.42
C ILE B 64 -12.92 0.04 -0.60
N LEU B 65 -13.13 -1.23 -0.92
CA LEU B 65 -12.32 -1.93 -1.92
C LEU B 65 -13.24 -2.47 -3.00
N THR B 66 -13.08 -1.94 -4.23
CA THR B 66 -13.91 -2.34 -5.34
C THR B 66 -13.04 -2.67 -6.56
N LYS B 67 -13.67 -3.29 -7.56
CA LYS B 67 -13.02 -3.64 -8.81
C LYS B 67 -14.07 -3.99 -9.87
N MET A 1 17.64 -64.28 16.63
CA MET A 1 17.69 -63.51 15.35
C MET A 1 16.65 -62.41 15.38
N MET A 2 16.95 -61.29 14.75
CA MET A 2 16.09 -60.13 14.74
C MET A 2 16.59 -59.08 13.75
N THR A 3 15.91 -57.94 13.69
CA THR A 3 16.37 -56.81 12.89
C THR A 3 16.62 -55.62 13.82
N ALA A 4 17.85 -55.50 14.29
CA ALA A 4 18.20 -54.49 15.27
C ALA A 4 18.56 -53.16 14.62
N SER A 5 18.23 -53.00 13.35
CA SER A 5 18.46 -51.74 12.66
C SER A 5 17.58 -50.64 13.24
N ASP A 6 18.02 -50.05 14.35
CA ASP A 6 17.35 -48.95 14.97
C ASP A 6 17.84 -47.66 14.34
N ARG A 7 16.92 -46.74 14.06
CA ARG A 7 17.22 -45.50 13.36
C ARG A 7 16.12 -44.48 13.54
N LEU A 8 16.41 -43.44 14.32
CA LEU A 8 15.49 -42.34 14.51
C LEU A 8 15.82 -41.25 13.51
N GLY A 9 14.79 -40.57 13.00
CA GLY A 9 15.01 -39.59 11.95
C GLY A 9 13.95 -38.53 11.90
N ALA A 10 13.96 -37.66 12.89
CA ALA A 10 13.01 -36.54 12.96
C ALA A 10 13.63 -35.31 12.37
N ASP A 11 12.94 -34.16 12.47
CA ASP A 11 13.45 -32.89 12.02
C ASP A 11 12.90 -31.78 12.93
N PRO A 12 13.77 -30.85 13.34
CA PRO A 12 13.38 -29.76 14.23
C PRO A 12 13.04 -28.49 13.47
N THR A 13 12.64 -28.66 12.21
CA THR A 13 12.38 -27.51 11.34
C THR A 13 11.26 -26.63 11.89
N GLN A 14 11.63 -25.56 12.58
CA GLN A 14 10.64 -24.62 13.12
C GLN A 14 10.91 -23.25 12.53
N ALA A 15 10.31 -22.99 11.38
CA ALA A 15 10.50 -21.72 10.68
C ALA A 15 9.36 -20.77 11.02
N ALA A 16 9.70 -19.61 11.54
CA ALA A 16 8.69 -18.58 11.82
C ALA A 16 8.87 -17.42 10.86
N SER A 17 7.86 -17.17 10.01
CA SER A 17 7.90 -16.10 9.04
C SER A 17 8.16 -14.76 9.71
N SER A 18 9.42 -14.36 9.74
CA SER A 18 9.83 -13.14 10.41
C SER A 18 9.38 -11.91 9.62
N PRO A 19 8.45 -11.11 10.21
CA PRO A 19 7.94 -9.89 9.58
C PRO A 19 9.04 -8.80 9.48
N GLY A 20 10.02 -8.88 10.37
CA GLY A 20 11.08 -7.89 10.39
C GLY A 20 10.68 -6.63 11.14
N GLY A 21 9.63 -5.95 10.66
CA GLY A 21 9.15 -4.77 11.33
C GLY A 21 8.49 -3.80 10.38
N ALA A 22 9.06 -2.60 10.28
CA ALA A 22 8.47 -1.54 9.48
C ALA A 22 9.17 -1.44 8.14
N ARG A 23 8.44 -1.06 7.09
CA ARG A 23 9.00 -0.91 5.76
C ARG A 23 8.30 0.24 5.02
N ALA A 24 8.96 0.71 3.98
CA ALA A 24 8.43 1.82 3.16
C ALA A 24 8.04 1.32 1.78
N VAL A 25 6.76 1.45 1.46
CA VAL A 25 6.21 1.00 0.18
C VAL A 25 5.82 2.22 -0.67
N SER A 26 6.00 2.13 -1.97
CA SER A 26 5.79 3.28 -2.84
C SER A 26 4.48 3.18 -3.60
N ILE A 27 4.00 4.35 -4.02
CA ILE A 27 2.81 4.46 -4.87
C ILE A 27 3.23 5.19 -6.14
N VAL A 28 2.99 4.58 -7.28
CA VAL A 28 3.39 5.14 -8.56
C VAL A 28 2.18 5.79 -9.25
N GLY A 29 2.08 7.11 -9.13
CA GLY A 29 0.92 7.83 -9.63
C GLY A 29 -0.24 7.68 -8.68
N ASN A 30 -0.80 6.48 -8.65
CA ASN A 30 -1.79 6.09 -7.64
C ASN A 30 -1.90 4.57 -7.59
N GLN A 31 -0.87 3.90 -8.10
CA GLN A 31 -0.86 2.43 -8.21
C GLN A 31 0.09 1.85 -7.15
N ILE A 32 -0.17 0.62 -6.75
CA ILE A 32 0.64 -0.06 -5.72
C ILE A 32 0.40 -1.57 -5.85
N ASP A 33 1.41 -2.38 -5.54
CA ASP A 33 1.31 -3.84 -5.70
C ASP A 33 1.13 -4.48 -4.32
N SER A 34 0.39 -5.59 -4.27
CA SER A 34 0.14 -6.32 -3.04
C SER A 34 1.44 -6.84 -2.42
N ARG A 35 2.47 -7.03 -3.24
CA ARG A 35 3.74 -7.53 -2.79
C ARG A 35 4.39 -6.55 -1.82
N GLU A 36 4.27 -5.27 -2.16
CA GLU A 36 4.83 -4.19 -1.34
C GLU A 36 4.30 -4.24 0.10
N LEU A 37 2.97 -4.33 0.21
CA LEU A 37 2.30 -4.29 1.52
C LEU A 37 2.45 -5.64 2.25
N PHE A 38 2.08 -6.73 1.56
CA PHE A 38 2.05 -8.06 2.17
C PHE A 38 3.38 -8.80 1.99
N THR A 39 4.46 -8.02 1.89
CA THR A 39 5.80 -8.56 1.71
C THR A 39 6.15 -9.54 2.84
N VAL A 40 5.57 -9.32 4.01
CA VAL A 40 5.82 -10.15 5.18
C VAL A 40 4.52 -10.49 5.90
N ASP A 41 3.67 -9.48 6.07
CA ASP A 41 2.40 -9.64 6.79
C ASP A 41 1.26 -9.97 5.86
N ARG A 42 0.77 -11.21 5.98
CA ARG A 42 -0.45 -11.64 5.23
C ARG A 42 -1.65 -10.79 5.58
N GLU A 43 -1.52 -9.90 6.57
CA GLU A 43 -2.59 -9.01 6.97
C GLU A 43 -2.03 -7.64 7.35
N ILE A 44 -2.71 -6.60 6.88
CA ILE A 44 -2.28 -5.20 7.10
C ILE A 44 -3.43 -4.43 7.74
N VAL A 45 -3.08 -3.52 8.65
CA VAL A 45 -4.09 -2.69 9.34
C VAL A 45 -4.10 -1.30 8.74
N ILE A 46 -5.28 -0.73 8.61
CA ILE A 46 -5.47 0.56 7.95
C ILE A 46 -6.31 1.47 8.83
N ALA A 47 -5.73 2.53 9.34
CA ALA A 47 -6.46 3.47 10.18
C ALA A 47 -7.14 4.54 9.31
N HIS A 48 -8.39 4.83 9.64
CA HIS A 48 -9.12 5.91 9.00
C HIS A 48 -10.08 6.54 10.00
N GLY A 49 -9.69 7.68 10.58
CA GLY A 49 -10.55 8.35 11.52
C GLY A 49 -10.44 7.73 12.90
N ASP A 50 -9.22 7.20 13.17
CA ASP A 50 -8.93 6.51 14.43
C ASP A 50 -9.65 5.17 14.54
N ASP A 51 -10.35 4.76 13.47
CA ASP A 51 -10.95 3.43 13.41
C ASP A 51 -9.92 2.48 12.78
N ARG A 52 -10.11 1.18 12.94
CA ARG A 52 -9.10 0.20 12.53
C ARG A 52 -9.67 -0.76 11.50
N TYR A 53 -9.12 -0.68 10.29
CA TYR A 53 -9.48 -1.57 9.20
C TYR A 53 -8.38 -2.58 9.00
N ARG A 54 -8.68 -3.66 8.31
CA ARG A 54 -7.72 -4.71 8.04
C ARG A 54 -7.78 -5.13 6.59
N LEU A 55 -6.73 -4.78 5.84
CA LEU A 55 -6.56 -5.23 4.48
C LEU A 55 -5.80 -6.56 4.50
N ARG A 56 -6.47 -7.62 4.13
CA ARG A 56 -5.93 -8.96 4.29
C ARG A 56 -5.78 -9.65 2.94
N LEU A 57 -4.69 -10.38 2.77
CA LEU A 57 -4.42 -11.11 1.54
C LEU A 57 -4.65 -12.58 1.74
N THR A 58 -5.21 -13.23 0.74
CA THR A 58 -5.43 -14.68 0.78
C THR A 58 -4.15 -15.41 0.35
N SER A 59 -4.20 -16.73 0.31
CA SER A 59 -3.04 -17.51 -0.12
C SER A 59 -2.62 -17.11 -1.55
N GLN A 60 -3.50 -17.30 -2.52
CA GLN A 60 -3.18 -17.02 -3.93
C GLN A 60 -4.29 -16.22 -4.63
N ASN A 61 -5.53 -16.33 -4.14
CA ASN A 61 -6.67 -15.86 -4.90
C ASN A 61 -6.77 -14.33 -4.96
N LYS A 62 -7.11 -13.67 -3.85
CA LYS A 62 -7.38 -12.22 -3.87
C LYS A 62 -7.06 -11.58 -2.51
N LEU A 63 -7.53 -10.35 -2.33
CA LEU A 63 -7.42 -9.64 -1.07
C LEU A 63 -8.76 -8.99 -0.73
N ILE A 64 -8.94 -8.62 0.54
CA ILE A 64 -10.21 -8.07 1.02
C ILE A 64 -9.95 -7.01 2.10
N LEU A 65 -10.99 -6.27 2.44
CA LEU A 65 -10.93 -5.25 3.48
C LEU A 65 -12.02 -5.48 4.51
N THR A 66 -11.62 -5.83 5.72
CA THR A 66 -12.56 -6.13 6.81
C THR A 66 -12.03 -5.57 8.11
N LYS A 67 -12.80 -5.63 9.17
CA LYS A 67 -12.32 -5.25 10.48
C LYS A 67 -12.99 -6.08 11.59
N MET B 1 7.57 17.97 -61.85
CA MET B 1 6.40 17.19 -62.32
C MET B 1 6.45 15.77 -61.75
N MET B 2 7.63 15.18 -61.72
CA MET B 2 7.77 13.77 -61.33
C MET B 2 7.87 13.62 -59.80
N THR B 3 7.54 14.68 -59.06
CA THR B 3 7.59 14.62 -57.60
C THR B 3 6.46 15.45 -56.98
N ALA B 4 5.48 14.76 -56.40
CA ALA B 4 4.38 15.41 -55.69
C ALA B 4 4.82 15.74 -54.26
N SER B 5 5.32 16.96 -54.07
CA SER B 5 5.90 17.34 -52.78
C SER B 5 4.99 18.29 -51.98
N ASP B 6 4.93 18.06 -50.66
CA ASP B 6 4.25 18.94 -49.73
C ASP B 6 5.12 19.10 -48.48
N ARG B 7 5.04 20.25 -47.83
CA ARG B 7 5.86 20.53 -46.65
C ARG B 7 5.08 21.38 -45.63
N LEU B 8 3.78 21.14 -45.55
CA LEU B 8 2.92 21.86 -44.62
C LEU B 8 2.29 20.87 -43.63
N GLY B 9 2.49 21.10 -42.33
CA GLY B 9 1.96 20.21 -41.33
C GLY B 9 2.27 20.70 -39.92
N ALA B 10 3.56 20.79 -39.58
CA ALA B 10 4.04 21.31 -38.30
C ALA B 10 3.83 20.32 -37.15
N ASP B 11 2.66 19.69 -37.11
CA ASP B 11 2.33 18.70 -36.07
C ASP B 11 2.42 19.32 -34.66
N PRO B 12 1.36 20.02 -34.21
CA PRO B 12 1.28 20.61 -32.86
C PRO B 12 0.61 19.64 -31.86
N THR B 13 0.29 18.45 -32.31
CA THR B 13 -0.40 17.48 -31.47
C THR B 13 0.57 16.79 -30.52
N GLN B 14 0.20 16.71 -29.24
CA GLN B 14 0.99 16.02 -28.24
C GLN B 14 0.12 15.72 -27.01
N ALA B 15 0.62 14.86 -26.14
CA ALA B 15 -0.07 14.50 -24.90
C ALA B 15 0.56 15.23 -23.71
N ALA B 16 1.70 14.69 -23.25
CA ALA B 16 2.44 15.25 -22.10
C ALA B 16 1.75 14.98 -20.77
N SER B 17 0.46 15.32 -20.70
CA SER B 17 -0.32 15.13 -19.46
C SER B 17 -0.19 13.70 -18.95
N SER B 18 0.47 13.55 -17.79
CA SER B 18 0.69 12.26 -17.18
C SER B 18 0.78 12.40 -15.65
N PRO B 19 -0.12 11.75 -14.90
CA PRO B 19 -0.11 11.73 -13.43
C PRO B 19 1.13 11.03 -12.89
N GLY B 20 2.08 11.79 -12.38
CA GLY B 20 3.34 11.24 -11.89
C GLY B 20 3.54 11.49 -10.41
N GLY B 21 2.43 11.82 -9.71
CA GLY B 21 2.51 12.06 -8.30
C GLY B 21 2.79 10.77 -7.53
N ALA B 22 4.06 10.44 -7.43
CA ALA B 22 4.48 9.21 -6.79
C ALA B 22 5.04 9.55 -5.42
N ARG B 23 4.67 8.75 -4.44
CA ARG B 23 5.09 9.00 -3.06
C ARG B 23 5.38 7.69 -2.34
N ALA B 24 6.11 7.78 -1.25
CA ALA B 24 6.50 6.63 -0.45
C ALA B 24 5.78 6.66 0.90
N VAL B 25 4.96 5.64 1.14
CA VAL B 25 4.19 5.52 2.38
C VAL B 25 4.74 4.37 3.22
N SER B 26 4.73 4.53 4.54
CA SER B 26 5.35 3.54 5.42
C SER B 26 4.32 2.65 6.09
N ILE B 27 4.80 1.47 6.50
CA ILE B 27 4.01 0.52 7.28
C ILE B 27 4.74 0.26 8.59
N VAL B 28 4.04 0.49 9.70
CA VAL B 28 4.65 0.34 11.02
C VAL B 28 4.24 -0.98 11.64
N GLY B 29 5.12 -1.96 11.56
CA GLY B 29 4.81 -3.31 11.99
C GLY B 29 3.96 -4.02 10.96
N ASN B 30 2.70 -3.59 10.87
CA ASN B 30 1.80 -4.00 9.80
C ASN B 30 0.64 -3.02 9.68
N GLN B 31 0.84 -1.83 10.25
CA GLN B 31 -0.21 -0.81 10.33
C GLN B 31 0.10 0.32 9.33
N ILE B 32 -0.95 1.00 8.87
CA ILE B 32 -0.80 2.08 7.90
C ILE B 32 -2.06 2.95 7.95
N ASP B 33 -1.92 4.26 7.70
CA ASP B 33 -3.05 5.17 7.79
C ASP B 33 -3.55 5.55 6.41
N SER B 34 -4.85 5.79 6.29
CA SER B 34 -5.48 6.14 5.03
C SER B 34 -4.92 7.46 4.48
N ARG B 35 -4.41 8.30 5.37
CA ARG B 35 -3.83 9.60 4.97
C ARG B 35 -2.63 9.39 4.08
N GLU B 36 -1.81 8.40 4.43
CA GLU B 36 -0.60 8.09 3.67
C GLU B 36 -0.93 7.79 2.20
N LEU B 37 -1.88 6.90 1.99
CA LEU B 37 -2.26 6.44 0.66
C LEU B 37 -3.08 7.50 -0.09
N PHE B 38 -4.15 7.96 0.54
CA PHE B 38 -5.09 8.88 -0.09
C PHE B 38 -4.70 10.34 0.16
N THR B 39 -3.40 10.56 0.36
CA THR B 39 -2.88 11.92 0.59
C THR B 39 -3.26 12.88 -0.53
N VAL B 40 -3.44 12.34 -1.73
CA VAL B 40 -3.80 13.14 -2.91
C VAL B 40 -4.89 12.45 -3.71
N ASP B 41 -4.74 11.13 -3.91
CA ASP B 41 -5.68 10.36 -4.74
C ASP B 41 -6.79 9.75 -3.86
N ARG B 42 -7.99 10.26 -4.04
CA ARG B 42 -9.20 9.68 -3.41
C ARG B 42 -9.40 8.22 -3.81
N GLU B 43 -8.62 7.73 -4.77
CA GLU B 43 -8.72 6.36 -5.24
C GLU B 43 -7.31 5.82 -5.53
N ILE B 44 -7.05 4.60 -5.08
CA ILE B 44 -5.74 3.94 -5.23
C ILE B 44 -5.92 2.60 -5.93
N VAL B 45 -5.00 2.22 -6.79
CA VAL B 45 -5.04 0.97 -7.51
C VAL B 45 -4.09 -0.04 -6.87
N ILE B 46 -4.50 -1.29 -6.81
CA ILE B 46 -3.75 -2.34 -6.13
C ILE B 46 -3.65 -3.57 -7.04
N ALA B 47 -2.44 -3.85 -7.51
CA ALA B 47 -2.23 -5.02 -8.36
C ALA B 47 -1.98 -6.26 -7.51
N HIS B 48 -2.63 -7.37 -7.89
CA HIS B 48 -2.38 -8.66 -7.28
C HIS B 48 -2.52 -9.76 -8.32
N GLY B 49 -1.39 -10.24 -8.87
CA GLY B 49 -1.46 -11.31 -9.84
C GLY B 49 -1.73 -10.76 -11.22
N ASP B 50 -1.29 -9.52 -11.41
CA ASP B 50 -1.46 -8.79 -12.67
C ASP B 50 -2.94 -8.37 -12.86
N ASP B 51 -3.77 -8.61 -11.85
CA ASP B 51 -5.14 -8.10 -11.87
C ASP B 51 -5.17 -6.72 -11.19
N ARG B 52 -6.23 -5.94 -11.42
CA ARG B 52 -6.24 -4.57 -10.97
C ARG B 52 -7.39 -4.33 -9.99
N TYR B 53 -7.03 -4.04 -8.75
CA TYR B 53 -7.99 -3.71 -7.70
C TYR B 53 -7.96 -2.21 -7.45
N ARG B 54 -9.00 -1.70 -6.81
CA ARG B 54 -9.09 -0.28 -6.52
C ARG B 54 -9.52 -0.08 -5.06
N LEU B 55 -8.59 0.40 -4.24
CA LEU B 55 -8.89 0.80 -2.88
C LEU B 55 -9.32 2.27 -2.89
N ARG B 56 -10.56 2.52 -2.58
CA ARG B 56 -11.12 3.86 -2.75
C ARG B 56 -11.60 4.39 -1.41
N LEU B 57 -11.39 5.69 -1.19
CA LEU B 57 -11.80 6.35 0.04
C LEU B 57 -13.01 7.20 -0.23
N THR B 58 -13.93 7.23 0.73
CA THR B 58 -15.11 8.08 0.65
C THR B 58 -14.77 9.48 1.14
N SER B 59 -15.75 10.37 1.15
CA SER B 59 -15.56 11.74 1.64
C SER B 59 -15.05 11.72 3.09
N GLN B 60 -15.88 11.21 4.00
CA GLN B 60 -15.52 11.19 5.43
C GLN B 60 -15.76 9.81 6.09
N ASN B 61 -16.67 9.01 5.52
CA ASN B 61 -17.19 7.84 6.23
C ASN B 61 -16.14 6.72 6.31
N LYS B 62 -15.85 6.03 5.20
CA LYS B 62 -15.00 4.85 5.21
C LYS B 62 -14.23 4.67 3.92
N LEU B 63 -13.66 3.49 3.74
CA LEU B 63 -12.97 3.11 2.49
C LEU B 63 -13.41 1.70 2.08
N ILE B 64 -13.19 1.34 0.81
CA ILE B 64 -13.65 0.07 0.27
C ILE B 64 -12.67 -0.46 -0.76
N LEU B 65 -12.83 -1.72 -1.16
CA LEU B 65 -11.97 -2.34 -2.16
C LEU B 65 -12.86 -2.92 -3.28
N THR B 66 -12.74 -2.36 -4.47
CA THR B 66 -13.55 -2.79 -5.61
C THR B 66 -12.68 -2.82 -6.86
N LYS B 67 -13.20 -3.41 -7.94
CA LYS B 67 -12.53 -3.43 -9.23
C LYS B 67 -13.40 -2.70 -10.25
N MET A 1 12.70 -60.18 30.81
CA MET A 1 14.16 -60.42 30.83
C MET A 1 14.91 -59.15 30.47
N MET A 2 14.42 -58.41 29.47
CA MET A 2 14.96 -57.10 29.13
C MET A 2 14.65 -56.13 30.27
N THR A 3 15.60 -55.97 31.19
CA THR A 3 15.38 -55.21 32.42
C THR A 3 15.49 -53.69 32.20
N ALA A 4 15.93 -53.28 31.01
CA ALA A 4 16.08 -51.85 30.70
C ALA A 4 15.48 -51.53 29.34
N SER A 5 14.84 -50.37 29.24
CA SER A 5 14.26 -49.90 27.99
C SER A 5 14.71 -48.48 27.72
N ASP A 6 15.33 -48.27 26.57
CA ASP A 6 15.80 -46.94 26.18
C ASP A 6 14.66 -46.16 25.50
N ARG A 7 14.79 -44.84 25.44
CA ARG A 7 13.74 -43.98 24.90
C ARG A 7 14.31 -43.05 23.83
N LEU A 8 13.49 -42.67 22.87
CA LEU A 8 13.90 -41.82 21.74
C LEU A 8 13.83 -40.35 22.12
N GLY A 9 14.44 -39.50 21.32
CA GLY A 9 14.43 -38.06 21.57
C GLY A 9 13.79 -37.31 20.42
N ALA A 10 13.33 -36.11 20.70
CA ALA A 10 12.64 -35.28 19.71
C ALA A 10 13.21 -33.86 19.75
N ASP A 11 12.69 -33.02 18.88
CA ASP A 11 13.12 -31.63 18.82
C ASP A 11 11.93 -30.70 18.54
N PRO A 12 11.71 -29.70 19.41
CA PRO A 12 10.62 -28.72 19.22
C PRO A 12 10.85 -27.84 18.01
N THR A 13 9.87 -27.83 17.09
CA THR A 13 9.94 -27.00 15.89
C THR A 13 9.29 -25.64 16.18
N GLN A 14 9.73 -24.61 15.44
CA GLN A 14 9.14 -23.28 15.56
C GLN A 14 9.31 -22.54 14.24
N ALA A 15 8.32 -21.73 13.88
CA ALA A 15 8.31 -20.99 12.64
C ALA A 15 7.86 -19.55 12.89
N ALA A 16 8.82 -18.62 12.81
CA ALA A 16 8.56 -17.21 13.05
C ALA A 16 8.37 -16.46 11.75
N SER A 17 7.45 -15.49 11.76
CA SER A 17 7.21 -14.64 10.60
C SER A 17 7.06 -13.19 11.06
N SER A 18 8.16 -12.44 11.04
CA SER A 18 8.17 -11.06 11.47
C SER A 18 7.88 -10.12 10.30
N PRO A 19 6.72 -9.43 10.31
CA PRO A 19 6.35 -8.48 9.27
C PRO A 19 7.43 -7.43 9.03
N GLY A 20 8.21 -7.15 10.08
CA GLY A 20 9.26 -6.15 10.01
C GLY A 20 8.95 -4.95 10.90
N GLY A 21 9.98 -4.17 11.21
CA GLY A 21 9.79 -3.00 12.05
C GLY A 21 9.16 -1.86 11.26
N ALA A 22 10.01 -1.05 10.65
CA ALA A 22 9.53 0.01 9.77
C ALA A 22 9.98 -0.27 8.35
N ARG A 23 9.01 -0.45 7.44
CA ARG A 23 9.31 -0.71 6.05
C ARG A 23 8.65 0.35 5.16
N ALA A 24 9.35 0.77 4.11
CA ALA A 24 8.87 1.82 3.23
C ALA A 24 8.40 1.23 1.92
N VAL A 25 7.16 1.50 1.56
CA VAL A 25 6.59 1.05 0.30
C VAL A 25 6.26 2.26 -0.58
N SER A 26 6.51 2.13 -1.87
CA SER A 26 6.33 3.26 -2.80
C SER A 26 5.00 3.17 -3.55
N ILE A 27 4.52 4.34 -3.98
CA ILE A 27 3.30 4.46 -4.77
C ILE A 27 3.63 5.14 -6.09
N VAL A 28 3.22 4.55 -7.20
CA VAL A 28 3.47 5.12 -8.52
C VAL A 28 2.22 5.87 -9.01
N GLY A 29 2.18 7.16 -8.78
CA GLY A 29 1.04 7.97 -9.14
C GLY A 29 -0.11 7.75 -8.18
N ASN A 30 -0.77 6.59 -8.32
CA ASN A 30 -1.82 6.19 -7.40
C ASN A 30 -1.94 4.65 -7.38
N GLN A 31 -0.88 3.98 -7.85
CA GLN A 31 -0.87 2.52 -7.95
C GLN A 31 0.20 1.94 -7.03
N ILE A 32 0.05 0.66 -6.70
CA ILE A 32 0.94 -0.05 -5.77
C ILE A 32 0.74 -1.56 -5.95
N ASP A 33 1.76 -2.33 -5.61
CA ASP A 33 1.67 -3.80 -5.71
C ASP A 33 1.32 -4.40 -4.34
N SER A 34 0.44 -5.39 -4.36
CA SER A 34 0.01 -6.08 -3.14
C SER A 34 1.19 -6.75 -2.45
N ARG A 35 2.20 -7.08 -3.23
CA ARG A 35 3.37 -7.79 -2.71
C ARG A 35 4.17 -6.88 -1.78
N GLU A 36 4.25 -5.59 -2.12
CA GLU A 36 5.01 -4.63 -1.33
C GLU A 36 4.43 -4.50 0.09
N LEU A 37 3.11 -4.57 0.19
CA LEU A 37 2.42 -4.49 1.47
C LEU A 37 2.51 -5.85 2.19
N PHE A 38 2.09 -6.91 1.52
CA PHE A 38 1.95 -8.24 2.13
C PHE A 38 3.20 -9.08 1.89
N THR A 39 4.35 -8.41 1.85
CA THR A 39 5.63 -9.06 1.59
C THR A 39 5.95 -10.19 2.58
N VAL A 40 5.64 -9.98 3.86
CA VAL A 40 5.95 -10.96 4.91
C VAL A 40 4.69 -11.48 5.57
N ASP A 41 3.82 -10.55 5.99
CA ASP A 41 2.54 -10.93 6.61
C ASP A 41 1.48 -10.99 5.52
N ARG A 42 0.23 -11.23 5.89
CA ARG A 42 -0.84 -11.36 4.91
C ARG A 42 -2.04 -10.53 5.31
N GLU A 43 -1.80 -9.57 6.22
CA GLU A 43 -2.82 -8.61 6.63
C GLU A 43 -2.15 -7.29 7.00
N ILE A 44 -2.79 -6.19 6.59
CA ILE A 44 -2.31 -4.84 6.88
C ILE A 44 -3.43 -4.02 7.50
N VAL A 45 -3.11 -3.17 8.48
CA VAL A 45 -4.14 -2.40 9.15
C VAL A 45 -4.08 -0.94 8.71
N ILE A 46 -5.08 -0.53 7.95
CA ILE A 46 -5.22 0.87 7.54
C ILE A 46 -6.07 1.63 8.55
N ALA A 47 -5.44 2.48 9.34
CA ALA A 47 -6.15 3.29 10.33
C ALA A 47 -6.73 4.53 9.67
N HIS A 48 -7.97 4.90 10.03
CA HIS A 48 -8.65 6.02 9.45
C HIS A 48 -9.56 6.70 10.46
N GLY A 49 -9.09 7.80 11.06
CA GLY A 49 -9.92 8.52 12.00
C GLY A 49 -9.95 7.83 13.34
N ASP A 50 -11.13 7.40 13.75
CA ASP A 50 -11.29 6.67 15.00
C ASP A 50 -11.25 5.16 14.74
N ASP A 51 -11.62 4.78 13.51
CA ASP A 51 -11.75 3.36 13.17
C ASP A 51 -10.46 2.83 12.59
N ARG A 52 -10.31 1.51 12.55
CA ARG A 52 -9.13 0.87 12.05
C ARG A 52 -9.54 -0.29 11.14
N TYR A 53 -9.04 -0.28 9.92
CA TYR A 53 -9.47 -1.22 8.89
C TYR A 53 -8.43 -2.27 8.62
N ARG A 54 -8.87 -3.50 8.58
CA ARG A 54 -7.99 -4.65 8.31
C ARG A 54 -8.12 -5.15 6.87
N LEU A 55 -7.04 -5.01 6.13
CA LEU A 55 -6.95 -5.42 4.74
C LEU A 55 -6.21 -6.76 4.70
N ARG A 56 -6.90 -7.82 4.27
CA ARG A 56 -6.35 -9.16 4.31
C ARG A 56 -6.25 -9.75 2.92
N LEU A 57 -5.15 -10.43 2.66
CA LEU A 57 -4.90 -11.06 1.35
C LEU A 57 -5.07 -12.56 1.47
N THR A 58 -5.59 -13.19 0.43
CA THR A 58 -5.68 -14.64 0.37
C THR A 58 -4.34 -15.21 -0.08
N SER A 59 -4.26 -16.54 -0.20
CA SER A 59 -3.00 -17.19 -0.56
C SER A 59 -2.83 -17.20 -2.09
N GLN A 60 -3.91 -16.97 -2.84
CA GLN A 60 -3.87 -17.09 -4.31
C GLN A 60 -4.84 -16.14 -5.03
N ASN A 61 -6.05 -16.01 -4.49
CA ASN A 61 -7.18 -15.44 -5.26
C ASN A 61 -7.27 -13.92 -5.16
N LYS A 62 -7.70 -13.41 -3.99
CA LYS A 62 -8.04 -11.98 -3.87
C LYS A 62 -7.70 -11.42 -2.50
N LEU A 63 -8.23 -10.25 -2.20
CA LEU A 63 -8.09 -9.66 -0.86
C LEU A 63 -9.44 -9.05 -0.47
N ILE A 64 -9.61 -8.79 0.83
CA ILE A 64 -10.89 -8.32 1.36
C ILE A 64 -10.68 -7.31 2.49
N LEU A 65 -11.76 -6.66 2.90
CA LEU A 65 -11.76 -5.73 4.01
C LEU A 65 -12.43 -6.36 5.22
N THR A 66 -11.95 -6.01 6.40
CA THR A 66 -12.45 -6.60 7.65
C THR A 66 -11.99 -5.74 8.82
N LYS A 67 -12.38 -6.11 10.04
CA LYS A 67 -11.87 -5.51 11.25
C LYS A 67 -12.27 -6.34 12.49
N MET B 1 20.66 60.74 -14.79
CA MET B 1 20.63 60.71 -16.27
C MET B 1 21.27 59.42 -16.78
N MET B 2 20.44 58.45 -17.16
CA MET B 2 20.91 57.19 -17.72
C MET B 2 19.79 56.49 -18.50
N THR B 3 20.20 55.69 -19.51
CA THR B 3 19.24 54.94 -20.32
C THR B 3 18.81 53.66 -19.63
N ALA B 4 17.56 53.63 -19.18
CA ALA B 4 17.02 52.45 -18.47
C ALA B 4 15.56 52.25 -18.81
N SER B 5 15.12 51.00 -18.72
CA SER B 5 13.72 50.66 -18.97
C SER B 5 13.36 49.37 -18.23
N ASP B 6 12.21 48.78 -18.57
CA ASP B 6 11.78 47.54 -17.93
C ASP B 6 12.73 46.39 -18.29
N ARG B 7 13.20 45.67 -17.27
CA ARG B 7 14.13 44.57 -17.45
C ARG B 7 13.46 43.37 -18.12
N LEU B 8 14.05 42.90 -19.22
CA LEU B 8 13.56 41.73 -19.93
C LEU B 8 13.96 40.45 -19.20
N GLY B 9 13.61 39.31 -19.78
CA GLY B 9 13.91 38.05 -19.14
C GLY B 9 12.75 37.53 -18.33
N ALA B 10 11.56 37.59 -18.92
CA ALA B 10 10.32 37.16 -18.27
C ALA B 10 10.05 35.69 -18.52
N ASP B 11 11.01 34.98 -19.14
CA ASP B 11 10.90 33.54 -19.37
C ASP B 11 11.20 32.79 -18.07
N PRO B 12 10.19 32.16 -17.47
CA PRO B 12 10.33 31.44 -16.20
C PRO B 12 10.71 29.97 -16.39
N THR B 13 10.85 29.54 -17.65
CA THR B 13 11.22 28.17 -17.98
C THR B 13 10.24 27.17 -17.36
N GLN B 14 9.17 26.83 -18.10
CA GLN B 14 8.14 25.90 -17.62
C GLN B 14 8.61 24.44 -17.78
N ALA B 15 9.87 24.20 -17.43
CA ALA B 15 10.49 22.88 -17.62
C ALA B 15 9.81 21.81 -16.76
N ALA B 16 9.70 22.05 -15.46
CA ALA B 16 9.14 21.08 -14.53
C ALA B 16 7.63 20.96 -14.71
N SER B 17 7.22 20.17 -15.69
CA SER B 17 5.80 19.86 -15.93
C SER B 17 5.42 18.57 -15.23
N SER B 18 6.40 17.66 -15.11
CA SER B 18 6.22 16.41 -14.37
C SER B 18 6.43 16.66 -12.87
N PRO B 19 5.44 16.32 -12.03
CA PRO B 19 5.55 16.52 -10.56
C PRO B 19 6.34 15.40 -9.89
N GLY B 20 6.72 14.37 -10.64
CA GLY B 20 7.41 13.23 -10.10
C GLY B 20 6.50 12.02 -10.00
N GLY B 21 5.39 12.17 -9.29
CA GLY B 21 4.37 11.14 -9.26
C GLY B 21 4.69 9.99 -8.32
N ALA B 22 5.94 9.86 -7.91
CA ALA B 22 6.35 8.78 -7.03
C ALA B 22 6.40 9.26 -5.58
N ARG B 23 5.64 8.63 -4.72
CA ARG B 23 5.58 8.99 -3.31
C ARG B 23 5.83 7.77 -2.45
N ALA B 24 6.56 7.94 -1.34
CA ALA B 24 6.89 6.84 -0.47
C ALA B 24 6.06 6.89 0.81
N VAL B 25 5.36 5.80 1.10
CA VAL B 25 4.55 5.68 2.29
C VAL B 25 5.12 4.56 3.20
N SER B 26 5.13 4.81 4.49
CA SER B 26 5.75 3.86 5.42
C SER B 26 4.71 2.95 6.09
N ILE B 27 5.17 1.78 6.52
CA ILE B 27 4.35 0.81 7.25
C ILE B 27 5.00 0.55 8.61
N VAL B 28 4.20 0.64 9.66
CA VAL B 28 4.70 0.36 11.02
C VAL B 28 4.30 -1.04 11.44
N GLY B 29 5.22 -1.98 11.24
CA GLY B 29 4.95 -3.36 11.57
C GLY B 29 4.07 -4.00 10.52
N ASN B 30 2.78 -3.67 10.58
CA ASN B 30 1.81 -4.10 9.59
C ASN B 30 0.66 -3.11 9.52
N GLN B 31 0.88 -1.90 10.04
CA GLN B 31 -0.16 -0.87 10.10
C GLN B 31 0.24 0.34 9.23
N ILE B 32 -0.76 1.12 8.86
CA ILE B 32 -0.57 2.27 7.97
C ILE B 32 -1.79 3.20 8.09
N ASP B 33 -1.63 4.47 7.78
CA ASP B 33 -2.73 5.44 7.85
C ASP B 33 -3.32 5.65 6.45
N SER B 34 -4.63 5.73 6.38
CA SER B 34 -5.35 5.94 5.12
C SER B 34 -4.97 7.27 4.48
N ARG B 35 -4.50 8.20 5.31
CA ARG B 35 -4.17 9.54 4.84
C ARG B 35 -2.89 9.49 3.99
N GLU B 36 -1.96 8.62 4.37
CA GLU B 36 -0.68 8.51 3.66
C GLU B 36 -0.92 8.05 2.21
N LEU B 37 -1.90 7.17 2.04
CA LEU B 37 -2.24 6.66 0.70
C LEU B 37 -3.10 7.67 -0.05
N PHE B 38 -4.18 8.09 0.57
CA PHE B 38 -5.19 8.95 -0.08
C PHE B 38 -4.92 10.43 0.20
N THR B 39 -3.64 10.78 0.33
CA THR B 39 -3.21 12.14 0.67
C THR B 39 -3.72 13.18 -0.34
N VAL B 40 -3.73 12.83 -1.64
CA VAL B 40 -4.12 13.80 -2.67
C VAL B 40 -5.33 13.28 -3.45
N ASP B 41 -5.26 12.03 -3.89
CA ASP B 41 -6.38 11.38 -4.58
C ASP B 41 -7.23 10.64 -3.56
N ARG B 42 -8.26 9.93 -4.01
CA ARG B 42 -9.18 9.27 -3.12
C ARG B 42 -9.40 7.82 -3.58
N GLU B 43 -8.49 7.34 -4.42
CA GLU B 43 -8.49 5.95 -4.88
C GLU B 43 -7.06 5.50 -5.17
N ILE B 44 -6.75 4.27 -4.80
CA ILE B 44 -5.43 3.67 -5.00
C ILE B 44 -5.60 2.31 -5.67
N VAL B 45 -4.71 1.96 -6.60
CA VAL B 45 -4.84 0.71 -7.33
C VAL B 45 -3.78 -0.29 -6.85
N ILE B 46 -4.24 -1.31 -6.13
CA ILE B 46 -3.39 -2.41 -5.70
C ILE B 46 -3.38 -3.52 -6.73
N ALA B 47 -2.27 -3.66 -7.45
CA ALA B 47 -2.13 -4.68 -8.47
C ALA B 47 -1.70 -5.99 -7.79
N HIS B 48 -2.28 -7.10 -8.24
CA HIS B 48 -2.00 -8.40 -7.65
C HIS B 48 -2.09 -9.50 -8.72
N GLY B 49 -0.95 -9.91 -9.25
CA GLY B 49 -0.94 -10.98 -10.21
C GLY B 49 -1.37 -10.51 -11.58
N ASP B 50 -2.48 -11.03 -12.08
CA ASP B 50 -3.04 -10.57 -13.35
C ASP B 50 -4.09 -9.52 -13.11
N ASP B 51 -4.71 -9.52 -11.93
CA ASP B 51 -5.82 -8.65 -11.65
C ASP B 51 -5.34 -7.37 -10.98
N ARG B 52 -6.17 -6.34 -10.99
CA ARG B 52 -5.83 -5.06 -10.42
C ARG B 52 -7.01 -4.55 -9.59
N TYR B 53 -6.72 -4.24 -8.35
CA TYR B 53 -7.75 -3.91 -7.36
C TYR B 53 -7.78 -2.42 -7.10
N ARG B 54 -8.99 -1.90 -6.96
CA ARG B 54 -9.18 -0.48 -6.77
C ARG B 54 -9.74 -0.24 -5.36
N LEU B 55 -8.90 0.41 -4.55
CA LEU B 55 -9.24 0.74 -3.18
C LEU B 55 -9.68 2.19 -3.13
N ARG B 56 -10.93 2.43 -2.77
CA ARG B 56 -11.50 3.77 -2.82
C ARG B 56 -11.95 4.22 -1.45
N LEU B 57 -11.68 5.47 -1.13
CA LEU B 57 -12.02 6.05 0.16
C LEU B 57 -13.21 7.01 0.00
N THR B 58 -14.08 7.05 1.00
CA THR B 58 -15.17 8.01 1.02
C THR B 58 -14.66 9.36 1.53
N SER B 59 -15.55 10.33 1.60
CA SER B 59 -15.18 11.67 2.04
C SER B 59 -15.15 11.78 3.57
N GLN B 60 -15.81 10.82 4.26
CA GLN B 60 -15.94 10.90 5.74
C GLN B 60 -16.02 9.51 6.40
N ASN B 61 -16.73 8.58 5.79
CA ASN B 61 -17.16 7.37 6.50
C ASN B 61 -16.14 6.22 6.43
N LYS B 62 -16.01 5.58 5.27
CA LYS B 62 -15.22 4.34 5.16
C LYS B 62 -14.51 4.24 3.84
N LEU B 63 -14.02 3.05 3.53
CA LEU B 63 -13.43 2.75 2.23
C LEU B 63 -13.91 1.38 1.76
N ILE B 64 -13.77 1.11 0.47
CA ILE B 64 -14.27 -0.13 -0.14
C ILE B 64 -13.35 -0.65 -1.22
N LEU B 65 -13.64 -1.86 -1.68
CA LEU B 65 -12.87 -2.49 -2.76
C LEU B 65 -13.72 -2.47 -4.03
N THR B 66 -13.07 -2.35 -5.17
CA THR B 66 -13.74 -2.27 -6.45
C THR B 66 -12.73 -2.55 -7.57
N LYS B 67 -13.20 -2.63 -8.81
CA LYS B 67 -12.30 -2.75 -9.95
C LYS B 67 -13.10 -2.50 -11.23
N MET A 1 36.81 -39.46 -0.27
CA MET A 1 35.78 -40.41 0.21
C MET A 1 35.20 -39.92 1.54
N MET A 2 33.95 -39.52 1.52
CA MET A 2 33.27 -39.04 2.72
C MET A 2 31.82 -39.51 2.70
N THR A 3 31.48 -40.45 3.57
CA THR A 3 30.15 -40.99 3.66
C THR A 3 29.17 -39.91 4.12
N ALA A 4 28.42 -39.33 3.19
CA ALA A 4 27.47 -38.27 3.51
C ALA A 4 26.22 -38.83 4.18
N SER A 5 26.14 -38.67 5.49
CA SER A 5 25.01 -39.16 6.28
C SER A 5 24.16 -37.99 6.78
N ASP A 6 24.81 -36.97 7.34
CA ASP A 6 24.11 -35.79 7.82
C ASP A 6 23.66 -34.93 6.64
N ARG A 7 23.08 -33.77 6.91
CA ARG A 7 22.50 -32.94 5.88
C ARG A 7 22.62 -31.45 6.22
N LEU A 8 22.23 -30.61 5.27
CA LEU A 8 22.16 -29.17 5.45
C LEU A 8 20.83 -28.64 4.88
N GLY A 9 19.81 -28.59 5.75
CA GLY A 9 18.49 -28.16 5.32
C GLY A 9 17.58 -27.83 6.49
N ALA A 10 18.10 -27.13 7.47
CA ALA A 10 17.34 -26.73 8.65
C ALA A 10 16.57 -25.44 8.36
N ASP A 11 15.83 -25.46 7.26
CA ASP A 11 15.12 -24.25 6.78
C ASP A 11 13.91 -23.93 7.67
N PRO A 12 13.84 -22.69 8.20
CA PRO A 12 12.68 -22.24 8.95
C PRO A 12 11.48 -22.05 8.03
N THR A 13 10.62 -23.04 7.97
CA THR A 13 9.46 -23.01 7.09
C THR A 13 8.48 -21.94 7.54
N GLN A 14 7.54 -21.60 6.65
CA GLN A 14 6.55 -20.56 6.95
C GLN A 14 5.41 -21.11 7.82
N ALA A 15 5.56 -20.93 9.13
CA ALA A 15 4.52 -21.33 10.09
C ALA A 15 3.50 -20.22 10.24
N ALA A 16 3.95 -19.01 9.94
CA ALA A 16 3.13 -17.81 9.99
C ALA A 16 3.88 -16.67 9.33
N SER A 17 3.52 -16.37 8.10
CA SER A 17 4.21 -15.32 7.33
C SER A 17 3.73 -13.94 7.76
N SER A 18 3.99 -13.59 9.02
CA SER A 18 3.68 -12.25 9.55
C SER A 18 4.66 -11.93 10.70
N PRO A 19 5.90 -11.52 10.36
CA PRO A 19 6.89 -11.14 11.37
C PRO A 19 6.61 -9.77 11.96
N GLY A 20 5.76 -8.99 11.29
CA GLY A 20 5.33 -7.70 11.80
C GLY A 20 6.48 -6.69 11.85
N GLY A 21 7.39 -6.77 10.90
CA GLY A 21 8.44 -5.78 10.80
C GLY A 21 7.95 -4.52 10.11
N ALA A 22 8.73 -3.45 10.13
CA ALA A 22 8.27 -2.19 9.57
C ALA A 22 9.02 -1.93 8.26
N ARG A 23 8.29 -1.61 7.20
CA ARG A 23 8.88 -1.46 5.88
C ARG A 23 8.27 -0.28 5.13
N ALA A 24 8.99 0.24 4.16
CA ALA A 24 8.52 1.38 3.38
C ALA A 24 8.08 0.90 1.99
N VAL A 25 6.85 1.28 1.60
CA VAL A 25 6.29 0.90 0.32
C VAL A 25 5.99 2.16 -0.52
N SER A 26 6.27 2.07 -1.82
CA SER A 26 6.11 3.21 -2.69
C SER A 26 4.76 3.16 -3.39
N ILE A 27 4.29 4.34 -3.78
CA ILE A 27 3.07 4.52 -4.53
C ILE A 27 3.40 5.22 -5.85
N VAL A 28 3.11 4.58 -6.98
CA VAL A 28 3.49 5.12 -8.27
C VAL A 28 2.25 5.69 -8.98
N GLY A 29 2.11 7.01 -8.91
CA GLY A 29 0.94 7.65 -9.46
C GLY A 29 -0.22 7.54 -8.49
N ASN A 30 -0.71 6.30 -8.35
CA ASN A 30 -1.67 5.95 -7.32
C ASN A 30 -1.76 4.44 -7.22
N GLN A 31 -0.72 3.75 -7.74
CA GLN A 31 -0.74 2.30 -7.82
C GLN A 31 0.28 1.69 -6.89
N ILE A 32 -0.05 0.51 -6.37
CA ILE A 32 0.80 -0.25 -5.45
C ILE A 32 0.51 -1.73 -5.64
N ASP A 33 1.53 -2.55 -5.51
CA ASP A 33 1.35 -3.99 -5.69
C ASP A 33 1.20 -4.67 -4.32
N SER A 34 0.44 -5.76 -4.32
CA SER A 34 0.16 -6.52 -3.11
C SER A 34 1.44 -7.17 -2.56
N ARG A 35 2.42 -7.36 -3.43
CA ARG A 35 3.69 -7.97 -3.05
C ARG A 35 4.40 -7.13 -2.01
N GLU A 36 4.44 -5.83 -2.26
CA GLU A 36 5.14 -4.89 -1.38
C GLU A 36 4.62 -4.97 0.05
N LEU A 37 3.31 -5.01 0.17
CA LEU A 37 2.66 -5.02 1.48
C LEU A 37 2.77 -6.38 2.15
N PHE A 38 2.50 -7.45 1.39
CA PHE A 38 2.38 -8.79 1.94
C PHE A 38 3.57 -9.67 1.61
N THR A 39 4.70 -9.06 1.22
CA THR A 39 5.92 -9.83 0.93
C THR A 39 6.34 -10.64 2.15
N VAL A 40 6.26 -10.03 3.32
CA VAL A 40 6.55 -10.67 4.59
C VAL A 40 5.47 -10.31 5.60
N ASP A 41 4.26 -10.76 5.32
CA ASP A 41 3.06 -10.40 6.08
C ASP A 41 1.86 -10.92 5.33
N ARG A 42 0.70 -10.93 5.96
CA ARG A 42 -0.51 -11.36 5.28
C ARG A 42 -1.72 -10.49 5.66
N GLU A 43 -1.49 -9.51 6.52
CA GLU A 43 -2.55 -8.56 6.89
C GLU A 43 -1.97 -7.19 7.18
N ILE A 44 -2.62 -6.17 6.65
CA ILE A 44 -2.25 -4.77 6.83
C ILE A 44 -3.41 -4.03 7.49
N VAL A 45 -3.14 -3.18 8.47
CA VAL A 45 -4.20 -2.44 9.15
C VAL A 45 -4.25 -1.00 8.65
N ILE A 46 -5.30 -0.70 7.91
CA ILE A 46 -5.52 0.66 7.41
C ILE A 46 -6.38 1.46 8.40
N ALA A 47 -5.75 2.39 9.11
CA ALA A 47 -6.46 3.22 10.08
C ALA A 47 -7.02 4.45 9.39
N HIS A 48 -8.23 4.86 9.80
CA HIS A 48 -8.89 6.04 9.23
C HIS A 48 -9.75 6.74 10.30
N GLY A 49 -9.21 7.79 10.90
CA GLY A 49 -9.97 8.54 11.89
C GLY A 49 -9.85 7.88 13.23
N ASP A 50 -10.91 7.22 13.66
CA ASP A 50 -10.92 6.44 14.89
C ASP A 50 -11.11 4.97 14.58
N ASP A 51 -11.58 4.71 13.37
CA ASP A 51 -11.86 3.32 12.95
C ASP A 51 -10.58 2.71 12.36
N ARG A 52 -10.53 1.39 12.36
CA ARG A 52 -9.38 0.66 11.85
C ARG A 52 -9.82 -0.48 10.96
N TYR A 53 -9.25 -0.51 9.76
CA TYR A 53 -9.62 -1.47 8.74
C TYR A 53 -8.50 -2.51 8.59
N ARG A 54 -8.80 -3.66 8.00
CA ARG A 54 -7.84 -4.71 7.82
C ARG A 54 -7.83 -5.18 6.37
N LEU A 55 -6.74 -4.89 5.66
CA LEU A 55 -6.51 -5.40 4.32
C LEU A 55 -5.83 -6.76 4.45
N ARG A 56 -6.57 -7.82 4.17
CA ARG A 56 -6.07 -9.17 4.40
C ARG A 56 -5.91 -9.90 3.07
N LEU A 57 -4.81 -10.65 2.94
CA LEU A 57 -4.52 -11.37 1.71
C LEU A 57 -4.83 -12.86 1.93
N THR A 58 -5.50 -13.46 0.97
CA THR A 58 -5.79 -14.89 0.97
C THR A 58 -4.66 -15.63 0.25
N SER A 59 -4.57 -16.93 0.48
CA SER A 59 -3.53 -17.76 -0.12
C SER A 59 -3.58 -17.68 -1.65
N GLN A 60 -2.83 -16.75 -2.23
CA GLN A 60 -2.68 -16.60 -3.70
C GLN A 60 -3.92 -16.01 -4.37
N ASN A 61 -5.09 -16.43 -3.93
CA ASN A 61 -6.35 -16.10 -4.59
C ASN A 61 -6.54 -14.59 -4.79
N LYS A 62 -6.87 -13.89 -3.70
CA LYS A 62 -7.20 -12.47 -3.77
C LYS A 62 -6.91 -11.79 -2.41
N LEU A 63 -7.43 -10.59 -2.24
CA LEU A 63 -7.34 -9.86 -0.99
C LEU A 63 -8.65 -9.10 -0.76
N ILE A 64 -8.88 -8.67 0.46
CA ILE A 64 -10.15 -8.02 0.84
C ILE A 64 -9.93 -6.95 1.89
N LEU A 65 -10.97 -6.18 2.16
CA LEU A 65 -10.96 -5.12 3.16
C LEU A 65 -12.08 -5.42 4.15
N THR A 66 -11.71 -5.71 5.39
CA THR A 66 -12.67 -6.03 6.42
C THR A 66 -12.28 -5.37 7.73
N LYS A 67 -13.26 -5.13 8.60
CA LYS A 67 -13.00 -4.54 9.89
C LYS A 67 -13.73 -5.32 11.00
N MET B 1 18.82 32.00 -47.72
CA MET B 1 19.35 31.71 -46.36
C MET B 1 18.19 31.53 -45.38
N MET B 2 17.59 32.65 -44.94
CA MET B 2 16.36 32.63 -44.13
C MET B 2 16.51 31.83 -42.83
N THR B 3 15.39 31.65 -42.14
CA THR B 3 15.35 30.93 -40.87
C THR B 3 15.61 29.43 -41.08
N ALA B 4 16.60 28.91 -40.39
CA ALA B 4 16.91 27.49 -40.38
C ALA B 4 17.60 27.12 -39.06
N SER B 5 18.73 27.79 -38.79
CA SER B 5 19.46 27.60 -37.54
C SER B 5 18.72 28.28 -36.40
N ASP B 6 18.08 29.40 -36.73
CA ASP B 6 17.27 30.12 -35.75
C ASP B 6 16.05 29.29 -35.37
N ARG B 7 16.13 28.61 -34.25
CA ARG B 7 15.06 27.77 -33.75
C ARG B 7 15.33 27.34 -32.32
N LEU B 8 14.29 27.04 -31.58
CA LEU B 8 14.42 26.59 -30.21
C LEU B 8 14.85 25.13 -30.15
N GLY B 9 16.14 24.88 -30.36
CA GLY B 9 16.67 23.54 -30.20
C GLY B 9 16.48 23.09 -28.77
N ALA B 10 16.71 24.04 -27.87
CA ALA B 10 16.45 23.87 -26.44
C ALA B 10 16.18 25.23 -25.81
N ASP B 11 14.92 25.49 -25.49
CA ASP B 11 14.51 26.76 -24.89
C ASP B 11 15.32 27.02 -23.61
N PRO B 12 15.84 28.24 -23.43
CA PRO B 12 16.73 28.56 -22.32
C PRO B 12 16.21 28.14 -20.96
N THR B 13 14.88 28.22 -20.78
CA THR B 13 14.26 27.93 -19.49
C THR B 13 13.38 26.67 -19.59
N GLN B 14 13.60 25.89 -20.64
CA GLN B 14 12.86 24.67 -20.86
C GLN B 14 13.22 23.62 -19.81
N ALA B 15 12.46 23.61 -18.71
CA ALA B 15 12.68 22.69 -17.61
C ALA B 15 11.34 22.35 -16.96
N ALA B 16 10.30 22.21 -17.81
CA ALA B 16 8.93 21.96 -17.34
C ALA B 16 8.90 20.87 -16.27
N SER B 17 8.47 21.26 -15.07
CA SER B 17 8.42 20.31 -13.96
C SER B 17 7.07 20.43 -13.24
N SER B 18 6.31 19.35 -13.23
CA SER B 18 5.02 19.29 -12.54
C SER B 18 4.92 17.97 -11.76
N PRO B 19 5.55 17.89 -10.59
CA PRO B 19 5.59 16.68 -9.77
C PRO B 19 4.34 16.52 -8.91
N GLY B 20 4.44 15.68 -7.88
CA GLY B 20 3.30 15.41 -7.03
C GLY B 20 2.53 14.20 -7.50
N GLY B 21 3.24 13.34 -8.23
CA GLY B 21 2.61 12.14 -8.78
C GLY B 21 2.79 10.93 -7.88
N ALA B 22 4.02 10.49 -7.70
CA ALA B 22 4.31 9.32 -6.89
C ALA B 22 4.79 9.72 -5.51
N ARG B 23 4.41 8.93 -4.50
CA ARG B 23 4.80 9.22 -3.12
C ARG B 23 5.15 7.93 -2.39
N ALA B 24 5.98 8.04 -1.35
CA ALA B 24 6.40 6.89 -0.56
C ALA B 24 5.65 6.87 0.76
N VAL B 25 5.03 5.73 1.07
CA VAL B 25 4.27 5.57 2.30
C VAL B 25 4.89 4.46 3.15
N SER B 26 4.95 4.68 4.45
CA SER B 26 5.57 3.72 5.36
C SER B 26 4.55 2.78 5.97
N ILE B 27 5.02 1.60 6.35
CA ILE B 27 4.24 0.59 7.03
C ILE B 27 4.88 0.29 8.39
N VAL B 28 4.14 0.51 9.48
CA VAL B 28 4.69 0.35 10.81
C VAL B 28 4.20 -0.94 11.44
N GLY B 29 5.02 -1.98 11.40
CA GLY B 29 4.62 -3.29 11.88
C GLY B 29 3.78 -3.98 10.84
N ASN B 30 2.58 -3.45 10.64
CA ASN B 30 1.73 -3.84 9.53
C ASN B 30 0.58 -2.82 9.39
N GLN B 31 0.79 -1.63 9.94
CA GLN B 31 -0.26 -0.61 9.99
C GLN B 31 0.10 0.59 9.15
N ILE B 32 -0.89 1.05 8.37
CA ILE B 32 -0.77 2.32 7.66
C ILE B 32 -2.05 3.15 7.80
N ASP B 33 -1.92 4.47 7.69
CA ASP B 33 -3.08 5.35 7.81
C ASP B 33 -3.57 5.75 6.43
N SER B 34 -4.87 5.99 6.33
CA SER B 34 -5.53 6.36 5.10
C SER B 34 -5.04 7.74 4.61
N ARG B 35 -4.53 8.54 5.54
CA ARG B 35 -4.09 9.89 5.24
C ARG B 35 -2.92 9.83 4.27
N GLU B 36 -1.99 8.92 4.54
CA GLU B 36 -0.76 8.80 3.75
C GLU B 36 -1.08 8.52 2.29
N LEU B 37 -2.02 7.61 2.07
CA LEU B 37 -2.39 7.19 0.72
C LEU B 37 -3.23 8.26 0.01
N PHE B 38 -4.22 8.79 0.73
CA PHE B 38 -5.25 9.67 0.13
C PHE B 38 -5.04 11.14 0.53
N THR B 39 -3.84 11.49 0.99
CA THR B 39 -3.53 12.88 1.35
C THR B 39 -3.75 13.80 0.14
N VAL B 40 -3.27 13.32 -1.01
CA VAL B 40 -3.45 14.04 -2.27
C VAL B 40 -3.87 13.05 -3.35
N ASP B 41 -5.06 12.48 -3.14
CA ASP B 41 -5.60 11.41 -3.99
C ASP B 41 -6.88 10.90 -3.35
N ARG B 42 -7.66 10.11 -4.04
CA ARG B 42 -8.85 9.54 -3.45
C ARG B 42 -9.07 8.08 -3.89
N GLU B 43 -8.15 7.57 -4.71
CA GLU B 43 -8.19 6.17 -5.13
C GLU B 43 -6.78 5.61 -5.34
N ILE B 44 -6.57 4.40 -4.82
CA ILE B 44 -5.29 3.69 -4.95
C ILE B 44 -5.53 2.36 -5.65
N VAL B 45 -4.68 1.99 -6.59
CA VAL B 45 -4.85 0.74 -7.33
C VAL B 45 -3.91 -0.32 -6.79
N ILE B 46 -4.47 -1.29 -6.08
CA ILE B 46 -3.71 -2.44 -5.57
C ILE B 46 -3.67 -3.57 -6.60
N ALA B 47 -2.53 -3.77 -7.24
CA ALA B 47 -2.37 -4.81 -8.24
C ALA B 47 -1.94 -6.13 -7.56
N HIS B 48 -2.48 -7.25 -8.03
CA HIS B 48 -2.13 -8.55 -7.48
C HIS B 48 -2.17 -9.63 -8.58
N GLY B 49 -1.00 -9.99 -9.10
CA GLY B 49 -0.95 -11.02 -10.12
C GLY B 49 -1.25 -10.43 -11.48
N ASP B 50 -2.43 -10.71 -11.99
CA ASP B 50 -2.87 -10.12 -13.25
C ASP B 50 -4.08 -9.23 -12.98
N ASP B 51 -4.71 -9.41 -11.83
CA ASP B 51 -5.89 -8.65 -11.45
C ASP B 51 -5.49 -7.33 -10.80
N ARG B 52 -6.38 -6.35 -10.85
CA ARG B 52 -6.12 -5.04 -10.28
C ARG B 52 -7.29 -4.57 -9.44
N TYR B 53 -7.01 -4.18 -8.21
CA TYR B 53 -8.03 -3.79 -7.24
C TYR B 53 -7.97 -2.27 -7.05
N ARG B 54 -9.04 -1.71 -6.52
CA ARG B 54 -9.13 -0.27 -6.30
C ARG B 54 -9.55 0.03 -4.87
N LEU B 55 -8.62 0.57 -4.09
CA LEU B 55 -8.91 1.06 -2.76
C LEU B 55 -9.38 2.51 -2.86
N ARG B 56 -10.67 2.71 -2.66
CA ARG B 56 -11.28 4.03 -2.90
C ARG B 56 -11.76 4.63 -1.60
N LEU B 57 -11.52 5.92 -1.41
CA LEU B 57 -11.92 6.62 -0.19
C LEU B 57 -13.18 7.45 -0.46
N THR B 58 -14.15 7.35 0.44
CA THR B 58 -15.36 8.17 0.36
C THR B 58 -15.13 9.47 1.13
N SER B 59 -15.99 10.46 0.88
CA SER B 59 -15.88 11.76 1.54
C SER B 59 -15.96 11.62 3.06
N GLN B 60 -14.80 11.49 3.71
CA GLN B 60 -14.70 11.46 5.17
C GLN B 60 -15.19 10.13 5.78
N ASN B 61 -16.30 9.59 5.24
CA ASN B 61 -16.99 8.47 5.86
C ASN B 61 -16.05 7.26 6.07
N LYS B 62 -15.74 6.56 4.98
CA LYS B 62 -14.93 5.33 5.05
C LYS B 62 -14.18 5.09 3.76
N LEU B 63 -13.66 3.87 3.59
CA LEU B 63 -13.00 3.46 2.37
C LEU B 63 -13.39 2.01 2.07
N ILE B 64 -13.14 1.56 0.85
CA ILE B 64 -13.55 0.23 0.39
C ILE B 64 -12.57 -0.34 -0.60
N LEU B 65 -12.74 -1.62 -0.90
CA LEU B 65 -11.92 -2.31 -1.88
C LEU B 65 -12.83 -2.88 -2.96
N THR B 66 -12.70 -2.38 -4.18
CA THR B 66 -13.54 -2.82 -5.29
C THR B 66 -12.70 -2.95 -6.56
N LYS B 67 -13.17 -3.76 -7.50
CA LYS B 67 -12.48 -3.94 -8.76
C LYS B 67 -13.48 -4.24 -9.89
#